data_1OZS
#
_entry.id   1OZS
#
loop_
_entity.id
_entity.type
_entity.pdbx_description
1 polymer 'Troponin C, slow skeletal and cardiac muscles'
2 polymer 'Troponin I, cardiac muscle'
3 non-polymer 'CALCIUM ION'
#
loop_
_entity_poly.entity_id
_entity_poly.type
_entity_poly.pdbx_seq_one_letter_code
_entity_poly.pdbx_strand_id
1 'polypeptide(L)' MKGKSEEELSDLFRMFDKNADGYIDLEELKIMLQATGETITEDDIEELMKDGDKNNDGRIDYDEFLEFMKGVE A
2 'polypeptide(L)' TQKIFDLRGKFKRPTLRRVR B
#
# COMPACT_ATOMS: atom_id res chain seq x y z
N MET A 1 -20.30 13.58 10.32
CA MET A 1 -19.85 14.02 8.97
C MET A 1 -18.57 13.29 8.55
N LYS A 2 -17.72 13.01 9.53
CA LYS A 2 -16.46 12.32 9.27
C LYS A 2 -16.67 10.81 9.22
N GLY A 3 -15.72 10.11 8.61
CA GLY A 3 -15.81 8.66 8.52
C GLY A 3 -14.47 7.98 8.68
N LYS A 4 -14.51 6.66 8.93
CA LYS A 4 -13.29 5.89 9.11
C LYS A 4 -12.74 5.43 7.76
N SER A 5 -11.65 6.05 7.33
CA SER A 5 -11.03 5.70 6.05
C SER A 5 -9.57 6.15 6.02
N GLU A 6 -9.33 7.38 6.46
CA GLU A 6 -7.97 7.93 6.48
C GLU A 6 -7.15 7.30 7.60
N GLU A 7 -7.80 7.08 8.74
CA GLU A 7 -7.12 6.48 9.89
C GLU A 7 -6.56 5.11 9.54
N GLU A 8 -7.24 4.40 8.65
CA GLU A 8 -6.81 3.07 8.24
C GLU A 8 -5.44 3.13 7.59
N LEU A 9 -5.32 3.92 6.52
CA LEU A 9 -4.06 4.06 5.81
C LEU A 9 -3.04 4.83 6.64
N SER A 10 -3.53 5.76 7.45
CA SER A 10 -2.67 6.57 8.30
C SER A 10 -1.70 5.69 9.09
N ASP A 11 -2.19 4.53 9.52
CA ASP A 11 -1.37 3.60 10.29
C ASP A 11 -0.55 2.70 9.35
N LEU A 12 -1.09 2.46 8.16
CA LEU A 12 -0.41 1.63 7.17
C LEU A 12 0.83 2.32 6.63
N PHE A 13 0.67 3.57 6.20
CA PHE A 13 1.78 4.34 5.66
C PHE A 13 2.94 4.42 6.66
N ARG A 14 2.60 4.62 7.93
CA ARG A 14 3.61 4.71 8.97
C ARG A 14 4.46 3.45 9.02
N MET A 15 3.81 2.30 8.89
CA MET A 15 4.50 1.01 8.93
C MET A 15 5.08 0.68 7.56
N PHE A 16 4.47 1.21 6.51
CA PHE A 16 4.93 0.97 5.14
C PHE A 16 6.23 1.74 4.86
N ASP A 17 6.32 2.94 5.42
CA ASP A 17 7.51 3.78 5.23
C ASP A 17 8.65 3.29 6.09
N LYS A 18 9.11 2.07 5.83
CA LYS A 18 10.22 1.48 6.58
C LYS A 18 11.46 2.36 6.50
N ASN A 19 11.58 3.12 5.42
CA ASN A 19 12.72 4.00 5.24
C ASN A 19 12.67 5.17 6.22
N ALA A 20 11.47 5.49 6.69
CA ALA A 20 11.28 6.59 7.63
C ALA A 20 11.61 7.93 6.99
N ASP A 21 10.72 8.38 6.09
CA ASP A 21 10.91 9.64 5.41
C ASP A 21 9.56 10.32 5.13
N GLY A 22 8.61 9.54 4.63
CA GLY A 22 7.30 10.08 4.32
C GLY A 22 6.81 9.72 2.92
N TYR A 23 7.65 9.04 2.14
CA TYR A 23 7.29 8.66 0.79
C TYR A 23 7.66 7.21 0.51
N ILE A 24 7.07 6.64 -0.54
CA ILE A 24 7.36 5.25 -0.89
C ILE A 24 7.95 5.14 -2.29
N ASP A 25 8.94 4.26 -2.44
CA ASP A 25 9.58 4.06 -3.74
C ASP A 25 9.70 2.57 -4.06
N LEU A 26 10.45 2.25 -5.11
CA LEU A 26 10.64 0.87 -5.53
C LEU A 26 11.16 0.02 -4.37
N GLU A 27 11.89 0.65 -3.45
CA GLU A 27 12.45 -0.05 -2.30
C GLU A 27 11.35 -0.49 -1.33
N GLU A 28 10.47 0.45 -0.98
CA GLU A 28 9.38 0.17 -0.07
C GLU A 28 8.25 -0.58 -0.78
N LEU A 29 8.03 -0.25 -2.04
CA LEU A 29 6.99 -0.90 -2.83
C LEU A 29 7.11 -2.42 -2.75
N LYS A 30 8.33 -2.90 -2.52
CA LYS A 30 8.58 -4.33 -2.40
C LYS A 30 7.85 -4.91 -1.20
N ILE A 31 7.62 -4.07 -0.19
CA ILE A 31 6.93 -4.48 1.03
C ILE A 31 5.63 -5.23 0.72
N MET A 32 4.96 -4.85 -0.35
CA MET A 32 3.70 -5.49 -0.73
C MET A 32 3.95 -6.78 -1.49
N LEU A 33 5.03 -6.81 -2.27
CA LEU A 33 5.38 -7.98 -3.05
C LEU A 33 6.04 -9.04 -2.18
N GLN A 34 6.73 -8.60 -1.13
CA GLN A 34 7.40 -9.51 -0.22
C GLN A 34 6.42 -10.51 0.40
N ALA A 35 5.16 -10.11 0.48
CA ALA A 35 4.12 -10.98 1.04
C ALA A 35 3.81 -12.14 0.11
N THR A 36 3.97 -11.91 -1.20
CA THR A 36 3.70 -12.95 -2.19
C THR A 36 4.99 -13.62 -2.63
N GLY A 37 6.02 -12.83 -2.87
CA GLY A 37 7.30 -13.37 -3.30
C GLY A 37 7.19 -14.12 -4.62
N GLU A 38 6.27 -13.68 -5.47
CA GLU A 38 6.07 -14.32 -6.77
C GLU A 38 7.05 -13.76 -7.80
N THR A 39 6.85 -14.13 -9.06
CA THR A 39 7.71 -13.67 -10.14
C THR A 39 7.57 -12.16 -10.35
N ILE A 40 6.41 -11.62 -9.98
CA ILE A 40 6.15 -10.19 -10.13
C ILE A 40 7.28 -9.36 -9.53
N THR A 41 7.97 -9.92 -8.53
CA THR A 41 9.07 -9.24 -7.87
C THR A 41 10.18 -8.91 -8.86
N GLU A 42 10.89 -7.81 -8.60
CA GLU A 42 11.98 -7.39 -9.47
C GLU A 42 11.50 -7.14 -10.89
N ASP A 43 10.32 -6.55 -11.01
CA ASP A 43 9.73 -6.25 -12.31
C ASP A 43 8.42 -5.50 -12.15
N ASP A 44 7.46 -6.13 -11.47
CA ASP A 44 6.16 -5.53 -11.24
C ASP A 44 6.28 -4.31 -10.33
N ILE A 45 7.35 -4.26 -9.55
CA ILE A 45 7.59 -3.16 -8.63
C ILE A 45 7.79 -1.84 -9.38
N GLU A 46 8.46 -1.92 -10.53
CA GLU A 46 8.73 -0.74 -11.34
C GLU A 46 7.46 -0.27 -12.04
N GLU A 47 6.58 -1.21 -12.37
CA GLU A 47 5.33 -0.89 -13.05
C GLU A 47 4.25 -0.52 -12.06
N LEU A 48 4.24 -1.19 -10.91
CA LEU A 48 3.25 -0.93 -9.87
C LEU A 48 3.44 0.46 -9.26
N MET A 49 4.68 0.77 -8.88
CA MET A 49 5.01 2.07 -8.29
C MET A 49 4.37 3.21 -9.07
N LYS A 50 4.20 3.00 -10.37
CA LYS A 50 3.61 4.01 -11.23
C LYS A 50 2.24 4.45 -10.70
N ASP A 51 1.56 3.53 -10.03
CA ASP A 51 0.25 3.82 -9.47
C ASP A 51 0.35 4.82 -8.33
N GLY A 52 1.21 4.53 -7.36
CA GLY A 52 1.41 5.42 -6.23
C GLY A 52 1.85 6.79 -6.66
N ASP A 53 3.08 6.89 -7.17
CA ASP A 53 3.63 8.15 -7.62
C ASP A 53 3.02 8.57 -8.96
N LYS A 54 1.78 9.02 -8.92
CA LYS A 54 1.08 9.46 -10.12
C LYS A 54 1.12 10.97 -10.26
N ASN A 55 2.18 11.58 -9.74
CA ASN A 55 2.33 13.03 -9.81
C ASN A 55 3.49 13.42 -10.73
N ASN A 56 4.29 12.45 -11.13
CA ASN A 56 5.43 12.71 -12.01
C ASN A 56 6.50 13.53 -11.29
N ASP A 57 6.79 13.15 -10.04
CA ASP A 57 7.80 13.85 -9.25
C ASP A 57 8.97 12.94 -8.93
N GLY A 58 8.70 11.66 -8.76
CA GLY A 58 9.75 10.70 -8.46
C GLY A 58 9.60 10.07 -7.09
N ARG A 59 8.38 10.12 -6.55
CA ARG A 59 8.12 9.55 -5.23
C ARG A 59 6.64 9.71 -4.87
N ILE A 60 6.16 8.84 -3.98
CA ILE A 60 4.77 8.88 -3.55
C ILE A 60 4.69 9.19 -2.05
N ASP A 61 3.82 10.15 -1.70
CA ASP A 61 3.67 10.55 -0.30
C ASP A 61 2.26 10.25 0.22
N TYR A 62 2.07 10.44 1.52
CA TYR A 62 0.78 10.19 2.16
C TYR A 62 -0.34 10.92 1.44
N ASP A 63 -0.92 10.28 0.44
CA ASP A 63 -2.01 10.85 -0.34
C ASP A 63 -2.42 9.91 -1.46
N GLU A 64 -1.52 9.70 -2.41
CA GLU A 64 -1.78 8.79 -3.52
C GLU A 64 -1.80 7.36 -3.03
N PHE A 65 -1.15 7.12 -1.90
CA PHE A 65 -1.09 5.79 -1.30
C PHE A 65 -2.49 5.32 -0.91
N LEU A 66 -3.37 6.29 -0.63
CA LEU A 66 -4.74 5.97 -0.25
C LEU A 66 -5.51 5.40 -1.43
N GLU A 67 -5.07 5.73 -2.65
CA GLU A 67 -5.70 5.22 -3.85
C GLU A 67 -5.43 3.73 -4.01
N PHE A 68 -4.33 3.28 -3.43
CA PHE A 68 -3.94 1.88 -3.49
C PHE A 68 -5.04 0.99 -2.91
N MET A 69 -5.32 1.19 -1.63
CA MET A 69 -6.35 0.41 -0.95
C MET A 69 -7.72 0.67 -1.57
N LYS A 70 -7.90 1.84 -2.16
CA LYS A 70 -9.17 2.21 -2.79
C LYS A 70 -9.65 1.10 -3.72
N GLY A 71 -8.72 0.47 -4.42
CA GLY A 71 -9.06 -0.60 -5.32
C GLY A 71 -9.73 -1.76 -4.61
N VAL A 72 -9.42 -1.92 -3.33
CA VAL A 72 -9.99 -2.98 -2.52
C VAL A 72 -11.52 -2.92 -2.54
N GLU A 73 -12.06 -1.72 -2.69
CA GLU A 73 -13.51 -1.53 -2.71
C GLU A 73 -14.07 -1.85 -4.08
N THR B 1 -3.59 -10.77 -16.61
CA THR B 1 -3.74 -9.45 -15.92
C THR B 1 -4.49 -9.60 -14.60
N GLN B 2 -3.84 -9.23 -13.52
CA GLN B 2 -4.44 -9.31 -12.19
C GLN B 2 -4.15 -8.06 -11.38
N LYS B 3 -2.92 -7.95 -10.88
CA LYS B 3 -2.49 -6.80 -10.07
C LYS B 3 -2.87 -6.96 -8.60
N ILE B 4 -3.99 -7.66 -8.35
CA ILE B 4 -4.45 -7.88 -6.98
C ILE B 4 -3.80 -9.12 -6.37
N PHE B 5 -3.33 -8.98 -5.14
CA PHE B 5 -2.69 -10.09 -4.44
C PHE B 5 -2.33 -9.71 -3.02
N ASP B 6 -3.18 -10.09 -2.07
CA ASP B 6 -2.96 -9.78 -0.66
C ASP B 6 -3.18 -8.29 -0.41
N LEU B 7 -2.50 -7.45 -1.18
CA LEU B 7 -2.62 -6.00 -1.08
C LEU B 7 -4.09 -5.59 -0.93
N ARG B 8 -4.96 -6.30 -1.65
CA ARG B 8 -6.39 -6.01 -1.59
C ARG B 8 -7.02 -6.58 -0.32
N GLY B 9 -6.80 -7.87 -0.09
CA GLY B 9 -7.35 -8.52 1.08
C GLY B 9 -6.75 -7.99 2.37
N LYS B 10 -7.51 -8.05 3.45
CA LYS B 10 -7.06 -7.58 4.75
C LYS B 10 -6.77 -6.07 4.71
N PHE B 11 -7.50 -5.36 3.87
CA PHE B 11 -7.33 -3.92 3.75
C PHE B 11 -8.68 -3.21 3.74
N LYS B 12 -9.66 -3.80 4.42
CA LYS B 12 -11.00 -3.21 4.49
C LYS B 12 -11.22 -2.55 5.84
N ARG B 13 -10.93 -3.28 6.91
CA ARG B 13 -11.10 -2.75 8.27
C ARG B 13 -10.39 -3.64 9.28
N PRO B 14 -9.85 -3.02 10.35
CA PRO B 14 -9.15 -3.76 11.39
C PRO B 14 -10.09 -4.37 12.42
N THR B 15 -10.15 -5.70 12.45
CA THR B 15 -11.02 -6.41 13.38
C THR B 15 -10.20 -7.24 14.36
N LEU B 16 -10.60 -7.24 15.63
CA LEU B 16 -9.90 -7.98 16.66
C LEU B 16 -10.89 -8.71 17.57
N ARG B 17 -10.91 -10.04 17.47
CA ARG B 17 -11.81 -10.85 18.28
C ARG B 17 -11.11 -11.35 19.54
N ARG B 18 -11.56 -10.90 20.70
CA ARG B 18 -10.97 -11.31 21.97
C ARG B 18 -11.43 -12.71 22.35
N VAL B 19 -10.49 -13.52 22.86
CA VAL B 19 -10.77 -14.88 23.26
C VAL B 19 -12.08 -15.00 24.05
N ARG B 20 -12.28 -14.08 24.99
CA ARG B 20 -13.48 -14.08 25.82
C ARG B 20 -13.76 -15.46 26.41
N MET A 1 -17.97 13.20 12.86
CA MET A 1 -18.24 14.32 11.92
C MET A 1 -18.93 13.83 10.66
N LYS A 2 -18.24 12.97 9.91
CA LYS A 2 -18.79 12.41 8.68
C LYS A 2 -18.78 10.88 8.71
N GLY A 3 -17.63 10.32 9.05
CA GLY A 3 -17.50 8.88 9.11
C GLY A 3 -16.14 8.42 9.60
N LYS A 4 -15.72 7.24 9.16
CA LYS A 4 -14.43 6.70 9.57
C LYS A 4 -13.65 6.20 8.36
N SER A 5 -12.87 7.09 7.74
CA SER A 5 -12.08 6.74 6.57
C SER A 5 -10.82 7.60 6.50
N GLU A 6 -9.95 7.27 5.55
CA GLU A 6 -8.69 8.00 5.37
C GLU A 6 -7.73 7.73 6.53
N GLU A 7 -8.13 8.09 7.74
CA GLU A 7 -7.31 7.89 8.92
C GLU A 7 -6.72 6.48 8.96
N GLU A 8 -7.45 5.53 8.37
CA GLU A 8 -7.00 4.14 8.34
C GLU A 8 -5.66 4.02 7.63
N LEU A 9 -5.49 4.79 6.55
CA LEU A 9 -4.25 4.77 5.78
C LEU A 9 -3.15 5.56 6.50
N SER A 10 -3.56 6.57 7.26
CA SER A 10 -2.61 7.40 8.00
C SER A 10 -1.68 6.54 8.85
N ASP A 11 -2.22 5.47 9.41
CA ASP A 11 -1.45 4.56 10.24
C ASP A 11 -0.72 3.54 9.40
N LEU A 12 -1.30 3.18 8.26
CA LEU A 12 -0.71 2.21 7.35
C LEU A 12 0.56 2.76 6.71
N PHE A 13 0.50 4.01 6.26
CA PHE A 13 1.65 4.66 5.63
C PHE A 13 2.89 4.59 6.52
N ARG A 14 2.71 4.89 7.79
CA ARG A 14 3.81 4.87 8.74
C ARG A 14 4.40 3.46 8.87
N MET A 15 3.54 2.50 9.20
CA MET A 15 3.98 1.11 9.35
C MET A 15 4.52 0.55 8.04
N PHE A 16 4.21 1.20 6.93
CA PHE A 16 4.66 0.75 5.62
C PHE A 16 5.95 1.46 5.21
N ASP A 17 6.02 2.75 5.49
CA ASP A 17 7.20 3.55 5.15
C ASP A 17 8.45 2.98 5.81
N LYS A 18 8.62 3.24 7.10
CA LYS A 18 9.77 2.75 7.85
C LYS A 18 11.08 3.36 7.34
N ASN A 19 10.97 4.37 6.47
CA ASN A 19 12.14 5.02 5.91
C ASN A 19 12.34 6.41 6.53
N ALA A 20 11.32 6.91 7.21
CA ALA A 20 11.38 8.22 7.84
C ALA A 20 11.47 9.33 6.80
N ASP A 21 10.84 9.09 5.65
CA ASP A 21 10.84 10.08 4.56
C ASP A 21 9.43 10.56 4.28
N GLY A 22 8.49 9.63 4.18
CA GLY A 22 7.11 9.98 3.92
C GLY A 22 6.67 9.64 2.50
N TYR A 23 7.45 8.81 1.82
CA TYR A 23 7.13 8.41 0.46
C TYR A 23 7.53 6.95 0.21
N ILE A 24 6.92 6.33 -0.80
CA ILE A 24 7.23 4.95 -1.13
C ILE A 24 7.83 4.83 -2.53
N ASP A 25 8.91 4.06 -2.63
CA ASP A 25 9.58 3.85 -3.92
C ASP A 25 9.73 2.37 -4.22
N LEU A 26 10.49 2.06 -5.26
CA LEU A 26 10.71 0.67 -5.67
C LEU A 26 11.24 -0.16 -4.49
N GLU A 27 11.92 0.50 -3.57
CA GLU A 27 12.47 -0.17 -2.40
C GLU A 27 11.37 -0.56 -1.42
N GLU A 28 10.58 0.42 -1.00
CA GLU A 28 9.48 0.19 -0.07
C GLU A 28 8.37 -0.62 -0.73
N LEU A 29 8.06 -0.29 -1.98
CA LEU A 29 7.01 -1.00 -2.71
C LEU A 29 7.24 -2.51 -2.67
N LYS A 30 8.49 -2.91 -2.50
CA LYS A 30 8.83 -4.33 -2.44
C LYS A 30 8.20 -4.98 -1.23
N ILE A 31 7.98 -4.18 -0.18
CA ILE A 31 7.38 -4.67 1.06
C ILE A 31 6.12 -5.49 0.80
N MET A 32 5.20 -4.95 0.01
CA MET A 32 3.95 -5.65 -0.29
C MET A 32 4.23 -6.98 -0.97
N LEU A 33 5.24 -7.01 -1.83
CA LEU A 33 5.60 -8.23 -2.55
C LEU A 33 6.22 -9.25 -1.61
N GLN A 34 6.98 -8.77 -0.63
CA GLN A 34 7.62 -9.65 0.34
C GLN A 34 6.59 -10.49 1.08
N ALA A 35 5.36 -9.98 1.16
CA ALA A 35 4.28 -10.67 1.84
C ALA A 35 3.82 -11.89 1.04
N THR A 36 3.86 -11.77 -0.29
CA THR A 36 3.44 -12.86 -1.17
C THR A 36 4.61 -13.76 -1.51
N GLY A 37 5.76 -13.17 -1.79
CA GLY A 37 6.94 -13.93 -2.13
C GLY A 37 6.67 -15.00 -3.18
N GLU A 38 5.69 -14.74 -4.03
CA GLU A 38 5.33 -15.68 -5.09
C GLU A 38 6.07 -15.36 -6.39
N THR A 39 7.36 -15.08 -6.28
CA THR A 39 8.19 -14.77 -7.43
C THR A 39 7.59 -13.62 -8.23
N ILE A 40 7.68 -12.41 -7.68
CA ILE A 40 7.14 -11.22 -8.35
C ILE A 40 8.13 -10.06 -8.26
N THR A 41 8.84 -9.97 -7.15
CA THR A 41 9.81 -8.89 -6.92
C THR A 41 10.71 -8.71 -8.15
N GLU A 42 11.29 -7.51 -8.27
CA GLU A 42 12.16 -7.19 -9.38
C GLU A 42 11.44 -7.35 -10.71
N ASP A 43 10.16 -6.96 -10.73
CA ASP A 43 9.35 -7.06 -11.94
C ASP A 43 7.95 -6.52 -11.69
N ASP A 44 7.42 -6.81 -10.52
CA ASP A 44 6.09 -6.35 -10.14
C ASP A 44 6.13 -4.96 -9.52
N ILE A 45 7.25 -4.65 -8.87
CA ILE A 45 7.44 -3.35 -8.23
C ILE A 45 7.66 -2.25 -9.27
N GLU A 46 8.30 -2.61 -10.37
CA GLU A 46 8.58 -1.66 -11.44
C GLU A 46 7.29 -1.13 -12.06
N GLU A 47 6.33 -2.03 -12.28
CA GLU A 47 5.06 -1.66 -12.87
C GLU A 47 4.07 -1.18 -11.81
N LEU A 48 4.08 -1.84 -10.66
CA LEU A 48 3.19 -1.49 -9.56
C LEU A 48 3.38 -0.04 -9.14
N MET A 49 4.64 0.33 -8.88
CA MET A 49 4.97 1.70 -8.45
C MET A 49 4.25 2.74 -9.32
N LYS A 50 3.99 2.38 -10.58
CA LYS A 50 3.31 3.28 -11.50
C LYS A 50 1.96 3.71 -10.95
N ASP A 51 1.37 2.86 -10.10
CA ASP A 51 0.08 3.15 -9.50
C ASP A 51 0.23 4.10 -8.32
N GLY A 52 1.14 3.78 -7.42
CA GLY A 52 1.37 4.63 -6.25
C GLY A 52 1.65 6.06 -6.62
N ASP A 53 2.78 6.29 -7.30
CA ASP A 53 3.16 7.63 -7.72
C ASP A 53 2.40 8.07 -8.97
N LYS A 54 1.28 8.76 -8.76
CA LYS A 54 0.46 9.24 -9.86
C LYS A 54 0.63 10.74 -10.06
N ASN A 55 1.80 11.24 -9.70
CA ASN A 55 2.09 12.67 -9.84
C ASN A 55 3.15 12.92 -10.90
N ASN A 56 3.80 11.85 -11.36
CA ASN A 56 4.85 11.96 -12.37
C ASN A 56 6.05 12.73 -11.83
N ASP A 57 6.44 12.42 -10.60
CA ASP A 57 7.58 13.08 -9.97
C ASP A 57 8.71 12.09 -9.72
N GLY A 58 8.34 10.87 -9.31
CA GLY A 58 9.35 9.86 -9.03
C GLY A 58 9.04 9.06 -7.78
N ARG A 59 8.30 9.67 -6.86
CA ARG A 59 7.95 9.01 -5.61
C ARG A 59 6.47 9.22 -5.27
N ILE A 60 5.97 8.46 -4.31
CA ILE A 60 4.58 8.57 -3.88
C ILE A 60 4.49 9.03 -2.44
N ASP A 61 3.67 10.05 -2.19
CA ASP A 61 3.52 10.60 -0.85
C ASP A 61 2.10 10.40 -0.33
N TYR A 62 1.94 10.51 1.00
CA TYR A 62 0.65 10.33 1.65
C TYR A 62 -0.48 11.05 0.89
N ASP A 63 -1.10 10.32 -0.04
CA ASP A 63 -2.19 10.85 -0.86
C ASP A 63 -2.60 9.82 -1.90
N GLU A 64 -1.70 9.53 -2.82
CA GLU A 64 -1.95 8.54 -3.87
C GLU A 64 -1.97 7.15 -3.26
N PHE A 65 -1.27 7.00 -2.13
CA PHE A 65 -1.19 5.73 -1.43
C PHE A 65 -2.58 5.29 -0.98
N LEU A 66 -3.43 6.27 -0.67
CA LEU A 66 -4.79 5.99 -0.23
C LEU A 66 -5.58 5.31 -1.34
N GLU A 67 -5.13 5.48 -2.58
CA GLU A 67 -5.80 4.87 -3.72
C GLU A 67 -5.48 3.38 -3.80
N PHE A 68 -4.38 2.98 -3.15
CA PHE A 68 -3.97 1.59 -3.14
C PHE A 68 -5.04 0.72 -2.47
N MET A 69 -5.32 1.01 -1.21
CA MET A 69 -6.33 0.27 -0.45
C MET A 69 -7.67 0.25 -1.18
N LYS A 70 -7.95 1.32 -1.92
CA LYS A 70 -9.21 1.43 -2.66
C LYS A 70 -9.49 0.15 -3.45
N GLY A 71 -8.43 -0.51 -3.90
CA GLY A 71 -8.58 -1.73 -4.66
C GLY A 71 -9.26 -2.82 -3.84
N VAL A 72 -8.99 -2.82 -2.54
CA VAL A 72 -9.57 -3.81 -1.64
C VAL A 72 -11.09 -3.70 -1.61
N GLU A 73 -11.60 -2.51 -1.91
CA GLU A 73 -13.03 -2.27 -1.93
C GLU A 73 -13.58 -2.30 -3.35
N THR B 1 -11.10 -4.53 -10.55
CA THR B 1 -9.82 -5.06 -10.03
C THR B 1 -8.63 -4.20 -10.47
N GLN B 2 -7.56 -4.22 -9.69
CA GLN B 2 -6.37 -3.45 -10.00
C GLN B 2 -5.11 -4.26 -9.72
N LYS B 3 -5.19 -5.57 -9.90
CA LYS B 3 -4.06 -6.45 -9.67
C LYS B 3 -3.58 -6.38 -8.23
N ILE B 4 -3.96 -7.37 -7.43
CA ILE B 4 -3.56 -7.41 -6.03
C ILE B 4 -3.32 -8.84 -5.57
N PHE B 5 -2.68 -8.98 -4.41
CA PHE B 5 -2.39 -10.30 -3.88
C PHE B 5 -2.48 -10.33 -2.35
N ASP B 6 -1.35 -10.21 -1.66
CA ASP B 6 -1.33 -10.23 -0.20
C ASP B 6 -1.67 -8.85 0.36
N LEU B 7 -1.99 -7.91 -0.52
CA LEU B 7 -2.32 -6.56 -0.10
C LEU B 7 -3.83 -6.43 0.10
N ARG B 8 -4.59 -6.87 -0.89
CA ARG B 8 -6.04 -6.80 -0.84
C ARG B 8 -6.58 -7.48 0.41
N GLY B 9 -6.00 -8.62 0.77
CA GLY B 9 -6.45 -9.33 1.94
C GLY B 9 -5.78 -8.88 3.22
N LYS B 10 -5.16 -7.69 3.17
CA LYS B 10 -4.49 -7.14 4.34
C LYS B 10 -4.70 -5.62 4.38
N PHE B 11 -5.84 -5.18 3.88
CA PHE B 11 -6.17 -3.76 3.85
C PHE B 11 -7.59 -3.51 4.34
N LYS B 12 -8.06 -4.37 5.23
CA LYS B 12 -9.41 -4.25 5.78
C LYS B 12 -9.37 -3.87 7.25
N ARG B 13 -8.78 -4.73 8.07
CA ARG B 13 -8.67 -4.48 9.50
C ARG B 13 -7.37 -5.05 10.06
N PRO B 14 -6.68 -4.29 10.93
CA PRO B 14 -5.43 -4.72 11.53
C PRO B 14 -5.63 -5.50 12.81
N THR B 15 -4.90 -6.61 12.94
CA THR B 15 -5.00 -7.45 14.14
C THR B 15 -6.44 -7.90 14.38
N LEU B 16 -6.64 -8.69 15.43
CA LEU B 16 -7.96 -9.20 15.78
C LEU B 16 -8.54 -10.05 14.66
N ARG B 17 -9.11 -9.40 13.66
CA ARG B 17 -9.70 -10.10 12.53
C ARG B 17 -10.87 -10.99 12.98
N ARG B 18 -12.05 -10.72 12.43
CA ARG B 18 -13.25 -11.49 12.78
C ARG B 18 -13.59 -11.31 14.26
N VAL B 19 -14.81 -11.70 14.62
CA VAL B 19 -15.28 -11.59 15.99
C VAL B 19 -14.22 -12.02 17.01
N ARG B 20 -13.58 -13.15 16.74
CA ARG B 20 -12.55 -13.68 17.63
C ARG B 20 -13.04 -13.72 19.08
N MET A 1 -10.72 11.18 11.68
CA MET A 1 -9.60 11.91 12.32
C MET A 1 -8.53 10.95 12.85
N LYS A 2 -8.33 9.85 12.13
CA LYS A 2 -7.34 8.85 12.52
C LYS A 2 -7.67 8.27 13.89
N GLY A 3 -8.03 6.99 13.91
CA GLY A 3 -8.36 6.35 15.16
C GLY A 3 -7.84 4.92 15.24
N LYS A 4 -8.59 4.00 14.65
CA LYS A 4 -8.20 2.58 14.64
C LYS A 4 -7.85 2.11 13.24
N SER A 5 -8.45 2.75 12.23
CA SER A 5 -8.19 2.38 10.84
C SER A 5 -7.11 3.25 10.23
N GLU A 6 -7.37 4.55 10.13
CA GLU A 6 -6.42 5.48 9.56
C GLU A 6 -5.07 5.42 10.28
N GLU A 7 -5.11 5.13 11.58
CA GLU A 7 -3.89 5.05 12.37
C GLU A 7 -2.97 3.98 11.83
N GLU A 8 -3.54 2.96 11.18
CA GLU A 8 -2.76 1.88 10.60
C GLU A 8 -1.87 2.39 9.48
N LEU A 9 -2.48 2.88 8.41
CA LEU A 9 -1.75 3.39 7.27
C LEU A 9 -0.84 4.55 7.68
N SER A 10 -1.26 5.29 8.71
CA SER A 10 -0.47 6.42 9.20
C SER A 10 0.98 6.02 9.42
N ASP A 11 1.16 4.96 10.20
CA ASP A 11 2.50 4.45 10.49
C ASP A 11 2.99 3.54 9.37
N LEU A 12 2.04 2.89 8.70
CA LEU A 12 2.35 1.99 7.59
C LEU A 12 3.12 2.72 6.49
N PHE A 13 2.86 4.02 6.37
CA PHE A 13 3.53 4.83 5.36
C PHE A 13 5.02 5.00 5.68
N ARG A 14 5.31 5.50 6.87
CA ARG A 14 6.69 5.72 7.30
C ARG A 14 7.52 4.44 7.15
N MET A 15 6.86 3.30 7.18
CA MET A 15 7.54 2.01 7.05
C MET A 15 8.21 1.88 5.69
N PHE A 16 7.68 2.58 4.69
CA PHE A 16 8.23 2.52 3.34
C PHE A 16 9.04 3.77 3.04
N ASP A 17 8.52 4.93 3.42
CA ASP A 17 9.19 6.20 3.17
C ASP A 17 10.62 6.19 3.74
N LYS A 18 10.75 6.48 5.03
CA LYS A 18 12.07 6.50 5.67
C LYS A 18 12.98 7.55 5.04
N ASN A 19 12.40 8.42 4.22
CA ASN A 19 13.16 9.47 3.55
C ASN A 19 12.77 10.85 4.06
N ALA A 20 11.65 10.94 4.77
CA ALA A 20 11.16 12.21 5.31
C ALA A 20 10.58 13.08 4.20
N ASP A 21 9.94 12.44 3.22
CA ASP A 21 9.33 13.17 2.11
C ASP A 21 7.82 12.96 2.10
N GLY A 22 7.40 11.71 2.27
CA GLY A 22 5.98 11.40 2.29
C GLY A 22 5.50 10.81 0.98
N TYR A 23 6.39 10.16 0.24
CA TYR A 23 6.02 9.56 -1.04
C TYR A 23 6.78 8.25 -1.27
N ILE A 24 6.21 7.37 -2.09
CA ILE A 24 6.84 6.09 -2.38
C ILE A 24 7.10 5.92 -3.88
N ASP A 25 8.31 5.49 -4.22
CA ASP A 25 8.69 5.30 -5.62
C ASP A 25 9.06 3.84 -5.87
N LEU A 26 9.52 3.55 -7.09
CA LEU A 26 9.90 2.19 -7.47
C LEU A 26 10.87 1.60 -6.45
N GLU A 27 11.74 2.44 -5.91
CA GLU A 27 12.72 1.98 -4.92
C GLU A 27 12.03 1.56 -3.63
N GLU A 28 11.17 2.42 -3.11
CA GLU A 28 10.44 2.14 -1.87
C GLU A 28 9.37 1.09 -2.11
N LEU A 29 8.90 0.98 -3.35
CA LEU A 29 7.88 0.02 -3.71
C LEU A 29 8.36 -1.41 -3.45
N LYS A 30 9.67 -1.58 -3.34
CA LYS A 30 10.26 -2.90 -3.10
C LYS A 30 10.05 -3.31 -1.64
N ILE A 31 9.85 -2.33 -0.77
CA ILE A 31 9.64 -2.58 0.66
C ILE A 31 8.51 -3.59 0.89
N MET A 32 7.39 -3.41 0.19
CA MET A 32 6.26 -4.33 0.35
C MET A 32 6.65 -5.73 -0.11
N LEU A 33 7.47 -5.80 -1.16
CA LEU A 33 7.92 -7.07 -1.70
C LEU A 33 9.02 -7.66 -0.82
N GLN A 34 9.74 -6.79 -0.11
CA GLN A 34 10.82 -7.24 0.76
C GLN A 34 10.30 -8.25 1.79
N ALA A 35 9.03 -8.10 2.16
CA ALA A 35 8.41 -8.99 3.13
C ALA A 35 8.17 -10.37 2.52
N THR A 36 8.04 -10.42 1.20
CA THR A 36 7.82 -11.68 0.50
C THR A 36 9.14 -12.33 0.12
N GLY A 37 10.02 -11.55 -0.49
CA GLY A 37 11.32 -12.08 -0.89
C GLY A 37 11.20 -13.24 -1.87
N GLU A 38 10.23 -13.16 -2.76
CA GLU A 38 10.01 -14.20 -3.74
C GLU A 38 10.42 -13.73 -5.14
N THR A 39 10.21 -14.60 -6.13
CA THR A 39 10.56 -14.28 -7.51
C THR A 39 9.80 -13.03 -7.99
N ILE A 40 8.69 -12.73 -7.33
CA ILE A 40 7.88 -11.57 -7.69
C ILE A 40 8.73 -10.30 -7.79
N THR A 41 9.84 -10.26 -7.05
CA THR A 41 10.74 -9.11 -7.06
C THR A 41 11.21 -8.80 -8.47
N GLU A 42 11.56 -7.54 -8.71
CA GLU A 42 12.03 -7.11 -10.02
C GLU A 42 10.96 -7.34 -11.08
N ASP A 43 9.70 -7.25 -10.68
CA ASP A 43 8.58 -7.43 -11.59
C ASP A 43 7.27 -6.96 -10.96
N ASP A 44 7.07 -7.33 -9.70
CA ASP A 44 5.86 -6.94 -8.98
C ASP A 44 5.88 -5.45 -8.63
N ILE A 45 7.09 -4.92 -8.42
CA ILE A 45 7.25 -3.51 -8.08
C ILE A 45 6.85 -2.62 -9.25
N GLU A 46 7.06 -3.12 -10.47
CA GLU A 46 6.72 -2.35 -11.66
C GLU A 46 5.21 -2.34 -11.92
N GLU A 47 4.57 -3.48 -11.64
CA GLU A 47 3.12 -3.60 -11.83
C GLU A 47 2.36 -3.11 -10.62
N LEU A 48 2.95 -3.28 -9.43
CA LEU A 48 2.32 -2.85 -8.19
C LEU A 48 2.27 -1.33 -8.10
N MET A 49 3.40 -0.69 -8.32
CA MET A 49 3.50 0.77 -8.27
C MET A 49 2.34 1.43 -9.01
N LYS A 50 1.84 0.76 -10.03
CA LYS A 50 0.73 1.28 -10.83
C LYS A 50 -0.47 1.58 -9.94
N ASP A 51 -0.58 0.86 -8.83
CA ASP A 51 -1.69 1.03 -7.91
C ASP A 51 -1.48 2.27 -7.04
N GLY A 52 -0.30 2.38 -6.43
CA GLY A 52 0.00 3.52 -5.59
C GLY A 52 -0.10 4.83 -6.33
N ASP A 53 0.80 5.03 -7.28
CA ASP A 53 0.81 6.26 -8.08
C ASP A 53 -0.20 6.18 -9.22
N LYS A 54 -1.46 6.44 -8.91
CA LYS A 54 -2.52 6.40 -9.91
C LYS A 54 -2.98 7.81 -10.28
N ASN A 55 -2.06 8.76 -10.20
CA ASN A 55 -2.36 10.15 -10.52
C ASN A 55 -1.64 10.60 -11.79
N ASN A 56 -0.89 9.69 -12.41
CA ASN A 56 -0.16 10.01 -13.63
C ASN A 56 0.82 11.15 -13.39
N ASP A 57 1.48 11.14 -12.24
CA ASP A 57 2.44 12.17 -11.89
C ASP A 57 3.85 11.59 -11.78
N GLY A 58 3.95 10.42 -11.14
CA GLY A 58 5.24 9.78 -10.98
C GLY A 58 5.64 9.63 -9.52
N ARG A 59 4.66 9.65 -8.63
CA ARG A 59 4.92 9.50 -7.20
C ARG A 59 3.63 9.30 -6.41
N ILE A 60 3.72 8.54 -5.34
CA ILE A 60 2.57 8.26 -4.50
C ILE A 60 2.77 8.84 -3.09
N ASP A 61 1.73 9.42 -2.51
CA ASP A 61 1.84 10.03 -1.19
C ASP A 61 0.96 9.34 -0.15
N TYR A 62 1.09 9.77 1.10
CA TYR A 62 0.33 9.19 2.21
C TYR A 62 -1.16 9.07 1.86
N ASP A 63 -1.70 10.08 1.22
CA ASP A 63 -3.11 10.08 0.84
C ASP A 63 -3.42 8.91 -0.10
N GLU A 64 -2.81 8.93 -1.27
CA GLU A 64 -3.02 7.87 -2.25
C GLU A 64 -2.58 6.52 -1.70
N PHE A 65 -1.68 6.54 -0.72
CA PHE A 65 -1.19 5.31 -0.10
C PHE A 65 -2.35 4.55 0.53
N LEU A 66 -3.22 5.27 1.22
CA LEU A 66 -4.37 4.65 1.87
C LEU A 66 -5.23 3.89 0.85
N GLU A 67 -5.06 4.21 -0.43
CA GLU A 67 -5.80 3.54 -1.49
C GLU A 67 -5.34 2.09 -1.62
N PHE A 68 -4.06 1.85 -1.32
CA PHE A 68 -3.48 0.51 -1.39
C PHE A 68 -4.36 -0.50 -0.66
N MET A 69 -4.46 -0.32 0.66
CA MET A 69 -5.26 -1.21 1.50
C MET A 69 -6.75 -1.01 1.25
N LYS A 70 -7.13 0.23 0.99
CA LYS A 70 -8.54 0.56 0.73
C LYS A 70 -9.18 -0.44 -0.24
N GLY A 71 -8.36 -1.00 -1.12
CA GLY A 71 -8.87 -1.96 -2.09
C GLY A 71 -9.13 -3.32 -1.47
N VAL A 72 -8.43 -3.62 -0.38
CA VAL A 72 -8.58 -4.89 0.30
C VAL A 72 -10.05 -5.22 0.56
N GLU A 73 -10.86 -4.18 0.72
CA GLU A 73 -12.29 -4.34 0.96
C GLU A 73 -12.96 -5.10 -0.19
N THR B 1 -5.60 -5.07 -7.19
CA THR B 1 -4.26 -5.68 -7.36
C THR B 1 -4.37 -7.13 -7.80
N GLN B 2 -3.32 -7.63 -8.44
CA GLN B 2 -3.29 -9.01 -8.91
C GLN B 2 -2.31 -9.86 -8.11
N LYS B 3 -1.25 -9.21 -7.63
CA LYS B 3 -0.23 -9.91 -6.84
C LYS B 3 -0.30 -9.50 -5.37
N ILE B 4 -1.19 -10.15 -4.62
CA ILE B 4 -1.35 -9.85 -3.20
C ILE B 4 -0.38 -10.69 -2.36
N PHE B 5 0.07 -10.12 -1.25
CA PHE B 5 1.00 -10.81 -0.37
C PHE B 5 1.30 -9.98 0.87
N ASP B 6 0.74 -10.37 2.01
CA ASP B 6 0.97 -9.64 3.25
C ASP B 6 0.22 -8.31 3.23
N LEU B 7 0.51 -7.50 2.21
CA LEU B 7 -0.13 -6.20 2.05
C LEU B 7 -1.62 -6.27 2.34
N ARG B 8 -2.27 -7.28 1.77
CA ARG B 8 -3.70 -7.47 1.98
C ARG B 8 -3.97 -8.20 3.28
N GLY B 9 -5.25 -8.36 3.60
CA GLY B 9 -5.65 -9.04 4.81
C GLY B 9 -5.34 -8.26 6.06
N LYS B 10 -6.34 -8.12 6.93
CA LYS B 10 -6.16 -7.40 8.18
C LYS B 10 -5.73 -5.95 7.92
N PHE B 11 -6.08 -5.43 6.75
CA PHE B 11 -5.73 -4.07 6.38
C PHE B 11 -6.94 -3.31 5.84
N LYS B 12 -8.12 -3.72 6.28
CA LYS B 12 -9.36 -3.08 5.85
C LYS B 12 -10.32 -2.90 7.02
N ARG B 13 -11.49 -2.34 6.72
CA ARG B 13 -12.50 -2.10 7.75
C ARG B 13 -13.89 -2.49 7.24
N PRO B 14 -14.71 -3.11 8.10
CA PRO B 14 -16.06 -3.52 7.73
C PRO B 14 -17.10 -2.44 7.99
N THR B 15 -17.55 -1.79 6.93
CA THR B 15 -18.55 -0.73 7.04
C THR B 15 -19.96 -1.28 6.86
N LEU B 16 -20.19 -1.92 5.73
CA LEU B 16 -21.50 -2.51 5.44
C LEU B 16 -21.38 -3.99 5.11
N ARG B 17 -21.91 -4.82 6.01
CA ARG B 17 -21.86 -6.28 5.82
C ARG B 17 -23.06 -6.96 6.46
N ARG B 18 -24.05 -7.29 5.64
CA ARG B 18 -25.26 -7.94 6.14
C ARG B 18 -25.21 -9.44 5.90
N VAL B 19 -25.88 -10.20 6.75
CA VAL B 19 -25.91 -11.65 6.64
C VAL B 19 -26.25 -12.10 5.21
N ARG B 20 -25.82 -13.30 4.86
CA ARG B 20 -26.08 -13.83 3.53
C ARG B 20 -25.46 -12.94 2.44
N MET A 1 -19.25 6.17 18.23
CA MET A 1 -19.45 5.75 16.81
C MET A 1 -19.04 6.85 15.86
N LYS A 2 -18.23 6.49 14.86
CA LYS A 2 -17.76 7.46 13.87
C LYS A 2 -17.37 6.75 12.57
N GLY A 3 -17.54 7.44 11.45
CA GLY A 3 -17.20 6.86 10.17
C GLY A 3 -15.83 7.30 9.68
N LYS A 4 -14.78 6.81 10.34
CA LYS A 4 -13.41 7.15 9.97
C LYS A 4 -13.01 6.45 8.68
N SER A 5 -12.04 7.02 7.97
CA SER A 5 -11.57 6.47 6.71
C SER A 5 -10.18 6.99 6.37
N GLU A 6 -10.00 8.30 6.52
CA GLU A 6 -8.72 8.93 6.23
C GLU A 6 -7.70 8.64 7.33
N GLU A 7 -8.19 8.50 8.55
CA GLU A 7 -7.32 8.22 9.69
C GLU A 7 -6.75 6.80 9.60
N GLU A 8 -7.50 5.90 8.97
CA GLU A 8 -7.07 4.52 8.82
C GLU A 8 -5.71 4.45 8.13
N LEU A 9 -5.66 4.88 6.87
CA LEU A 9 -4.42 4.87 6.10
C LEU A 9 -3.31 5.59 6.84
N SER A 10 -3.69 6.56 7.67
CA SER A 10 -2.72 7.35 8.45
C SER A 10 -1.72 6.43 9.13
N ASP A 11 -2.22 5.44 9.87
CA ASP A 11 -1.37 4.50 10.56
C ASP A 11 -0.70 3.53 9.59
N LEU A 12 -1.33 3.33 8.43
CA LEU A 12 -0.79 2.44 7.41
C LEU A 12 0.49 3.00 6.81
N PHE A 13 0.47 4.28 6.42
CA PHE A 13 1.62 4.93 5.84
C PHE A 13 2.84 4.82 6.75
N ARG A 14 2.72 5.39 7.95
CA ARG A 14 3.81 5.35 8.92
C ARG A 14 4.24 3.91 9.22
N MET A 15 3.27 2.99 9.15
CA MET A 15 3.55 1.59 9.42
C MET A 15 4.22 0.93 8.22
N PHE A 16 3.91 1.43 7.03
CA PHE A 16 4.48 0.89 5.79
C PHE A 16 5.85 1.48 5.52
N ASP A 17 5.96 2.80 5.67
CA ASP A 17 7.23 3.49 5.45
C ASP A 17 8.24 3.16 6.54
N LYS A 18 8.67 1.91 6.58
CA LYS A 18 9.64 1.46 7.58
C LYS A 18 10.96 2.21 7.43
N ASN A 19 11.23 2.66 6.21
CA ASN A 19 12.47 3.40 5.93
C ASN A 19 12.46 4.76 6.60
N ALA A 20 11.26 5.30 6.81
CA ALA A 20 11.11 6.61 7.45
C ALA A 20 11.74 7.70 6.60
N ASP A 21 11.25 7.87 5.38
CA ASP A 21 11.76 8.88 4.48
C ASP A 21 10.69 9.93 4.16
N GLY A 22 9.46 9.47 4.01
CA GLY A 22 8.37 10.37 3.71
C GLY A 22 7.48 9.86 2.58
N TYR A 23 8.03 8.98 1.75
CA TYR A 23 7.29 8.42 0.63
C TYR A 23 7.69 6.96 0.39
N ILE A 24 7.09 6.34 -0.64
CA ILE A 24 7.40 4.96 -0.96
C ILE A 24 8.05 4.85 -2.33
N ASP A 25 9.17 4.13 -2.41
CA ASP A 25 9.89 3.95 -3.66
C ASP A 25 9.93 2.48 -4.06
N LEU A 26 10.78 2.16 -5.03
CA LEU A 26 10.92 0.78 -5.51
C LEU A 26 11.19 -0.18 -4.35
N GLU A 27 12.32 0.02 -3.68
CA GLU A 27 12.70 -0.83 -2.55
C GLU A 27 11.57 -0.92 -1.53
N GLU A 28 11.01 0.23 -1.17
CA GLU A 28 9.92 0.29 -0.22
C GLU A 28 8.70 -0.48 -0.75
N LEU A 29 8.50 -0.41 -2.05
CA LEU A 29 7.38 -1.11 -2.69
C LEU A 29 7.50 -2.62 -2.49
N LYS A 30 8.72 -3.10 -2.27
CA LYS A 30 8.96 -4.52 -2.06
C LYS A 30 8.36 -5.00 -0.75
N ILE A 31 7.98 -4.06 0.11
CA ILE A 31 7.40 -4.38 1.41
C ILE A 31 6.02 -5.03 1.27
N MET A 32 5.25 -4.59 0.28
CA MET A 32 3.91 -5.14 0.08
C MET A 32 3.98 -6.56 -0.48
N LEU A 33 4.93 -6.80 -1.38
CA LEU A 33 5.09 -8.13 -1.98
C LEU A 33 5.83 -9.07 -1.02
N GLN A 34 6.56 -8.50 -0.08
CA GLN A 34 7.30 -9.31 0.89
C GLN A 34 6.35 -10.20 1.70
N ALA A 35 5.10 -9.77 1.81
CA ALA A 35 4.10 -10.52 2.56
C ALA A 35 3.67 -11.78 1.79
N THR A 36 3.62 -11.66 0.47
CA THR A 36 3.23 -12.78 -0.38
C THR A 36 4.44 -13.63 -0.76
N GLY A 37 5.55 -12.97 -1.04
CA GLY A 37 6.77 -13.67 -1.41
C GLY A 37 6.63 -14.40 -2.73
N GLU A 38 5.76 -13.88 -3.60
CA GLU A 38 5.54 -14.48 -4.92
C GLU A 38 6.59 -14.01 -5.92
N THR A 39 6.40 -14.38 -7.18
CA THR A 39 7.34 -13.99 -8.23
C THR A 39 6.92 -12.67 -8.88
N ILE A 40 6.63 -11.68 -8.04
CA ILE A 40 6.21 -10.37 -8.53
C ILE A 40 7.23 -9.30 -8.18
N THR A 41 8.41 -9.71 -7.70
CA THR A 41 9.46 -8.77 -7.33
C THR A 41 10.22 -8.31 -8.56
N GLU A 42 10.79 -7.10 -8.47
CA GLU A 42 11.56 -6.53 -9.57
C GLU A 42 10.65 -6.18 -10.76
N ASP A 43 10.05 -7.21 -11.35
CA ASP A 43 9.16 -7.01 -12.50
C ASP A 43 7.91 -6.25 -12.11
N ASP A 44 7.03 -6.90 -11.34
CA ASP A 44 5.78 -6.28 -10.91
C ASP A 44 6.02 -4.96 -10.18
N ILE A 45 7.02 -4.94 -9.31
CA ILE A 45 7.36 -3.75 -8.54
C ILE A 45 7.50 -2.53 -9.45
N GLU A 46 7.99 -2.76 -10.67
CA GLU A 46 8.17 -1.68 -11.63
C GLU A 46 6.84 -1.26 -12.25
N GLU A 47 5.91 -2.20 -12.34
CA GLU A 47 4.60 -1.93 -12.92
C GLU A 47 3.65 -1.36 -11.86
N LEU A 48 3.62 -1.99 -10.69
CA LEU A 48 2.75 -1.55 -9.61
C LEU A 48 3.04 -0.10 -9.22
N MET A 49 4.33 0.19 -8.99
CA MET A 49 4.76 1.54 -8.61
C MET A 49 4.08 2.61 -9.47
N LYS A 50 3.75 2.25 -10.70
CA LYS A 50 3.09 3.18 -11.61
C LYS A 50 1.81 3.74 -10.99
N ASP A 51 1.18 2.95 -10.14
CA ASP A 51 -0.05 3.36 -9.47
C ASP A 51 0.24 4.40 -8.40
N GLY A 52 1.17 4.07 -7.50
CA GLY A 52 1.53 4.99 -6.45
C GLY A 52 2.09 6.30 -6.97
N ASP A 53 3.06 6.20 -7.87
CA ASP A 53 3.68 7.38 -8.45
C ASP A 53 3.36 7.49 -9.94
N LYS A 54 2.55 8.48 -10.30
CA LYS A 54 2.17 8.69 -11.69
C LYS A 54 2.47 10.11 -12.14
N ASN A 55 3.53 10.69 -11.58
CA ASN A 55 3.93 12.05 -11.92
C ASN A 55 5.37 12.10 -12.42
N ASN A 56 5.93 10.93 -12.72
CA ASN A 56 7.31 10.84 -13.21
C ASN A 56 8.27 11.57 -12.26
N ASP A 57 8.01 11.45 -10.97
CA ASP A 57 8.85 12.09 -9.96
C ASP A 57 9.55 11.05 -9.08
N GLY A 58 8.85 9.96 -8.81
CA GLY A 58 9.42 8.91 -7.99
C GLY A 58 9.28 9.18 -6.50
N ARG A 59 8.09 9.63 -6.11
CA ARG A 59 7.83 9.94 -4.71
C ARG A 59 6.33 9.85 -4.41
N ILE A 60 5.94 8.80 -3.69
CA ILE A 60 4.54 8.60 -3.33
C ILE A 60 4.35 8.67 -1.82
N ASP A 61 3.49 9.57 -1.37
CA ASP A 61 3.24 9.73 0.05
C ASP A 61 1.84 10.28 0.34
N TYR A 62 1.12 9.60 1.22
CA TYR A 62 -0.23 10.01 1.61
C TYR A 62 -1.13 10.30 0.41
N ASP A 63 -1.07 11.53 -0.10
CA ASP A 63 -1.89 11.96 -1.24
C ASP A 63 -2.16 10.81 -2.21
N GLU A 64 -1.10 10.29 -2.82
CA GLU A 64 -1.23 9.20 -3.78
C GLU A 64 -1.38 7.87 -3.06
N PHE A 65 -0.84 7.78 -1.83
CA PHE A 65 -0.92 6.56 -1.05
C PHE A 65 -2.38 6.19 -0.76
N LEU A 66 -3.11 7.13 -0.18
CA LEU A 66 -4.51 6.90 0.15
C LEU A 66 -5.28 6.34 -1.04
N GLU A 67 -4.80 6.63 -2.25
CA GLU A 67 -5.44 6.15 -3.47
C GLU A 67 -5.20 4.65 -3.65
N PHE A 68 -4.08 4.17 -3.11
CA PHE A 68 -3.72 2.76 -3.21
C PHE A 68 -4.81 1.87 -2.62
N MET A 69 -5.13 2.10 -1.35
CA MET A 69 -6.15 1.31 -0.67
C MET A 69 -7.55 1.78 -1.04
N LYS A 70 -7.69 3.08 -1.28
CA LYS A 70 -8.98 3.65 -1.66
C LYS A 70 -9.64 2.83 -2.77
N GLY A 71 -8.81 2.20 -3.60
CA GLY A 71 -9.33 1.40 -4.69
C GLY A 71 -10.01 0.13 -4.19
N VAL A 72 -9.57 -0.35 -3.03
CA VAL A 72 -10.13 -1.56 -2.44
C VAL A 72 -11.66 -1.49 -2.37
N GLU A 73 -12.18 -0.28 -2.20
CA GLU A 73 -13.62 -0.07 -2.11
C GLU A 73 -14.31 -0.46 -3.42
N THR B 1 -3.50 -14.34 -8.99
CA THR B 1 -2.84 -13.02 -8.80
C THR B 1 -2.99 -12.14 -10.05
N GLN B 2 -3.85 -11.13 -9.95
CA GLN B 2 -4.09 -10.23 -11.08
C GLN B 2 -3.87 -8.78 -10.65
N LYS B 3 -2.73 -8.22 -11.03
CA LYS B 3 -2.39 -6.84 -10.69
C LYS B 3 -2.15 -6.68 -9.19
N ILE B 4 -3.18 -6.92 -8.39
CA ILE B 4 -3.08 -6.81 -6.95
C ILE B 4 -3.19 -8.17 -6.28
N PHE B 5 -2.95 -8.20 -4.97
CA PHE B 5 -3.02 -9.44 -4.22
C PHE B 5 -3.51 -9.20 -2.78
N ASP B 6 -2.61 -9.30 -1.80
CA ASP B 6 -2.99 -9.08 -0.41
C ASP B 6 -3.17 -7.59 -0.12
N LEU B 7 -2.77 -6.76 -1.08
CA LEU B 7 -2.87 -5.31 -0.93
C LEU B 7 -4.33 -4.87 -0.99
N ARG B 8 -5.08 -5.47 -1.91
CA ARG B 8 -6.50 -5.15 -2.07
C ARG B 8 -7.37 -6.31 -1.59
N GLY B 9 -8.67 -6.15 -1.76
CA GLY B 9 -9.61 -7.18 -1.34
C GLY B 9 -9.55 -7.45 0.15
N LYS B 10 -8.95 -6.53 0.88
CA LYS B 10 -8.82 -6.66 2.33
C LYS B 10 -8.67 -5.28 2.96
N PHE B 11 -7.91 -4.41 2.29
CA PHE B 11 -7.69 -3.06 2.75
C PHE B 11 -8.97 -2.23 2.65
N LYS B 12 -9.98 -2.61 3.43
CA LYS B 12 -11.25 -1.91 3.43
C LYS B 12 -11.61 -1.43 4.83
N ARG B 13 -12.07 -2.35 5.67
CA ARG B 13 -12.45 -2.02 7.03
C ARG B 13 -12.17 -3.18 7.98
N PRO B 14 -11.67 -2.90 9.19
CA PRO B 14 -11.37 -3.94 10.18
C PRO B 14 -12.58 -4.80 10.51
N THR B 15 -12.44 -6.11 10.32
CA THR B 15 -13.53 -7.04 10.58
C THR B 15 -13.03 -8.23 11.42
N LEU B 16 -11.95 -8.85 10.96
CA LEU B 16 -11.38 -10.00 11.65
C LEU B 16 -9.85 -10.01 11.51
N ARG B 17 -9.16 -10.06 12.65
CA ARG B 17 -7.71 -10.08 12.66
C ARG B 17 -7.18 -11.04 13.72
N ARG B 18 -7.64 -10.87 14.95
CA ARG B 18 -7.21 -11.73 16.05
C ARG B 18 -8.23 -11.72 17.18
N VAL B 19 -8.28 -12.80 17.94
CA VAL B 19 -9.21 -12.94 19.05
C VAL B 19 -9.30 -11.66 19.89
N ARG B 20 -8.16 -11.08 20.19
CA ARG B 20 -8.12 -9.86 20.99
C ARG B 20 -8.83 -10.05 22.33
N MET A 1 -16.57 13.23 8.26
CA MET A 1 -16.23 11.79 8.27
C MET A 1 -14.78 11.55 7.85
N LYS A 2 -13.85 11.79 8.77
CA LYS A 2 -12.43 11.60 8.50
C LYS A 2 -11.65 11.39 9.78
N GLY A 3 -11.37 10.13 10.11
CA GLY A 3 -10.63 9.83 11.31
C GLY A 3 -11.14 8.57 12.00
N LYS A 4 -11.27 7.49 11.23
CA LYS A 4 -11.75 6.22 11.77
C LYS A 4 -10.99 5.05 11.16
N SER A 5 -10.99 4.98 9.83
CA SER A 5 -10.31 3.92 9.12
C SER A 5 -8.87 4.32 8.78
N GLU A 6 -8.65 5.62 8.63
CA GLU A 6 -7.31 6.13 8.31
C GLU A 6 -6.29 5.69 9.35
N GLU A 7 -6.76 5.39 10.55
CA GLU A 7 -5.88 4.96 11.63
C GLU A 7 -5.03 3.76 11.20
N GLU A 8 -5.65 2.80 10.54
CA GLU A 8 -4.96 1.61 10.07
C GLU A 8 -3.79 1.98 9.17
N LEU A 9 -4.09 2.64 8.05
CA LEU A 9 -3.06 3.05 7.11
C LEU A 9 -2.08 4.02 7.76
N SER A 10 -2.57 4.76 8.75
CA SER A 10 -1.73 5.72 9.47
C SER A 10 -0.44 5.07 9.93
N ASP A 11 -0.57 3.92 10.60
CA ASP A 11 0.58 3.18 11.09
C ASP A 11 1.13 2.27 9.98
N LEU A 12 0.23 1.87 9.06
CA LEU A 12 0.61 1.00 7.95
C LEU A 12 1.63 1.68 7.04
N PHE A 13 1.62 3.01 7.05
CA PHE A 13 2.55 3.79 6.22
C PHE A 13 3.90 3.92 6.90
N ARG A 14 3.89 4.31 8.18
CA ARG A 14 5.12 4.48 8.93
C ARG A 14 5.95 3.20 8.93
N MET A 15 5.28 2.05 8.85
CA MET A 15 5.96 0.77 8.82
C MET A 15 6.40 0.40 7.40
N PHE A 16 5.76 1.01 6.41
CA PHE A 16 6.08 0.75 5.02
C PHE A 16 7.19 1.66 4.52
N ASP A 17 7.11 2.94 4.89
CA ASP A 17 8.09 3.93 4.47
C ASP A 17 9.49 3.53 4.94
N LYS A 18 9.78 3.77 6.21
CA LYS A 18 11.09 3.44 6.79
C LYS A 18 12.21 4.28 6.18
N ASN A 19 11.83 5.29 5.40
CA ASN A 19 12.81 6.16 4.77
C ASN A 19 12.86 7.54 5.46
N ALA A 20 11.85 7.81 6.29
CA ALA A 20 11.79 9.09 7.00
C ALA A 20 11.53 10.24 6.05
N ASP A 21 10.80 9.96 4.97
CA ASP A 21 10.49 10.99 3.98
C ASP A 21 8.98 11.22 3.91
N GLY A 22 8.21 10.14 3.96
CA GLY A 22 6.77 10.24 3.92
C GLY A 22 6.19 9.79 2.59
N TYR A 23 7.02 9.17 1.75
CA TYR A 23 6.58 8.70 0.45
C TYR A 23 7.20 7.34 0.14
N ILE A 24 6.63 6.63 -0.84
CA ILE A 24 7.16 5.31 -1.21
C ILE A 24 7.66 5.32 -2.65
N ASP A 25 8.84 4.73 -2.86
CA ASP A 25 9.44 4.66 -4.19
C ASP A 25 9.79 3.21 -4.54
N LEU A 26 10.47 3.04 -5.68
CA LEU A 26 10.86 1.71 -6.13
C LEU A 26 11.53 0.92 -5.01
N GLU A 27 12.17 1.63 -4.08
CA GLU A 27 12.84 0.98 -2.97
C GLU A 27 11.83 0.44 -1.96
N GLU A 28 11.07 1.34 -1.35
CA GLU A 28 10.06 0.94 -0.37
C GLU A 28 9.00 0.06 -1.01
N LEU A 29 8.54 0.44 -2.20
CA LEU A 29 7.52 -0.32 -2.91
C LEU A 29 7.89 -1.80 -2.97
N LYS A 30 9.19 -2.08 -2.95
CA LYS A 30 9.68 -3.45 -3.01
C LYS A 30 9.20 -4.23 -1.79
N ILE A 31 8.95 -3.51 -0.70
CA ILE A 31 8.49 -4.13 0.55
C ILE A 31 7.29 -5.05 0.30
N MET A 32 6.28 -4.55 -0.41
CA MET A 32 5.09 -5.33 -0.69
C MET A 32 5.45 -6.62 -1.44
N LEU A 33 6.44 -6.52 -2.33
CA LEU A 33 6.88 -7.67 -3.12
C LEU A 33 7.61 -8.68 -2.22
N GLN A 34 8.25 -8.19 -1.18
CA GLN A 34 8.97 -9.06 -0.25
C GLN A 34 8.06 -10.16 0.27
N ALA A 35 6.78 -9.85 0.40
CA ALA A 35 5.79 -10.81 0.87
C ALA A 35 5.58 -11.92 -0.15
N THR A 36 5.81 -11.59 -1.42
CA THR A 36 5.63 -12.56 -2.50
C THR A 36 6.95 -13.26 -2.82
N GLY A 37 7.93 -12.48 -3.29
CA GLY A 37 9.22 -13.03 -3.63
C GLY A 37 9.13 -14.24 -4.55
N GLU A 38 8.20 -14.17 -5.50
CA GLU A 38 8.01 -15.27 -6.45
C GLU A 38 8.05 -14.77 -7.89
N THR A 39 9.26 -14.53 -8.39
CA THR A 39 9.43 -14.05 -9.76
C THR A 39 8.52 -12.86 -10.06
N ILE A 40 8.98 -11.66 -9.72
CA ILE A 40 8.20 -10.44 -9.95
C ILE A 40 9.04 -9.20 -9.67
N THR A 41 9.94 -9.31 -8.69
CA THR A 41 10.79 -8.19 -8.32
C THR A 41 11.47 -7.59 -9.55
N GLU A 42 11.88 -6.33 -9.43
CA GLU A 42 12.53 -5.63 -10.53
C GLU A 42 11.65 -5.62 -11.77
N ASP A 43 10.34 -5.73 -11.56
CA ASP A 43 9.37 -5.73 -12.66
C ASP A 43 7.98 -5.36 -12.15
N ASP A 44 7.55 -6.00 -11.07
CA ASP A 44 6.25 -5.74 -10.49
C ASP A 44 6.23 -4.37 -9.80
N ILE A 45 7.37 -3.97 -9.25
CA ILE A 45 7.50 -2.69 -8.57
C ILE A 45 7.40 -1.53 -9.57
N GLU A 46 7.85 -1.77 -10.80
CA GLU A 46 7.81 -0.75 -11.84
C GLU A 46 6.39 -0.51 -12.32
N GLU A 47 5.61 -1.59 -12.40
CA GLU A 47 4.22 -1.50 -12.85
C GLU A 47 3.29 -1.16 -11.69
N LEU A 48 3.49 -1.83 -10.56
CA LEU A 48 2.66 -1.60 -9.38
C LEU A 48 2.75 -0.15 -8.93
N MET A 49 3.96 0.40 -8.94
CA MET A 49 4.20 1.78 -8.54
C MET A 49 3.15 2.73 -9.14
N LYS A 50 2.66 2.37 -10.33
CA LYS A 50 1.65 3.17 -11.01
C LYS A 50 0.40 3.31 -10.16
N ASP A 51 0.12 2.30 -9.35
CA ASP A 51 -1.05 2.31 -8.47
C ASP A 51 -0.88 3.31 -7.34
N GLY A 52 0.24 3.21 -6.62
CA GLY A 52 0.50 4.12 -5.52
C GLY A 52 0.44 5.58 -5.95
N ASP A 53 1.38 5.98 -6.80
CA ASP A 53 1.43 7.35 -7.29
C ASP A 53 0.58 7.51 -8.54
N LYS A 54 -0.64 8.02 -8.37
CA LYS A 54 -1.54 8.23 -9.49
C LYS A 54 -1.61 9.69 -9.87
N ASN A 55 -0.50 10.40 -9.68
CA ASN A 55 -0.42 11.82 -10.00
C ASN A 55 0.57 12.08 -11.13
N ASN A 56 1.30 11.03 -11.54
CA ASN A 56 2.28 11.16 -12.61
C ASN A 56 3.43 12.07 -12.20
N ASP A 57 3.87 11.93 -10.95
CA ASP A 57 4.97 12.74 -10.44
C ASP A 57 6.18 11.87 -10.11
N GLY A 58 5.93 10.64 -9.70
CA GLY A 58 7.01 9.73 -9.36
C GLY A 58 7.22 9.60 -7.86
N ARG A 59 6.14 9.77 -7.10
CA ARG A 59 6.21 9.67 -5.65
C ARG A 59 4.82 9.49 -5.05
N ILE A 60 4.70 8.55 -4.11
CA ILE A 60 3.43 8.28 -3.44
C ILE A 60 3.52 8.61 -1.96
N ASP A 61 2.52 9.32 -1.45
CA ASP A 61 2.51 9.71 -0.04
C ASP A 61 1.36 9.07 0.75
N TYR A 62 1.37 9.31 2.06
CA TYR A 62 0.35 8.76 2.96
C TYR A 62 -1.05 8.89 2.36
N ASP A 63 -1.33 10.01 1.71
CA ASP A 63 -2.63 10.24 1.11
C ASP A 63 -2.91 9.20 0.03
N GLU A 64 -2.12 9.22 -1.03
CA GLU A 64 -2.29 8.27 -2.13
C GLU A 64 -2.12 6.83 -1.64
N PHE A 65 -1.41 6.66 -0.53
CA PHE A 65 -1.19 5.34 0.05
C PHE A 65 -2.53 4.69 0.40
N LEU A 66 -3.41 5.46 1.02
CA LEU A 66 -4.72 4.97 1.41
C LEU A 66 -5.49 4.47 0.19
N GLU A 67 -5.12 4.94 -0.99
CA GLU A 67 -5.76 4.53 -2.23
C GLU A 67 -5.38 3.09 -2.57
N PHE A 68 -4.22 2.67 -2.07
CA PHE A 68 -3.73 1.31 -2.32
C PHE A 68 -4.70 0.29 -1.75
N MET A 69 -4.98 0.40 -0.46
CA MET A 69 -5.89 -0.51 0.23
C MET A 69 -7.33 -0.31 -0.24
N LYS A 70 -7.64 0.90 -0.71
CA LYS A 70 -8.99 1.22 -1.18
C LYS A 70 -9.52 0.13 -2.11
N GLY A 71 -8.63 -0.42 -2.94
CA GLY A 71 -9.03 -1.47 -3.86
C GLY A 71 -9.46 -2.72 -3.13
N VAL A 72 -8.87 -2.96 -1.96
CA VAL A 72 -9.20 -4.12 -1.15
C VAL A 72 -10.66 -4.10 -0.71
N GLU A 73 -11.23 -2.90 -0.63
CA GLU A 73 -12.62 -2.74 -0.21
C GLU A 73 -13.45 -2.15 -1.35
N THR B 1 -0.32 -10.62 -11.98
CA THR B 1 -0.29 -9.94 -13.29
C THR B 1 -1.41 -8.89 -13.39
N GLN B 2 -1.65 -8.19 -12.28
CA GLN B 2 -2.68 -7.16 -12.24
C GLN B 2 -2.49 -6.25 -11.04
N LYS B 3 -1.25 -5.90 -10.75
CA LYS B 3 -0.92 -5.03 -9.62
C LYS B 3 -1.16 -5.74 -8.29
N ILE B 4 -2.42 -6.10 -8.03
CA ILE B 4 -2.78 -6.78 -6.80
C ILE B 4 -2.43 -8.27 -6.86
N PHE B 5 -2.17 -8.85 -5.70
CA PHE B 5 -1.83 -10.27 -5.62
C PHE B 5 -1.53 -10.69 -4.18
N ASP B 6 -2.44 -11.48 -3.60
CA ASP B 6 -2.28 -11.94 -2.23
C ASP B 6 -2.50 -10.81 -1.25
N LEU B 7 -1.74 -9.73 -1.42
CA LEU B 7 -1.83 -8.56 -0.56
C LEU B 7 -3.29 -8.19 -0.27
N ARG B 8 -4.10 -8.08 -1.31
CA ARG B 8 -5.50 -7.74 -1.15
C ARG B 8 -6.21 -8.78 -0.30
N GLY B 9 -7.52 -8.60 -0.12
CA GLY B 9 -8.30 -9.53 0.66
C GLY B 9 -7.78 -9.67 2.08
N LYS B 10 -7.00 -8.69 2.50
CA LYS B 10 -6.42 -8.68 3.84
C LYS B 10 -6.15 -7.25 4.27
N PHE B 11 -5.74 -6.42 3.32
CA PHE B 11 -5.46 -5.02 3.57
C PHE B 11 -6.77 -4.24 3.75
N LYS B 12 -7.55 -4.64 4.75
CA LYS B 12 -8.82 -4.00 5.04
C LYS B 12 -9.38 -4.47 6.39
N ARG B 13 -10.62 -4.12 6.67
CA ARG B 13 -11.27 -4.51 7.92
C ARG B 13 -12.55 -5.29 7.65
N PRO B 14 -12.96 -6.14 8.60
CA PRO B 14 -14.17 -6.95 8.46
C PRO B 14 -15.42 -6.19 8.89
N THR B 15 -16.56 -6.89 8.88
CA THR B 15 -17.82 -6.28 9.28
C THR B 15 -17.86 -6.04 10.79
N LEU B 16 -18.10 -4.79 11.16
CA LEU B 16 -18.17 -4.42 12.58
C LEU B 16 -16.85 -4.72 13.27
N ARG B 17 -16.62 -4.06 14.41
CA ARG B 17 -15.40 -4.26 15.18
C ARG B 17 -15.66 -4.10 16.67
N ARG B 18 -14.82 -4.72 17.49
CA ARG B 18 -14.96 -4.66 18.93
C ARG B 18 -16.28 -5.26 19.39
N VAL B 19 -16.66 -6.36 18.74
CA VAL B 19 -17.90 -7.05 19.07
C VAL B 19 -17.69 -8.03 20.23
N ARG B 20 -16.99 -9.12 19.94
CA ARG B 20 -16.71 -10.15 20.93
C ARG B 20 -17.97 -10.54 21.68
N MET A 1 -12.19 -1.24 15.28
CA MET A 1 -12.34 -0.02 16.12
C MET A 1 -12.39 1.24 15.27
N LYS A 2 -12.88 2.32 15.86
CA LYS A 2 -12.99 3.60 15.16
C LYS A 2 -13.90 3.46 13.94
N GLY A 3 -14.08 4.56 13.22
CA GLY A 3 -14.93 4.56 12.04
C GLY A 3 -14.66 5.73 11.11
N LYS A 4 -13.82 5.51 10.12
CA LYS A 4 -13.47 6.56 9.17
C LYS A 4 -12.96 5.97 7.85
N SER A 5 -12.53 6.83 6.95
CA SER A 5 -12.01 6.39 5.65
C SER A 5 -10.57 6.85 5.45
N GLU A 6 -10.37 8.17 5.48
CA GLU A 6 -9.04 8.74 5.31
C GLU A 6 -8.19 8.53 6.55
N GLU A 7 -8.84 8.48 7.71
CA GLU A 7 -8.14 8.30 8.97
C GLU A 7 -7.43 6.94 9.01
N GLU A 8 -7.82 6.03 8.13
CA GLU A 8 -7.22 4.71 8.06
C GLU A 8 -5.85 4.76 7.38
N LEU A 9 -5.81 5.37 6.20
CA LEU A 9 -4.56 5.49 5.46
C LEU A 9 -3.52 6.26 6.26
N SER A 10 -3.97 7.26 7.02
CA SER A 10 -3.07 8.07 7.83
C SER A 10 -2.11 7.20 8.63
N ASP A 11 -2.64 6.54 9.66
CA ASP A 11 -1.82 5.67 10.49
C ASP A 11 -1.18 4.56 9.66
N LEU A 12 -1.78 4.28 8.51
CA LEU A 12 -1.26 3.25 7.61
C LEU A 12 0.11 3.62 7.07
N PHE A 13 0.21 4.80 6.44
CA PHE A 13 1.48 5.26 5.88
C PHE A 13 2.56 5.30 6.94
N ARG A 14 2.17 5.54 8.18
CA ARG A 14 3.12 5.61 9.29
C ARG A 14 3.77 4.26 9.52
N MET A 15 3.06 3.19 9.17
CA MET A 15 3.58 1.83 9.35
C MET A 15 4.30 1.35 8.10
N PHE A 16 3.76 1.69 6.93
CA PHE A 16 4.34 1.29 5.66
C PHE A 16 5.64 2.05 5.40
N ASP A 17 5.62 3.35 5.66
CA ASP A 17 6.80 4.20 5.44
C ASP A 17 7.85 3.95 6.52
N LYS A 18 8.38 2.73 6.54
CA LYS A 18 9.39 2.35 7.52
C LYS A 18 10.70 3.10 7.27
N ASN A 19 10.87 3.59 6.04
CA ASN A 19 12.08 4.33 5.68
C ASN A 19 12.12 5.67 6.40
N ALA A 20 10.96 6.21 6.73
CA ALA A 20 10.87 7.49 7.42
C ALA A 20 11.42 8.62 6.55
N ASP A 21 10.79 8.84 5.41
CA ASP A 21 11.22 9.90 4.49
C ASP A 21 10.04 10.79 4.11
N GLY A 22 8.91 10.17 3.82
CA GLY A 22 7.73 10.92 3.43
C GLY A 22 6.94 10.24 2.33
N TYR A 23 7.65 9.56 1.44
CA TYR A 23 7.03 8.86 0.32
C TYR A 23 7.53 7.43 0.24
N ILE A 24 7.10 6.71 -0.80
CA ILE A 24 7.53 5.32 -0.99
C ILE A 24 8.34 5.15 -2.26
N ASP A 25 9.40 4.36 -2.20
CA ASP A 25 10.25 4.12 -3.35
C ASP A 25 10.23 2.65 -3.75
N LEU A 26 11.05 2.30 -4.74
CA LEU A 26 11.12 0.93 -5.23
C LEU A 26 11.52 -0.02 -4.10
N GLU A 27 12.52 0.36 -3.33
CA GLU A 27 12.99 -0.47 -2.22
C GLU A 27 11.86 -0.77 -1.25
N GLU A 28 10.88 0.12 -1.18
CA GLU A 28 9.74 -0.07 -0.28
C GLU A 28 8.63 -0.85 -0.97
N LEU A 29 8.46 -0.63 -2.27
CA LEU A 29 7.43 -1.33 -3.04
C LEU A 29 7.46 -2.83 -2.77
N LYS A 30 8.65 -3.33 -2.43
CA LYS A 30 8.83 -4.74 -2.14
C LYS A 30 8.05 -5.17 -0.91
N ILE A 31 7.87 -4.24 0.03
CA ILE A 31 7.14 -4.51 1.26
C ILE A 31 5.82 -5.24 0.98
N MET A 32 4.96 -4.61 0.20
CA MET A 32 3.66 -5.21 -0.13
C MET A 32 3.85 -6.55 -0.84
N LEU A 33 4.96 -6.67 -1.57
CA LEU A 33 5.26 -7.91 -2.29
C LEU A 33 5.59 -9.03 -1.32
N GLN A 34 6.15 -8.69 -0.17
CA GLN A 34 6.50 -9.68 0.84
C GLN A 34 5.31 -10.58 1.14
N ALA A 35 4.11 -10.02 1.02
CA ALA A 35 2.88 -10.77 1.27
C ALA A 35 2.63 -11.80 0.17
N THR A 36 3.15 -11.53 -1.03
CA THR A 36 2.97 -12.44 -2.15
C THR A 36 4.09 -13.47 -2.21
N GLY A 37 5.33 -12.99 -2.18
CA GLY A 37 6.47 -13.88 -2.22
C GLY A 37 6.45 -14.79 -3.43
N GLU A 38 6.10 -14.22 -4.59
CA GLU A 38 6.04 -15.00 -5.83
C GLU A 38 7.03 -14.44 -6.85
N THR A 39 7.03 -15.04 -8.04
CA THR A 39 7.93 -14.60 -9.12
C THR A 39 7.71 -13.13 -9.45
N ILE A 40 6.52 -12.63 -9.14
CA ILE A 40 6.18 -11.22 -9.40
C ILE A 40 7.22 -10.28 -8.80
N THR A 41 7.91 -10.75 -7.77
CA THR A 41 8.93 -9.94 -7.10
C THR A 41 9.88 -9.30 -8.11
N GLU A 42 10.52 -8.21 -7.70
CA GLU A 42 11.46 -7.49 -8.58
C GLU A 42 10.73 -6.81 -9.73
N ASP A 43 10.18 -7.60 -10.63
CA ASP A 43 9.46 -7.08 -11.78
C ASP A 43 8.26 -6.25 -11.34
N ASP A 44 7.37 -6.86 -10.56
CA ASP A 44 6.19 -6.18 -10.06
C ASP A 44 6.56 -4.95 -9.25
N ILE A 45 7.78 -4.93 -8.72
CA ILE A 45 8.26 -3.81 -7.93
C ILE A 45 8.28 -2.54 -8.76
N GLU A 46 8.80 -2.64 -9.97
CA GLU A 46 8.88 -1.51 -10.88
C GLU A 46 7.54 -1.25 -11.56
N GLU A 47 6.73 -2.29 -11.70
CA GLU A 47 5.43 -2.18 -12.33
C GLU A 47 4.39 -1.60 -11.38
N LEU A 48 4.51 -1.95 -10.10
CA LEU A 48 3.57 -1.44 -9.09
C LEU A 48 3.70 0.06 -8.92
N MET A 49 4.94 0.53 -8.84
CA MET A 49 5.23 1.96 -8.68
C MET A 49 4.35 2.81 -9.59
N LYS A 50 3.99 2.27 -10.75
CA LYS A 50 3.15 2.98 -11.70
C LYS A 50 1.85 3.43 -11.05
N ASP A 51 1.41 2.69 -10.04
CA ASP A 51 0.18 3.01 -9.33
C ASP A 51 0.47 3.94 -8.15
N GLY A 52 1.51 3.64 -7.40
CA GLY A 52 1.88 4.46 -6.26
C GLY A 52 2.14 5.90 -6.65
N ASP A 53 3.12 6.09 -7.53
CA ASP A 53 3.48 7.43 -7.99
C ASP A 53 2.59 7.86 -9.15
N LYS A 54 2.80 7.24 -10.30
CA LYS A 54 2.02 7.55 -11.50
C LYS A 54 2.13 9.03 -11.86
N ASN A 55 3.28 9.62 -11.54
CA ASN A 55 3.52 11.03 -11.83
C ASN A 55 4.76 11.22 -12.70
N ASN A 56 5.39 10.11 -13.09
CA ASN A 56 6.58 10.16 -13.93
C ASN A 56 7.69 10.96 -13.27
N ASP A 57 7.67 11.01 -11.93
CA ASP A 57 8.66 11.74 -11.17
C ASP A 57 9.37 10.83 -10.18
N GLY A 58 8.61 9.94 -9.54
CA GLY A 58 9.18 9.02 -8.59
C GLY A 58 9.06 9.53 -7.15
N ARG A 59 7.84 9.55 -6.63
CA ARG A 59 7.60 10.03 -5.28
C ARG A 59 6.12 9.88 -4.90
N ILE A 60 5.83 8.90 -4.06
CA ILE A 60 4.47 8.65 -3.61
C ILE A 60 4.35 8.89 -2.11
N ASP A 61 3.66 9.97 -1.73
CA ASP A 61 3.49 10.30 -0.32
C ASP A 61 2.09 10.80 -0.01
N TYR A 62 1.41 10.09 0.88
CA TYR A 62 0.05 10.46 1.31
C TYR A 62 -0.89 10.72 0.13
N ASP A 63 -0.85 11.95 -0.41
CA ASP A 63 -1.71 12.34 -1.52
C ASP A 63 -1.92 11.21 -2.52
N GLU A 64 -0.82 10.62 -2.98
CA GLU A 64 -0.89 9.53 -3.94
C GLU A 64 -1.13 8.19 -3.24
N PHE A 65 -0.69 8.08 -2.00
CA PHE A 65 -0.86 6.85 -1.23
C PHE A 65 -2.34 6.53 -1.04
N LEU A 66 -3.10 7.52 -0.61
CA LEU A 66 -4.53 7.33 -0.38
C LEU A 66 -5.23 6.79 -1.62
N GLU A 67 -4.59 6.97 -2.78
CA GLU A 67 -5.14 6.48 -4.04
C GLU A 67 -4.86 4.98 -4.20
N PHE A 68 -3.92 4.48 -3.40
CA PHE A 68 -3.55 3.06 -3.46
C PHE A 68 -4.70 2.19 -2.96
N MET A 69 -5.16 2.46 -1.75
CA MET A 69 -6.25 1.71 -1.14
C MET A 69 -7.54 1.89 -1.95
N LYS A 70 -7.65 3.01 -2.65
CA LYS A 70 -8.84 3.30 -3.45
C LYS A 70 -9.22 2.11 -4.32
N GLY A 71 -8.21 1.41 -4.82
CA GLY A 71 -8.46 0.24 -5.64
C GLY A 71 -9.21 -0.84 -4.88
N VAL A 72 -8.98 -0.91 -3.58
CA VAL A 72 -9.62 -1.89 -2.73
C VAL A 72 -11.14 -1.76 -2.82
N GLU A 73 -11.62 -0.55 -3.08
CA GLU A 73 -13.05 -0.31 -3.20
C GLU A 73 -13.37 0.47 -4.46
N THR B 1 -3.47 -7.57 -18.23
CA THR B 1 -4.29 -6.90 -17.19
C THR B 1 -3.56 -6.86 -15.85
N GLN B 2 -3.58 -5.70 -15.21
CA GLN B 2 -2.92 -5.53 -13.91
C GLN B 2 -3.94 -5.39 -12.79
N LYS B 3 -3.81 -6.22 -11.77
CA LYS B 3 -4.72 -6.20 -10.63
C LYS B 3 -3.96 -6.37 -9.32
N ILE B 4 -4.41 -5.65 -8.29
CA ILE B 4 -3.78 -5.73 -6.98
C ILE B 4 -3.95 -7.11 -6.37
N PHE B 5 -3.03 -7.49 -5.47
CA PHE B 5 -3.09 -8.79 -4.83
C PHE B 5 -3.39 -8.67 -3.33
N ASP B 6 -2.44 -9.02 -2.47
CA ASP B 6 -2.64 -8.95 -1.02
C ASP B 6 -2.72 -7.51 -0.53
N LEU B 7 -2.40 -6.57 -1.42
CA LEU B 7 -2.44 -5.15 -1.07
C LEU B 7 -3.86 -4.70 -0.79
N ARG B 8 -4.79 -5.22 -1.59
CA ARG B 8 -6.20 -4.88 -1.45
C ARG B 8 -6.75 -5.38 -0.11
N GLY B 9 -6.43 -6.63 0.22
CA GLY B 9 -6.91 -7.19 1.47
C GLY B 9 -6.32 -6.50 2.68
N LYS B 10 -7.00 -6.62 3.82
CA LYS B 10 -6.54 -5.99 5.05
C LYS B 10 -6.45 -4.48 4.89
N PHE B 11 -7.29 -3.93 4.01
CA PHE B 11 -7.31 -2.50 3.77
C PHE B 11 -8.74 -1.98 3.67
N LYS B 12 -9.65 -2.64 4.41
CA LYS B 12 -11.05 -2.24 4.41
C LYS B 12 -11.56 -2.05 5.84
N ARG B 13 -11.47 -3.11 6.64
CA ARG B 13 -11.92 -3.03 8.03
C ARG B 13 -11.12 -4.00 8.90
N PRO B 14 -11.08 -3.74 10.22
CA PRO B 14 -10.35 -4.59 11.16
C PRO B 14 -11.15 -5.84 11.56
N THR B 15 -10.61 -7.00 11.23
CA THR B 15 -11.27 -8.27 11.55
C THR B 15 -10.73 -8.84 12.85
N LEU B 16 -11.64 -9.28 13.72
CA LEU B 16 -11.26 -9.85 15.00
C LEU B 16 -12.16 -11.03 15.36
N ARG B 17 -11.67 -11.90 16.24
CA ARG B 17 -12.42 -13.07 16.67
C ARG B 17 -13.04 -12.85 18.04
N ARG B 18 -13.37 -11.60 18.34
CA ARG B 18 -13.97 -11.24 19.63
C ARG B 18 -13.04 -11.63 20.78
N VAL B 19 -12.30 -10.64 21.28
CA VAL B 19 -11.37 -10.87 22.37
C VAL B 19 -12.03 -11.62 23.52
N ARG B 20 -13.34 -11.43 23.68
CA ARG B 20 -14.09 -12.10 24.75
C ARG B 20 -15.08 -13.10 24.16
N MET A 1 -16.31 14.16 16.12
CA MET A 1 -16.91 14.06 14.77
C MET A 1 -15.95 13.39 13.78
N LYS A 2 -14.68 13.78 13.85
CA LYS A 2 -13.66 13.22 12.97
C LYS A 2 -13.30 11.80 13.39
N GLY A 3 -12.60 11.08 12.52
CA GLY A 3 -12.21 9.72 12.82
C GLY A 3 -12.89 8.71 11.92
N LYS A 4 -13.26 9.14 10.72
CA LYS A 4 -13.92 8.26 9.76
C LYS A 4 -13.29 8.38 8.38
N SER A 5 -12.89 7.24 7.82
CA SER A 5 -12.27 7.22 6.50
C SER A 5 -10.95 7.99 6.51
N GLU A 6 -10.03 7.60 5.64
CA GLU A 6 -8.73 8.26 5.54
C GLU A 6 -7.85 7.92 6.74
N GLU A 7 -8.31 8.29 7.94
CA GLU A 7 -7.58 8.02 9.17
C GLU A 7 -7.08 6.58 9.22
N GLU A 8 -7.85 5.67 8.62
CA GLU A 8 -7.48 4.27 8.59
C GLU A 8 -6.13 4.08 7.91
N LEU A 9 -6.06 4.46 6.63
CA LEU A 9 -4.83 4.34 5.86
C LEU A 9 -3.73 5.21 6.46
N SER A 10 -4.13 6.25 7.18
CA SER A 10 -3.17 7.16 7.82
C SER A 10 -2.15 6.38 8.64
N ASP A 11 -2.64 5.44 9.44
CA ASP A 11 -1.78 4.60 10.25
C ASP A 11 -1.04 3.58 9.39
N LEU A 12 -1.71 3.16 8.31
CA LEU A 12 -1.11 2.20 7.39
C LEU A 12 0.18 2.74 6.79
N PHE A 13 0.14 3.99 6.34
CA PHE A 13 1.32 4.63 5.74
C PHE A 13 2.46 4.69 6.74
N ARG A 14 2.15 5.07 7.97
CA ARG A 14 3.16 5.18 9.03
C ARG A 14 3.87 3.84 9.24
N MET A 15 3.12 2.75 9.09
CA MET A 15 3.68 1.41 9.26
C MET A 15 4.32 0.91 7.97
N PHE A 16 3.78 1.36 6.84
CA PHE A 16 4.29 0.96 5.54
C PHE A 16 5.57 1.72 5.21
N ASP A 17 5.67 2.94 5.70
CA ASP A 17 6.85 3.78 5.46
C ASP A 17 7.95 3.46 6.46
N LYS A 18 8.47 2.24 6.40
CA LYS A 18 9.53 1.81 7.29
C LYS A 18 10.78 2.67 7.11
N ASN A 19 10.93 3.24 5.91
CA ASN A 19 12.07 4.09 5.61
C ASN A 19 12.01 5.40 6.38
N ALA A 20 10.79 5.79 6.77
CA ALA A 20 10.59 7.02 7.52
C ALA A 20 10.97 8.24 6.69
N ASP A 21 10.11 8.58 5.72
CA ASP A 21 10.36 9.72 4.85
C ASP A 21 9.06 10.42 4.50
N GLY A 22 8.05 9.64 4.12
CA GLY A 22 6.76 10.20 3.76
C GLY A 22 6.26 9.72 2.41
N TYR A 23 7.13 9.03 1.67
CA TYR A 23 6.75 8.51 0.35
C TYR A 23 7.14 7.05 0.22
N ILE A 24 6.56 6.35 -0.76
CA ILE A 24 6.87 4.95 -0.98
C ILE A 24 7.51 4.74 -2.35
N ASP A 25 8.64 4.05 -2.35
CA ASP A 25 9.37 3.77 -3.58
C ASP A 25 9.53 2.27 -3.80
N LEU A 26 10.38 1.91 -4.77
CA LEU A 26 10.62 0.50 -5.07
C LEU A 26 11.10 -0.26 -3.84
N GLU A 27 11.77 0.44 -2.93
CA GLU A 27 12.27 -0.17 -1.71
C GLU A 27 11.12 -0.57 -0.78
N GLU A 28 10.19 0.35 -0.58
CA GLU A 28 9.05 0.09 0.29
C GLU A 28 8.01 -0.78 -0.42
N LEU A 29 7.94 -0.66 -1.74
CA LEU A 29 6.99 -1.44 -2.52
C LEU A 29 7.16 -2.93 -2.26
N LYS A 30 8.39 -3.34 -1.94
CA LYS A 30 8.68 -4.73 -1.66
C LYS A 30 7.88 -5.22 -0.45
N ILE A 31 7.49 -4.30 0.41
CA ILE A 31 6.71 -4.63 1.60
C ILE A 31 5.39 -5.26 1.22
N MET A 32 4.88 -4.94 0.03
CA MET A 32 3.62 -5.49 -0.44
C MET A 32 3.77 -6.95 -0.83
N LEU A 33 4.87 -7.26 -1.52
CA LEU A 33 5.14 -8.62 -1.94
C LEU A 33 5.79 -9.43 -0.82
N GLN A 34 6.54 -8.74 0.03
CA GLN A 34 7.21 -9.40 1.16
C GLN A 34 6.19 -10.21 1.96
N ALA A 35 4.94 -9.77 1.92
CA ALA A 35 3.86 -10.45 2.62
C ALA A 35 3.52 -11.77 1.95
N THR A 36 3.78 -11.85 0.65
CA THR A 36 3.49 -13.05 -0.13
C THR A 36 4.73 -13.93 -0.23
N GLY A 37 5.76 -13.41 -0.89
CA GLY A 37 7.00 -14.16 -1.05
C GLY A 37 7.01 -15.00 -2.32
N GLU A 38 6.43 -14.47 -3.38
CA GLU A 38 6.37 -15.18 -4.66
C GLU A 38 7.60 -14.88 -5.51
N THR A 39 7.51 -15.13 -6.81
CA THR A 39 8.62 -14.88 -7.72
C THR A 39 8.56 -13.48 -8.32
N ILE A 40 7.72 -12.62 -7.73
CA ILE A 40 7.57 -11.25 -8.20
C ILE A 40 8.92 -10.57 -8.41
N THR A 41 9.85 -10.84 -7.51
CA THR A 41 11.19 -10.27 -7.58
C THR A 41 11.14 -8.75 -7.69
N GLU A 42 12.32 -8.12 -7.67
CA GLU A 42 12.42 -6.67 -7.75
C GLU A 42 11.74 -6.13 -9.01
N ASP A 43 11.78 -6.91 -10.08
CA ASP A 43 11.16 -6.50 -11.34
C ASP A 43 9.71 -6.09 -11.13
N ASP A 44 8.98 -6.89 -10.35
CA ASP A 44 7.59 -6.61 -10.05
C ASP A 44 7.44 -5.28 -9.30
N ILE A 45 8.45 -4.94 -8.51
CA ILE A 45 8.43 -3.72 -7.73
C ILE A 45 8.25 -2.50 -8.63
N GLU A 46 9.08 -2.39 -9.66
CA GLU A 46 9.02 -1.28 -10.60
C GLU A 46 7.67 -1.24 -11.31
N GLU A 47 7.05 -2.40 -11.46
CA GLU A 47 5.76 -2.50 -12.14
C GLU A 47 4.63 -2.00 -11.24
N LEU A 48 4.49 -2.61 -10.07
CA LEU A 48 3.44 -2.22 -9.14
C LEU A 48 3.56 -0.74 -8.76
N MET A 49 4.77 -0.33 -8.38
CA MET A 49 5.02 1.05 -7.99
C MET A 49 4.41 2.03 -8.99
N LYS A 50 4.30 1.61 -10.25
CA LYS A 50 3.73 2.44 -11.29
C LYS A 50 2.33 2.91 -10.90
N ASP A 51 1.64 2.10 -10.09
CA ASP A 51 0.29 2.43 -9.64
C ASP A 51 0.32 3.49 -8.55
N GLY A 52 1.18 3.29 -7.55
CA GLY A 52 1.30 4.23 -6.46
C GLY A 52 1.60 5.64 -6.93
N ASP A 53 2.75 5.80 -7.57
CA ASP A 53 3.16 7.11 -8.08
C ASP A 53 2.65 7.32 -9.50
N LYS A 54 1.36 7.64 -9.62
CA LYS A 54 0.75 7.86 -10.92
C LYS A 54 0.66 9.36 -11.23
N ASN A 55 1.60 10.12 -10.69
CA ASN A 55 1.64 11.56 -10.89
C ASN A 55 2.85 11.97 -11.74
N ASN A 56 3.81 11.06 -11.89
CA ASN A 56 5.00 11.33 -12.67
C ASN A 56 5.85 12.42 -12.00
N ASP A 57 6.12 12.24 -10.71
CA ASP A 57 6.92 13.20 -9.95
C ASP A 57 8.22 12.57 -9.48
N GLY A 58 8.14 11.30 -9.06
CA GLY A 58 9.33 10.61 -8.59
C GLY A 58 9.00 9.54 -7.57
N ARG A 59 7.95 9.76 -6.79
CA ARG A 59 7.54 8.80 -5.77
C ARG A 59 6.07 8.99 -5.40
N ILE A 60 5.62 8.21 -4.43
CA ILE A 60 4.23 8.28 -3.97
C ILE A 60 4.16 8.75 -2.52
N ASP A 61 3.29 9.71 -2.24
CA ASP A 61 3.15 10.24 -0.88
C ASP A 61 1.77 9.95 -0.30
N TYR A 62 1.58 10.32 0.96
CA TYR A 62 0.31 10.12 1.64
C TYR A 62 -0.84 10.78 0.89
N ASP A 63 -1.39 10.06 -0.09
CA ASP A 63 -2.50 10.57 -0.89
C ASP A 63 -2.91 9.53 -1.93
N GLU A 64 -2.02 9.26 -2.88
CA GLU A 64 -2.28 8.27 -3.91
C GLU A 64 -2.27 6.87 -3.32
N PHE A 65 -1.55 6.72 -2.20
CA PHE A 65 -1.46 5.43 -1.52
C PHE A 65 -2.84 4.99 -1.02
N LEU A 66 -3.71 5.95 -0.77
CA LEU A 66 -5.05 5.66 -0.29
C LEU A 66 -5.82 4.84 -1.32
N GLU A 67 -5.58 5.14 -2.60
CA GLU A 67 -6.24 4.43 -3.68
C GLU A 67 -5.82 2.96 -3.68
N PHE A 68 -4.62 2.69 -3.19
CA PHE A 68 -4.09 1.33 -3.12
C PHE A 68 -5.05 0.41 -2.37
N MET A 69 -5.37 0.79 -1.14
CA MET A 69 -6.28 -0.02 -0.32
C MET A 69 -7.73 0.32 -0.60
N LYS A 70 -8.00 1.60 -0.87
CA LYS A 70 -9.36 2.06 -1.16
C LYS A 70 -10.03 1.16 -2.20
N GLY A 71 -9.23 0.65 -3.13
CA GLY A 71 -9.74 -0.22 -4.16
C GLY A 71 -10.36 -1.49 -3.58
N VAL A 72 -9.84 -1.92 -2.44
CA VAL A 72 -10.32 -3.12 -1.78
C VAL A 72 -11.84 -3.07 -1.60
N GLU A 73 -12.37 -1.87 -1.41
CA GLU A 73 -13.81 -1.69 -1.24
C GLU A 73 -14.55 -1.87 -2.55
N THR B 1 -6.96 -4.17 -14.98
CA THR B 1 -7.55 -3.55 -13.77
C THR B 1 -7.32 -4.41 -12.53
N GLN B 2 -6.21 -5.14 -12.53
CA GLN B 2 -5.87 -6.01 -11.41
C GLN B 2 -4.36 -6.05 -11.19
N LYS B 3 -3.93 -5.58 -10.02
CA LYS B 3 -2.51 -5.56 -9.69
C LYS B 3 -2.27 -6.20 -8.32
N ILE B 4 -3.02 -5.75 -7.33
CA ILE B 4 -2.89 -6.27 -5.97
C ILE B 4 -3.15 -7.78 -5.94
N PHE B 5 -2.58 -8.45 -4.93
CA PHE B 5 -2.73 -9.89 -4.79
C PHE B 5 -3.09 -10.26 -3.34
N ASP B 6 -2.16 -10.91 -2.63
CA ASP B 6 -2.40 -11.29 -1.26
C ASP B 6 -2.40 -10.07 -0.35
N LEU B 7 -3.33 -9.16 -0.61
CA LEU B 7 -3.46 -7.93 0.15
C LEU B 7 -4.91 -7.48 0.20
N ARG B 8 -5.53 -7.40 -0.97
CA ARG B 8 -6.93 -6.98 -1.05
C ARG B 8 -7.83 -7.95 -0.29
N GLY B 9 -9.12 -7.68 -0.34
CA GLY B 9 -10.09 -8.52 0.32
C GLY B 9 -9.82 -8.64 1.81
N LYS B 10 -9.52 -7.50 2.43
CA LYS B 10 -9.24 -7.44 3.86
C LYS B 10 -8.84 -6.03 4.25
N PHE B 11 -8.17 -5.33 3.33
CA PHE B 11 -7.75 -3.97 3.55
C PHE B 11 -8.94 -3.01 3.49
N LYS B 12 -9.93 -3.26 4.34
CA LYS B 12 -11.13 -2.43 4.38
C LYS B 12 -11.28 -1.77 5.76
N ARG B 13 -10.82 -2.45 6.80
CA ARG B 13 -10.90 -1.93 8.16
C ARG B 13 -9.74 -2.44 9.00
N PRO B 14 -9.40 -1.72 10.07
CA PRO B 14 -8.30 -2.10 10.96
C PRO B 14 -8.67 -3.26 11.88
N THR B 15 -8.44 -4.48 11.42
CA THR B 15 -8.75 -5.67 12.20
C THR B 15 -7.78 -6.80 11.87
N LEU B 16 -6.78 -7.00 12.73
CA LEU B 16 -5.79 -8.05 12.52
C LEU B 16 -5.94 -9.14 13.58
N ARG B 17 -6.33 -8.75 14.79
CA ARG B 17 -6.50 -9.70 15.88
C ARG B 17 -7.95 -10.14 15.99
N ARG B 18 -8.57 -10.45 14.85
CA ARG B 18 -9.95 -10.89 14.82
C ARG B 18 -10.15 -11.99 13.79
N VAL B 19 -10.61 -13.16 14.25
CA VAL B 19 -10.84 -14.30 13.37
C VAL B 19 -11.64 -13.90 12.13
N ARG B 20 -11.53 -14.70 11.08
CA ARG B 20 -12.24 -14.43 9.84
C ARG B 20 -11.83 -13.09 9.25
N MET A 1 -13.72 18.48 11.79
CA MET A 1 -13.67 17.33 10.85
C MET A 1 -13.32 16.04 11.57
N LYS A 2 -13.82 14.92 11.06
CA LYS A 2 -13.55 13.62 11.65
C LYS A 2 -12.81 12.70 10.67
N GLY A 3 -12.62 11.46 11.06
CA GLY A 3 -11.93 10.51 10.20
C GLY A 3 -12.22 9.07 10.56
N LYS A 4 -12.49 8.24 9.55
CA LYS A 4 -12.78 6.83 9.77
C LYS A 4 -12.05 5.96 8.77
N SER A 5 -12.40 6.10 7.49
CA SER A 5 -11.76 5.33 6.43
C SER A 5 -10.28 5.68 6.31
N GLU A 6 -9.95 6.94 6.60
CA GLU A 6 -8.57 7.40 6.52
C GLU A 6 -7.74 6.84 7.67
N GLU A 7 -8.39 6.58 8.80
CA GLU A 7 -7.70 6.05 9.97
C GLU A 7 -7.05 4.70 9.65
N GLU A 8 -7.69 3.94 8.76
CA GLU A 8 -7.18 2.64 8.37
C GLU A 8 -5.86 2.78 7.62
N LEU A 9 -5.84 3.65 6.62
CA LEU A 9 -4.64 3.88 5.81
C LEU A 9 -3.62 4.69 6.58
N SER A 10 -4.09 5.70 7.30
CA SER A 10 -3.22 6.57 8.09
C SER A 10 -2.24 5.74 8.93
N ASP A 11 -2.71 4.59 9.40
CA ASP A 11 -1.88 3.71 10.21
C ASP A 11 -1.03 2.79 9.33
N LEU A 12 -1.60 2.39 8.19
CA LEU A 12 -0.89 1.51 7.26
C LEU A 12 0.25 2.25 6.57
N PHE A 13 0.05 3.54 6.31
CA PHE A 13 1.07 4.35 5.65
C PHE A 13 2.38 4.33 6.44
N ARG A 14 2.31 4.72 7.70
CA ARG A 14 3.48 4.74 8.56
C ARG A 14 4.10 3.35 8.67
N MET A 15 3.26 2.33 8.55
CA MET A 15 3.72 0.94 8.64
C MET A 15 4.29 0.46 7.31
N PHE A 16 3.82 1.06 6.22
CA PHE A 16 4.28 0.69 4.89
C PHE A 16 5.39 1.62 4.41
N ASP A 17 6.12 2.20 5.35
CA ASP A 17 7.22 3.11 5.02
C ASP A 17 8.53 2.64 5.65
N LYS A 18 8.60 2.75 6.99
CA LYS A 18 9.80 2.34 7.72
C LYS A 18 11.02 3.17 7.33
N ASN A 19 10.80 4.24 6.57
CA ASN A 19 11.89 5.10 6.13
C ASN A 19 11.88 6.43 6.88
N ALA A 20 10.74 6.76 7.48
CA ALA A 20 10.60 8.01 8.23
C ALA A 20 10.66 9.22 7.29
N ASP A 21 10.05 9.07 6.12
CA ASP A 21 10.02 10.15 5.13
C ASP A 21 8.60 10.61 4.87
N GLY A 22 7.70 9.66 4.68
CA GLY A 22 6.30 9.99 4.43
C GLY A 22 5.86 9.63 3.02
N TYR A 23 6.70 8.89 2.30
CA TYR A 23 6.38 8.49 0.94
C TYR A 23 6.79 7.04 0.69
N ILE A 24 6.24 6.44 -0.36
CA ILE A 24 6.56 5.05 -0.70
C ILE A 24 7.22 4.95 -2.07
N ASP A 25 8.40 4.35 -2.10
CA ASP A 25 9.15 4.18 -3.34
C ASP A 25 9.52 2.72 -3.58
N LEU A 26 10.44 2.48 -4.50
CA LEU A 26 10.88 1.12 -4.81
C LEU A 26 11.30 0.38 -3.54
N GLU A 27 11.81 1.11 -2.57
CA GLU A 27 12.26 0.52 -1.31
C GLU A 27 11.07 0.01 -0.51
N GLU A 28 10.09 0.88 -0.28
CA GLU A 28 8.90 0.51 0.48
C GLU A 28 8.00 -0.41 -0.34
N LEU A 29 8.00 -0.21 -1.66
CA LEU A 29 7.19 -1.03 -2.55
C LEU A 29 7.52 -2.52 -2.37
N LYS A 30 8.78 -2.79 -2.03
CA LYS A 30 9.23 -4.16 -1.81
C LYS A 30 8.34 -4.86 -0.79
N ILE A 31 7.96 -4.12 0.25
CA ILE A 31 7.10 -4.65 1.31
C ILE A 31 5.87 -5.34 0.72
N MET A 32 5.45 -4.89 -0.46
CA MET A 32 4.29 -5.46 -1.13
C MET A 32 4.66 -6.81 -1.76
N LEU A 33 5.92 -6.92 -2.19
CA LEU A 33 6.40 -8.15 -2.81
C LEU A 33 6.48 -9.28 -1.79
N GLN A 34 6.70 -8.91 -0.52
CA GLN A 34 6.78 -9.90 0.55
C GLN A 34 5.61 -10.86 0.49
N ALA A 35 4.47 -10.36 0.04
CA ALA A 35 3.26 -11.16 -0.08
C ALA A 35 3.35 -12.12 -1.27
N THR A 36 4.11 -11.71 -2.29
CA THR A 36 4.30 -12.53 -3.48
C THR A 36 5.54 -13.40 -3.37
N GLY A 37 6.70 -12.75 -3.27
CA GLY A 37 7.96 -13.48 -3.14
C GLY A 37 8.19 -14.43 -4.29
N GLU A 38 7.59 -14.15 -5.45
CA GLU A 38 7.77 -15.00 -6.62
C GLU A 38 6.95 -14.49 -7.81
N THR A 39 7.14 -15.13 -8.96
CA THR A 39 6.43 -14.77 -10.19
C THR A 39 6.54 -13.28 -10.51
N ILE A 40 7.71 -12.69 -10.22
CA ILE A 40 7.94 -11.28 -10.49
C ILE A 40 9.33 -10.85 -10.04
N THR A 41 9.47 -10.51 -8.76
CA THR A 41 10.75 -10.08 -8.20
C THR A 41 11.27 -8.84 -8.93
N GLU A 42 11.19 -7.70 -8.24
CA GLU A 42 11.66 -6.43 -8.80
C GLU A 42 10.77 -5.95 -9.95
N ASP A 43 10.62 -6.79 -10.98
CA ASP A 43 9.81 -6.43 -12.14
C ASP A 43 8.47 -5.83 -11.74
N ASP A 44 7.97 -6.23 -10.57
CA ASP A 44 6.69 -5.73 -10.07
C ASP A 44 6.88 -4.43 -9.29
N ILE A 45 8.06 -4.26 -8.72
CA ILE A 45 8.37 -3.06 -7.94
C ILE A 45 8.35 -1.81 -8.81
N GLU A 46 8.91 -1.93 -10.02
CA GLU A 46 8.95 -0.81 -10.95
C GLU A 46 7.61 -0.60 -11.65
N GLU A 47 6.84 -1.68 -11.77
CA GLU A 47 5.53 -1.60 -12.42
C GLU A 47 4.45 -1.19 -11.43
N LEU A 48 4.53 -1.71 -10.22
CA LEU A 48 3.55 -1.40 -9.19
C LEU A 48 3.62 0.07 -8.78
N MET A 49 4.84 0.53 -8.48
CA MET A 49 5.06 1.93 -8.08
C MET A 49 4.31 2.89 -8.99
N LYS A 50 4.12 2.51 -10.24
CA LYS A 50 3.41 3.34 -11.21
C LYS A 50 1.99 3.64 -10.72
N ASP A 51 1.43 2.72 -9.94
CA ASP A 51 0.08 2.88 -9.42
C ASP A 51 0.07 3.84 -8.23
N GLY A 52 0.98 3.62 -7.28
CA GLY A 52 1.05 4.46 -6.11
C GLY A 52 1.21 5.94 -6.47
N ASP A 53 2.32 6.26 -7.11
CA ASP A 53 2.59 7.64 -7.51
C ASP A 53 1.97 7.95 -8.87
N LYS A 54 0.71 8.38 -8.84
CA LYS A 54 0.00 8.71 -10.07
C LYS A 54 0.02 10.21 -10.33
N ASN A 55 1.06 10.88 -9.84
CA ASN A 55 1.20 12.31 -10.02
C ASN A 55 2.38 12.64 -10.95
N ASN A 56 3.27 11.67 -11.14
CA ASN A 56 4.44 11.85 -11.99
C ASN A 56 5.40 12.88 -11.40
N ASP A 57 5.74 12.67 -10.12
CA ASP A 57 6.66 13.57 -9.42
C ASP A 57 7.94 12.85 -9.05
N GLY A 58 7.80 11.61 -8.56
CA GLY A 58 8.96 10.84 -8.17
C GLY A 58 8.64 9.82 -7.09
N ARG A 59 7.72 10.18 -6.20
CA ARG A 59 7.32 9.29 -5.11
C ARG A 59 5.84 9.43 -4.81
N ILE A 60 5.35 8.61 -3.89
CA ILE A 60 3.94 8.62 -3.51
C ILE A 60 3.79 9.03 -2.05
N ASP A 61 2.90 9.98 -1.78
CA ASP A 61 2.66 10.46 -0.41
C ASP A 61 1.25 10.13 0.05
N TYR A 62 1.04 10.28 1.36
CA TYR A 62 -0.27 10.00 1.96
C TYR A 62 -1.41 10.65 1.17
N ASP A 63 -1.94 9.93 0.21
CA ASP A 63 -3.03 10.40 -0.63
C ASP A 63 -3.36 9.36 -1.70
N GLU A 64 -2.43 9.14 -2.62
CA GLU A 64 -2.62 8.15 -3.66
C GLU A 64 -2.58 6.75 -3.06
N PHE A 65 -1.95 6.64 -1.89
CA PHE A 65 -1.84 5.37 -1.19
C PHE A 65 -3.23 4.86 -0.83
N LEU A 66 -4.12 5.79 -0.53
CA LEU A 66 -5.50 5.44 -0.18
C LEU A 66 -6.19 4.76 -1.35
N GLU A 67 -5.64 4.94 -2.55
CA GLU A 67 -6.18 4.33 -3.75
C GLU A 67 -5.79 2.86 -3.83
N PHE A 68 -4.67 2.51 -3.17
CA PHE A 68 -4.18 1.15 -3.16
C PHE A 68 -5.23 0.19 -2.63
N MET A 69 -5.61 0.39 -1.36
CA MET A 69 -6.61 -0.45 -0.71
C MET A 69 -7.97 -0.31 -1.40
N LYS A 70 -8.22 0.87 -1.93
CA LYS A 70 -9.48 1.16 -2.61
C LYS A 70 -9.90 0.00 -3.53
N GLY A 71 -8.92 -0.71 -4.06
CA GLY A 71 -9.21 -1.83 -4.93
C GLY A 71 -9.70 -3.05 -4.16
N VAL A 72 -9.20 -3.22 -2.95
CA VAL A 72 -9.60 -4.34 -2.10
C VAL A 72 -11.10 -4.38 -1.91
N GLU A 73 -11.73 -3.21 -1.96
CA GLU A 73 -13.18 -3.12 -1.79
C GLU A 73 -13.91 -3.79 -2.95
N THR B 1 -3.82 -1.16 -16.23
CA THR B 1 -2.93 -2.08 -16.99
C THR B 1 -2.77 -3.41 -16.25
N GLN B 2 -2.88 -3.37 -14.93
CA GLN B 2 -2.76 -4.58 -14.12
C GLN B 2 -3.53 -4.44 -12.81
N LYS B 3 -4.05 -5.55 -12.32
CA LYS B 3 -4.81 -5.56 -11.07
C LYS B 3 -3.96 -6.06 -9.91
N ILE B 4 -4.43 -5.81 -8.69
CA ILE B 4 -3.71 -6.24 -7.50
C ILE B 4 -3.81 -7.75 -7.32
N PHE B 5 -2.82 -8.33 -6.63
CA PHE B 5 -2.80 -9.77 -6.40
C PHE B 5 -2.95 -10.10 -4.91
N ASP B 6 -1.89 -10.58 -4.27
CA ASP B 6 -1.94 -10.94 -2.86
C ASP B 6 -1.97 -9.69 -1.97
N LEU B 7 -1.79 -8.53 -2.58
CA LEU B 7 -1.80 -7.27 -1.86
C LEU B 7 -3.18 -6.97 -1.32
N ARG B 8 -4.19 -7.29 -2.13
CA ARG B 8 -5.58 -7.06 -1.75
C ARG B 8 -5.92 -7.76 -0.43
N GLY B 9 -5.54 -9.02 -0.33
CA GLY B 9 -5.81 -9.78 0.88
C GLY B 9 -5.03 -9.27 2.07
N LYS B 10 -5.50 -9.58 3.28
CA LYS B 10 -4.84 -9.15 4.49
C LYS B 10 -4.78 -7.63 4.57
N PHE B 11 -5.76 -6.96 3.96
CA PHE B 11 -5.82 -5.51 3.96
C PHE B 11 -7.18 -5.02 4.41
N LYS B 12 -7.84 -5.81 5.25
CA LYS B 12 -9.16 -5.46 5.75
C LYS B 12 -9.12 -5.19 7.26
N ARG B 13 -8.42 -6.06 7.99
CA ARG B 13 -8.30 -5.91 9.44
C ARG B 13 -7.07 -6.63 9.95
N PRO B 14 -6.55 -6.21 11.11
CA PRO B 14 -5.36 -6.81 11.72
C PRO B 14 -5.68 -8.13 12.43
N THR B 15 -6.76 -8.13 13.19
CA THR B 15 -7.18 -9.32 13.93
C THR B 15 -8.69 -9.52 13.83
N LEU B 16 -9.17 -10.61 14.42
CA LEU B 16 -10.59 -10.92 14.41
C LEU B 16 -11.40 -9.85 15.15
N ARG B 17 -10.99 -9.58 16.38
CA ARG B 17 -11.67 -8.57 17.20
C ARG B 17 -13.11 -8.98 17.48
N ARG B 18 -13.46 -9.04 18.76
CA ARG B 18 -14.82 -9.42 19.16
C ARG B 18 -15.44 -8.34 20.04
N VAL B 19 -16.69 -7.98 19.74
CA VAL B 19 -17.40 -6.97 20.50
C VAL B 19 -17.32 -7.23 21.99
N ARG B 20 -17.32 -8.50 22.37
CA ARG B 20 -17.25 -8.88 23.78
C ARG B 20 -15.83 -9.25 24.17
N MET A 1 -16.64 11.37 9.47
CA MET A 1 -15.62 11.19 10.52
C MET A 1 -14.62 10.09 10.16
N LYS A 2 -15.15 8.88 9.95
CA LYS A 2 -14.31 7.75 9.59
C LYS A 2 -13.30 7.45 10.70
N GLY A 3 -13.75 6.73 11.73
CA GLY A 3 -12.88 6.40 12.83
C GLY A 3 -12.09 5.12 12.59
N LYS A 4 -10.80 5.14 12.90
CA LYS A 4 -9.95 3.98 12.71
C LYS A 4 -9.92 3.57 11.24
N SER A 5 -10.05 4.55 10.35
CA SER A 5 -10.04 4.29 8.92
C SER A 5 -8.93 5.09 8.23
N GLU A 6 -7.84 5.30 8.95
CA GLU A 6 -6.70 6.05 8.42
C GLU A 6 -5.49 5.95 9.34
N GLU A 7 -5.75 6.02 10.64
CA GLU A 7 -4.68 5.94 11.64
C GLU A 7 -3.92 4.63 11.50
N GLU A 8 -4.61 3.58 11.06
CA GLU A 8 -3.98 2.28 10.89
C GLU A 8 -2.83 2.34 9.89
N LEU A 9 -3.10 2.91 8.72
CA LEU A 9 -2.06 3.04 7.69
C LEU A 9 -1.09 4.15 8.04
N SER A 10 -1.54 5.10 8.86
CA SER A 10 -0.69 6.22 9.27
C SER A 10 0.61 5.70 9.87
N ASP A 11 0.51 4.66 10.68
CA ASP A 11 1.69 4.07 11.30
C ASP A 11 2.47 3.25 10.27
N LEU A 12 1.73 2.65 9.34
CA LEU A 12 2.36 1.84 8.30
C LEU A 12 3.30 2.68 7.45
N PHE A 13 2.83 3.85 7.01
CA PHE A 13 3.65 4.75 6.19
C PHE A 13 4.89 5.20 6.96
N ARG A 14 4.71 5.51 8.23
CA ARG A 14 5.81 5.97 9.07
C ARG A 14 6.92 4.92 9.12
N MET A 15 6.55 3.65 9.03
CA MET A 15 7.52 2.57 9.05
C MET A 15 7.94 2.18 7.64
N PHE A 16 7.04 2.38 6.68
CA PHE A 16 7.32 2.05 5.28
C PHE A 16 8.24 3.08 4.66
N ASP A 17 8.04 4.34 5.02
CA ASP A 17 8.85 5.44 4.50
C ASP A 17 10.23 5.46 5.15
N LYS A 18 11.00 4.40 4.94
CA LYS A 18 12.33 4.30 5.51
C LYS A 18 13.29 5.28 4.84
N ASN A 19 12.95 5.71 3.63
CA ASN A 19 13.78 6.65 2.88
C ASN A 19 13.77 8.03 3.54
N ALA A 20 12.71 8.30 4.30
CA ALA A 20 12.57 9.59 4.98
C ALA A 20 12.45 10.73 3.98
N ASP A 21 11.59 10.54 2.98
CA ASP A 21 11.39 11.56 1.96
C ASP A 21 9.94 12.07 1.99
N GLY A 22 9.02 11.19 2.32
CA GLY A 22 7.62 11.58 2.39
C GLY A 22 6.75 10.78 1.43
N TYR A 23 7.33 10.40 0.30
CA TYR A 23 6.60 9.63 -0.70
C TYR A 23 7.26 8.26 -0.92
N ILE A 24 6.57 7.38 -1.65
CA ILE A 24 7.12 6.06 -1.93
C ILE A 24 7.36 5.88 -3.43
N ASP A 25 8.48 5.25 -3.78
CA ASP A 25 8.83 5.02 -5.18
C ASP A 25 8.89 3.53 -5.49
N LEU A 26 9.32 3.21 -6.70
CA LEU A 26 9.43 1.82 -7.14
C LEU A 26 10.37 1.03 -6.24
N GLU A 27 11.53 1.62 -5.94
CA GLU A 27 12.52 0.96 -5.09
C GLU A 27 11.90 0.52 -3.76
N GLU A 28 10.84 1.20 -3.35
CA GLU A 28 10.16 0.88 -2.09
C GLU A 28 9.09 -0.18 -2.30
N LEU A 29 8.50 -0.20 -3.49
CA LEU A 29 7.46 -1.18 -3.82
C LEU A 29 7.95 -2.60 -3.55
N LYS A 30 9.26 -2.78 -3.54
CA LYS A 30 9.85 -4.09 -3.29
C LYS A 30 9.74 -4.48 -1.81
N ILE A 31 9.66 -3.47 -0.94
CA ILE A 31 9.56 -3.70 0.49
C ILE A 31 8.39 -4.63 0.83
N MET A 32 7.19 -4.24 0.41
CA MET A 32 6.00 -5.04 0.67
C MET A 32 6.20 -6.49 0.24
N LEU A 33 7.04 -6.69 -0.77
CA LEU A 33 7.32 -8.04 -1.28
C LEU A 33 8.24 -8.79 -0.34
N GLN A 34 9.09 -8.05 0.37
CA GLN A 34 10.03 -8.65 1.31
C GLN A 34 9.29 -9.45 2.39
N ALA A 35 8.02 -9.12 2.59
CA ALA A 35 7.20 -9.80 3.60
C ALA A 35 6.81 -11.20 3.13
N THR A 36 6.44 -11.31 1.86
CA THR A 36 6.04 -12.59 1.29
C THR A 36 7.24 -13.34 0.71
N GLY A 37 8.22 -12.58 0.23
CA GLY A 37 9.40 -13.16 -0.36
C GLY A 37 9.16 -13.70 -1.75
N GLU A 38 8.15 -13.16 -2.43
CA GLU A 38 7.81 -13.59 -3.78
C GLU A 38 8.39 -12.62 -4.81
N THR A 39 9.68 -12.74 -5.09
CA THR A 39 10.34 -11.87 -6.05
C THR A 39 9.68 -11.97 -7.42
N ILE A 40 8.68 -11.12 -7.65
CA ILE A 40 7.96 -11.11 -8.92
C ILE A 40 8.92 -11.18 -10.11
N THR A 41 9.40 -10.02 -10.57
CA THR A 41 10.33 -9.98 -11.69
C THR A 41 10.78 -8.56 -12.00
N GLU A 42 10.94 -7.75 -10.95
CA GLU A 42 11.38 -6.36 -11.12
C GLU A 42 10.36 -5.56 -11.92
N ASP A 43 10.28 -5.81 -13.22
CA ASP A 43 9.34 -5.12 -14.09
C ASP A 43 7.94 -5.08 -13.47
N ASP A 44 7.56 -6.19 -12.83
CA ASP A 44 6.25 -6.28 -12.19
C ASP A 44 6.14 -5.26 -11.07
N ILE A 45 7.26 -4.98 -10.42
CA ILE A 45 7.30 -4.02 -9.32
C ILE A 45 6.75 -2.67 -9.78
N GLU A 46 7.16 -2.25 -10.96
CA GLU A 46 6.72 -0.97 -11.52
C GLU A 46 5.21 -0.95 -11.73
N GLU A 47 4.66 -2.06 -12.19
CA GLU A 47 3.23 -2.17 -12.43
C GLU A 47 2.43 -1.88 -11.16
N LEU A 48 3.02 -2.20 -10.02
CA LEU A 48 2.36 -1.96 -8.73
C LEU A 48 2.18 -0.47 -8.47
N MET A 49 3.24 0.29 -8.71
CA MET A 49 3.22 1.73 -8.51
C MET A 49 1.93 2.36 -9.04
N LYS A 50 1.37 1.75 -10.08
CA LYS A 50 0.13 2.24 -10.68
C LYS A 50 -0.96 2.40 -9.62
N ASP A 51 -0.90 1.57 -8.59
CA ASP A 51 -1.88 1.63 -7.51
C ASP A 51 -1.62 2.83 -6.60
N GLY A 52 -0.40 2.94 -6.10
CA GLY A 52 -0.04 4.05 -5.23
C GLY A 52 -0.01 5.37 -5.98
N ASP A 53 1.02 5.55 -6.80
CA ASP A 53 1.17 6.77 -7.58
C ASP A 53 0.11 6.86 -8.66
N LYS A 54 -1.08 7.30 -8.28
CA LYS A 54 -2.19 7.44 -9.22
C LYS A 54 -2.43 8.90 -9.58
N ASN A 55 -1.37 9.70 -9.56
CA ASN A 55 -1.47 11.12 -9.88
C ASN A 55 -0.74 11.45 -11.19
N ASN A 56 -0.20 10.43 -11.85
CA ASN A 56 0.51 10.62 -13.10
C ASN A 56 1.70 11.55 -12.92
N ASP A 57 2.32 11.49 -11.74
CA ASP A 57 3.48 12.31 -11.43
C ASP A 57 4.71 11.46 -11.21
N GLY A 58 4.52 10.32 -10.56
CA GLY A 58 5.63 9.42 -10.29
C GLY A 58 6.02 9.39 -8.82
N ARG A 59 5.08 9.76 -7.95
CA ARG A 59 5.33 9.77 -6.52
C ARG A 59 4.03 9.57 -5.74
N ILE A 60 4.12 8.83 -4.63
CA ILE A 60 2.96 8.56 -3.80
C ILE A 60 3.22 8.97 -2.35
N ASP A 61 2.24 9.64 -1.74
CA ASP A 61 2.37 10.10 -0.36
C ASP A 61 1.38 9.42 0.58
N TYR A 62 1.53 9.69 1.87
CA TYR A 62 0.67 9.12 2.90
C TYR A 62 -0.81 9.15 2.49
N ASP A 63 -1.18 10.16 1.71
CA ASP A 63 -2.57 10.29 1.25
C ASP A 63 -2.93 9.17 0.29
N GLU A 64 -2.35 9.21 -0.91
CA GLU A 64 -2.62 8.17 -1.91
C GLU A 64 -2.29 6.79 -1.36
N PHE A 65 -1.42 6.75 -0.35
CA PHE A 65 -1.02 5.50 0.28
C PHE A 65 -2.24 4.75 0.81
N LEU A 66 -3.18 5.49 1.39
CA LEU A 66 -4.39 4.90 1.93
C LEU A 66 -5.20 4.21 0.85
N GLU A 67 -4.93 4.57 -0.41
CA GLU A 67 -5.64 3.98 -1.54
C GLU A 67 -5.24 2.51 -1.71
N PHE A 68 -4.02 2.19 -1.31
CA PHE A 68 -3.50 0.83 -1.41
C PHE A 68 -4.44 -0.16 -0.71
N MET A 69 -4.56 0.01 0.60
CA MET A 69 -5.41 -0.88 1.40
C MET A 69 -6.89 -0.58 1.16
N LYS A 70 -7.19 0.67 0.84
CA LYS A 70 -8.57 1.08 0.59
C LYS A 70 -9.28 0.10 -0.33
N GLY A 71 -8.52 -0.54 -1.20
CA GLY A 71 -9.10 -1.52 -2.12
C GLY A 71 -9.43 -2.82 -1.43
N VAL A 72 -8.70 -3.13 -0.36
CA VAL A 72 -8.91 -4.35 0.41
C VAL A 72 -10.40 -4.57 0.71
N GLU A 73 -11.12 -3.48 0.91
CA GLU A 73 -12.55 -3.55 1.20
C GLU A 73 -13.36 -3.68 -0.08
N THR B 1 1.59 -12.49 -13.10
CA THR B 1 0.33 -12.98 -12.49
C THR B 1 0.28 -12.64 -11.00
N GLN B 2 -0.94 -12.44 -10.49
CA GLN B 2 -1.13 -12.11 -9.08
C GLN B 2 -0.43 -10.80 -8.73
N LYS B 3 -1.21 -9.77 -8.44
CA LYS B 3 -0.66 -8.47 -8.09
C LYS B 3 -0.71 -8.25 -6.57
N ILE B 4 -1.85 -8.59 -5.98
CA ILE B 4 -2.03 -8.43 -4.54
C ILE B 4 -1.53 -9.66 -3.78
N PHE B 5 -0.90 -9.43 -2.64
CA PHE B 5 -0.38 -10.52 -1.82
C PHE B 5 -0.51 -10.19 -0.33
N ASP B 6 0.61 -10.01 0.37
CA ASP B 6 0.57 -9.69 1.79
C ASP B 6 0.04 -8.28 2.02
N LEU B 7 -0.07 -7.51 0.94
CA LEU B 7 -0.56 -6.13 1.03
C LEU B 7 -2.01 -6.11 1.51
N ARG B 8 -2.79 -7.06 1.01
CA ARG B 8 -4.21 -7.15 1.38
C ARG B 8 -4.39 -8.03 2.61
N GLY B 9 -5.60 -8.00 3.17
CA GLY B 9 -5.91 -8.80 4.34
C GLY B 9 -6.25 -7.96 5.56
N LYS B 10 -5.70 -8.33 6.71
CA LYS B 10 -5.94 -7.62 7.96
C LYS B 10 -5.91 -6.10 7.75
N PHE B 11 -5.16 -5.66 6.74
CA PHE B 11 -5.02 -4.24 6.43
C PHE B 11 -6.39 -3.53 6.46
N LYS B 12 -7.45 -4.27 6.19
CA LYS B 12 -8.80 -3.71 6.19
C LYS B 12 -9.46 -3.88 7.57
N ARG B 13 -10.70 -3.45 7.67
CA ARG B 13 -11.44 -3.54 8.92
C ARG B 13 -12.95 -3.49 8.65
N PRO B 14 -13.71 -4.47 9.18
CA PRO B 14 -15.16 -4.54 8.99
C PRO B 14 -15.88 -3.30 9.52
N THR B 15 -17.19 -3.40 9.67
CA THR B 15 -18.00 -2.28 10.16
C THR B 15 -19.32 -2.79 10.73
N LEU B 16 -19.30 -4.00 11.28
CA LEU B 16 -20.50 -4.59 11.86
C LEU B 16 -21.59 -4.76 10.80
N ARG B 17 -22.57 -5.61 11.10
CA ARG B 17 -23.67 -5.87 10.18
C ARG B 17 -23.19 -6.62 8.94
N ARG B 18 -22.38 -5.94 8.13
CA ARG B 18 -21.85 -6.55 6.91
C ARG B 18 -20.32 -6.61 6.95
N VAL B 19 -19.78 -7.79 7.23
CA VAL B 19 -18.35 -7.98 7.31
C VAL B 19 -17.64 -7.43 6.07
N ARG B 20 -18.30 -7.55 4.92
CA ARG B 20 -17.73 -7.07 3.66
C ARG B 20 -17.52 -5.56 3.71
N MET A 1 -17.24 7.76 5.24
CA MET A 1 -18.25 6.81 4.72
C MET A 1 -18.91 6.02 5.85
N LYS A 2 -18.12 5.69 6.87
CA LYS A 2 -18.63 4.94 8.01
C LYS A 2 -17.87 5.30 9.28
N GLY A 3 -16.56 5.08 9.27
CA GLY A 3 -15.74 5.41 10.42
C GLY A 3 -14.49 4.56 10.50
N LYS A 4 -13.42 5.13 11.03
CA LYS A 4 -12.15 4.41 11.16
C LYS A 4 -11.62 4.00 9.79
N SER A 5 -11.93 4.79 8.77
CA SER A 5 -11.49 4.50 7.41
C SER A 5 -10.09 5.03 7.17
N GLU A 6 -9.80 6.19 7.76
CA GLU A 6 -8.48 6.81 7.62
C GLU A 6 -7.51 6.29 8.68
N GLU A 7 -8.05 5.93 9.83
CA GLU A 7 -7.23 5.42 10.93
C GLU A 7 -6.46 4.16 10.51
N GLU A 8 -7.06 3.40 9.58
CA GLU A 8 -6.44 2.18 9.09
C GLU A 8 -5.12 2.48 8.40
N LEU A 9 -5.20 3.21 7.28
CA LEU A 9 -4.00 3.56 6.52
C LEU A 9 -3.04 4.38 7.37
N SER A 10 -3.57 5.10 8.35
CA SER A 10 -2.75 5.91 9.24
C SER A 10 -1.63 5.08 9.85
N ASP A 11 -2.00 3.96 10.48
CA ASP A 11 -1.03 3.08 11.09
C ASP A 11 -0.45 2.10 10.06
N LEU A 12 -1.06 2.08 8.87
CA LEU A 12 -0.60 1.19 7.81
C LEU A 12 0.65 1.73 7.13
N PHE A 13 0.66 3.03 6.84
CA PHE A 13 1.81 3.66 6.19
C PHE A 13 3.09 3.38 6.97
N ARG A 14 3.00 3.42 8.29
CA ARG A 14 4.15 3.18 9.15
C ARG A 14 4.68 1.75 8.96
N MET A 15 3.75 0.80 8.88
CA MET A 15 4.12 -0.60 8.71
C MET A 15 4.82 -0.82 7.36
N PHE A 16 4.34 -0.13 6.34
CA PHE A 16 4.91 -0.25 4.99
C PHE A 16 6.20 0.54 4.89
N ASP A 17 6.18 1.78 5.38
CA ASP A 17 7.36 2.64 5.33
C ASP A 17 8.42 2.15 6.31
N LYS A 18 8.97 0.97 6.04
CA LYS A 18 10.00 0.39 6.90
C LYS A 18 11.23 1.27 6.93
N ASN A 19 11.45 2.03 5.86
CA ASN A 19 12.61 2.92 5.76
C ASN A 19 12.46 4.10 6.73
N ALA A 20 11.22 4.47 7.00
CA ALA A 20 10.94 5.58 7.91
C ALA A 20 11.54 6.89 7.38
N ASP A 21 10.92 7.41 6.32
CA ASP A 21 11.40 8.65 5.71
C ASP A 21 10.24 9.64 5.53
N GLY A 22 9.11 9.13 5.04
CA GLY A 22 7.95 9.98 4.83
C GLY A 22 7.13 9.55 3.63
N TYR A 23 7.80 8.98 2.63
CA TYR A 23 7.14 8.52 1.42
C TYR A 23 7.70 7.16 0.98
N ILE A 24 7.19 6.64 -0.12
CA ILE A 24 7.66 5.35 -0.64
C ILE A 24 8.32 5.51 -2.00
N ASP A 25 9.45 4.82 -2.19
CA ASP A 25 10.17 4.88 -3.45
C ASP A 25 10.25 3.51 -4.10
N LEU A 26 11.09 3.39 -5.12
CA LEU A 26 11.25 2.14 -5.84
C LEU A 26 11.74 1.04 -4.90
N GLU A 27 12.55 1.42 -3.91
CA GLU A 27 13.09 0.48 -2.94
C GLU A 27 11.97 -0.16 -2.12
N GLU A 28 11.21 0.67 -1.41
CA GLU A 28 10.11 0.18 -0.60
C GLU A 28 9.05 -0.49 -1.46
N LEU A 29 8.92 -0.03 -2.70
CA LEU A 29 7.95 -0.59 -3.63
C LEU A 29 8.09 -2.11 -3.72
N LYS A 30 9.30 -2.60 -3.45
CA LYS A 30 9.56 -4.03 -3.48
C LYS A 30 8.75 -4.74 -2.41
N ILE A 31 8.47 -4.05 -1.31
CA ILE A 31 7.70 -4.62 -0.22
C ILE A 31 6.36 -5.15 -0.73
N MET A 32 5.86 -4.54 -1.81
CA MET A 32 4.60 -4.96 -2.40
C MET A 32 4.79 -6.32 -3.08
N LEU A 33 5.96 -6.51 -3.68
CA LEU A 33 6.28 -7.76 -4.35
C LEU A 33 6.20 -8.94 -3.39
N GLN A 34 6.55 -8.70 -2.14
CA GLN A 34 6.51 -9.75 -1.12
C GLN A 34 5.15 -10.43 -1.09
N ALA A 35 4.12 -9.71 -1.53
CA ALA A 35 2.76 -10.25 -1.56
C ALA A 35 2.58 -11.21 -2.73
N THR A 36 3.42 -11.06 -3.76
CA THR A 36 3.34 -11.93 -4.92
C THR A 36 4.22 -13.16 -4.75
N GLY A 37 5.45 -12.94 -4.28
CA GLY A 37 6.37 -14.04 -4.07
C GLY A 37 7.25 -14.30 -5.28
N GLU A 38 6.73 -15.06 -6.23
CA GLU A 38 7.48 -15.40 -7.45
C GLU A 38 6.55 -15.46 -8.66
N THR A 39 6.74 -14.54 -9.59
CA THR A 39 5.92 -14.50 -10.80
C THR A 39 6.27 -13.27 -11.65
N ILE A 40 6.57 -12.17 -10.97
CA ILE A 40 6.91 -10.93 -11.64
C ILE A 40 8.26 -10.40 -11.15
N THR A 41 8.25 -9.71 -10.01
CA THR A 41 9.47 -9.16 -9.43
C THR A 41 10.15 -8.17 -10.36
N GLU A 42 10.76 -7.14 -9.78
CA GLU A 42 11.46 -6.11 -10.55
C GLU A 42 10.50 -5.35 -11.45
N ASP A 43 10.13 -5.95 -12.58
CA ASP A 43 9.22 -5.32 -13.53
C ASP A 43 7.99 -4.74 -12.81
N ASP A 44 7.37 -5.55 -11.96
CA ASP A 44 6.20 -5.11 -11.21
C ASP A 44 6.56 -4.01 -10.22
N ILE A 45 7.83 -4.00 -9.79
CA ILE A 45 8.30 -2.99 -8.85
C ILE A 45 8.15 -1.59 -9.45
N GLU A 46 8.69 -1.40 -10.64
CA GLU A 46 8.64 -0.12 -11.33
C GLU A 46 7.25 0.14 -11.91
N GLU A 47 6.50 -0.94 -12.14
CA GLU A 47 5.16 -0.82 -12.71
C GLU A 47 4.15 -0.38 -11.65
N LEU A 48 4.26 -0.94 -10.46
CA LEU A 48 3.34 -0.58 -9.38
C LEU A 48 3.67 0.81 -8.84
N MET A 49 4.96 1.12 -8.81
CA MET A 49 5.42 2.42 -8.32
C MET A 49 4.65 3.55 -9.00
N LYS A 50 4.30 3.34 -10.27
CA LYS A 50 3.55 4.34 -11.03
C LYS A 50 2.19 4.60 -10.39
N ASP A 51 1.69 3.62 -9.65
CA ASP A 51 0.39 3.75 -8.98
C ASP A 51 0.53 4.48 -7.66
N GLY A 52 1.57 4.13 -6.90
CA GLY A 52 1.79 4.77 -5.60
C GLY A 52 1.85 6.28 -5.72
N ASP A 53 2.78 6.77 -6.52
CA ASP A 53 2.95 8.21 -6.71
C ASP A 53 1.93 8.74 -7.73
N LYS A 54 2.18 8.47 -9.01
CA LYS A 54 1.29 8.93 -10.06
C LYS A 54 1.17 10.45 -10.07
N ASN A 55 2.22 11.13 -9.62
CA ASN A 55 2.24 12.58 -9.57
C ASN A 55 3.32 13.16 -10.50
N ASN A 56 4.06 12.28 -11.16
CA ASN A 56 5.12 12.70 -12.07
C ASN A 56 6.26 13.39 -11.31
N ASP A 57 6.40 13.04 -10.04
CA ASP A 57 7.45 13.63 -9.21
C ASP A 57 8.33 12.53 -8.59
N GLY A 58 7.69 11.44 -8.17
CA GLY A 58 8.42 10.34 -7.58
C GLY A 58 8.44 10.41 -6.06
N ARG A 59 7.26 10.61 -5.46
CA ARG A 59 7.15 10.69 -4.01
C ARG A 59 5.72 10.40 -3.56
N ILE A 60 5.55 9.28 -2.87
CA ILE A 60 4.23 8.89 -2.37
C ILE A 60 4.22 8.86 -0.85
N ASP A 61 3.39 9.72 -0.25
CA ASP A 61 3.31 9.79 1.21
C ASP A 61 1.90 10.14 1.69
N TYR A 62 1.30 9.22 2.43
CA TYR A 62 -0.03 9.40 2.98
C TYR A 62 -1.07 9.77 1.91
N ASP A 63 -1.13 11.05 1.56
CA ASP A 63 -2.08 11.55 0.56
C ASP A 63 -2.32 10.55 -0.55
N GLU A 64 -1.27 10.22 -1.30
CA GLU A 64 -1.39 9.27 -2.40
C GLU A 64 -1.49 7.84 -1.88
N PHE A 65 -0.89 7.57 -0.72
CA PHE A 65 -0.92 6.24 -0.13
C PHE A 65 -2.36 5.79 0.08
N LEU A 66 -3.16 6.64 0.71
CA LEU A 66 -4.56 6.31 0.99
C LEU A 66 -5.30 5.96 -0.31
N GLU A 67 -4.75 6.40 -1.44
CA GLU A 67 -5.35 6.11 -2.74
C GLU A 67 -5.00 4.69 -3.19
N PHE A 68 -4.09 4.04 -2.46
CA PHE A 68 -3.68 2.68 -2.77
C PHE A 68 -4.78 1.69 -2.42
N MET A 69 -5.32 1.83 -1.22
CA MET A 69 -6.39 0.95 -0.74
C MET A 69 -7.63 1.07 -1.63
N LYS A 70 -7.79 2.21 -2.27
CA LYS A 70 -8.95 2.44 -3.14
C LYS A 70 -9.15 1.26 -4.11
N GLY A 71 -8.05 0.73 -4.62
CA GLY A 71 -8.13 -0.39 -5.52
C GLY A 71 -8.80 -1.60 -4.89
N VAL A 72 -8.70 -1.70 -3.57
CA VAL A 72 -9.30 -2.80 -2.84
C VAL A 72 -10.79 -2.90 -3.12
N GLU A 73 -11.41 -1.76 -3.39
CA GLU A 73 -12.84 -1.72 -3.67
C GLU A 73 -13.13 -2.18 -5.09
N THR B 1 -7.09 -17.67 -6.27
CA THR B 1 -6.48 -16.94 -5.13
C THR B 1 -6.36 -15.46 -5.42
N GLN B 2 -7.27 -14.94 -6.26
CA GLN B 2 -7.27 -13.53 -6.62
C GLN B 2 -5.98 -13.16 -7.37
N LYS B 3 -6.11 -12.27 -8.34
CA LYS B 3 -4.97 -11.83 -9.13
C LYS B 3 -4.13 -10.81 -8.36
N ILE B 4 -4.80 -9.78 -7.85
CA ILE B 4 -4.12 -8.73 -7.09
C ILE B 4 -3.44 -9.31 -5.85
N PHE B 5 -2.39 -8.63 -5.37
CA PHE B 5 -1.66 -9.10 -4.21
C PHE B 5 -1.77 -8.10 -3.04
N ASP B 6 -0.67 -7.44 -2.68
CA ASP B 6 -0.68 -6.48 -1.58
C ASP B 6 -1.49 -5.23 -1.93
N LEU B 7 -1.87 -5.10 -3.19
CA LEU B 7 -2.64 -3.96 -3.65
C LEU B 7 -4.01 -3.94 -2.98
N ARG B 8 -4.62 -5.12 -2.88
CA ARG B 8 -5.93 -5.26 -2.27
C ARG B 8 -5.80 -5.88 -0.88
N GLY B 9 -4.95 -6.89 -0.75
CA GLY B 9 -4.77 -7.54 0.52
C GLY B 9 -4.13 -6.64 1.55
N LYS B 10 -4.30 -6.98 2.82
CA LYS B 10 -3.74 -6.18 3.91
C LYS B 10 -4.23 -4.74 3.85
N PHE B 11 -5.43 -4.56 3.30
CA PHE B 11 -6.02 -3.22 3.18
C PHE B 11 -7.47 -3.23 3.64
N LYS B 12 -8.22 -4.24 3.20
CA LYS B 12 -9.63 -4.35 3.56
C LYS B 12 -9.77 -4.85 5.00
N ARG B 13 -10.04 -3.93 5.91
CA ARG B 13 -10.20 -4.26 7.32
C ARG B 13 -11.54 -4.96 7.56
N PRO B 14 -11.53 -6.14 8.20
CA PRO B 14 -12.77 -6.90 8.48
C PRO B 14 -13.69 -6.16 9.44
N THR B 15 -13.23 -5.97 10.67
CA THR B 15 -14.02 -5.27 11.67
C THR B 15 -13.13 -4.78 12.82
N LEU B 16 -13.75 -4.20 13.83
CA LEU B 16 -13.02 -3.69 14.99
C LEU B 16 -12.82 -4.78 16.04
N ARG B 17 -11.60 -4.88 16.57
CA ARG B 17 -11.28 -5.88 17.58
C ARG B 17 -10.64 -5.24 18.80
N ARG B 18 -10.79 -5.88 19.95
CA ARG B 18 -10.23 -5.37 21.19
C ARG B 18 -10.79 -3.99 21.52
N VAL B 19 -10.36 -3.45 22.65
CA VAL B 19 -10.81 -2.13 23.09
C VAL B 19 -12.33 -1.98 23.03
N ARG B 20 -13.02 -3.12 23.10
CA ARG B 20 -14.49 -3.13 23.06
C ARG B 20 -15.05 -4.19 23.99
N MET A 1 -11.96 10.11 22.80
CA MET A 1 -11.91 9.31 21.55
C MET A 1 -12.60 10.04 20.40
N LYS A 2 -11.80 10.50 19.43
CA LYS A 2 -12.33 11.22 18.27
C LYS A 2 -11.39 11.10 17.08
N GLY A 3 -11.90 10.53 15.99
CA GLY A 3 -11.08 10.37 14.80
C GLY A 3 -11.56 9.22 13.92
N LYS A 4 -11.12 8.01 14.23
CA LYS A 4 -11.50 6.83 13.47
C LYS A 4 -11.03 6.94 12.02
N SER A 5 -10.71 5.81 11.42
CA SER A 5 -10.24 5.77 10.03
C SER A 5 -8.98 6.60 9.87
N GLU A 6 -8.25 6.36 8.78
CA GLU A 6 -7.01 7.07 8.49
C GLU A 6 -5.86 6.56 9.37
N GLU A 7 -6.06 6.57 10.69
CA GLU A 7 -5.04 6.11 11.63
C GLU A 7 -4.39 4.81 11.16
N GLU A 8 -5.16 3.99 10.44
CA GLU A 8 -4.66 2.72 9.93
C GLU A 8 -3.45 2.95 9.03
N LEU A 9 -3.65 3.78 8.00
CA LEU A 9 -2.57 4.09 7.07
C LEU A 9 -1.60 5.09 7.68
N SER A 10 -2.11 5.90 8.60
CA SER A 10 -1.29 6.91 9.28
C SER A 10 -0.02 6.28 9.83
N ASP A 11 -0.16 5.10 10.43
CA ASP A 11 0.96 4.39 11.01
C ASP A 11 1.70 3.58 9.93
N LEU A 12 0.99 3.27 8.85
CA LEU A 12 1.58 2.49 7.76
C LEU A 12 2.58 3.34 6.96
N PHE A 13 2.12 4.49 6.47
CA PHE A 13 2.99 5.38 5.70
C PHE A 13 4.21 5.79 6.51
N ARG A 14 4.00 6.04 7.81
CA ARG A 14 5.09 6.44 8.69
C ARG A 14 6.18 5.36 8.75
N MET A 15 5.76 4.11 8.63
CA MET A 15 6.69 2.99 8.66
C MET A 15 7.15 2.62 7.25
N PHE A 16 6.27 2.81 6.28
CA PHE A 16 6.57 2.50 4.89
C PHE A 16 7.53 3.52 4.31
N ASP A 17 7.28 4.80 4.61
CA ASP A 17 8.13 5.88 4.10
C ASP A 17 9.38 6.04 4.97
N LYS A 18 10.24 5.03 4.94
CA LYS A 18 11.47 5.06 5.72
C LYS A 18 12.41 6.16 5.22
N ASN A 19 12.25 6.54 3.96
CA ASN A 19 13.09 7.58 3.37
C ASN A 19 12.77 8.93 3.97
N ALA A 20 11.53 9.11 4.42
CA ALA A 20 11.10 10.37 5.01
C ALA A 20 11.16 11.51 4.00
N ASP A 21 10.49 11.32 2.86
CA ASP A 21 10.46 12.33 1.81
C ASP A 21 9.04 12.86 1.60
N GLY A 22 8.06 11.99 1.78
CA GLY A 22 6.67 12.38 1.59
C GLY A 22 5.94 11.48 0.62
N TYR A 23 6.68 10.88 -0.31
CA TYR A 23 6.09 9.98 -1.29
C TYR A 23 6.84 8.66 -1.35
N ILE A 24 6.28 7.68 -2.05
CA ILE A 24 6.93 6.38 -2.17
C ILE A 24 7.32 6.08 -3.61
N ASP A 25 8.46 5.43 -3.79
CA ASP A 25 8.96 5.09 -5.12
C ASP A 25 9.27 3.60 -5.22
N LEU A 26 9.93 3.22 -6.32
CA LEU A 26 10.30 1.82 -6.54
C LEU A 26 11.16 1.28 -5.40
N GLU A 27 12.09 2.11 -4.92
CA GLU A 27 12.98 1.70 -3.83
C GLU A 27 12.18 1.22 -2.62
N GLU A 28 11.13 1.96 -2.29
CA GLU A 28 10.27 1.60 -1.16
C GLU A 28 9.33 0.47 -1.53
N LEU A 29 8.96 0.40 -2.81
CA LEU A 29 8.06 -0.64 -3.28
C LEU A 29 8.58 -2.02 -2.88
N LYS A 30 9.90 -2.14 -2.76
CA LYS A 30 10.51 -3.40 -2.36
C LYS A 30 9.99 -3.83 -0.99
N ILE A 31 9.68 -2.85 -0.15
CA ILE A 31 9.15 -3.11 1.19
C ILE A 31 7.93 -4.02 1.11
N MET A 32 7.19 -3.92 0.01
CA MET A 32 6.00 -4.74 -0.20
C MET A 32 6.39 -6.19 -0.43
N LEU A 33 7.54 -6.40 -1.04
CA LEU A 33 8.05 -7.74 -1.33
C LEU A 33 8.37 -8.49 -0.05
N GLN A 34 8.79 -7.75 0.98
CA GLN A 34 9.13 -8.36 2.27
C GLN A 34 8.01 -9.28 2.74
N ALA A 35 6.79 -8.94 2.36
CA ALA A 35 5.62 -9.74 2.74
C ALA A 35 5.61 -11.07 1.98
N THR A 36 6.20 -11.08 0.80
CA THR A 36 6.26 -12.28 -0.03
C THR A 36 7.57 -13.02 0.17
N GLY A 37 8.66 -12.39 -0.25
CA GLY A 37 9.97 -13.00 -0.12
C GLY A 37 10.18 -14.14 -1.11
N GLU A 38 9.43 -14.13 -2.20
CA GLU A 38 9.54 -15.16 -3.22
C GLU A 38 10.34 -14.65 -4.43
N THR A 39 10.17 -15.29 -5.58
CA THR A 39 10.88 -14.90 -6.79
C THR A 39 10.18 -13.74 -7.49
N ILE A 40 10.41 -12.53 -6.99
CA ILE A 40 9.81 -11.33 -7.57
C ILE A 40 10.62 -10.10 -7.20
N THR A 41 11.71 -9.87 -7.92
CA THR A 41 12.58 -8.73 -7.66
C THR A 41 12.58 -7.76 -8.83
N GLU A 42 12.39 -6.47 -8.52
CA GLU A 42 12.38 -5.43 -9.53
C GLU A 42 11.14 -5.54 -10.41
N ASP A 43 11.03 -6.64 -11.14
CA ASP A 43 9.90 -6.86 -12.04
C ASP A 43 8.57 -6.59 -11.32
N ASP A 44 8.40 -7.21 -10.16
CA ASP A 44 7.18 -7.03 -9.39
C ASP A 44 7.15 -5.66 -8.73
N ILE A 45 8.32 -5.04 -8.59
CA ILE A 45 8.43 -3.72 -7.98
C ILE A 45 7.78 -2.66 -8.86
N GLU A 46 8.16 -2.65 -10.13
CA GLU A 46 7.63 -1.70 -11.09
C GLU A 46 6.15 -1.96 -11.37
N GLU A 47 5.75 -3.22 -11.26
CA GLU A 47 4.37 -3.61 -11.51
C GLU A 47 3.44 -3.09 -10.42
N LEU A 48 3.81 -3.32 -9.16
CA LEU A 48 3.00 -2.87 -8.05
C LEU A 48 2.93 -1.34 -8.01
N MET A 49 4.09 -0.71 -8.12
CA MET A 49 4.18 0.75 -8.11
C MET A 49 3.10 1.38 -8.99
N LYS A 50 2.72 0.67 -10.05
CA LYS A 50 1.69 1.17 -10.97
C LYS A 50 0.41 1.52 -10.22
N ASP A 51 0.19 0.86 -9.09
CA ASP A 51 -1.00 1.09 -8.28
C ASP A 51 -0.83 2.36 -7.45
N GLY A 52 0.28 2.47 -6.73
CA GLY A 52 0.54 3.63 -5.90
C GLY A 52 0.54 4.92 -6.70
N ASP A 53 1.49 5.04 -7.62
CA ASP A 53 1.61 6.24 -8.46
C ASP A 53 0.74 6.10 -9.71
N LYS A 54 -0.41 6.77 -9.69
CA LYS A 54 -1.33 6.73 -10.82
C LYS A 54 -1.73 8.13 -11.25
N ASN A 55 -0.81 9.07 -11.11
CA ASN A 55 -1.08 10.46 -11.49
C ASN A 55 -0.17 10.91 -12.63
N ASN A 56 0.57 9.96 -13.21
CA ASN A 56 1.46 10.26 -14.32
C ASN A 56 2.51 11.29 -13.91
N ASP A 57 2.94 11.22 -12.65
CA ASP A 57 3.94 12.15 -12.14
C ASP A 57 5.22 11.41 -11.76
N GLY A 58 5.07 10.20 -11.23
CA GLY A 58 6.23 9.42 -10.84
C GLY A 58 6.45 9.42 -9.34
N ARG A 59 5.39 9.63 -8.59
CA ARG A 59 5.48 9.67 -7.13
C ARG A 59 4.12 9.44 -6.49
N ILE A 60 4.10 8.70 -5.39
CA ILE A 60 2.86 8.41 -4.68
C ILE A 60 2.88 9.02 -3.28
N ASP A 61 1.85 9.80 -2.96
CA ASP A 61 1.76 10.46 -1.65
C ASP A 61 0.58 9.95 -0.85
N TYR A 62 0.60 10.26 0.45
CA TYR A 62 -0.45 9.85 1.39
C TYR A 62 -1.82 9.75 0.71
N ASP A 63 -2.26 10.84 0.10
CA ASP A 63 -3.56 10.88 -0.57
C ASP A 63 -3.76 9.66 -1.45
N GLU A 64 -2.74 9.29 -2.21
CA GLU A 64 -2.81 8.15 -3.10
C GLU A 64 -2.50 6.85 -2.35
N PHE A 65 -1.69 6.95 -1.30
CA PHE A 65 -1.32 5.79 -0.50
C PHE A 65 -2.56 5.15 0.12
N LEU A 66 -3.36 5.94 0.81
CA LEU A 66 -4.57 5.44 1.46
C LEU A 66 -5.45 4.68 0.46
N GLU A 67 -5.27 4.97 -0.82
CA GLU A 67 -6.02 4.29 -1.86
C GLU A 67 -5.53 2.85 -2.04
N PHE A 68 -4.29 2.60 -1.60
CA PHE A 68 -3.69 1.28 -1.69
C PHE A 68 -4.54 0.25 -0.94
N MET A 69 -4.85 0.58 0.31
CA MET A 69 -5.65 -0.31 1.16
C MET A 69 -7.10 -0.40 0.66
N LYS A 70 -7.58 0.67 0.03
CA LYS A 70 -8.94 0.70 -0.49
C LYS A 70 -9.27 -0.56 -1.27
N GLY A 71 -8.25 -1.16 -1.86
CA GLY A 71 -8.44 -2.38 -2.63
C GLY A 71 -8.76 -3.57 -1.74
N VAL A 72 -8.18 -3.57 -0.54
CA VAL A 72 -8.39 -4.64 0.41
C VAL A 72 -9.85 -4.69 0.87
N GLU A 73 -10.53 -3.55 0.77
CA GLU A 73 -11.92 -3.46 1.19
C GLU A 73 -12.81 -4.37 0.33
N THR B 1 -6.22 -9.64 -14.31
CA THR B 1 -4.98 -9.87 -13.53
C THR B 1 -5.17 -9.53 -12.07
N GLN B 2 -4.09 -9.61 -11.30
CA GLN B 2 -4.13 -9.31 -9.87
C GLN B 2 -2.78 -8.83 -9.36
N LYS B 3 -2.51 -7.54 -9.53
CA LYS B 3 -1.26 -6.96 -9.07
C LYS B 3 -1.05 -7.18 -7.58
N ILE B 4 -2.15 -7.38 -6.86
CA ILE B 4 -2.11 -7.61 -5.42
C ILE B 4 -1.76 -9.07 -5.12
N PHE B 5 -1.25 -9.32 -3.92
CA PHE B 5 -0.88 -10.67 -3.52
C PHE B 5 -0.33 -10.71 -2.10
N ASP B 6 -0.97 -11.49 -1.23
CA ASP B 6 -0.53 -11.63 0.17
C ASP B 6 -0.78 -10.33 0.94
N LEU B 7 -0.19 -9.23 0.45
CA LEU B 7 -0.33 -7.92 1.08
C LEU B 7 -1.76 -7.71 1.58
N ARG B 8 -2.71 -7.86 0.68
CA ARG B 8 -4.12 -7.69 1.01
C ARG B 8 -4.54 -8.63 2.15
N GLY B 9 -5.85 -8.77 2.34
CA GLY B 9 -6.37 -9.63 3.38
C GLY B 9 -5.76 -9.33 4.74
N LYS B 10 -5.31 -8.10 4.90
CA LYS B 10 -4.69 -7.66 6.15
C LYS B 10 -4.77 -6.14 6.25
N PHE B 11 -4.58 -5.49 5.11
CA PHE B 11 -4.63 -4.04 5.02
C PHE B 11 -6.08 -3.54 5.10
N LYS B 12 -6.75 -3.86 6.20
CA LYS B 12 -8.14 -3.45 6.40
C LYS B 12 -8.51 -3.48 7.88
N ARG B 13 -9.77 -3.21 8.18
CA ARG B 13 -10.26 -3.22 9.55
C ARG B 13 -11.51 -4.08 9.69
N PRO B 14 -11.89 -4.42 10.93
CA PRO B 14 -13.06 -5.25 11.19
C PRO B 14 -14.37 -4.49 10.98
N THR B 15 -15.26 -5.07 10.20
CA THR B 15 -16.55 -4.45 9.91
C THR B 15 -17.70 -5.44 10.12
N LEU B 16 -17.90 -6.31 9.12
CA LEU B 16 -18.96 -7.31 9.19
C LEU B 16 -18.64 -8.50 8.29
N ARG B 17 -18.29 -8.20 7.04
CA ARG B 17 -17.95 -9.25 6.07
C ARG B 17 -19.18 -10.05 5.70
N ARG B 18 -19.70 -10.83 6.65
CA ARG B 18 -20.87 -11.65 6.41
C ARG B 18 -22.15 -10.82 6.57
N VAL B 19 -22.73 -10.43 5.44
CA VAL B 19 -23.96 -9.64 5.45
C VAL B 19 -24.90 -10.07 4.33
N ARG B 20 -25.96 -9.30 4.12
CA ARG B 20 -26.93 -9.61 3.09
C ARG B 20 -28.01 -8.52 3.00
N MET A 1 -15.73 12.66 5.27
CA MET A 1 -15.48 12.43 6.72
C MET A 1 -13.98 12.39 7.03
N LYS A 2 -13.48 13.45 7.65
CA LYS A 2 -12.07 13.54 8.00
C LYS A 2 -11.77 12.71 9.24
N GLY A 3 -10.85 11.76 9.10
CA GLY A 3 -10.48 10.91 10.22
C GLY A 3 -11.22 9.60 10.21
N LYS A 4 -11.35 8.98 11.39
CA LYS A 4 -12.04 7.70 11.52
C LYS A 4 -11.31 6.60 10.75
N SER A 5 -11.51 6.58 9.43
CA SER A 5 -10.87 5.58 8.59
C SER A 5 -9.67 6.16 7.84
N GLU A 6 -9.18 7.31 8.32
CA GLU A 6 -8.03 7.97 7.70
C GLU A 6 -6.79 7.85 8.59
N GLU A 7 -7.02 7.70 9.89
CA GLU A 7 -5.92 7.59 10.84
C GLU A 7 -5.12 6.31 10.61
N GLU A 8 -5.80 5.28 10.08
CA GLU A 8 -5.16 4.00 9.81
C GLU A 8 -3.98 4.18 8.85
N LEU A 9 -4.28 4.65 7.65
CA LEU A 9 -3.25 4.88 6.64
C LEU A 9 -2.24 5.91 7.11
N SER A 10 -2.72 6.91 7.84
CA SER A 10 -1.85 7.98 8.35
C SER A 10 -0.64 7.40 9.09
N ASP A 11 -0.88 6.34 9.86
CA ASP A 11 0.18 5.69 10.62
C ASP A 11 0.92 4.68 9.76
N LEU A 12 0.21 4.11 8.79
CA LEU A 12 0.80 3.11 7.89
C LEU A 12 1.83 3.74 6.97
N PHE A 13 1.53 4.95 6.50
CA PHE A 13 2.43 5.66 5.59
C PHE A 13 3.83 5.80 6.20
N ARG A 14 3.91 6.46 7.35
CA ARG A 14 5.18 6.66 8.03
C ARG A 14 5.87 5.34 8.35
N MET A 15 5.06 4.30 8.54
CA MET A 15 5.59 2.97 8.86
C MET A 15 6.00 2.22 7.60
N PHE A 16 5.34 2.53 6.48
CA PHE A 16 5.64 1.89 5.22
C PHE A 16 6.81 2.55 4.52
N ASP A 17 6.89 3.87 4.61
CA ASP A 17 7.97 4.63 3.99
C ASP A 17 9.33 4.14 4.48
N LYS A 18 9.62 4.38 5.75
CA LYS A 18 10.89 3.96 6.35
C LYS A 18 12.06 4.79 5.81
N ASN A 19 11.75 5.82 5.03
CA ASN A 19 12.78 6.69 4.46
C ASN A 19 12.79 8.05 5.14
N ALA A 20 11.73 8.35 5.89
CA ALA A 20 11.63 9.63 6.60
C ALA A 20 11.47 10.78 5.61
N ASP A 21 10.80 10.51 4.49
CA ASP A 21 10.59 11.52 3.46
C ASP A 21 9.10 11.82 3.30
N GLY A 22 8.29 10.76 3.21
CA GLY A 22 6.87 10.92 3.06
C GLY A 22 6.37 10.48 1.69
N TYR A 23 7.16 9.66 1.00
CA TYR A 23 6.78 9.18 -0.32
C TYR A 23 7.29 7.76 -0.55
N ILE A 24 6.66 7.03 -1.47
CA ILE A 24 7.07 5.66 -1.77
C ILE A 24 7.55 5.53 -3.21
N ASP A 25 8.72 4.93 -3.38
CA ASP A 25 9.29 4.73 -4.71
C ASP A 25 9.61 3.26 -4.94
N LEU A 26 10.27 2.97 -6.07
CA LEU A 26 10.64 1.60 -6.41
C LEU A 26 11.32 0.89 -5.23
N GLU A 27 11.96 1.67 -4.36
CA GLU A 27 12.64 1.12 -3.20
C GLU A 27 11.64 0.62 -2.17
N GLU A 28 10.78 1.52 -1.69
CA GLU A 28 9.77 1.16 -0.71
C GLU A 28 8.71 0.25 -1.32
N LEU A 29 8.45 0.44 -2.61
CA LEU A 29 7.46 -0.37 -3.31
C LEU A 29 7.76 -1.85 -3.18
N LYS A 30 9.02 -2.18 -2.89
CA LYS A 30 9.46 -3.55 -2.75
C LYS A 30 8.90 -4.17 -1.46
N ILE A 31 8.65 -3.32 -0.47
CA ILE A 31 8.14 -3.78 0.82
C ILE A 31 6.88 -4.64 0.65
N MET A 32 5.81 -4.04 0.14
CA MET A 32 4.55 -4.75 -0.07
C MET A 32 4.79 -6.11 -0.71
N LEU A 33 5.78 -6.19 -1.59
CA LEU A 33 6.10 -7.43 -2.28
C LEU A 33 6.96 -8.33 -1.40
N GLN A 34 7.76 -7.71 -0.53
CA GLN A 34 8.62 -8.46 0.36
C GLN A 34 7.82 -9.42 1.24
N ALA A 35 6.58 -9.06 1.50
CA ALA A 35 5.70 -9.89 2.33
C ALA A 35 5.38 -11.20 1.64
N THR A 36 5.28 -11.16 0.31
CA THR A 36 4.98 -12.35 -0.47
C THR A 36 6.25 -13.04 -0.96
N GLY A 37 7.21 -12.24 -1.42
CA GLY A 37 8.47 -12.77 -1.90
C GLY A 37 8.28 -13.81 -3.00
N GLU A 38 7.22 -13.63 -3.79
CA GLU A 38 6.93 -14.55 -4.88
C GLU A 38 7.73 -14.20 -6.13
N THR A 39 7.52 -14.96 -7.19
CA THR A 39 8.23 -14.73 -8.46
C THR A 39 7.93 -13.33 -9.00
N ILE A 40 6.84 -12.73 -8.54
CA ILE A 40 6.45 -11.39 -8.99
C ILE A 40 7.58 -10.38 -8.80
N THR A 41 8.49 -10.69 -7.88
CA THR A 41 9.63 -9.81 -7.60
C THR A 41 10.29 -9.33 -8.90
N GLU A 42 10.82 -8.11 -8.86
CA GLU A 42 11.49 -7.52 -10.02
C GLU A 42 10.55 -7.50 -11.22
N ASP A 43 9.30 -7.11 -10.99
CA ASP A 43 8.30 -7.03 -12.05
C ASP A 43 7.01 -6.43 -11.52
N ASP A 44 6.63 -6.83 -10.31
CA ASP A 44 5.41 -6.33 -9.69
C ASP A 44 5.59 -4.89 -9.21
N ILE A 45 6.78 -4.60 -8.70
CA ILE A 45 7.09 -3.26 -8.20
C ILE A 45 7.11 -2.24 -9.34
N GLU A 46 7.51 -2.69 -10.52
CA GLU A 46 7.58 -1.81 -11.69
C GLU A 46 6.18 -1.45 -12.19
N GLU A 47 5.28 -2.43 -12.19
CA GLU A 47 3.92 -2.22 -12.66
C GLU A 47 3.02 -1.69 -11.53
N LEU A 48 3.28 -2.15 -10.31
CA LEU A 48 2.50 -1.72 -9.16
C LEU A 48 2.74 -0.25 -8.84
N MET A 49 4.00 0.15 -8.77
CA MET A 49 4.38 1.52 -8.47
C MET A 49 3.55 2.52 -9.29
N LYS A 50 3.17 2.12 -10.49
CA LYS A 50 2.37 2.97 -11.37
C LYS A 50 1.04 3.33 -10.71
N ASP A 51 0.54 2.43 -9.87
CA ASP A 51 -0.72 2.66 -9.16
C ASP A 51 -0.57 3.78 -8.14
N GLY A 52 0.45 3.67 -7.29
CA GLY A 52 0.68 4.69 -6.28
C GLY A 52 0.84 6.08 -6.86
N ASP A 53 1.87 6.24 -7.69
CA ASP A 53 2.14 7.52 -8.33
C ASP A 53 1.49 7.59 -9.71
N LYS A 54 0.18 7.79 -9.73
CA LYS A 54 -0.56 7.88 -10.98
C LYS A 54 -0.81 9.33 -11.37
N ASN A 55 0.11 10.21 -10.97
CA ASN A 55 0.00 11.63 -11.28
C ASN A 55 1.11 12.09 -12.22
N ASN A 56 2.13 11.24 -12.39
CA ASN A 56 3.25 11.57 -13.27
C ASN A 56 4.06 12.73 -12.72
N ASP A 57 4.50 12.60 -11.47
CA ASP A 57 5.28 13.63 -10.82
C ASP A 57 6.69 13.14 -10.52
N GLY A 58 6.80 11.90 -10.05
CA GLY A 58 8.09 11.34 -9.72
C GLY A 58 8.00 10.27 -8.65
N ARG A 59 7.00 10.37 -7.78
CA ARG A 59 6.82 9.41 -6.70
C ARG A 59 5.40 9.50 -6.15
N ILE A 60 5.14 8.74 -5.08
CA ILE A 60 3.83 8.73 -4.45
C ILE A 60 3.91 9.26 -3.02
N ASP A 61 3.06 10.22 -2.70
CA ASP A 61 3.06 10.83 -1.36
C ASP A 61 1.75 10.55 -0.63
N TYR A 62 1.70 10.96 0.64
CA TYR A 62 0.53 10.77 1.48
C TYR A 62 -0.73 11.31 0.79
N ASP A 63 -1.38 10.44 0.03
CA ASP A 63 -2.61 10.81 -0.69
C ASP A 63 -3.08 9.64 -1.54
N GLU A 64 -2.29 9.30 -2.56
CA GLU A 64 -2.63 8.19 -3.44
C GLU A 64 -2.47 6.87 -2.69
N PHE A 65 -1.62 6.89 -1.66
CA PHE A 65 -1.37 5.71 -0.85
C PHE A 65 -2.67 5.23 -0.20
N LEU A 66 -3.55 6.17 0.07
CA LEU A 66 -4.84 5.85 0.68
C LEU A 66 -5.70 5.03 -0.28
N GLU A 67 -5.41 5.16 -1.57
CA GLU A 67 -6.15 4.42 -2.60
C GLU A 67 -5.65 2.98 -2.67
N PHE A 68 -4.56 2.69 -1.97
CA PHE A 68 -3.98 1.35 -1.94
C PHE A 68 -4.86 0.41 -1.13
N MET A 69 -5.10 0.79 0.12
CA MET A 69 -5.93 -0.01 1.02
C MET A 69 -7.33 -0.24 0.44
N LYS A 70 -7.77 0.68 -0.42
CA LYS A 70 -9.09 0.57 -1.04
C LYS A 70 -9.31 -0.83 -1.62
N GLY A 71 -8.26 -1.39 -2.20
CA GLY A 71 -8.36 -2.73 -2.77
C GLY A 71 -8.75 -3.76 -1.74
N VAL A 72 -8.35 -3.52 -0.50
CA VAL A 72 -8.66 -4.44 0.59
C VAL A 72 -10.17 -4.60 0.77
N GLU A 73 -10.91 -3.57 0.38
CA GLU A 73 -12.36 -3.59 0.50
C GLU A 73 -13.00 -4.17 -0.76
N THR B 1 -3.13 -10.07 -14.12
CA THR B 1 -3.72 -11.32 -13.61
C THR B 1 -4.07 -11.21 -12.13
N GLN B 2 -3.27 -10.44 -11.40
CA GLN B 2 -3.50 -10.23 -9.97
C GLN B 2 -2.50 -9.22 -9.40
N LYS B 3 -2.98 -8.02 -9.14
CA LYS B 3 -2.14 -6.96 -8.59
C LYS B 3 -2.14 -6.99 -7.07
N ILE B 4 -3.26 -7.42 -6.48
CA ILE B 4 -3.38 -7.49 -5.03
C ILE B 4 -3.10 -8.89 -4.52
N PHE B 5 -2.36 -8.97 -3.42
CA PHE B 5 -2.03 -10.25 -2.81
C PHE B 5 -1.94 -10.08 -1.28
N ASP B 6 -0.73 -10.18 -0.72
CA ASP B 6 -0.56 -10.03 0.71
C ASP B 6 -0.79 -8.58 1.13
N LEU B 7 -0.85 -7.69 0.14
CA LEU B 7 -1.07 -6.27 0.38
C LEU B 7 -2.39 -6.04 1.11
N ARG B 8 -3.42 -6.79 0.72
CA ARG B 8 -4.73 -6.68 1.33
C ARG B 8 -4.65 -6.89 2.84
N GLY B 9 -3.89 -7.89 3.25
CA GLY B 9 -3.76 -8.18 4.68
C GLY B 9 -3.13 -7.03 5.44
N LYS B 10 -3.47 -6.92 6.72
CA LYS B 10 -2.95 -5.86 7.57
C LYS B 10 -3.38 -4.49 7.05
N PHE B 11 -4.57 -4.42 6.48
CA PHE B 11 -5.10 -3.16 5.95
C PHE B 11 -6.61 -3.07 6.16
N LYS B 12 -7.07 -3.59 7.29
CA LYS B 12 -8.50 -3.57 7.61
C LYS B 12 -8.73 -3.93 9.08
N ARG B 13 -9.69 -3.25 9.70
CA ARG B 13 -10.01 -3.50 11.10
C ARG B 13 -10.36 -4.97 11.34
N PRO B 14 -10.22 -5.45 12.58
CA PRO B 14 -10.52 -6.82 12.93
C PRO B 14 -12.01 -7.06 13.14
N THR B 15 -12.61 -7.86 12.26
CA THR B 15 -14.03 -8.17 12.36
C THR B 15 -14.30 -9.64 12.08
N LEU B 16 -13.37 -10.50 12.52
CA LEU B 16 -13.51 -11.93 12.32
C LEU B 16 -13.88 -12.63 13.63
N ARG B 17 -15.16 -12.92 13.79
CA ARG B 17 -15.64 -13.59 14.99
C ARG B 17 -17.12 -13.93 14.87
N ARG B 18 -17.90 -13.02 14.30
CA ARG B 18 -19.33 -13.23 14.11
C ARG B 18 -19.59 -14.32 13.08
N VAL B 19 -20.73 -14.99 13.20
CA VAL B 19 -21.11 -16.06 12.28
C VAL B 19 -20.94 -15.63 10.83
N ARG B 20 -21.15 -14.33 10.57
CA ARG B 20 -21.02 -13.79 9.23
C ARG B 20 -19.57 -13.44 8.92
N MET A 1 -10.50 14.09 13.47
CA MET A 1 -11.32 13.01 14.08
C MET A 1 -11.33 11.76 13.21
N LYS A 2 -11.81 11.91 11.97
CA LYS A 2 -11.87 10.79 11.03
C LYS A 2 -12.75 9.68 11.59
N GLY A 3 -13.01 8.67 10.75
CA GLY A 3 -13.83 7.55 11.18
C GLY A 3 -13.29 6.22 10.70
N LYS A 4 -12.21 5.77 11.34
CA LYS A 4 -11.59 4.49 10.97
C LYS A 4 -11.10 4.52 9.53
N SER A 5 -10.47 3.43 9.11
CA SER A 5 -9.96 3.33 7.74
C SER A 5 -8.79 4.28 7.52
N GLU A 6 -9.08 5.58 7.52
CA GLU A 6 -8.06 6.59 7.32
C GLU A 6 -6.96 6.47 8.37
N GLU A 7 -7.35 6.32 9.63
CA GLU A 7 -6.40 6.19 10.72
C GLU A 7 -5.53 4.95 10.55
N GLU A 8 -6.10 3.91 9.94
CA GLU A 8 -5.39 2.66 9.71
C GLU A 8 -4.15 2.90 8.84
N LEU A 9 -4.38 3.43 7.64
CA LEU A 9 -3.29 3.70 6.71
C LEU A 9 -2.31 4.70 7.31
N SER A 10 -2.80 5.58 8.17
CA SER A 10 -1.97 6.58 8.81
C SER A 10 -0.81 5.93 9.55
N ASP A 11 -1.08 4.79 10.16
CA ASP A 11 -0.05 4.05 10.91
C ASP A 11 0.77 3.17 9.97
N LEU A 12 0.18 2.78 8.86
CA LEU A 12 0.85 1.93 7.88
C LEU A 12 1.93 2.71 7.14
N PHE A 13 1.60 3.93 6.73
CA PHE A 13 2.55 4.77 6.00
C PHE A 13 3.80 5.03 6.83
N ARG A 14 3.60 5.43 8.09
CA ARG A 14 4.72 5.73 8.98
C ARG A 14 5.63 4.51 9.14
N MET A 15 5.04 3.32 9.08
CA MET A 15 5.80 2.08 9.21
C MET A 15 6.34 1.61 7.86
N PHE A 16 5.60 1.93 6.80
CA PHE A 16 5.99 1.54 5.45
C PHE A 16 7.16 2.38 4.97
N ASP A 17 7.02 3.69 5.09
CA ASP A 17 8.08 4.61 4.65
C ASP A 17 9.27 4.57 5.61
N LYS A 18 9.94 3.43 5.65
CA LYS A 18 11.10 3.25 6.53
C LYS A 18 12.22 4.23 6.16
N ASN A 19 12.18 4.73 4.93
CA ASN A 19 13.20 5.66 4.46
C ASN A 19 13.07 7.01 5.18
N ALA A 20 11.88 7.30 5.67
CA ALA A 20 11.62 8.54 6.39
C ALA A 20 11.80 9.74 5.46
N ASP A 21 11.12 9.71 4.32
CA ASP A 21 11.20 10.79 3.34
C ASP A 21 9.84 11.49 3.18
N GLY A 22 8.78 10.69 3.22
CA GLY A 22 7.44 11.23 3.06
C GLY A 22 6.67 10.58 1.93
N TYR A 23 7.39 9.99 0.99
CA TYR A 23 6.75 9.34 -0.16
C TYR A 23 7.35 7.95 -0.38
N ILE A 24 6.71 7.16 -1.23
CA ILE A 24 7.20 5.82 -1.53
C ILE A 24 7.61 5.68 -3.00
N ASP A 25 8.73 5.02 -3.23
CA ASP A 25 9.23 4.83 -4.58
C ASP A 25 9.55 3.36 -4.84
N LEU A 26 10.16 3.07 -5.99
CA LEU A 26 10.51 1.70 -6.35
C LEU A 26 11.30 1.02 -5.24
N GLU A 27 12.03 1.82 -4.46
CA GLU A 27 12.83 1.30 -3.37
C GLU A 27 11.93 0.77 -2.25
N GLU A 28 11.08 1.63 -1.71
CA GLU A 28 10.17 1.26 -0.64
C GLU A 28 9.09 0.31 -1.15
N LEU A 29 8.66 0.52 -2.39
CA LEU A 29 7.64 -0.33 -3.00
C LEU A 29 8.00 -1.80 -2.88
N LYS A 30 9.29 -2.09 -2.80
CA LYS A 30 9.77 -3.46 -2.68
C LYS A 30 9.29 -4.07 -1.37
N ILE A 31 9.10 -3.23 -0.36
CA ILE A 31 8.64 -3.68 0.94
C ILE A 31 7.42 -4.59 0.83
N MET A 32 6.31 -4.04 0.37
CA MET A 32 5.07 -4.81 0.23
C MET A 32 5.29 -6.04 -0.66
N LEU A 33 6.27 -5.97 -1.55
CA LEU A 33 6.56 -7.07 -2.45
C LEU A 33 7.38 -8.15 -1.75
N GLN A 34 8.12 -7.75 -0.71
CA GLN A 34 8.95 -8.69 0.04
C GLN A 34 8.09 -9.76 0.71
N ALA A 35 6.81 -9.47 0.88
CA ALA A 35 5.89 -10.41 1.51
C ALA A 35 5.56 -11.58 0.58
N THR A 36 5.52 -11.31 -0.72
CA THR A 36 5.21 -12.34 -1.70
C THR A 36 6.49 -13.05 -2.17
N GLY A 37 7.52 -12.25 -2.44
CA GLY A 37 8.79 -12.81 -2.89
C GLY A 37 8.64 -13.75 -4.08
N GLU A 38 7.57 -13.56 -4.86
CA GLU A 38 7.32 -14.38 -6.02
C GLU A 38 7.80 -13.70 -7.29
N THR A 39 9.07 -13.90 -7.63
CA THR A 39 9.66 -13.30 -8.81
C THR A 39 9.60 -11.78 -8.73
N ILE A 40 8.47 -11.21 -9.14
CA ILE A 40 8.24 -9.76 -9.11
C ILE A 40 9.50 -8.95 -9.42
N THR A 41 10.32 -8.68 -8.39
CA THR A 41 11.55 -7.91 -8.56
C THR A 41 11.24 -6.57 -9.21
N GLU A 42 12.29 -5.83 -9.56
CA GLU A 42 12.13 -4.52 -10.20
C GLU A 42 11.01 -4.54 -11.23
N ASP A 43 10.79 -5.70 -11.84
CA ASP A 43 9.74 -5.84 -12.84
C ASP A 43 8.37 -5.48 -12.25
N ASP A 44 8.00 -6.12 -11.14
CA ASP A 44 6.72 -5.85 -10.51
C ASP A 44 6.75 -4.51 -9.76
N ILE A 45 7.95 -4.08 -9.39
CA ILE A 45 8.11 -2.83 -8.66
C ILE A 45 7.73 -1.64 -9.54
N GLU A 46 8.26 -1.61 -10.75
CA GLU A 46 7.98 -0.53 -11.69
C GLU A 46 6.53 -0.56 -12.16
N GLU A 47 5.92 -1.75 -12.12
CA GLU A 47 4.53 -1.90 -12.55
C GLU A 47 3.57 -1.53 -11.44
N LEU A 48 3.82 -2.04 -10.23
CA LEU A 48 2.96 -1.76 -9.09
C LEU A 48 2.95 -0.27 -8.77
N MET A 49 4.14 0.32 -8.74
CA MET A 49 4.29 1.75 -8.44
C MET A 49 3.26 2.58 -9.21
N LYS A 50 2.86 2.10 -10.39
CA LYS A 50 1.89 2.80 -11.20
C LYS A 50 0.60 3.07 -10.41
N ASP A 51 0.32 2.20 -9.45
CA ASP A 51 -0.87 2.35 -8.62
C ASP A 51 -0.69 3.46 -7.59
N GLY A 52 0.41 3.39 -6.83
CA GLY A 52 0.69 4.40 -5.83
C GLY A 52 0.78 5.79 -6.42
N ASP A 53 1.80 6.01 -7.23
CA ASP A 53 2.01 7.31 -7.87
C ASP A 53 1.20 7.41 -9.16
N LYS A 54 0.05 8.08 -9.06
CA LYS A 54 -0.83 8.27 -10.22
C LYS A 54 -1.04 9.74 -10.52
N ASN A 55 -0.01 10.54 -10.27
CA ASN A 55 -0.08 11.98 -10.51
C ASN A 55 0.95 12.42 -11.55
N ASN A 56 1.59 11.45 -12.20
CA ASN A 56 2.59 11.74 -13.21
C ASN A 56 3.73 12.57 -12.64
N ASP A 57 4.54 11.96 -11.78
CA ASP A 57 5.66 12.65 -11.15
C ASP A 57 6.74 11.65 -10.72
N GLY A 58 6.31 10.57 -10.06
CA GLY A 58 7.25 9.56 -9.61
C GLY A 58 7.37 9.52 -8.10
N ARG A 59 6.34 9.98 -7.40
CA ARG A 59 6.34 9.99 -5.95
C ARG A 59 4.93 9.85 -5.40
N ILE A 60 4.76 8.96 -4.43
CA ILE A 60 3.47 8.72 -3.81
C ILE A 60 3.49 9.11 -2.33
N ASP A 61 2.49 9.89 -1.91
CA ASP A 61 2.42 10.35 -0.52
C ASP A 61 1.20 9.80 0.21
N TYR A 62 1.24 9.89 1.54
CA TYR A 62 0.16 9.40 2.40
C TYR A 62 -1.21 9.53 1.74
N ASP A 63 -1.42 10.62 1.02
CA ASP A 63 -2.69 10.86 0.34
C ASP A 63 -2.98 9.75 -0.66
N GLU A 64 -2.14 9.68 -1.70
CA GLU A 64 -2.31 8.66 -2.73
C GLU A 64 -2.15 7.26 -2.14
N PHE A 65 -1.42 7.15 -1.04
CA PHE A 65 -1.21 5.88 -0.37
C PHE A 65 -2.53 5.23 0.00
N LEU A 66 -3.47 6.04 0.47
CA LEU A 66 -4.78 5.54 0.87
C LEU A 66 -5.52 4.94 -0.33
N GLU A 67 -5.07 5.29 -1.54
CA GLU A 67 -5.68 4.76 -2.76
C GLU A 67 -5.27 3.31 -2.98
N PHE A 68 -4.20 2.88 -2.31
CA PHE A 68 -3.72 1.51 -2.43
C PHE A 68 -4.70 0.53 -1.81
N MET A 69 -4.96 0.70 -0.52
CA MET A 69 -5.89 -0.17 0.20
C MET A 69 -7.26 -0.20 -0.48
N LYS A 70 -7.58 0.86 -1.20
CA LYS A 70 -8.87 0.96 -1.89
C LYS A 70 -9.15 -0.31 -2.69
N GLY A 71 -8.09 -0.97 -3.14
CA GLY A 71 -8.24 -2.19 -3.90
C GLY A 71 -8.70 -3.35 -3.03
N VAL A 72 -8.31 -3.32 -1.76
CA VAL A 72 -8.69 -4.36 -0.82
C VAL A 72 -10.20 -4.50 -0.73
N GLU A 73 -10.91 -3.40 -0.97
CA GLU A 73 -12.36 -3.40 -0.92
C GLU A 73 -12.94 -4.22 -2.08
N THR B 1 -4.35 -16.39 -8.88
CA THR B 1 -4.04 -14.94 -8.71
C THR B 1 -4.24 -14.17 -10.01
N GLN B 2 -4.76 -12.96 -9.90
CA GLN B 2 -4.99 -12.12 -11.07
C GLN B 2 -4.72 -10.65 -10.75
N LYS B 3 -5.42 -10.12 -9.74
CA LYS B 3 -5.26 -8.74 -9.34
C LYS B 3 -4.84 -8.64 -7.88
N ILE B 4 -3.76 -7.90 -7.63
CA ILE B 4 -3.26 -7.72 -6.27
C ILE B 4 -2.91 -9.07 -5.64
N PHE B 5 -2.14 -9.03 -4.55
CA PHE B 5 -1.73 -10.24 -3.86
C PHE B 5 -1.75 -10.03 -2.34
N ASP B 6 -0.58 -10.13 -1.69
CA ASP B 6 -0.51 -9.93 -0.25
C ASP B 6 -0.83 -8.49 0.13
N LEU B 7 -0.84 -7.61 -0.87
CA LEU B 7 -1.15 -6.20 -0.64
C LEU B 7 -2.54 -6.03 -0.04
N ARG B 8 -3.49 -6.83 -0.54
CA ARG B 8 -4.86 -6.77 -0.05
C ARG B 8 -4.94 -7.18 1.41
N GLY B 9 -4.29 -8.29 1.75
CA GLY B 9 -4.31 -8.78 3.11
C GLY B 9 -3.67 -7.81 4.08
N LYS B 10 -4.13 -7.83 5.33
CA LYS B 10 -3.60 -6.94 6.36
C LYS B 10 -3.90 -5.48 6.01
N PHE B 11 -5.02 -5.24 5.36
CA PHE B 11 -5.42 -3.90 4.96
C PHE B 11 -6.94 -3.74 5.05
N LYS B 12 -7.55 -4.45 5.99
CA LYS B 12 -9.00 -4.38 6.17
C LYS B 12 -9.34 -3.82 7.55
N ARG B 13 -10.56 -3.30 7.67
CA ARG B 13 -11.02 -2.73 8.93
C ARG B 13 -11.14 -3.80 10.01
N PRO B 14 -11.32 -3.38 11.28
CA PRO B 14 -11.45 -4.31 12.40
C PRO B 14 -12.74 -5.12 12.34
N THR B 15 -12.88 -6.07 13.25
CA THR B 15 -14.07 -6.92 13.30
C THR B 15 -14.31 -7.60 11.96
N LEU B 16 -13.96 -8.89 11.89
CA LEU B 16 -14.14 -9.65 10.66
C LEU B 16 -15.28 -10.66 10.81
N ARG B 17 -16.41 -10.36 10.19
CA ARG B 17 -17.58 -11.24 10.26
C ARG B 17 -18.05 -11.40 11.70
N ARG B 18 -18.95 -10.53 12.13
CA ARG B 18 -19.48 -10.59 13.49
C ARG B 18 -20.73 -9.72 13.62
N VAL B 19 -20.66 -8.51 13.06
CA VAL B 19 -21.78 -7.57 13.11
C VAL B 19 -22.24 -7.34 14.56
N ARG B 20 -23.17 -6.40 14.72
CA ARG B 20 -23.69 -6.08 16.05
C ARG B 20 -25.03 -6.77 16.28
N MET A 1 -18.28 5.55 9.45
CA MET A 1 -18.31 6.79 10.25
C MET A 1 -16.98 7.00 10.99
N LYS A 2 -16.64 6.05 11.86
CA LYS A 2 -15.40 6.13 12.62
C LYS A 2 -15.11 4.79 13.32
N GLY A 3 -13.88 4.32 13.18
CA GLY A 3 -13.50 3.07 13.80
C GLY A 3 -12.06 2.68 13.49
N LYS A 4 -11.79 2.40 12.23
CA LYS A 4 -10.43 2.02 11.81
C LYS A 4 -10.31 2.04 10.29
N SER A 5 -10.97 3.01 9.67
CA SER A 5 -10.93 3.14 8.21
C SER A 5 -9.58 3.70 7.75
N GLU A 6 -9.14 4.76 8.40
CA GLU A 6 -7.86 5.38 8.06
C GLU A 6 -6.75 4.94 9.02
N GLU A 7 -7.15 4.60 10.25
CA GLU A 7 -6.19 4.16 11.25
C GLU A 7 -5.43 2.92 10.78
N GLU A 8 -6.08 2.10 9.97
CA GLU A 8 -5.47 0.89 9.44
C GLU A 8 -4.22 1.22 8.64
N LEU A 9 -4.41 1.93 7.53
CA LEU A 9 -3.30 2.31 6.67
C LEU A 9 -2.38 3.30 7.38
N SER A 10 -2.92 4.01 8.37
CA SER A 10 -2.13 4.98 9.13
C SER A 10 -0.88 4.32 9.68
N ASP A 11 -1.05 3.14 10.28
CA ASP A 11 0.06 2.39 10.84
C ASP A 11 0.74 1.55 9.75
N LEU A 12 0.03 1.34 8.66
CA LEU A 12 0.55 0.54 7.55
C LEU A 12 1.64 1.31 6.79
N PHE A 13 1.49 2.63 6.70
CA PHE A 13 2.46 3.46 6.00
C PHE A 13 3.80 3.45 6.73
N ARG A 14 3.75 3.71 8.03
CA ARG A 14 4.97 3.72 8.86
C ARG A 14 5.68 2.37 8.80
N MET A 15 4.93 1.30 9.05
CA MET A 15 5.49 -0.05 9.05
C MET A 15 6.09 -0.37 7.67
N PHE A 16 5.52 0.23 6.64
CA PHE A 16 5.99 0.00 5.27
C PHE A 16 7.19 0.90 4.96
N ASP A 17 7.14 2.13 5.46
CA ASP A 17 8.22 3.09 5.23
C ASP A 17 9.40 2.81 6.16
N LYS A 18 10.05 1.67 5.94
CA LYS A 18 11.20 1.29 6.76
C LYS A 18 12.43 2.12 6.39
N ASN A 19 12.45 2.63 5.17
CA ASN A 19 13.57 3.44 4.69
C ASN A 19 13.60 4.79 5.41
N ALA A 20 12.44 5.22 5.90
CA ALA A 20 12.33 6.49 6.60
C ALA A 20 12.63 7.65 5.66
N ASP A 21 11.83 7.79 4.62
CA ASP A 21 12.01 8.87 3.65
C ASP A 21 10.79 9.79 3.62
N GLY A 22 9.60 9.18 3.67
CA GLY A 22 8.38 9.95 3.64
C GLY A 22 7.38 9.42 2.62
N TYR A 23 7.89 8.76 1.59
CA TYR A 23 7.04 8.21 0.53
C TYR A 23 7.54 6.84 0.11
N ILE A 24 6.90 6.24 -0.90
CA ILE A 24 7.31 4.93 -1.38
C ILE A 24 7.79 5.01 -2.82
N ASP A 25 8.99 4.50 -3.07
CA ASP A 25 9.58 4.50 -4.40
C ASP A 25 9.81 3.08 -4.91
N LEU A 26 10.56 2.96 -6.00
CA LEU A 26 10.85 1.65 -6.59
C LEU A 26 11.47 0.71 -5.56
N GLU A 27 12.62 1.11 -5.00
CA GLU A 27 13.31 0.30 -4.01
C GLU A 27 12.38 -0.06 -2.85
N GLU A 28 11.45 0.85 -2.54
CA GLU A 28 10.50 0.63 -1.46
C GLU A 28 9.38 -0.30 -1.91
N LEU A 29 8.98 -0.16 -3.17
CA LEU A 29 7.91 -1.01 -3.72
C LEU A 29 8.25 -2.48 -3.60
N LYS A 30 9.55 -2.78 -3.54
CA LYS A 30 10.01 -4.15 -3.42
C LYS A 30 9.68 -4.75 -2.05
N ILE A 31 9.18 -3.90 -1.14
CA ILE A 31 8.82 -4.35 0.20
C ILE A 31 7.51 -5.14 0.20
N MET A 32 6.54 -4.68 -0.58
CA MET A 32 5.25 -5.34 -0.65
C MET A 32 5.38 -6.78 -1.16
N LEU A 33 6.19 -6.96 -2.19
CA LEU A 33 6.41 -8.29 -2.76
C LEU A 33 7.17 -9.18 -1.78
N GLN A 34 8.01 -8.56 -0.97
CA GLN A 34 8.78 -9.30 0.03
C GLN A 34 7.85 -10.03 0.98
N ALA A 35 6.67 -9.44 1.20
CA ALA A 35 5.67 -10.03 2.08
C ALA A 35 5.11 -11.31 1.48
N THR A 36 5.17 -11.41 0.16
CA THR A 36 4.67 -12.58 -0.55
C THR A 36 5.79 -13.59 -0.79
N GLY A 37 6.88 -13.12 -1.36
CA GLY A 37 8.01 -14.00 -1.64
C GLY A 37 8.23 -14.20 -3.12
N GLU A 38 7.15 -14.11 -3.90
CA GLU A 38 7.22 -14.29 -5.34
C GLU A 38 7.95 -13.11 -5.99
N THR A 39 9.25 -13.27 -6.20
CA THR A 39 10.06 -12.23 -6.81
C THR A 39 9.61 -11.96 -8.25
N ILE A 40 8.60 -11.09 -8.40
CA ILE A 40 8.08 -10.75 -9.72
C ILE A 40 9.21 -10.44 -10.71
N THR A 41 9.68 -9.19 -10.69
CA THR A 41 10.75 -8.76 -11.58
C THR A 41 11.06 -7.28 -11.37
N GLU A 42 12.05 -6.77 -12.10
CA GLU A 42 12.45 -5.37 -11.98
C GLU A 42 11.56 -4.48 -12.85
N ASP A 43 10.51 -5.04 -13.43
CA ASP A 43 9.59 -4.29 -14.27
C ASP A 43 8.22 -4.19 -13.62
N ASP A 44 7.82 -5.23 -12.91
CA ASP A 44 6.53 -5.26 -12.24
C ASP A 44 6.46 -4.19 -11.15
N ILE A 45 7.61 -3.89 -10.56
CA ILE A 45 7.68 -2.88 -9.51
C ILE A 45 7.53 -1.48 -10.07
N GLU A 46 8.07 -1.25 -11.26
CA GLU A 46 7.99 0.05 -11.91
C GLU A 46 6.58 0.31 -12.44
N GLU A 47 5.89 -0.76 -12.82
CA GLU A 47 4.54 -0.64 -13.36
C GLU A 47 3.54 -0.32 -12.25
N LEU A 48 3.67 -1.02 -11.12
CA LEU A 48 2.79 -0.81 -9.98
C LEU A 48 2.86 0.63 -9.50
N MET A 49 4.08 1.15 -9.39
CA MET A 49 4.31 2.53 -8.93
C MET A 49 3.33 3.49 -9.59
N LYS A 50 2.92 3.19 -10.82
CA LYS A 50 1.99 4.03 -11.55
C LYS A 50 0.68 4.20 -10.78
N ASP A 51 0.33 3.18 -10.00
CA ASP A 51 -0.90 3.21 -9.21
C ASP A 51 -0.71 4.06 -7.95
N GLY A 52 0.31 3.73 -7.17
CA GLY A 52 0.57 4.47 -5.95
C GLY A 52 0.60 5.96 -6.17
N ASP A 53 1.62 6.44 -6.87
CA ASP A 53 1.77 7.86 -7.15
C ASP A 53 0.72 8.32 -8.16
N LYS A 54 0.88 7.89 -9.41
CA LYS A 54 -0.06 8.24 -10.47
C LYS A 54 -0.29 9.76 -10.54
N ASN A 55 0.72 10.53 -10.16
CA ASN A 55 0.63 11.98 -10.18
C ASN A 55 1.84 12.62 -10.85
N ASN A 56 2.66 11.80 -11.49
CA ASN A 56 3.86 12.30 -12.18
C ASN A 56 4.72 13.14 -11.24
N ASP A 57 4.86 12.69 -10.00
CA ASP A 57 5.66 13.40 -9.01
C ASP A 57 6.87 12.58 -8.59
N GLY A 58 6.71 11.26 -8.56
CA GLY A 58 7.80 10.39 -8.18
C GLY A 58 7.88 10.22 -6.66
N ARG A 59 6.75 10.36 -5.99
CA ARG A 59 6.70 10.22 -4.54
C ARG A 59 5.28 9.95 -4.07
N ILE A 60 5.09 8.80 -3.44
CA ILE A 60 3.78 8.42 -2.94
C ILE A 60 3.79 8.29 -1.42
N ASP A 61 2.93 9.04 -0.74
CA ASP A 61 2.88 8.99 0.72
C ASP A 61 1.49 9.33 1.26
N TYR A 62 1.05 8.53 2.21
CA TYR A 62 -0.26 8.71 2.87
C TYR A 62 -1.37 9.08 1.89
N ASP A 63 -1.51 10.37 1.59
CA ASP A 63 -2.54 10.87 0.69
C ASP A 63 -2.81 9.89 -0.46
N GLU A 64 -1.77 9.54 -1.19
CA GLU A 64 -1.89 8.62 -2.30
C GLU A 64 -1.83 7.17 -1.82
N PHE A 65 -1.18 6.96 -0.67
CA PHE A 65 -1.06 5.63 -0.09
C PHE A 65 -2.43 5.03 0.21
N LEU A 66 -3.27 5.81 0.88
CA LEU A 66 -4.60 5.37 1.25
C LEU A 66 -5.41 4.99 0.00
N GLU A 67 -4.98 5.48 -1.16
CA GLU A 67 -5.66 5.18 -2.42
C GLU A 67 -5.32 3.75 -2.87
N PHE A 68 -4.18 3.25 -2.43
CA PHE A 68 -3.74 1.90 -2.79
C PHE A 68 -4.81 0.87 -2.41
N MET A 69 -5.13 0.82 -1.12
CA MET A 69 -6.14 -0.11 -0.63
C MET A 69 -7.51 0.21 -1.21
N LYS A 70 -7.77 1.50 -1.38
CA LYS A 70 -9.05 1.96 -1.94
C LYS A 70 -9.44 1.14 -3.17
N GLY A 71 -8.44 0.62 -3.88
CA GLY A 71 -8.72 -0.18 -5.06
C GLY A 71 -9.32 -1.52 -4.73
N VAL A 72 -9.01 -2.04 -3.54
CA VAL A 72 -9.53 -3.33 -3.10
C VAL A 72 -11.05 -3.36 -3.20
N GLU A 73 -11.68 -2.21 -3.01
CA GLU A 73 -13.13 -2.12 -3.08
C GLU A 73 -13.60 -1.91 -4.51
N THR B 1 -4.92 -10.84 -14.62
CA THR B 1 -4.31 -10.45 -13.34
C THR B 1 -3.95 -8.95 -13.33
N GLN B 2 -3.87 -8.38 -12.13
CA GLN B 2 -3.53 -6.97 -11.99
C GLN B 2 -2.37 -6.78 -11.04
N LYS B 3 -1.49 -7.78 -10.97
CA LYS B 3 -0.33 -7.72 -10.09
C LYS B 3 -0.75 -7.54 -8.63
N ILE B 4 -1.88 -8.13 -8.26
CA ILE B 4 -2.38 -8.02 -6.90
C ILE B 4 -1.92 -9.20 -6.05
N PHE B 5 -1.46 -8.90 -4.83
CA PHE B 5 -1.00 -9.94 -3.92
C PHE B 5 -1.23 -9.52 -2.46
N ASP B 6 -0.16 -9.24 -1.73
CA ASP B 6 -0.28 -8.82 -0.33
C ASP B 6 -0.59 -7.33 -0.25
N LEU B 7 -1.30 -6.84 -1.26
CA LEU B 7 -1.67 -5.43 -1.32
C LEU B 7 -3.19 -5.27 -1.19
N ARG B 8 -3.91 -6.19 -1.84
CA ARG B 8 -5.37 -6.16 -1.81
C ARG B 8 -5.92 -7.04 -0.72
N GLY B 9 -5.66 -8.35 -0.82
CA GLY B 9 -6.15 -9.27 0.19
C GLY B 9 -5.61 -8.95 1.57
N LYS B 10 -6.50 -8.98 2.56
CA LYS B 10 -6.13 -8.67 3.94
C LYS B 10 -6.03 -7.16 4.14
N PHE B 11 -6.70 -6.41 3.27
CA PHE B 11 -6.70 -4.95 3.34
C PHE B 11 -8.11 -4.41 3.16
N LYS B 12 -9.10 -5.23 3.56
CA LYS B 12 -10.50 -4.85 3.43
C LYS B 12 -11.35 -5.59 4.46
N ARG B 13 -12.14 -4.84 5.23
CA ARG B 13 -13.00 -5.43 6.25
C ARG B 13 -14.01 -4.42 6.77
N PRO B 14 -15.26 -4.84 7.00
CA PRO B 14 -16.31 -3.98 7.50
C PRO B 14 -16.31 -3.87 9.02
N THR B 15 -15.42 -3.04 9.55
CA THR B 15 -15.32 -2.85 11.00
C THR B 15 -15.40 -1.37 11.37
N LEU B 16 -16.07 -1.08 12.48
CA LEU B 16 -16.22 0.29 12.95
C LEU B 16 -16.23 0.35 14.47
N ARG B 17 -17.02 -0.53 15.08
CA ARG B 17 -17.11 -0.57 16.54
C ARG B 17 -16.88 -1.99 17.06
N ARG B 18 -16.28 -2.10 18.23
CA ARG B 18 -16.01 -3.41 18.83
C ARG B 18 -16.50 -3.45 20.28
N VAL B 19 -17.27 -4.49 20.59
CA VAL B 19 -17.81 -4.66 21.93
C VAL B 19 -16.72 -4.51 23.00
N ARG B 20 -17.15 -4.34 24.25
CA ARG B 20 -16.22 -4.18 25.36
C ARG B 20 -16.03 -5.50 26.10
N MET A 1 -9.33 16.92 7.95
CA MET A 1 -9.91 15.56 8.07
C MET A 1 -9.50 14.90 9.39
N LYS A 2 -10.46 14.73 10.29
CA LYS A 2 -10.19 14.10 11.58
C LYS A 2 -9.68 12.67 11.39
N GLY A 3 -10.19 11.99 10.37
CA GLY A 3 -9.78 10.63 10.11
C GLY A 3 -10.87 9.82 9.45
N LYS A 4 -11.19 8.66 10.03
CA LYS A 4 -12.22 7.78 9.48
C LYS A 4 -11.85 7.34 8.08
N SER A 5 -11.40 6.08 7.96
CA SER A 5 -11.01 5.52 6.67
C SER A 5 -9.74 6.17 6.14
N GLU A 6 -9.08 6.97 6.98
CA GLU A 6 -7.84 7.65 6.58
C GLU A 6 -6.70 7.28 7.51
N GLU A 7 -7.03 6.94 8.76
CA GLU A 7 -6.03 6.56 9.74
C GLU A 7 -5.42 5.21 9.40
N GLU A 8 -6.20 4.36 8.73
CA GLU A 8 -5.73 3.03 8.36
C GLU A 8 -4.48 3.13 7.48
N LEU A 9 -4.50 4.05 6.53
CA LEU A 9 -3.37 4.25 5.63
C LEU A 9 -2.29 5.11 6.28
N SER A 10 -2.73 6.07 7.09
CA SER A 10 -1.80 6.96 7.79
C SER A 10 -0.75 6.16 8.55
N ASP A 11 -1.19 5.10 9.21
CA ASP A 11 -0.30 4.25 9.98
C ASP A 11 0.41 3.26 9.05
N LEU A 12 -0.26 2.90 7.95
CA LEU A 12 0.31 1.97 6.99
C LEU A 12 1.24 2.68 6.01
N PHE A 13 1.36 4.01 6.15
CA PHE A 13 2.24 4.78 5.28
C PHE A 13 3.63 4.91 5.88
N ARG A 14 3.69 5.38 7.12
CA ARG A 14 4.96 5.56 7.82
C ARG A 14 5.73 4.24 7.90
N MET A 15 5.09 3.23 8.48
CA MET A 15 5.72 1.92 8.63
C MET A 15 6.16 1.35 7.29
N PHE A 16 5.56 1.85 6.21
CA PHE A 16 5.91 1.40 4.87
C PHE A 16 7.09 2.17 4.31
N ASP A 17 7.12 3.47 4.56
CA ASP A 17 8.22 4.32 4.08
C ASP A 17 9.53 3.97 4.77
N LYS A 18 9.66 4.37 6.03
CA LYS A 18 10.88 4.09 6.80
C LYS A 18 12.07 4.87 6.26
N ASN A 19 11.83 5.78 5.32
CA ASN A 19 12.90 6.57 4.72
C ASN A 19 12.92 7.99 5.30
N ALA A 20 11.96 8.30 6.17
CA ALA A 20 11.89 9.62 6.78
C ALA A 20 11.65 10.71 5.74
N ASP A 21 10.96 10.34 4.65
CA ASP A 21 10.66 11.28 3.58
C ASP A 21 9.16 11.48 3.44
N GLY A 22 8.42 10.38 3.44
CA GLY A 22 6.97 10.46 3.32
C GLY A 22 6.48 10.10 1.93
N TYR A 23 7.31 9.40 1.16
CA TYR A 23 6.94 8.99 -0.20
C TYR A 23 7.44 7.58 -0.49
N ILE A 24 6.81 6.92 -1.46
CA ILE A 24 7.21 5.57 -1.83
C ILE A 24 7.71 5.51 -3.26
N ASP A 25 8.86 4.86 -3.46
CA ASP A 25 9.44 4.74 -4.79
C ASP A 25 9.53 3.28 -5.21
N LEU A 26 10.02 3.05 -6.43
CA LEU A 26 10.14 1.69 -6.96
C LEU A 26 10.88 0.78 -5.98
N GLU A 27 11.81 1.35 -5.22
CA GLU A 27 12.58 0.59 -4.25
C GLU A 27 11.70 0.16 -3.08
N GLU A 28 10.88 1.08 -2.59
CA GLU A 28 9.99 0.78 -1.47
C GLU A 28 8.88 -0.16 -1.91
N LEU A 29 8.58 -0.17 -3.21
CA LEU A 29 7.54 -1.03 -3.76
C LEU A 29 7.82 -2.49 -3.42
N LYS A 30 9.08 -2.80 -3.11
CA LYS A 30 9.48 -4.15 -2.77
C LYS A 30 9.04 -4.50 -1.35
N ILE A 31 8.85 -3.48 -0.52
CA ILE A 31 8.43 -3.68 0.86
C ILE A 31 7.10 -4.45 0.92
N MET A 32 6.07 -3.89 0.31
CA MET A 32 4.74 -4.51 0.29
C MET A 32 4.83 -6.01 0.02
N LEU A 33 5.72 -6.41 -0.88
CA LEU A 33 5.89 -7.81 -1.22
C LEU A 33 6.26 -8.64 -0.01
N GLN A 34 7.18 -8.11 0.81
CA GLN A 34 7.61 -8.81 2.01
C GLN A 34 6.42 -9.18 2.88
N ALA A 35 5.34 -8.41 2.76
CA ALA A 35 4.13 -8.65 3.52
C ALA A 35 3.44 -9.94 3.08
N THR A 36 3.50 -10.22 1.79
CA THR A 36 2.89 -11.43 1.24
C THR A 36 3.88 -12.57 1.18
N GLY A 37 5.10 -12.27 0.74
CA GLY A 37 6.13 -13.29 0.64
C GLY A 37 6.41 -13.69 -0.80
N GLU A 38 5.40 -13.61 -1.65
CA GLU A 38 5.55 -13.97 -3.06
C GLU A 38 6.64 -13.13 -3.72
N THR A 39 7.73 -13.78 -4.09
CA THR A 39 8.83 -13.08 -4.74
C THR A 39 8.45 -12.62 -6.14
N ILE A 40 8.20 -11.33 -6.25
CA ILE A 40 7.81 -10.73 -7.52
C ILE A 40 9.02 -10.23 -8.31
N THR A 41 8.86 -10.16 -9.61
CA THR A 41 9.92 -9.70 -10.50
C THR A 41 9.99 -8.18 -10.52
N GLU A 42 11.14 -7.65 -10.93
CA GLU A 42 11.34 -6.21 -10.99
C GLU A 42 10.28 -5.56 -11.88
N ASP A 43 9.70 -6.35 -12.78
CA ASP A 43 8.67 -5.85 -13.69
C ASP A 43 7.38 -5.56 -12.94
N ASP A 44 6.94 -6.51 -12.13
CA ASP A 44 5.71 -6.34 -11.37
C ASP A 44 5.84 -5.20 -10.36
N ILE A 45 7.06 -4.97 -9.90
CA ILE A 45 7.32 -3.90 -8.94
C ILE A 45 7.40 -2.55 -9.64
N GLU A 46 8.05 -2.53 -10.80
CA GLU A 46 8.20 -1.29 -11.58
C GLU A 46 6.88 -0.88 -12.22
N GLU A 47 6.07 -1.88 -12.57
CA GLU A 47 4.78 -1.61 -13.20
C GLU A 47 3.74 -1.20 -12.17
N LEU A 48 3.92 -1.68 -10.93
CA LEU A 48 2.99 -1.36 -9.86
C LEU A 48 3.11 0.10 -9.44
N MET A 49 4.34 0.55 -9.21
CA MET A 49 4.60 1.93 -8.81
C MET A 49 3.80 2.92 -9.63
N LYS A 50 3.53 2.56 -10.89
CA LYS A 50 2.76 3.41 -11.79
C LYS A 50 1.41 3.77 -11.18
N ASP A 51 0.91 2.90 -10.30
CA ASP A 51 -0.37 3.13 -9.65
C ASP A 51 -0.24 4.16 -8.53
N GLY A 52 0.73 3.95 -7.66
CA GLY A 52 0.95 4.87 -6.55
C GLY A 52 1.12 6.30 -7.02
N ASP A 53 2.19 6.56 -7.75
CA ASP A 53 2.47 7.91 -8.25
C ASP A 53 1.72 8.15 -9.56
N LYS A 54 0.44 8.52 -9.45
CA LYS A 54 -0.38 8.79 -10.63
C LYS A 54 -0.43 10.28 -10.92
N ASN A 55 0.61 11.01 -10.51
CA ASN A 55 0.67 12.45 -10.73
C ASN A 55 1.76 12.81 -11.74
N ASN A 56 2.68 11.86 -11.98
CA ASN A 56 3.77 12.08 -12.92
C ASN A 56 4.71 13.17 -12.42
N ASP A 57 5.18 13.00 -11.18
CA ASP A 57 6.09 13.95 -10.57
C ASP A 57 7.45 13.31 -10.30
N GLY A 58 7.43 12.09 -9.76
CA GLY A 58 8.66 11.39 -9.46
C GLY A 58 8.48 10.34 -8.38
N ARG A 59 7.50 10.55 -7.52
CA ARG A 59 7.24 9.61 -6.43
C ARG A 59 5.80 9.71 -5.95
N ILE A 60 5.46 8.91 -4.95
CA ILE A 60 4.11 8.91 -4.39
C ILE A 60 4.13 9.35 -2.93
N ASP A 61 3.25 10.29 -2.60
CA ASP A 61 3.18 10.81 -1.23
C ASP A 61 1.84 10.48 -0.57
N TYR A 62 1.75 10.73 0.73
CA TYR A 62 0.53 10.45 1.48
C TYR A 62 -0.69 11.08 0.82
N ASP A 63 -1.30 10.33 -0.09
CA ASP A 63 -2.48 10.80 -0.82
C ASP A 63 -2.90 9.77 -1.86
N GLU A 64 -2.06 9.60 -2.89
CA GLU A 64 -2.33 8.63 -3.93
C GLU A 64 -2.21 7.21 -3.37
N PHE A 65 -1.41 7.08 -2.31
CA PHE A 65 -1.22 5.80 -1.65
C PHE A 65 -2.55 5.26 -1.15
N LEU A 66 -3.41 6.15 -0.69
CA LEU A 66 -4.71 5.77 -0.18
C LEU A 66 -5.53 5.06 -1.25
N GLU A 67 -5.16 5.27 -2.51
CA GLU A 67 -5.84 4.63 -3.63
C GLU A 67 -5.52 3.14 -3.67
N PHE A 68 -4.31 2.79 -3.25
CA PHE A 68 -3.86 1.41 -3.23
C PHE A 68 -4.84 0.53 -2.46
N MET A 69 -4.97 0.80 -1.18
CA MET A 69 -5.87 0.05 -0.30
C MET A 69 -7.32 0.31 -0.68
N LYS A 70 -7.60 1.52 -1.14
CA LYS A 70 -8.95 1.90 -1.54
C LYS A 70 -9.55 0.84 -2.45
N GLY A 71 -8.68 0.15 -3.20
CA GLY A 71 -9.14 -0.89 -4.11
C GLY A 71 -9.73 -2.08 -3.36
N VAL A 72 -9.26 -2.29 -2.13
CA VAL A 72 -9.74 -3.39 -1.30
C VAL A 72 -11.27 -3.50 -1.36
N GLU A 73 -11.93 -2.35 -1.43
CA GLU A 73 -13.39 -2.31 -1.48
C GLU A 73 -13.90 -2.80 -2.85
N THR B 1 -3.31 -6.68 -13.40
CA THR B 1 -3.31 -7.78 -12.41
C THR B 1 -1.92 -8.01 -11.83
N GLN B 2 -1.86 -8.80 -10.76
CA GLN B 2 -0.59 -9.11 -10.12
C GLN B 2 0.06 -7.84 -9.55
N LYS B 3 -0.77 -6.95 -9.00
CA LYS B 3 -0.28 -5.70 -8.44
C LYS B 3 -0.53 -5.66 -6.93
N ILE B 4 -1.70 -6.11 -6.51
CA ILE B 4 -2.06 -6.12 -5.11
C ILE B 4 -1.89 -7.52 -4.50
N PHE B 5 -1.55 -7.56 -3.22
CA PHE B 5 -1.36 -8.83 -2.53
C PHE B 5 -1.64 -8.67 -1.03
N ASP B 6 -0.59 -8.52 -0.23
CA ASP B 6 -0.75 -8.35 1.21
C ASP B 6 -1.26 -6.95 1.54
N LEU B 7 -1.03 -6.03 0.60
CA LEU B 7 -1.47 -4.65 0.75
C LEU B 7 -2.97 -4.58 1.04
N ARG B 8 -3.74 -5.23 0.20
CA ARG B 8 -5.20 -5.26 0.36
C ARG B 8 -5.58 -6.05 1.59
N GLY B 9 -4.98 -7.23 1.74
CA GLY B 9 -5.27 -8.07 2.89
C GLY B 9 -5.15 -7.32 4.19
N LYS B 10 -5.54 -7.95 5.30
CA LYS B 10 -5.48 -7.32 6.61
C LYS B 10 -6.52 -6.21 6.72
N PHE B 11 -6.36 -5.20 5.87
CA PHE B 11 -7.26 -4.06 5.82
C PHE B 11 -8.72 -4.48 5.96
N LYS B 12 -9.05 -5.65 5.41
CA LYS B 12 -10.40 -6.18 5.47
C LYS B 12 -10.63 -6.96 6.76
N ARG B 13 -11.86 -6.92 7.26
CA ARG B 13 -12.20 -7.62 8.49
C ARG B 13 -13.69 -7.96 8.51
N PRO B 14 -14.04 -9.22 8.86
CA PRO B 14 -15.44 -9.66 8.92
C PRO B 14 -16.28 -8.81 9.87
N THR B 15 -17.43 -9.34 10.27
CA THR B 15 -18.32 -8.62 11.18
C THR B 15 -18.09 -9.06 12.62
N LEU B 16 -18.09 -10.36 12.85
CA LEU B 16 -17.88 -10.91 14.19
C LEU B 16 -16.90 -12.09 14.14
N ARG B 17 -16.05 -12.16 15.16
CA ARG B 17 -15.06 -13.24 15.24
C ARG B 17 -15.42 -14.22 16.36
N ARG B 18 -14.87 -15.42 16.28
CA ARG B 18 -15.12 -16.45 17.28
C ARG B 18 -16.61 -16.79 17.35
N VAL B 19 -16.94 -17.84 18.10
CA VAL B 19 -18.33 -18.27 18.24
C VAL B 19 -18.58 -18.86 19.62
N ARG B 20 -17.69 -19.77 20.03
CA ARG B 20 -17.81 -20.42 21.33
C ARG B 20 -17.81 -19.38 22.46
N MET A 1 -15.82 4.35 17.70
CA MET A 1 -16.42 3.22 16.95
C MET A 1 -17.03 3.71 15.63
N LYS A 2 -17.51 4.95 15.63
CA LYS A 2 -18.11 5.54 14.44
C LYS A 2 -17.06 6.19 13.56
N GLY A 3 -16.40 5.39 12.73
CA GLY A 3 -15.38 5.93 11.85
C GLY A 3 -14.14 5.05 11.80
N LYS A 4 -14.01 4.28 10.72
CA LYS A 4 -12.87 3.39 10.55
C LYS A 4 -12.70 2.99 9.10
N SER A 5 -11.56 3.34 8.52
CA SER A 5 -11.27 3.01 7.12
C SER A 5 -9.87 3.47 6.73
N GLU A 6 -9.48 4.65 7.21
CA GLU A 6 -8.16 5.19 6.91
C GLU A 6 -7.15 4.78 7.98
N GLU A 7 -7.65 4.45 9.17
CA GLU A 7 -6.78 4.05 10.28
C GLU A 7 -5.89 2.87 9.87
N GLU A 8 -6.44 1.98 9.05
CA GLU A 8 -5.68 0.81 8.58
C GLU A 8 -4.42 1.23 7.86
N LEU A 9 -4.56 2.15 6.90
CA LEU A 9 -3.42 2.64 6.13
C LEU A 9 -2.55 3.55 6.98
N SER A 10 -3.18 4.24 7.92
CA SER A 10 -2.47 5.16 8.81
C SER A 10 -1.24 4.47 9.40
N ASP A 11 -1.46 3.32 10.03
CA ASP A 11 -0.37 2.56 10.62
C ASP A 11 0.37 1.76 9.55
N LEU A 12 -0.29 1.58 8.40
CA LEU A 12 0.31 0.84 7.29
C LEU A 12 1.51 1.60 6.71
N PHE A 13 1.33 2.90 6.44
CA PHE A 13 2.40 3.71 5.88
C PHE A 13 3.63 3.69 6.80
N ARG A 14 3.41 3.97 8.08
CA ARG A 14 4.49 3.99 9.05
C ARG A 14 5.21 2.65 9.11
N MET A 15 4.45 1.57 8.92
CA MET A 15 5.02 0.23 8.95
C MET A 15 5.54 -0.19 7.58
N PHE A 16 5.10 0.50 6.53
CA PHE A 16 5.52 0.20 5.17
C PHE A 16 6.76 1.00 4.79
N ASP A 17 6.71 2.31 5.03
CA ASP A 17 7.84 3.19 4.70
C ASP A 17 9.10 2.73 5.41
N LYS A 18 9.19 3.00 6.71
CA LYS A 18 10.36 2.60 7.50
C LYS A 18 11.61 3.37 7.06
N ASN A 19 11.44 4.36 6.19
CA ASN A 19 12.55 5.16 5.70
C ASN A 19 12.60 6.53 6.38
N ALA A 20 11.54 6.87 7.10
CA ALA A 20 11.47 8.15 7.79
C ALA A 20 11.48 9.31 6.81
N ASP A 21 10.84 9.11 5.66
CA ASP A 21 10.77 10.15 4.63
C ASP A 21 9.33 10.59 4.40
N GLY A 22 8.42 9.62 4.31
CA GLY A 22 7.03 9.93 4.10
C GLY A 22 6.53 9.55 2.71
N TYR A 23 7.39 8.89 1.93
CA TYR A 23 7.03 8.48 0.58
C TYR A 23 7.61 7.10 0.27
N ILE A 24 7.06 6.44 -0.75
CA ILE A 24 7.54 5.12 -1.14
C ILE A 24 8.13 5.13 -2.54
N ASP A 25 9.21 4.37 -2.74
CA ASP A 25 9.86 4.29 -4.03
C ASP A 25 9.95 2.84 -4.51
N LEU A 26 10.74 2.61 -5.56
CA LEU A 26 10.91 1.27 -6.10
C LEU A 26 11.51 0.34 -5.06
N GLU A 27 12.32 0.89 -4.17
CA GLU A 27 12.96 0.10 -3.12
C GLU A 27 11.94 -0.40 -2.11
N GLU A 28 11.20 0.54 -1.50
CA GLU A 28 10.19 0.18 -0.52
C GLU A 28 9.09 -0.70 -1.14
N LEU A 29 8.80 -0.45 -2.41
CA LEU A 29 7.78 -1.22 -3.12
C LEU A 29 8.05 -2.72 -3.00
N LYS A 30 9.31 -3.07 -2.80
CA LYS A 30 9.71 -4.47 -2.67
C LYS A 30 9.13 -5.08 -1.38
N ILE A 31 8.79 -4.21 -0.44
CA ILE A 31 8.24 -4.66 0.84
C ILE A 31 6.95 -5.46 0.64
N MET A 32 5.96 -4.85 0.01
CA MET A 32 4.68 -5.51 -0.24
C MET A 32 4.88 -6.82 -0.99
N LEU A 33 5.89 -6.87 -1.85
CA LEU A 33 6.19 -8.07 -2.63
C LEU A 33 6.47 -9.25 -1.71
N GLN A 34 7.22 -9.00 -0.64
CA GLN A 34 7.56 -10.05 0.32
C GLN A 34 6.31 -10.79 0.79
N ALA A 35 5.17 -10.12 0.73
CA ALA A 35 3.91 -10.71 1.16
C ALA A 35 3.44 -11.80 0.18
N THR A 36 3.89 -11.71 -1.06
CA THR A 36 3.52 -12.69 -2.08
C THR A 36 4.66 -13.66 -2.38
N GLY A 37 5.88 -13.13 -2.43
CA GLY A 37 7.03 -13.97 -2.70
C GLY A 37 6.96 -14.65 -4.06
N GLU A 38 6.27 -14.03 -5.01
CA GLU A 38 6.14 -14.59 -6.35
C GLU A 38 7.04 -13.85 -7.32
N THR A 39 8.27 -13.58 -6.90
CA THR A 39 9.23 -12.87 -7.74
C THR A 39 8.71 -11.47 -8.07
N ILE A 40 8.21 -11.27 -9.30
CA ILE A 40 7.68 -9.97 -9.73
C ILE A 40 8.51 -8.81 -9.21
N THR A 41 9.80 -9.04 -9.02
CA THR A 41 10.69 -8.01 -8.51
C THR A 41 11.37 -7.25 -9.64
N GLU A 42 11.53 -5.95 -9.44
CA GLU A 42 12.15 -5.08 -10.44
C GLU A 42 11.24 -4.91 -11.65
N ASP A 43 10.94 -6.02 -12.33
CA ASP A 43 10.08 -5.99 -13.51
C ASP A 43 8.69 -5.46 -13.17
N ASP A 44 8.01 -6.12 -12.23
CA ASP A 44 6.68 -5.72 -11.82
C ASP A 44 6.73 -4.51 -10.88
N ILE A 45 7.70 -4.50 -9.98
CA ILE A 45 7.87 -3.42 -9.03
C ILE A 45 8.00 -2.07 -9.75
N GLU A 46 8.58 -2.09 -10.94
CA GLU A 46 8.77 -0.89 -11.72
C GLU A 46 7.47 -0.45 -12.37
N GLU A 47 6.61 -1.42 -12.66
CA GLU A 47 5.31 -1.13 -13.29
C GLU A 47 4.26 -0.78 -12.24
N LEU A 48 4.29 -1.49 -11.11
CA LEU A 48 3.33 -1.24 -10.04
C LEU A 48 3.49 0.17 -9.48
N MET A 49 4.74 0.54 -9.18
CA MET A 49 5.04 1.86 -8.63
C MET A 49 4.26 2.96 -9.35
N LYS A 50 3.98 2.75 -10.63
CA LYS A 50 3.23 3.72 -11.43
C LYS A 50 1.90 4.04 -10.76
N ASP A 51 1.34 3.06 -10.06
CA ASP A 51 0.07 3.23 -9.36
C ASP A 51 0.22 4.19 -8.18
N GLY A 52 1.21 3.91 -7.33
CA GLY A 52 1.44 4.75 -6.18
C GLY A 52 1.70 6.20 -6.58
N ASP A 53 2.81 6.43 -7.25
CA ASP A 53 3.16 7.78 -7.69
C ASP A 53 2.47 8.12 -9.01
N LYS A 54 1.34 8.80 -8.90
CA LYS A 54 0.58 9.19 -10.09
C LYS A 54 0.49 10.71 -10.21
N ASN A 55 1.55 11.39 -9.77
CA ASN A 55 1.58 12.84 -9.82
C ASN A 55 2.68 13.32 -10.77
N ASN A 56 3.33 12.40 -11.47
CA ASN A 56 4.39 12.74 -12.40
C ASN A 56 5.54 13.44 -11.69
N ASP A 57 5.90 12.94 -10.52
CA ASP A 57 6.99 13.53 -9.74
C ASP A 57 8.09 12.51 -9.51
N GLY A 58 7.72 11.28 -9.19
CA GLY A 58 8.69 10.22 -8.97
C GLY A 58 8.66 9.70 -7.54
N ARG A 59 7.58 10.00 -6.81
CA ARG A 59 7.45 9.55 -5.44
C ARG A 59 5.98 9.49 -5.03
N ILE A 60 5.67 8.58 -4.11
CA ILE A 60 4.29 8.41 -3.63
C ILE A 60 4.20 8.76 -2.16
N ASP A 61 3.23 9.62 -1.81
CA ASP A 61 3.05 10.04 -0.42
C ASP A 61 1.71 9.58 0.15
N TYR A 62 1.60 9.69 1.47
CA TYR A 62 0.38 9.29 2.20
C TYR A 62 -0.88 9.41 1.34
N ASP A 63 -1.11 10.59 0.78
CA ASP A 63 -2.29 10.83 -0.05
C ASP A 63 -2.49 9.72 -1.08
N GLU A 64 -1.49 9.55 -1.94
CA GLU A 64 -1.56 8.53 -2.99
C GLU A 64 -1.49 7.13 -2.40
N PHE A 65 -0.87 7.00 -1.23
CA PHE A 65 -0.75 5.70 -0.57
C PHE A 65 -2.12 5.09 -0.30
N LEU A 66 -2.98 5.87 0.35
CA LEU A 66 -4.33 5.40 0.67
C LEU A 66 -5.09 5.01 -0.59
N GLU A 67 -4.62 5.50 -1.74
CA GLU A 67 -5.27 5.18 -3.02
C GLU A 67 -5.03 3.72 -3.40
N PHE A 68 -3.91 3.16 -2.93
CA PHE A 68 -3.56 1.78 -3.22
C PHE A 68 -4.67 0.81 -2.78
N MET A 69 -4.98 0.85 -1.49
CA MET A 69 -6.02 -0.02 -0.94
C MET A 69 -7.41 0.51 -1.25
N LYS A 70 -7.51 1.84 -1.35
CA LYS A 70 -8.79 2.48 -1.64
C LYS A 70 -9.52 1.77 -2.78
N GLY A 71 -8.76 1.17 -3.68
CA GLY A 71 -9.35 0.45 -4.80
C GLY A 71 -9.93 -0.88 -4.38
N VAL A 72 -9.35 -1.48 -3.33
CA VAL A 72 -9.81 -2.76 -2.82
C VAL A 72 -11.34 -2.81 -2.71
N GLU A 73 -11.93 -1.66 -2.41
CA GLU A 73 -13.39 -1.57 -2.27
C GLU A 73 -14.00 -0.88 -3.48
N THR B 1 -4.99 -8.07 -17.17
CA THR B 1 -5.75 -7.70 -15.95
C THR B 1 -4.99 -8.11 -14.68
N GLN B 2 -4.24 -9.20 -14.78
CA GLN B 2 -3.47 -9.69 -13.65
C GLN B 2 -2.45 -8.64 -13.18
N LYS B 3 -2.60 -8.21 -11.94
CA LYS B 3 -1.70 -7.20 -11.37
C LYS B 3 -1.85 -7.15 -9.85
N ILE B 4 -3.09 -7.16 -9.38
CA ILE B 4 -3.36 -7.11 -7.95
C ILE B 4 -3.36 -8.50 -7.34
N PHE B 5 -2.80 -8.61 -6.13
CA PHE B 5 -2.75 -9.89 -5.44
C PHE B 5 -2.93 -9.69 -3.93
N ASP B 6 -1.88 -9.93 -3.14
CA ASP B 6 -1.96 -9.76 -1.69
C ASP B 6 -2.05 -8.28 -1.33
N LEU B 7 -1.80 -7.41 -2.30
CA LEU B 7 -1.84 -5.97 -2.09
C LEU B 7 -3.26 -5.52 -1.74
N ARG B 8 -4.23 -6.08 -2.45
CA ARG B 8 -5.63 -5.75 -2.23
C ARG B 8 -6.20 -6.52 -1.04
N GLY B 9 -5.93 -7.83 -1.02
CA GLY B 9 -6.42 -8.65 0.07
C GLY B 9 -5.94 -8.18 1.42
N LYS B 10 -6.78 -8.35 2.43
CA LYS B 10 -6.44 -7.92 3.79
C LYS B 10 -6.29 -6.40 3.87
N PHE B 11 -7.01 -5.70 3.00
CA PHE B 11 -6.97 -4.25 2.95
C PHE B 11 -8.32 -3.67 2.57
N LYS B 12 -9.39 -4.39 2.94
CA LYS B 12 -10.75 -3.95 2.62
C LYS B 12 -11.36 -3.19 3.80
N ARG B 13 -11.16 -3.72 5.00
CA ARG B 13 -11.69 -3.10 6.21
C ARG B 13 -10.78 -3.35 7.40
N PRO B 14 -10.80 -2.45 8.39
CA PRO B 14 -9.97 -2.57 9.58
C PRO B 14 -10.59 -3.49 10.63
N THR B 15 -11.92 -3.49 10.71
CA THR B 15 -12.63 -4.32 11.68
C THR B 15 -12.29 -3.92 13.11
N LEU B 16 -13.29 -3.92 13.97
CA LEU B 16 -13.10 -3.55 15.38
C LEU B 16 -13.40 -4.73 16.29
N ARG B 17 -12.96 -4.64 17.54
CA ARG B 17 -13.18 -5.70 18.51
C ARG B 17 -13.40 -5.13 19.90
N ARG B 18 -13.98 -3.93 19.97
CA ARG B 18 -14.24 -3.27 21.24
C ARG B 18 -15.39 -3.95 21.97
N VAL B 19 -16.60 -3.77 21.44
CA VAL B 19 -17.79 -4.37 22.05
C VAL B 19 -17.58 -5.85 22.37
N ARG B 20 -17.93 -6.24 23.58
CA ARG B 20 -17.78 -7.63 24.01
C ARG B 20 -18.77 -7.97 25.12
N MET A 1 -9.50 -1.68 15.84
CA MET A 1 -8.70 -1.27 17.02
C MET A 1 -8.14 0.14 16.84
N LYS A 2 -7.12 0.26 15.99
CA LYS A 2 -6.49 1.55 15.72
C LYS A 2 -6.62 1.93 14.25
N GLY A 3 -7.45 2.93 13.97
CA GLY A 3 -7.65 3.36 12.60
C GLY A 3 -9.08 3.77 12.32
N LYS A 4 -9.25 4.85 11.57
CA LYS A 4 -10.58 5.34 11.23
C LYS A 4 -10.62 5.86 9.79
N SER A 5 -10.65 4.94 8.84
CA SER A 5 -10.69 5.29 7.42
C SER A 5 -9.37 5.94 6.99
N GLU A 6 -9.15 7.18 7.44
CA GLU A 6 -7.95 7.92 7.10
C GLU A 6 -6.86 7.68 8.14
N GLU A 7 -7.24 7.68 9.41
CA GLU A 7 -6.29 7.47 10.50
C GLU A 7 -5.59 6.12 10.36
N GLU A 8 -6.29 5.16 9.76
CA GLU A 8 -5.75 3.82 9.57
C GLU A 8 -4.46 3.87 8.75
N LEU A 9 -4.54 4.44 7.56
CA LEU A 9 -3.37 4.55 6.68
C LEU A 9 -2.29 5.40 7.34
N SER A 10 -2.71 6.37 8.15
CA SER A 10 -1.76 7.24 8.84
C SER A 10 -0.66 6.44 9.51
N ASP A 11 -1.03 5.38 10.21
CA ASP A 11 -0.07 4.53 10.89
C ASP A 11 0.65 3.63 9.88
N LEU A 12 0.00 3.38 8.75
CA LEU A 12 0.57 2.53 7.71
C LEU A 12 1.72 3.25 6.99
N PHE A 13 1.47 4.48 6.56
CA PHE A 13 2.49 5.25 5.86
C PHE A 13 3.70 5.49 6.74
N ARG A 14 3.46 6.08 7.92
CA ARG A 14 4.55 6.36 8.86
C ARG A 14 5.37 5.11 9.16
N MET A 15 4.76 3.95 8.98
CA MET A 15 5.44 2.69 9.23
C MET A 15 6.09 2.15 7.95
N PHE A 16 5.50 2.49 6.81
CA PHE A 16 6.03 2.05 5.53
C PHE A 16 7.17 2.94 5.05
N ASP A 17 6.98 4.26 5.20
CA ASP A 17 8.00 5.22 4.78
C ASP A 17 9.22 5.15 5.69
N LYS A 18 9.93 4.03 5.65
CA LYS A 18 11.12 3.84 6.47
C LYS A 18 12.24 4.78 6.02
N ASN A 19 12.18 5.23 4.77
CA ASN A 19 13.19 6.13 4.24
C ASN A 19 13.10 7.50 4.89
N ALA A 20 11.90 7.86 5.35
CA ALA A 20 11.67 9.15 5.99
C ALA A 20 11.94 10.30 5.02
N ASP A 21 10.98 10.55 4.15
CA ASP A 21 11.11 11.63 3.16
C ASP A 21 9.78 12.33 2.93
N GLY A 22 8.72 11.53 2.75
CA GLY A 22 7.40 12.09 2.53
C GLY A 22 6.57 11.26 1.56
N TYR A 23 7.25 10.55 0.68
CA TYR A 23 6.58 9.70 -0.31
C TYR A 23 7.29 8.37 -0.45
N ILE A 24 6.84 7.55 -1.40
CA ILE A 24 7.45 6.24 -1.62
C ILE A 24 8.07 6.17 -3.02
N ASP A 25 9.32 5.73 -3.08
CA ASP A 25 10.02 5.61 -4.34
C ASP A 25 10.39 4.16 -4.64
N LEU A 26 11.11 3.96 -5.74
CA LEU A 26 11.52 2.62 -6.15
C LEU A 26 12.23 1.88 -5.02
N GLU A 27 13.17 2.56 -4.36
CA GLU A 27 13.92 1.97 -3.26
C GLU A 27 12.97 1.46 -2.17
N GLU A 28 11.82 2.10 -2.05
CA GLU A 28 10.83 1.71 -1.05
C GLU A 28 9.92 0.61 -1.58
N LEU A 29 9.75 0.58 -2.91
CA LEU A 29 8.91 -0.42 -3.54
C LEU A 29 9.34 -1.83 -3.14
N LYS A 30 10.64 -2.00 -2.92
CA LYS A 30 11.19 -3.29 -2.52
C LYS A 30 10.48 -3.80 -1.27
N ILE A 31 10.11 -2.87 -0.39
CA ILE A 31 9.40 -3.22 0.84
C ILE A 31 8.12 -3.99 0.54
N MET A 32 7.53 -3.73 -0.62
CA MET A 32 6.31 -4.41 -1.03
C MET A 32 6.54 -5.91 -1.15
N LEU A 33 7.61 -6.29 -1.82
CA LEU A 33 7.94 -7.70 -2.00
C LEU A 33 8.53 -8.28 -0.73
N GLN A 34 9.26 -7.46 0.02
CA GLN A 34 9.87 -7.89 1.28
C GLN A 34 8.84 -8.58 2.17
N ALA A 35 7.58 -8.21 2.01
CA ALA A 35 6.51 -8.80 2.81
C ALA A 35 6.12 -10.17 2.27
N THR A 36 6.35 -10.39 0.98
CA THR A 36 6.03 -11.66 0.35
C THR A 36 7.24 -12.58 0.30
N GLY A 37 8.30 -12.11 -0.37
CA GLY A 37 9.51 -12.90 -0.48
C GLY A 37 9.58 -13.69 -1.78
N GLU A 38 8.42 -14.06 -2.29
CA GLU A 38 8.34 -14.82 -3.54
C GLU A 38 6.91 -14.97 -4.00
N THR A 39 6.35 -13.88 -4.54
CA THR A 39 4.97 -13.89 -5.03
C THR A 39 4.93 -13.72 -6.54
N ILE A 40 5.71 -12.78 -7.05
CA ILE A 40 5.76 -12.51 -8.47
C ILE A 40 7.20 -12.41 -8.96
N THR A 41 7.83 -11.27 -8.73
CA THR A 41 9.22 -11.04 -9.14
C THR A 41 9.57 -9.56 -9.03
N GLU A 42 10.83 -9.22 -9.26
CA GLU A 42 11.28 -7.84 -9.19
C GLU A 42 10.46 -6.95 -10.12
N ASP A 43 9.86 -7.56 -11.14
CA ASP A 43 9.05 -6.82 -12.10
C ASP A 43 7.79 -6.25 -11.44
N ASP A 44 7.08 -7.11 -10.72
CA ASP A 44 5.85 -6.68 -10.04
C ASP A 44 6.09 -5.44 -9.18
N ILE A 45 7.31 -5.30 -8.68
CA ILE A 45 7.68 -4.16 -7.85
C ILE A 45 7.58 -2.85 -8.64
N GLU A 46 8.00 -2.90 -9.89
CA GLU A 46 7.97 -1.72 -10.76
C GLU A 46 6.56 -1.49 -11.30
N GLU A 47 5.82 -2.58 -11.49
CA GLU A 47 4.46 -2.49 -12.01
C GLU A 47 3.50 -2.08 -10.89
N LEU A 48 3.84 -2.43 -9.66
CA LEU A 48 3.00 -2.10 -8.51
C LEU A 48 2.93 -0.59 -8.31
N MET A 49 4.09 0.05 -8.33
CA MET A 49 4.18 1.51 -8.16
C MET A 49 3.08 2.22 -8.93
N LYS A 50 2.67 1.65 -10.06
CA LYS A 50 1.63 2.24 -10.88
C LYS A 50 0.41 2.61 -10.04
N ASP A 51 0.21 1.87 -8.95
CA ASP A 51 -0.91 2.11 -8.06
C ASP A 51 -0.61 3.28 -7.12
N GLY A 52 0.64 3.35 -6.66
CA GLY A 52 1.04 4.43 -5.78
C GLY A 52 1.18 5.75 -6.50
N ASP A 53 1.88 5.74 -7.63
CA ASP A 53 2.08 6.95 -8.42
C ASP A 53 1.30 6.87 -9.74
N LYS A 54 0.53 7.91 -10.04
CA LYS A 54 -0.27 7.94 -11.25
C LYS A 54 -0.30 9.36 -11.84
N ASN A 55 0.80 10.08 -11.66
CA ASN A 55 0.90 11.44 -12.18
C ASN A 55 2.11 11.61 -13.10
N ASN A 56 2.68 10.48 -13.52
CA ASN A 56 3.84 10.50 -14.41
C ASN A 56 4.98 11.33 -13.81
N ASP A 57 5.02 11.41 -12.49
CA ASP A 57 6.05 12.17 -11.78
C ASP A 57 6.93 11.25 -10.96
N GLY A 58 6.32 10.24 -10.34
CA GLY A 58 7.07 9.31 -9.52
C GLY A 58 7.16 9.75 -8.07
N ARG A 59 6.03 10.15 -7.50
CA ARG A 59 5.99 10.61 -6.12
C ARG A 59 4.65 10.27 -5.47
N ILE A 60 4.68 9.33 -4.53
CA ILE A 60 3.47 8.92 -3.83
C ILE A 60 3.57 9.26 -2.34
N ASP A 61 2.74 10.21 -1.90
CA ASP A 61 2.76 10.62 -0.50
C ASP A 61 1.35 10.85 0.06
N TYR A 62 0.96 9.99 1.00
CA TYR A 62 -0.34 10.09 1.65
C TYR A 62 -1.50 10.15 0.65
N ASP A 63 -1.75 11.34 0.11
CA ASP A 63 -2.84 11.56 -0.85
C ASP A 63 -3.02 10.37 -1.80
N GLU A 64 -1.95 9.97 -2.45
CA GLU A 64 -1.98 8.87 -3.39
C GLU A 64 -1.89 7.53 -2.66
N PHE A 65 -1.24 7.53 -1.50
CA PHE A 65 -1.07 6.32 -0.70
C PHE A 65 -2.42 5.75 -0.30
N LEU A 66 -3.29 6.59 0.23
CA LEU A 66 -4.62 6.16 0.65
C LEU A 66 -5.36 5.44 -0.47
N GLU A 67 -4.94 5.68 -1.72
CA GLU A 67 -5.55 5.03 -2.87
C GLU A 67 -5.13 3.57 -2.94
N PHE A 68 -3.99 3.25 -2.34
CA PHE A 68 -3.47 1.88 -2.33
C PHE A 68 -4.44 0.94 -1.63
N MET A 69 -4.71 1.23 -0.36
CA MET A 69 -5.62 0.41 0.44
C MET A 69 -7.04 0.46 -0.13
N LYS A 70 -7.36 1.57 -0.80
CA LYS A 70 -8.69 1.74 -1.40
C LYS A 70 -9.08 0.52 -2.22
N GLY A 71 -8.09 -0.11 -2.85
CA GLY A 71 -8.36 -1.29 -3.65
C GLY A 71 -8.94 -2.42 -2.83
N VAL A 72 -8.48 -2.55 -1.60
CA VAL A 72 -8.96 -3.59 -0.70
C VAL A 72 -10.47 -3.49 -0.51
N GLU A 73 -11.01 -2.28 -0.65
CA GLU A 73 -12.44 -2.05 -0.50
C GLU A 73 -13.21 -2.59 -1.71
N THR B 1 -9.05 -11.46 -11.71
CA THR B 1 -9.59 -10.80 -10.49
C THR B 1 -8.52 -10.77 -9.39
N GLN B 2 -7.63 -11.74 -9.40
CA GLN B 2 -6.57 -11.82 -8.40
C GLN B 2 -5.24 -11.35 -8.98
N LYS B 3 -4.62 -10.37 -8.32
CA LYS B 3 -3.35 -9.83 -8.76
C LYS B 3 -2.49 -9.40 -7.57
N ILE B 4 -3.11 -8.67 -6.65
CA ILE B 4 -2.40 -8.20 -5.46
C ILE B 4 -2.12 -9.36 -4.51
N PHE B 5 -1.09 -9.22 -3.68
CA PHE B 5 -0.71 -10.26 -2.74
C PHE B 5 -0.99 -9.85 -1.28
N ASP B 6 0.07 -9.70 -0.47
CA ASP B 6 -0.10 -9.32 0.94
C ASP B 6 -0.60 -7.89 1.08
N LEU B 7 -0.63 -7.15 -0.02
CA LEU B 7 -1.10 -5.78 0.00
C LEU B 7 -2.58 -5.72 0.34
N ARG B 8 -3.35 -6.65 -0.23
CA ARG B 8 -4.78 -6.74 0.01
C ARG B 8 -5.11 -7.93 0.90
N GLY B 9 -6.40 -8.13 1.15
CA GLY B 9 -6.84 -9.23 1.97
C GLY B 9 -6.45 -9.05 3.43
N LYS B 10 -6.13 -7.82 3.79
CA LYS B 10 -5.76 -7.49 5.16
C LYS B 10 -6.01 -6.01 5.40
N PHE B 11 -5.72 -5.21 4.38
CA PHE B 11 -5.92 -3.76 4.43
C PHE B 11 -7.42 -3.43 4.40
N LYS B 12 -8.15 -3.91 5.39
CA LYS B 12 -9.60 -3.67 5.45
C LYS B 12 -9.97 -2.97 6.75
N ARG B 13 -11.24 -2.57 6.85
CA ARG B 13 -11.75 -1.90 8.04
C ARG B 13 -11.57 -2.77 9.29
N PRO B 14 -11.59 -2.16 10.48
CA PRO B 14 -11.43 -2.89 11.73
C PRO B 14 -12.72 -3.57 12.17
N THR B 15 -13.84 -2.89 11.96
CA THR B 15 -15.14 -3.43 12.34
C THR B 15 -15.92 -3.92 11.12
N LEU B 16 -16.74 -4.94 11.31
CA LEU B 16 -17.54 -5.50 10.21
C LEU B 16 -18.99 -5.04 10.32
N ARG B 17 -19.47 -4.87 11.54
CA ARG B 17 -20.84 -4.44 11.80
C ARG B 17 -21.84 -5.47 11.27
N ARG B 18 -22.08 -5.44 9.96
CA ARG B 18 -23.02 -6.38 9.34
C ARG B 18 -22.29 -7.66 8.92
N VAL B 19 -22.52 -8.73 9.67
CA VAL B 19 -21.90 -10.02 9.39
C VAL B 19 -22.12 -10.43 7.93
N ARG B 20 -21.10 -11.05 7.34
CA ARG B 20 -21.19 -11.49 5.95
C ARG B 20 -21.42 -12.99 5.87
N MET A 1 -6.70 11.76 15.48
CA MET A 1 -8.04 11.26 15.90
C MET A 1 -9.14 12.19 15.41
N LYS A 2 -9.67 11.90 14.23
CA LYS A 2 -10.74 12.71 13.65
C LYS A 2 -11.89 11.83 13.19
N GLY A 3 -11.57 10.82 12.39
CA GLY A 3 -12.60 9.91 11.89
C GLY A 3 -12.07 8.53 11.62
N LYS A 4 -12.91 7.68 11.03
CA LYS A 4 -12.51 6.30 10.71
C LYS A 4 -12.42 6.10 9.21
N SER A 5 -11.31 6.54 8.62
CA SER A 5 -11.10 6.39 7.18
C SER A 5 -9.67 6.79 6.80
N GLU A 6 -9.23 7.94 7.30
CA GLU A 6 -7.89 8.43 7.02
C GLU A 6 -6.89 7.95 8.08
N GLU A 7 -7.38 7.78 9.31
CA GLU A 7 -6.54 7.33 10.41
C GLU A 7 -5.92 5.97 10.09
N GLU A 8 -6.63 5.16 9.32
CA GLU A 8 -6.14 3.84 8.96
C GLU A 8 -4.85 3.94 8.15
N LEU A 9 -4.92 4.58 6.99
CA LEU A 9 -3.77 4.75 6.13
C LEU A 9 -2.72 5.67 6.77
N SER A 10 -3.18 6.56 7.63
CA SER A 10 -2.29 7.50 8.32
C SER A 10 -1.15 6.75 9.00
N ASP A 11 -1.47 5.66 9.66
CA ASP A 11 -0.47 4.85 10.36
C ASP A 11 0.21 3.86 9.41
N LEU A 12 -0.57 3.30 8.50
CA LEU A 12 -0.04 2.34 7.54
C LEU A 12 1.04 2.97 6.65
N PHE A 13 0.88 4.26 6.37
CA PHE A 13 1.83 4.98 5.53
C PHE A 13 3.21 5.03 6.20
N ARG A 14 3.27 5.64 7.37
CA ARG A 14 4.52 5.76 8.11
C ARG A 14 5.13 4.39 8.39
N MET A 15 4.27 3.38 8.51
CA MET A 15 4.73 2.02 8.78
C MET A 15 5.26 1.35 7.52
N PHE A 16 4.55 1.54 6.41
CA PHE A 16 4.95 0.94 5.13
C PHE A 16 6.14 1.68 4.54
N ASP A 17 6.25 2.97 4.84
CA ASP A 17 7.35 3.78 4.32
C ASP A 17 8.69 3.32 4.92
N LYS A 18 8.92 3.69 6.18
CA LYS A 18 10.16 3.33 6.89
C LYS A 18 11.28 4.32 6.59
N ASN A 19 11.25 4.91 5.41
CA ASN A 19 12.26 5.88 5.01
C ASN A 19 12.14 7.17 5.81
N ALA A 20 10.95 7.42 6.36
CA ALA A 20 10.69 8.61 7.15
C ALA A 20 10.72 9.86 6.28
N ASP A 21 10.16 9.76 5.07
CA ASP A 21 10.12 10.88 4.15
C ASP A 21 8.68 11.29 3.87
N GLY A 22 7.82 10.31 3.63
CA GLY A 22 6.43 10.59 3.36
C GLY A 22 6.00 10.19 1.95
N TYR A 23 6.80 9.34 1.31
CA TYR A 23 6.48 8.89 -0.04
C TYR A 23 6.99 7.47 -0.26
N ILE A 24 6.42 6.78 -1.27
CA ILE A 24 6.83 5.42 -1.57
C ILE A 24 7.38 5.30 -2.99
N ASP A 25 8.47 4.55 -3.14
CA ASP A 25 9.10 4.36 -4.44
C ASP A 25 9.49 2.90 -4.64
N LEU A 26 10.30 2.64 -5.67
CA LEU A 26 10.75 1.28 -5.96
C LEU A 26 11.40 0.64 -4.74
N GLU A 27 11.93 1.47 -3.85
CA GLU A 27 12.58 0.98 -2.64
C GLU A 27 11.54 0.44 -1.65
N GLU A 28 10.55 1.27 -1.34
CA GLU A 28 9.51 0.87 -0.40
C GLU A 28 8.59 -0.19 -1.02
N LEU A 29 8.32 -0.06 -2.32
CA LEU A 29 7.47 -1.01 -3.02
C LEU A 29 7.96 -2.44 -2.78
N LYS A 30 9.27 -2.58 -2.55
CA LYS A 30 9.85 -3.89 -2.29
C LYS A 30 9.17 -4.54 -1.08
N ILE A 31 8.66 -3.70 -0.19
CA ILE A 31 7.98 -4.17 1.00
C ILE A 31 6.70 -4.92 0.64
N MET A 32 6.14 -4.59 -0.53
CA MET A 32 4.93 -5.24 -1.00
C MET A 32 5.15 -6.73 -1.21
N LEU A 33 6.23 -7.08 -1.90
CA LEU A 33 6.56 -8.47 -2.18
C LEU A 33 7.03 -9.17 -0.91
N GLN A 34 7.64 -8.41 0.00
CA GLN A 34 8.13 -8.97 1.25
C GLN A 34 7.01 -9.67 2.02
N ALA A 35 5.78 -9.23 1.77
CA ALA A 35 4.61 -9.82 2.42
C ALA A 35 4.23 -11.15 1.80
N THR A 36 4.58 -11.32 0.52
CA THR A 36 4.27 -12.55 -0.20
C THR A 36 5.44 -13.53 -0.13
N GLY A 37 6.59 -13.10 -0.62
CA GLY A 37 7.76 -13.95 -0.61
C GLY A 37 8.13 -14.47 -1.99
N GLU A 38 7.21 -14.33 -2.94
CA GLU A 38 7.45 -14.79 -4.31
C GLU A 38 8.71 -14.16 -4.88
N THR A 39 8.94 -14.36 -6.18
CA THR A 39 10.12 -13.82 -6.85
C THR A 39 9.91 -12.38 -7.30
N ILE A 40 9.01 -12.20 -8.26
CA ILE A 40 8.71 -10.88 -8.82
C ILE A 40 9.97 -10.01 -8.95
N THR A 41 10.24 -9.18 -7.94
CA THR A 41 11.42 -8.31 -7.94
C THR A 41 11.49 -7.47 -9.21
N GLU A 42 11.27 -6.16 -9.06
CA GLU A 42 11.32 -5.23 -10.17
C GLU A 42 10.12 -5.39 -11.11
N ASP A 43 9.98 -6.57 -11.69
CA ASP A 43 8.86 -6.86 -12.60
C ASP A 43 7.54 -6.40 -12.02
N ASP A 44 7.38 -6.51 -10.70
CA ASP A 44 6.15 -6.12 -10.04
C ASP A 44 6.28 -4.72 -9.43
N ILE A 45 7.47 -4.42 -8.92
CA ILE A 45 7.74 -3.12 -8.31
C ILE A 45 7.69 -2.00 -9.36
N GLU A 46 8.07 -2.32 -10.59
CA GLU A 46 8.08 -1.36 -11.67
C GLU A 46 6.66 -1.14 -12.21
N GLU A 47 5.83 -2.17 -12.11
CA GLU A 47 4.46 -2.08 -12.59
C GLU A 47 3.54 -1.50 -11.52
N LEU A 48 3.69 -1.97 -10.29
CA LEU A 48 2.86 -1.49 -9.19
C LEU A 48 3.05 0.01 -8.97
N MET A 49 4.29 0.46 -9.07
CA MET A 49 4.61 1.87 -8.88
C MET A 49 3.65 2.76 -9.67
N LYS A 50 3.16 2.25 -10.78
CA LYS A 50 2.22 3.01 -11.62
C LYS A 50 0.90 3.23 -10.89
N ASP A 51 0.53 2.28 -10.04
CA ASP A 51 -0.71 2.37 -9.28
C ASP A 51 -0.61 3.45 -8.20
N GLY A 52 0.43 3.34 -7.36
CA GLY A 52 0.62 4.32 -6.30
C GLY A 52 0.64 5.74 -6.81
N ASP A 53 1.68 6.07 -7.56
CA ASP A 53 1.83 7.41 -8.12
C ASP A 53 1.07 7.55 -9.44
N LYS A 54 -0.12 8.12 -9.36
CA LYS A 54 -0.96 8.31 -10.55
C LYS A 54 -0.82 9.73 -11.08
N ASN A 55 0.34 10.33 -10.88
CA ASN A 55 0.60 11.69 -11.33
C ASN A 55 1.63 11.72 -12.46
N ASN A 56 2.32 10.59 -12.66
CA ASN A 56 3.32 10.49 -13.71
C ASN A 56 4.52 11.38 -13.38
N ASP A 57 4.92 11.38 -12.11
CA ASP A 57 6.06 12.19 -11.67
C ASP A 57 7.18 11.29 -11.16
N GLY A 58 6.81 10.21 -10.48
CA GLY A 58 7.80 9.29 -9.95
C GLY A 58 7.90 9.34 -8.44
N ARG A 59 6.76 9.44 -7.77
CA ARG A 59 6.71 9.50 -6.32
C ARG A 59 5.28 9.53 -5.81
N ILE A 60 4.99 8.70 -4.81
CA ILE A 60 3.65 8.63 -4.23
C ILE A 60 3.68 9.07 -2.77
N ASP A 61 2.72 9.88 -2.37
CA ASP A 61 2.67 10.39 -1.00
C ASP A 61 1.42 9.90 -0.25
N TYR A 62 1.35 10.22 1.03
CA TYR A 62 0.23 9.83 1.89
C TYR A 62 -1.11 10.04 1.19
N ASP A 63 -1.18 11.05 0.33
CA ASP A 63 -2.40 11.35 -0.40
C ASP A 63 -2.75 10.22 -1.39
N GLU A 64 -1.96 10.12 -2.45
CA GLU A 64 -2.18 9.09 -3.46
C GLU A 64 -2.18 7.70 -2.81
N PHE A 65 -1.54 7.58 -1.65
CA PHE A 65 -1.47 6.32 -0.93
C PHE A 65 -2.87 5.81 -0.63
N LEU A 66 -3.76 6.72 -0.25
CA LEU A 66 -5.14 6.36 0.06
C LEU A 66 -5.82 5.71 -1.13
N GLU A 67 -5.27 5.93 -2.33
CA GLU A 67 -5.82 5.34 -3.54
C GLU A 67 -5.49 3.85 -3.61
N PHE A 68 -4.39 3.47 -2.97
CA PHE A 68 -3.93 2.08 -2.95
C PHE A 68 -5.03 1.17 -2.41
N MET A 69 -5.40 1.37 -1.15
CA MET A 69 -6.43 0.57 -0.50
C MET A 69 -7.80 0.87 -1.08
N LYS A 70 -8.00 2.12 -1.49
CA LYS A 70 -9.27 2.54 -2.07
C LYS A 70 -9.76 1.55 -3.13
N GLY A 71 -8.82 0.87 -3.78
CA GLY A 71 -9.16 -0.09 -4.80
C GLY A 71 -9.67 -1.40 -4.23
N VAL A 72 -9.32 -1.67 -2.97
CA VAL A 72 -9.74 -2.90 -2.31
C VAL A 72 -11.26 -3.06 -2.35
N GLU A 73 -11.97 -1.94 -2.43
CA GLU A 73 -13.42 -1.97 -2.49
C GLU A 73 -13.91 -1.97 -3.94
N THR B 1 -1.25 -11.07 -11.89
CA THR B 1 -1.17 -9.91 -10.97
C THR B 1 -1.28 -8.59 -11.74
N GLN B 2 -2.13 -7.70 -11.25
CA GLN B 2 -2.33 -6.41 -11.89
C GLN B 2 -1.57 -5.31 -11.15
N LYS B 3 -2.13 -4.84 -10.04
CA LYS B 3 -1.51 -3.79 -9.25
C LYS B 3 -1.20 -4.28 -7.84
N ILE B 4 -2.06 -5.16 -7.31
CA ILE B 4 -1.89 -5.70 -5.97
C ILE B 4 -1.68 -7.20 -6.01
N PHE B 5 -1.32 -7.77 -4.86
CA PHE B 5 -1.09 -9.19 -4.77
C PHE B 5 -1.02 -9.65 -3.32
N ASP B 6 -2.08 -10.30 -2.84
CA ASP B 6 -2.11 -10.77 -1.46
C ASP B 6 -1.92 -9.62 -0.49
N LEU B 7 -2.14 -8.39 -0.98
CA LEU B 7 -2.00 -7.20 -0.16
C LEU B 7 -3.34 -6.49 -0.04
N ARG B 8 -4.09 -6.47 -1.14
CA ARG B 8 -5.39 -5.82 -1.19
C ARG B 8 -6.39 -6.56 -0.31
N GLY B 9 -6.28 -7.89 -0.26
CA GLY B 9 -7.19 -8.67 0.54
C GLY B 9 -6.79 -8.74 2.01
N LYS B 10 -5.87 -7.87 2.40
CA LYS B 10 -5.40 -7.82 3.78
C LYS B 10 -5.49 -6.39 4.32
N PHE B 11 -5.28 -5.42 3.42
CA PHE B 11 -5.33 -4.01 3.78
C PHE B 11 -6.55 -3.70 4.64
N LYS B 12 -7.73 -4.06 4.14
CA LYS B 12 -8.97 -3.81 4.87
C LYS B 12 -8.97 -4.52 6.22
N ARG B 13 -8.23 -5.62 6.30
CA ARG B 13 -8.14 -6.40 7.53
C ARG B 13 -9.51 -6.96 7.93
N PRO B 14 -9.57 -8.24 8.33
CA PRO B 14 -10.82 -8.90 8.73
C PRO B 14 -11.50 -8.16 9.89
N THR B 15 -12.44 -8.85 10.54
CA THR B 15 -13.17 -8.27 11.65
C THR B 15 -12.66 -8.83 12.98
N LEU B 16 -13.12 -8.24 14.08
CA LEU B 16 -12.71 -8.68 15.41
C LEU B 16 -13.84 -9.44 16.10
N ARG B 17 -13.49 -10.59 16.70
CA ARG B 17 -14.48 -11.41 17.40
C ARG B 17 -15.57 -11.87 16.44
N ARG B 18 -16.43 -12.77 16.92
CA ARG B 18 -17.53 -13.29 16.11
C ARG B 18 -18.67 -13.77 16.99
N VAL B 19 -19.67 -12.91 17.19
CA VAL B 19 -20.83 -13.23 18.01
C VAL B 19 -21.41 -14.59 17.64
N ARG B 20 -22.00 -15.28 18.62
CA ARG B 20 -22.60 -16.59 18.39
C ARG B 20 -24.12 -16.49 18.37
N MET A 1 -16.96 12.05 13.33
CA MET A 1 -16.85 11.22 12.10
C MET A 1 -16.60 9.75 12.45
N LYS A 2 -17.67 8.96 12.43
CA LYS A 2 -17.58 7.54 12.74
C LYS A 2 -17.38 6.71 11.48
N GLY A 3 -16.11 6.51 11.11
CA GLY A 3 -15.81 5.74 9.91
C GLY A 3 -14.35 5.36 9.83
N LYS A 4 -14.04 4.09 10.11
CA LYS A 4 -12.67 3.61 10.07
C LYS A 4 -12.22 3.38 8.63
N SER A 5 -11.25 4.19 8.19
CA SER A 5 -10.73 4.07 6.83
C SER A 5 -9.43 4.86 6.67
N GLU A 6 -9.44 6.10 7.15
CA GLU A 6 -8.27 6.96 7.08
C GLU A 6 -7.23 6.57 8.12
N GLU A 7 -7.70 6.33 9.35
CA GLU A 7 -6.81 5.95 10.44
C GLU A 7 -6.08 4.65 10.12
N GLU A 8 -6.72 3.79 9.34
CA GLU A 8 -6.13 2.51 8.96
C GLU A 8 -4.81 2.72 8.23
N LEU A 9 -4.86 3.44 7.12
CA LEU A 9 -3.67 3.73 6.33
C LEU A 9 -2.62 4.46 7.15
N SER A 10 -3.09 5.31 8.07
CA SER A 10 -2.19 6.07 8.92
C SER A 10 -1.16 5.16 9.60
N ASP A 11 -1.61 3.98 10.00
CA ASP A 11 -0.74 3.01 10.66
C ASP A 11 0.02 2.18 9.63
N LEU A 12 -0.49 2.13 8.40
CA LEU A 12 0.15 1.36 7.34
C LEU A 12 1.35 2.12 6.76
N PHE A 13 1.18 3.41 6.52
CA PHE A 13 2.24 4.23 5.97
C PHE A 13 3.45 4.28 6.91
N ARG A 14 3.19 4.55 8.18
CA ARG A 14 4.24 4.62 9.18
C ARG A 14 5.06 3.33 9.21
N MET A 15 4.42 2.21 8.87
CA MET A 15 5.08 0.92 8.85
C MET A 15 5.68 0.63 7.48
N PHE A 16 5.08 1.19 6.44
CA PHE A 16 5.56 1.00 5.07
C PHE A 16 6.76 1.89 4.79
N ASP A 17 6.74 3.10 5.33
CA ASP A 17 7.83 4.04 5.14
C ASP A 17 9.04 3.67 5.99
N LYS A 18 9.63 2.51 5.71
CA LYS A 18 10.79 2.04 6.45
C LYS A 18 11.94 3.04 6.37
N ASN A 19 12.00 3.77 5.25
CA ASN A 19 13.05 4.76 5.05
C ASN A 19 12.85 5.97 5.96
N ALA A 20 11.60 6.20 6.36
CA ALA A 20 11.27 7.33 7.23
C ALA A 20 11.56 8.66 6.55
N ASP A 21 10.84 8.93 5.46
CA ASP A 21 11.02 10.17 4.71
C ASP A 21 9.70 10.90 4.52
N GLY A 22 8.68 10.15 4.07
CA GLY A 22 7.38 10.74 3.85
C GLY A 22 6.72 10.26 2.57
N TYR A 23 7.50 9.62 1.70
CA TYR A 23 6.98 9.12 0.44
C TYR A 23 7.48 7.70 0.17
N ILE A 24 6.86 7.01 -0.79
CA ILE A 24 7.27 5.65 -1.12
C ILE A 24 7.80 5.56 -2.55
N ASP A 25 8.89 4.83 -2.71
CA ASP A 25 9.51 4.66 -4.03
C ASP A 25 9.79 3.19 -4.32
N LEU A 26 10.61 2.93 -5.33
CA LEU A 26 10.96 1.56 -5.71
C LEU A 26 11.54 0.80 -4.52
N GLU A 27 12.21 1.52 -3.63
CA GLU A 27 12.82 0.91 -2.45
C GLU A 27 11.74 0.36 -1.51
N GLU A 28 10.90 1.25 -1.00
CA GLU A 28 9.83 0.86 -0.09
C GLU A 28 8.82 -0.04 -0.79
N LEU A 29 8.66 0.16 -2.10
CA LEU A 29 7.73 -0.64 -2.89
C LEU A 29 8.01 -2.13 -2.73
N LYS A 30 9.28 -2.46 -2.52
CA LYS A 30 9.69 -3.85 -2.33
C LYS A 30 8.95 -4.47 -1.16
N ILE A 31 8.58 -3.64 -0.19
CA ILE A 31 7.86 -4.10 0.99
C ILE A 31 6.55 -4.81 0.59
N MET A 32 6.01 -4.43 -0.56
CA MET A 32 4.78 -5.04 -1.06
C MET A 32 5.06 -6.43 -1.59
N LEU A 33 6.24 -6.60 -2.17
CA LEU A 33 6.66 -7.89 -2.73
C LEU A 33 6.69 -8.97 -1.66
N GLN A 34 7.15 -8.60 -0.47
CA GLN A 34 7.23 -9.54 0.65
C GLN A 34 5.93 -10.31 0.82
N ALA A 35 4.83 -9.70 0.39
CA ALA A 35 3.51 -10.33 0.49
C ALA A 35 3.35 -11.46 -0.52
N THR A 36 4.10 -11.40 -1.62
CA THR A 36 4.02 -12.42 -2.65
C THR A 36 5.32 -13.20 -2.76
N GLY A 37 6.43 -12.49 -2.84
CA GLY A 37 7.73 -13.12 -2.95
C GLY A 37 7.77 -14.22 -3.98
N GLU A 38 6.98 -14.08 -5.04
CA GLU A 38 6.93 -15.09 -6.09
C GLU A 38 6.77 -14.45 -7.47
N THR A 39 7.22 -15.18 -8.50
CA THR A 39 7.12 -14.70 -9.87
C THR A 39 7.85 -13.36 -10.05
N ILE A 40 7.10 -12.26 -10.05
CA ILE A 40 7.67 -10.92 -10.21
C ILE A 40 8.95 -10.76 -9.39
N THR A 41 8.81 -10.42 -8.12
CA THR A 41 9.95 -10.24 -7.22
C THR A 41 10.94 -9.22 -7.79
N GLU A 42 10.43 -8.27 -8.57
CA GLU A 42 11.27 -7.23 -9.14
C GLU A 42 10.48 -6.36 -10.12
N ASP A 43 10.11 -6.94 -11.26
CA ASP A 43 9.35 -6.22 -12.28
C ASP A 43 8.15 -5.51 -11.67
N ASP A 44 7.63 -6.06 -10.57
CA ASP A 44 6.48 -5.48 -9.90
C ASP A 44 6.87 -4.20 -9.17
N ILE A 45 8.14 -4.09 -8.80
CA ILE A 45 8.63 -2.92 -8.10
C ILE A 45 8.44 -1.66 -8.95
N GLU A 46 8.86 -1.74 -10.21
CA GLU A 46 8.75 -0.62 -11.14
C GLU A 46 7.35 -0.51 -11.71
N GLU A 47 6.64 -1.64 -11.78
CA GLU A 47 5.28 -1.66 -12.31
C GLU A 47 4.26 -1.19 -11.27
N LEU A 48 4.53 -1.49 -10.01
CA LEU A 48 3.63 -1.09 -8.93
C LEU A 48 3.66 0.41 -8.71
N MET A 49 4.86 0.98 -8.75
CA MET A 49 5.05 2.42 -8.56
C MET A 49 4.03 3.22 -9.38
N LYS A 50 3.75 2.75 -10.59
CA LYS A 50 2.80 3.42 -11.47
C LYS A 50 1.44 3.56 -10.79
N ASP A 51 1.17 2.69 -9.82
CA ASP A 51 -0.10 2.71 -9.10
C ASP A 51 -0.04 3.66 -7.90
N GLY A 52 1.02 3.52 -7.10
CA GLY A 52 1.16 4.37 -5.93
C GLY A 52 1.17 5.84 -6.28
N ASP A 53 2.18 6.27 -7.02
CA ASP A 53 2.31 7.66 -7.41
C ASP A 53 1.33 8.01 -8.54
N LYS A 54 1.34 7.19 -9.59
CA LYS A 54 0.46 7.41 -10.75
C LYS A 54 0.40 8.88 -11.15
N ASN A 55 1.48 9.58 -10.91
CA ASN A 55 1.58 11.00 -11.24
C ASN A 55 2.70 11.27 -12.24
N ASN A 56 3.49 10.24 -12.54
CA ASN A 56 4.59 10.37 -13.50
C ASN A 56 5.69 11.28 -12.95
N ASP A 57 5.76 11.39 -11.62
CA ASP A 57 6.77 12.22 -10.98
C ASP A 57 7.74 11.38 -10.15
N GLY A 58 7.31 10.16 -9.79
CA GLY A 58 8.17 9.29 -9.00
C GLY A 58 8.22 9.70 -7.54
N ARG A 59 7.07 9.74 -6.89
CA ARG A 59 7.00 10.12 -5.48
C ARG A 59 5.56 10.05 -4.96
N ILE A 60 5.31 9.10 -4.07
CA ILE A 60 3.98 8.93 -3.49
C ILE A 60 4.00 9.20 -2.00
N ASP A 61 3.05 9.99 -1.51
CA ASP A 61 2.99 10.33 -0.10
C ASP A 61 1.74 9.79 0.58
N TYR A 62 1.67 10.00 1.90
CA TYR A 62 0.54 9.54 2.70
C TYR A 62 -0.80 9.80 2.00
N ASP A 63 -0.87 10.86 1.22
CA ASP A 63 -2.09 11.21 0.50
C ASP A 63 -2.40 10.18 -0.58
N GLU A 64 -1.61 10.17 -1.64
CA GLU A 64 -1.80 9.23 -2.74
C GLU A 64 -1.79 7.80 -2.23
N PHE A 65 -1.17 7.59 -1.07
CA PHE A 65 -1.09 6.26 -0.47
C PHE A 65 -2.49 5.71 -0.22
N LEU A 66 -3.40 6.58 0.20
CA LEU A 66 -4.77 6.18 0.47
C LEU A 66 -5.44 5.65 -0.79
N GLU A 67 -4.87 5.98 -1.95
CA GLU A 67 -5.40 5.51 -3.22
C GLU A 67 -5.15 4.01 -3.38
N PHE A 68 -4.12 3.52 -2.70
CA PHE A 68 -3.77 2.10 -2.74
C PHE A 68 -4.93 1.24 -2.25
N MET A 69 -5.30 1.45 -0.99
CA MET A 69 -6.40 0.71 -0.38
C MET A 69 -7.73 1.01 -1.06
N LYS A 70 -7.82 2.18 -1.70
CA LYS A 70 -9.05 2.58 -2.37
C LYS A 70 -9.61 1.45 -3.23
N GLY A 71 -8.72 0.64 -3.78
CA GLY A 71 -9.14 -0.48 -4.60
C GLY A 71 -9.79 -1.57 -3.78
N VAL A 72 -9.27 -1.78 -2.57
CA VAL A 72 -9.80 -2.78 -1.66
C VAL A 72 -11.25 -2.47 -1.28
N GLU A 73 -11.62 -1.20 -1.36
CA GLU A 73 -12.97 -0.77 -1.03
C GLU A 73 -13.86 -0.74 -2.27
N THR B 1 0.23 -9.44 -15.01
CA THR B 1 -0.36 -8.96 -13.74
C THR B 1 -1.21 -7.70 -13.97
N GLN B 2 -2.50 -7.81 -13.70
CA GLN B 2 -3.43 -6.69 -13.87
C GLN B 2 -3.93 -6.19 -12.52
N LYS B 3 -3.66 -4.92 -12.23
CA LYS B 3 -4.08 -4.32 -10.98
C LYS B 3 -3.48 -5.05 -9.78
N ILE B 4 -3.84 -4.60 -8.59
CA ILE B 4 -3.34 -5.21 -7.36
C ILE B 4 -3.66 -6.71 -7.31
N PHE B 5 -2.86 -7.46 -6.57
CA PHE B 5 -3.07 -8.90 -6.45
C PHE B 5 -3.42 -9.31 -5.01
N ASP B 6 -2.49 -9.98 -4.30
CA ASP B 6 -2.75 -10.41 -2.94
C ASP B 6 -2.71 -9.23 -1.97
N LEU B 7 -2.31 -8.07 -2.48
CA LEU B 7 -2.24 -6.86 -1.66
C LEU B 7 -3.63 -6.42 -1.23
N ARG B 8 -4.58 -6.55 -2.15
CA ARG B 8 -5.96 -6.17 -1.90
C ARG B 8 -6.57 -7.01 -0.78
N GLY B 9 -6.52 -8.33 -0.95
CA GLY B 9 -7.07 -9.23 0.05
C GLY B 9 -6.25 -9.26 1.32
N LYS B 10 -6.19 -8.12 2.01
CA LYS B 10 -5.43 -8.01 3.26
C LYS B 10 -5.47 -6.59 3.79
N PHE B 11 -5.43 -5.63 2.86
CA PHE B 11 -5.46 -4.22 3.23
C PHE B 11 -6.68 -3.89 4.08
N LYS B 12 -7.77 -4.61 3.86
CA LYS B 12 -9.00 -4.40 4.62
C LYS B 12 -9.19 -5.47 5.68
N ARG B 13 -10.24 -5.34 6.48
CA ARG B 13 -10.52 -6.30 7.54
C ARG B 13 -11.86 -5.98 8.21
N PRO B 14 -12.72 -7.00 8.40
CA PRO B 14 -14.03 -6.82 9.03
C PRO B 14 -13.93 -6.20 10.41
N THR B 15 -14.88 -5.33 10.75
CA THR B 15 -14.90 -4.67 12.05
C THR B 15 -15.75 -5.45 13.05
N LEU B 16 -15.15 -5.78 14.19
CA LEU B 16 -15.85 -6.53 15.23
C LEU B 16 -15.46 -6.03 16.61
N ARG B 17 -16.06 -6.64 17.64
CA ARG B 17 -15.77 -6.26 19.02
C ARG B 17 -15.87 -7.47 19.95
N ARG B 18 -14.79 -8.23 20.02
CA ARG B 18 -14.75 -9.42 20.88
C ARG B 18 -13.32 -9.78 21.24
N VAL B 19 -12.44 -9.77 20.24
CA VAL B 19 -11.04 -10.10 20.45
C VAL B 19 -10.47 -9.40 21.68
N ARG B 20 -11.01 -8.22 22.00
CA ARG B 20 -10.54 -7.46 23.14
C ARG B 20 -11.59 -7.48 24.26
N MET A 1 -20.05 14.99 9.25
CA MET A 1 -18.87 14.50 8.47
C MET A 1 -18.04 13.54 9.28
N LYS A 2 -18.45 12.28 9.31
CA LYS A 2 -17.73 11.24 10.06
C LYS A 2 -17.72 9.93 9.28
N GLY A 3 -16.63 9.17 9.44
CA GLY A 3 -16.51 7.90 8.75
C GLY A 3 -15.08 7.58 8.38
N LYS A 4 -14.80 6.30 8.19
CA LYS A 4 -13.46 5.85 7.82
C LYS A 4 -13.11 6.28 6.40
N SER A 5 -11.91 6.79 6.20
CA SER A 5 -11.46 7.23 4.89
C SER A 5 -10.02 7.71 4.93
N GLU A 6 -9.71 8.56 5.90
CA GLU A 6 -8.36 9.09 6.06
C GLU A 6 -7.68 8.51 7.30
N GLU A 7 -8.47 8.28 8.33
CA GLU A 7 -7.95 7.73 9.58
C GLU A 7 -7.29 6.37 9.34
N GLU A 8 -7.96 5.53 8.54
CA GLU A 8 -7.45 4.20 8.23
C GLU A 8 -6.07 4.29 7.57
N LEU A 9 -6.00 5.04 6.47
CA LEU A 9 -4.74 5.20 5.74
C LEU A 9 -3.73 5.96 6.58
N SER A 10 -4.19 6.97 7.29
CA SER A 10 -3.32 7.79 8.14
C SER A 10 -2.43 6.92 9.01
N ASP A 11 -2.99 5.81 9.50
CA ASP A 11 -2.24 4.89 10.34
C ASP A 11 -1.44 3.90 9.50
N LEU A 12 -1.90 3.67 8.28
CA LEU A 12 -1.24 2.73 7.37
C LEU A 12 0.03 3.35 6.79
N PHE A 13 -0.04 4.63 6.41
CA PHE A 13 1.11 5.32 5.84
C PHE A 13 2.35 5.16 6.70
N ARG A 14 2.28 5.65 7.94
CA ARG A 14 3.41 5.56 8.86
C ARG A 14 3.93 4.13 8.98
N MET A 15 3.03 3.19 9.21
CA MET A 15 3.40 1.78 9.35
C MET A 15 4.02 1.25 8.06
N PHE A 16 3.28 1.37 6.96
CA PHE A 16 3.75 0.90 5.66
C PHE A 16 5.07 1.56 5.28
N ASP A 17 5.26 2.80 5.73
CA ASP A 17 6.47 3.55 5.42
C ASP A 17 7.71 2.80 5.94
N LYS A 18 7.90 2.83 7.25
CA LYS A 18 9.05 2.15 7.87
C LYS A 18 10.37 2.77 7.43
N ASN A 19 10.29 3.92 6.75
CA ASN A 19 11.47 4.61 6.27
C ASN A 19 11.71 5.91 7.03
N ALA A 20 10.64 6.45 7.62
CA ALA A 20 10.73 7.70 8.37
C ALA A 20 11.10 8.86 7.45
N ASP A 21 10.57 8.84 6.24
CA ASP A 21 10.85 9.89 5.27
C ASP A 21 9.57 10.65 4.91
N GLY A 22 8.48 9.92 4.77
CA GLY A 22 7.21 10.54 4.43
C GLY A 22 6.72 10.18 3.04
N TYR A 23 7.33 9.16 2.44
CA TYR A 23 6.94 8.73 1.10
C TYR A 23 7.31 7.26 0.90
N ILE A 24 6.75 6.64 -0.15
CA ILE A 24 7.02 5.24 -0.43
C ILE A 24 7.72 5.07 -1.78
N ASP A 25 8.70 4.18 -1.82
CA ASP A 25 9.45 3.92 -3.04
C ASP A 25 9.46 2.43 -3.36
N LEU A 26 10.29 2.04 -4.32
CA LEU A 26 10.39 0.64 -4.72
C LEU A 26 10.80 -0.24 -3.54
N GLU A 27 11.48 0.34 -2.57
CA GLU A 27 11.92 -0.39 -1.39
C GLU A 27 10.73 -0.82 -0.53
N GLU A 28 9.81 0.11 -0.29
CA GLU A 28 8.63 -0.18 0.51
C GLU A 28 7.57 -0.92 -0.30
N LEU A 29 7.55 -0.67 -1.61
CA LEU A 29 6.60 -1.33 -2.49
C LEU A 29 6.70 -2.85 -2.38
N LYS A 30 7.83 -3.33 -1.88
CA LYS A 30 8.05 -4.76 -1.71
C LYS A 30 7.23 -5.31 -0.55
N ILE A 31 6.96 -4.46 0.43
CA ILE A 31 6.18 -4.85 1.61
C ILE A 31 4.90 -5.58 1.22
N MET A 32 4.10 -4.97 0.35
CA MET A 32 2.85 -5.58 -0.09
C MET A 32 3.09 -6.96 -0.70
N LEU A 33 4.22 -7.10 -1.37
CA LEU A 33 4.58 -8.38 -1.99
C LEU A 33 4.98 -9.41 -0.93
N GLN A 34 5.53 -8.92 0.18
CA GLN A 34 5.94 -9.78 1.27
C GLN A 34 4.81 -10.73 1.67
N ALA A 35 3.57 -10.26 1.48
CA ALA A 35 2.40 -11.05 1.80
C ALA A 35 2.22 -12.18 0.79
N THR A 36 2.70 -11.94 -0.43
CA THR A 36 2.60 -12.94 -1.50
C THR A 36 3.90 -13.72 -1.64
N GLY A 37 4.95 -13.03 -2.07
CA GLY A 37 6.24 -13.67 -2.25
C GLY A 37 6.19 -14.82 -3.24
N GLU A 38 5.27 -14.72 -4.20
CA GLU A 38 5.12 -15.75 -5.22
C GLU A 38 4.37 -15.23 -6.43
N THR A 39 4.71 -15.75 -7.61
CA THR A 39 4.07 -15.34 -8.85
C THR A 39 4.39 -13.89 -9.20
N ILE A 40 5.39 -13.32 -8.52
CA ILE A 40 5.79 -11.93 -8.77
C ILE A 40 7.20 -11.67 -8.23
N THR A 41 7.28 -11.30 -6.95
CA THR A 41 8.57 -11.03 -6.32
C THR A 41 9.35 -9.97 -7.09
N GLU A 42 9.41 -8.75 -6.55
CA GLU A 42 10.13 -7.66 -7.18
C GLU A 42 9.41 -7.16 -8.44
N ASP A 43 9.27 -8.05 -9.42
CA ASP A 43 8.63 -7.71 -10.69
C ASP A 43 7.35 -6.91 -10.47
N ASP A 44 6.63 -7.20 -9.38
CA ASP A 44 5.39 -6.50 -9.08
C ASP A 44 5.66 -5.09 -8.58
N ILE A 45 6.70 -4.93 -7.76
CA ILE A 45 7.06 -3.63 -7.22
C ILE A 45 7.43 -2.65 -8.34
N GLU A 46 8.16 -3.15 -9.34
CA GLU A 46 8.58 -2.33 -10.46
C GLU A 46 7.39 -1.72 -11.20
N GLU A 47 6.35 -2.53 -11.39
CA GLU A 47 5.15 -2.08 -12.09
C GLU A 47 4.17 -1.40 -11.14
N LEU A 48 3.90 -2.03 -10.01
CA LEU A 48 2.98 -1.49 -9.01
C LEU A 48 3.37 -0.07 -8.61
N MET A 49 4.63 0.11 -8.24
CA MET A 49 5.13 1.43 -7.82
C MET A 49 4.67 2.52 -8.78
N LYS A 50 4.49 2.15 -10.05
CA LYS A 50 4.05 3.11 -11.06
C LYS A 50 2.71 3.73 -10.68
N ASP A 51 1.88 2.97 -9.97
CA ASP A 51 0.58 3.45 -9.54
C ASP A 51 0.72 4.53 -8.47
N GLY A 52 1.48 4.23 -7.43
CA GLY A 52 1.69 5.19 -6.36
C GLY A 52 2.29 6.49 -6.85
N ASP A 53 3.40 6.39 -7.58
CA ASP A 53 4.08 7.57 -8.10
C ASP A 53 3.90 7.66 -9.62
N LYS A 54 3.01 8.56 -10.05
CA LYS A 54 2.75 8.74 -11.47
C LYS A 54 2.80 10.22 -11.85
N ASN A 55 3.68 10.96 -11.19
CA ASN A 55 3.83 12.39 -11.45
C ASN A 55 5.25 12.73 -11.88
N ASN A 56 6.03 11.70 -12.20
CA ASN A 56 7.42 11.90 -12.63
C ASN A 56 8.23 12.61 -11.56
N ASP A 57 7.96 12.28 -10.30
CA ASP A 57 8.66 12.87 -9.18
C ASP A 57 9.49 11.84 -8.43
N GLY A 58 8.95 10.63 -8.31
CA GLY A 58 9.65 9.56 -7.62
C GLY A 58 9.42 9.59 -6.12
N ARG A 59 8.20 9.93 -5.72
CA ARG A 59 7.85 9.99 -4.31
C ARG A 59 6.33 9.97 -4.12
N ILE A 60 5.84 8.98 -3.38
CA ILE A 60 4.41 8.85 -3.13
C ILE A 60 4.11 9.01 -1.64
N ASP A 61 3.18 9.90 -1.32
CA ASP A 61 2.82 10.13 0.08
C ASP A 61 1.39 10.61 0.24
N TYR A 62 0.67 9.96 1.16
CA TYR A 62 -0.72 10.30 1.46
C TYR A 62 -1.57 10.48 0.20
N ASP A 63 -1.54 11.69 -0.37
CA ASP A 63 -2.32 12.01 -1.56
C ASP A 63 -2.49 10.82 -2.49
N GLU A 64 -1.38 10.34 -3.04
CA GLU A 64 -1.41 9.21 -3.95
C GLU A 64 -1.55 7.90 -3.17
N PHE A 65 -1.14 7.91 -1.90
CA PHE A 65 -1.23 6.72 -1.07
C PHE A 65 -2.68 6.31 -0.84
N LEU A 66 -3.51 7.28 -0.48
CA LEU A 66 -4.92 7.01 -0.23
C LEU A 66 -5.60 6.43 -1.47
N GLU A 67 -4.98 6.63 -2.62
CA GLU A 67 -5.52 6.11 -3.88
C GLU A 67 -5.32 4.59 -3.98
N PHE A 68 -4.48 4.04 -3.10
CA PHE A 68 -4.21 2.61 -3.08
C PHE A 68 -5.42 1.84 -2.56
N MET A 69 -5.80 2.14 -1.32
CA MET A 69 -6.94 1.48 -0.69
C MET A 69 -8.20 1.65 -1.52
N LYS A 70 -8.24 2.72 -2.33
CA LYS A 70 -9.40 3.00 -3.18
C LYS A 70 -9.84 1.75 -3.92
N GLY A 71 -8.88 0.88 -4.25
CA GLY A 71 -9.19 -0.34 -4.96
C GLY A 71 -9.99 -1.30 -4.11
N VAL A 72 -9.64 -1.39 -2.83
CA VAL A 72 -10.33 -2.27 -1.91
C VAL A 72 -11.81 -1.91 -1.80
N GLU A 73 -12.12 -0.65 -2.09
CA GLU A 73 -13.49 -0.17 -2.03
C GLU A 73 -14.04 0.09 -3.43
N THR B 1 -4.57 -11.66 -14.74
CA THR B 1 -5.66 -10.96 -15.48
C THR B 1 -6.54 -10.17 -14.53
N GLN B 2 -5.94 -9.54 -13.53
CA GLN B 2 -6.67 -8.75 -12.55
C GLN B 2 -5.76 -7.73 -11.87
N LYS B 3 -6.36 -6.72 -11.27
CA LYS B 3 -5.60 -5.67 -10.59
C LYS B 3 -5.46 -5.99 -9.10
N ILE B 4 -4.36 -5.53 -8.51
CA ILE B 4 -4.11 -5.76 -7.09
C ILE B 4 -4.08 -7.25 -6.77
N PHE B 5 -3.58 -7.60 -5.59
CA PHE B 5 -3.50 -9.00 -5.18
C PHE B 5 -3.69 -9.14 -3.68
N ASP B 6 -2.67 -9.65 -2.96
CA ASP B 6 -2.77 -9.82 -1.51
C ASP B 6 -2.71 -8.46 -0.81
N LEU B 7 -3.50 -7.51 -1.31
CA LEU B 7 -3.54 -6.18 -0.75
C LEU B 7 -5.00 -5.78 -0.50
N ARG B 8 -5.86 -6.11 -1.45
CA ARG B 8 -7.29 -5.79 -1.33
C ARG B 8 -7.87 -6.39 -0.06
N GLY B 9 -7.55 -7.66 0.18
CA GLY B 9 -8.06 -8.33 1.36
C GLY B 9 -7.19 -8.10 2.58
N LYS B 10 -6.33 -7.09 2.52
CA LYS B 10 -5.45 -6.75 3.63
C LYS B 10 -5.39 -5.24 3.82
N PHE B 11 -6.44 -4.56 3.36
CA PHE B 11 -6.52 -3.10 3.47
C PHE B 11 -7.80 -2.68 4.19
N LYS B 12 -8.32 -3.57 5.03
CA LYS B 12 -9.54 -3.28 5.78
C LYS B 12 -9.21 -2.83 7.21
N ARG B 13 -8.56 -3.71 7.97
CA ARG B 13 -8.20 -3.40 9.34
C ARG B 13 -7.00 -4.24 9.79
N PRO B 14 -5.98 -3.60 10.39
CA PRO B 14 -4.78 -4.30 10.87
C PRO B 14 -5.08 -5.22 12.06
N THR B 15 -4.03 -5.68 12.72
CA THR B 15 -4.17 -6.57 13.86
C THR B 15 -4.93 -7.84 13.49
N LEU B 16 -4.82 -8.86 14.33
CA LEU B 16 -5.49 -10.13 14.09
C LEU B 16 -6.57 -10.38 15.13
N ARG B 17 -6.31 -9.96 16.37
CA ARG B 17 -7.27 -10.14 17.46
C ARG B 17 -7.55 -11.62 17.70
N ARG B 18 -6.88 -12.18 18.70
CA ARG B 18 -7.05 -13.59 19.04
C ARG B 18 -6.72 -14.48 17.85
N VAL B 19 -5.77 -14.05 17.04
CA VAL B 19 -5.35 -14.82 15.87
C VAL B 19 -6.52 -15.01 14.91
N ARG B 20 -6.20 -15.24 13.64
CA ARG B 20 -7.22 -15.44 12.61
C ARG B 20 -8.00 -14.16 12.36
N MET A 1 -17.63 12.62 7.56
CA MET A 1 -17.11 11.44 6.80
C MET A 1 -15.73 11.02 7.31
N LYS A 2 -15.30 9.83 6.90
CA LYS A 2 -14.00 9.31 7.33
C LYS A 2 -13.95 9.14 8.84
N GLY A 3 -13.86 7.89 9.29
CA GLY A 3 -13.79 7.61 10.70
C GLY A 3 -13.59 6.14 11.00
N LYS A 4 -12.65 5.84 11.88
CA LYS A 4 -12.35 4.45 12.25
C LYS A 4 -11.93 3.65 11.03
N SER A 5 -11.28 4.31 10.08
CA SER A 5 -10.83 3.64 8.86
C SER A 5 -9.37 4.01 8.56
N GLU A 6 -9.04 5.28 8.69
CA GLU A 6 -7.69 5.76 8.43
C GLU A 6 -6.68 5.00 9.28
N GLU A 7 -7.12 4.49 10.42
CA GLU A 7 -6.25 3.75 11.32
C GLU A 7 -5.63 2.55 10.61
N GLU A 8 -6.38 1.97 9.68
CA GLU A 8 -5.90 0.81 8.93
C GLU A 8 -4.63 1.15 8.16
N LEU A 9 -4.74 2.06 7.21
CA LEU A 9 -3.59 2.46 6.41
C LEU A 9 -2.52 3.12 7.26
N SER A 10 -2.95 3.76 8.35
CA SER A 10 -2.03 4.43 9.27
C SER A 10 -0.87 3.50 9.65
N ASP A 11 -1.19 2.26 9.95
CA ASP A 11 -0.18 1.27 10.33
C ASP A 11 0.45 0.63 9.08
N LEU A 12 -0.34 0.54 8.02
CA LEU A 12 0.13 -0.05 6.77
C LEU A 12 1.18 0.83 6.09
N PHE A 13 1.19 2.12 6.43
CA PHE A 13 2.13 3.06 5.84
C PHE A 13 3.50 2.93 6.48
N ARG A 14 3.55 3.04 7.80
CA ARG A 14 4.80 2.94 8.54
C ARG A 14 5.49 1.59 8.32
N MET A 15 4.71 0.59 7.86
CA MET A 15 5.25 -0.74 7.62
C MET A 15 6.16 -0.76 6.40
N PHE A 16 5.96 0.18 5.48
CA PHE A 16 6.76 0.25 4.27
C PHE A 16 7.90 1.25 4.41
N ASP A 17 7.54 2.49 4.73
CA ASP A 17 8.54 3.55 4.90
C ASP A 17 9.65 3.13 5.87
N LYS A 18 9.39 3.27 7.16
CA LYS A 18 10.37 2.90 8.19
C LYS A 18 11.62 3.78 8.08
N ASN A 19 11.54 4.84 7.29
CA ASN A 19 12.66 5.75 7.10
C ASN A 19 12.37 7.12 7.69
N ALA A 20 11.16 7.29 8.24
CA ALA A 20 10.77 8.57 8.83
C ALA A 20 10.73 9.67 7.78
N ASP A 21 10.26 9.33 6.59
CA ASP A 21 10.17 10.29 5.50
C ASP A 21 8.72 10.51 5.09
N GLY A 22 7.98 9.40 4.92
CA GLY A 22 6.58 9.50 4.53
C GLY A 22 6.38 9.37 3.04
N TYR A 23 7.27 8.63 2.38
CA TYR A 23 7.18 8.43 0.94
C TYR A 23 7.53 7.00 0.56
N ILE A 24 6.76 6.42 -0.38
CA ILE A 24 7.02 5.05 -0.82
C ILE A 24 7.41 5.02 -2.29
N ASP A 25 8.54 4.39 -2.59
CA ASP A 25 9.02 4.29 -3.96
C ASP A 25 9.38 2.86 -4.31
N LEU A 26 10.09 2.67 -5.43
CA LEU A 26 10.50 1.35 -5.87
C LEU A 26 11.24 0.61 -4.77
N GLU A 27 11.93 1.36 -3.92
CA GLU A 27 12.68 0.76 -2.82
C GLU A 27 11.73 0.18 -1.77
N GLU A 28 10.74 0.98 -1.37
CA GLU A 28 9.77 0.55 -0.37
C GLU A 28 8.76 -0.41 -0.99
N LEU A 29 8.50 -0.25 -2.29
CA LEU A 29 7.56 -1.11 -2.99
C LEU A 29 7.97 -2.57 -2.86
N LYS A 30 9.27 -2.81 -2.77
CA LYS A 30 9.79 -4.16 -2.63
C LYS A 30 9.12 -4.84 -1.44
N ILE A 31 8.68 -4.02 -0.48
CA ILE A 31 8.00 -4.51 0.71
C ILE A 31 6.68 -5.20 0.34
N MET A 32 6.11 -4.79 -0.79
CA MET A 32 4.86 -5.36 -1.27
C MET A 32 5.06 -6.82 -1.66
N LEU A 33 6.26 -7.12 -2.18
CA LEU A 33 6.59 -8.48 -2.59
C LEU A 33 6.47 -9.45 -1.42
N GLN A 34 7.06 -9.08 -0.29
CA GLN A 34 7.01 -9.93 0.90
C GLN A 34 5.57 -10.31 1.22
N ALA A 35 4.63 -9.46 0.80
CA ALA A 35 3.22 -9.71 1.04
C ALA A 35 2.65 -10.68 0.00
N THR A 36 3.32 -10.79 -1.14
CA THR A 36 2.88 -11.67 -2.21
C THR A 36 3.45 -13.07 -2.00
N GLY A 37 4.78 -13.15 -1.92
CA GLY A 37 5.43 -14.43 -1.73
C GLY A 37 5.79 -15.11 -3.04
N GLU A 38 4.86 -15.07 -3.99
CA GLU A 38 5.08 -15.70 -5.29
C GLU A 38 6.35 -15.18 -5.95
N THR A 39 6.61 -15.62 -7.17
CA THR A 39 7.79 -15.20 -7.90
C THR A 39 7.59 -13.83 -8.55
N ILE A 40 8.06 -12.79 -7.88
CA ILE A 40 7.93 -11.43 -8.38
C ILE A 40 9.16 -10.61 -8.03
N THR A 41 9.47 -9.63 -8.88
CA THR A 41 10.63 -8.77 -8.66
C THR A 41 10.74 -7.71 -9.76
N GLU A 42 10.83 -6.46 -9.35
CA GLU A 42 10.95 -5.34 -10.28
C GLU A 42 9.66 -5.12 -11.06
N ASP A 43 9.25 -6.12 -11.84
CA ASP A 43 8.03 -6.04 -12.64
C ASP A 43 6.88 -5.42 -11.86
N ASP A 44 6.37 -6.16 -10.88
CA ASP A 44 5.26 -5.68 -10.07
C ASP A 44 5.59 -4.34 -9.40
N ILE A 45 6.86 -4.15 -9.05
CA ILE A 45 7.30 -2.93 -8.40
C ILE A 45 7.21 -1.74 -9.35
N GLU A 46 7.58 -1.96 -10.62
CA GLU A 46 7.55 -0.90 -11.62
C GLU A 46 6.12 -0.63 -12.09
N GLU A 47 5.29 -1.66 -12.06
CA GLU A 47 3.91 -1.53 -12.50
C GLU A 47 3.01 -1.06 -11.35
N LEU A 48 3.25 -1.60 -10.15
CA LEU A 48 2.46 -1.22 -8.98
C LEU A 48 2.68 0.24 -8.61
N MET A 49 3.94 0.62 -8.43
CA MET A 49 4.30 1.98 -8.06
C MET A 49 3.54 3.00 -8.91
N LYS A 50 3.30 2.67 -10.17
CA LYS A 50 2.58 3.56 -11.08
C LYS A 50 1.22 3.94 -10.50
N ASP A 51 0.70 3.10 -9.62
CA ASP A 51 -0.60 3.34 -8.99
C ASP A 51 -0.45 4.20 -7.75
N GLY A 52 0.48 3.81 -6.88
CA GLY A 52 0.71 4.55 -5.65
C GLY A 52 0.86 6.04 -5.89
N ASP A 53 1.90 6.42 -6.61
CA ASP A 53 2.17 7.83 -6.91
C ASP A 53 1.24 8.33 -8.02
N LYS A 54 1.53 7.92 -9.25
CA LYS A 54 0.73 8.33 -10.39
C LYS A 54 0.63 9.86 -10.48
N ASN A 55 1.65 10.54 -9.98
CA ASN A 55 1.68 11.99 -10.00
C ASN A 55 2.85 12.52 -10.84
N ASN A 56 3.58 11.60 -11.48
CA ASN A 56 4.71 11.98 -12.32
C ASN A 56 5.78 12.72 -11.52
N ASP A 57 5.80 12.48 -10.20
CA ASP A 57 6.78 13.12 -9.33
C ASP A 57 7.72 12.09 -8.70
N GLY A 58 7.27 10.84 -8.64
CA GLY A 58 8.10 9.79 -8.06
C GLY A 58 8.17 9.86 -6.55
N ARG A 59 7.02 9.87 -5.90
CA ARG A 59 6.95 9.95 -4.45
C ARG A 59 5.51 9.88 -3.96
N ILE A 60 5.21 8.82 -3.20
CA ILE A 60 3.86 8.63 -2.66
C ILE A 60 3.89 8.63 -1.14
N ASP A 61 3.01 9.42 -0.53
CA ASP A 61 2.97 9.51 0.93
C ASP A 61 1.66 8.99 1.50
N TYR A 62 1.57 9.01 2.83
CA TYR A 62 0.39 8.54 3.56
C TYR A 62 -0.91 8.97 2.89
N ASP A 63 -0.95 10.20 2.39
CA ASP A 63 -2.14 10.72 1.73
C ASP A 63 -2.50 9.87 0.51
N GLU A 64 -1.68 9.96 -0.52
CA GLU A 64 -1.90 9.20 -1.74
C GLU A 64 -1.91 7.70 -1.45
N PHE A 65 -1.30 7.31 -0.33
CA PHE A 65 -1.24 5.90 0.06
C PHE A 65 -2.64 5.34 0.26
N LEU A 66 -3.51 6.15 0.85
CA LEU A 66 -4.89 5.74 1.08
C LEU A 66 -5.60 5.44 -0.25
N GLU A 67 -5.03 5.95 -1.34
CA GLU A 67 -5.60 5.73 -2.67
C GLU A 67 -5.44 4.26 -3.07
N PHE A 68 -4.41 3.62 -2.52
CA PHE A 68 -4.14 2.21 -2.80
C PHE A 68 -5.37 1.37 -2.49
N MET A 69 -5.74 1.35 -1.21
CA MET A 69 -6.89 0.59 -0.76
C MET A 69 -8.17 1.03 -1.48
N LYS A 70 -8.20 2.30 -1.89
CA LYS A 70 -9.37 2.84 -2.59
C LYS A 70 -9.76 1.96 -3.77
N GLY A 71 -8.77 1.26 -4.33
CA GLY A 71 -9.04 0.37 -5.45
C GLY A 71 -9.86 -0.84 -5.05
N VAL A 72 -9.74 -1.24 -3.79
CA VAL A 72 -10.47 -2.39 -3.28
C VAL A 72 -11.96 -2.21 -3.44
N GLU A 73 -12.41 -0.95 -3.42
CA GLU A 73 -13.83 -0.64 -3.57
C GLU A 73 -14.17 -0.33 -5.02
N THR B 1 2.25 -11.03 -12.21
CA THR B 1 0.92 -11.60 -11.86
C THR B 1 -0.20 -10.63 -12.21
N GLN B 2 -1.42 -11.15 -12.29
CA GLN B 2 -2.58 -10.34 -12.63
C GLN B 2 -3.50 -10.19 -11.43
N LYS B 3 -3.52 -11.20 -10.57
CA LYS B 3 -4.37 -11.18 -9.38
C LYS B 3 -3.74 -10.34 -8.28
N ILE B 4 -4.55 -9.52 -7.63
CA ILE B 4 -4.09 -8.66 -6.54
C ILE B 4 -3.73 -9.50 -5.31
N PHE B 5 -2.76 -9.02 -4.53
CA PHE B 5 -2.33 -9.73 -3.34
C PHE B 5 -2.60 -8.92 -2.06
N ASP B 6 -1.55 -8.40 -1.42
CA ASP B 6 -1.70 -7.62 -0.20
C ASP B 6 -2.14 -6.19 -0.52
N LEU B 7 -2.91 -6.05 -1.60
CA LEU B 7 -3.41 -4.75 -2.03
C LEU B 7 -4.91 -4.68 -1.79
N ARG B 8 -5.59 -5.79 -2.04
CA ARG B 8 -7.04 -5.86 -1.86
C ARG B 8 -7.40 -6.89 -0.79
N GLY B 9 -8.67 -6.89 -0.40
CA GLY B 9 -9.13 -7.83 0.62
C GLY B 9 -9.49 -7.16 1.92
N LYS B 10 -9.05 -7.74 3.02
CA LYS B 10 -9.32 -7.20 4.36
C LYS B 10 -9.13 -5.69 4.40
N PHE B 11 -8.26 -5.18 3.54
CA PHE B 11 -7.98 -3.74 3.46
C PHE B 11 -9.28 -2.92 3.51
N LYS B 12 -10.36 -3.50 3.00
CA LYS B 12 -11.65 -2.81 3.00
C LYS B 12 -12.50 -3.27 4.18
N ARG B 13 -13.38 -2.38 4.65
CA ARG B 13 -14.25 -2.67 5.78
C ARG B 13 -13.44 -2.93 7.04
N PRO B 14 -13.83 -2.31 8.17
CA PRO B 14 -13.14 -2.49 9.45
C PRO B 14 -13.66 -3.68 10.25
N THR B 15 -12.87 -4.75 10.28
CA THR B 15 -13.25 -5.96 11.01
C THR B 15 -13.26 -5.70 12.51
N LEU B 16 -13.45 -6.77 13.28
CA LEU B 16 -13.47 -6.66 14.74
C LEU B 16 -12.53 -7.70 15.37
N ARG B 17 -12.45 -7.67 16.70
CA ARG B 17 -11.61 -8.60 17.42
C ARG B 17 -10.14 -8.43 17.02
N ARG B 18 -9.36 -7.78 17.89
CA ARG B 18 -7.95 -7.54 17.62
C ARG B 18 -7.76 -6.71 16.36
N VAL B 19 -7.90 -5.39 16.50
CA VAL B 19 -7.74 -4.49 15.38
C VAL B 19 -6.36 -3.83 15.38
N ARG B 20 -6.18 -2.84 14.53
CA ARG B 20 -4.90 -2.13 14.44
C ARG B 20 -4.98 -1.00 13.43
N MET A 1 -16.93 7.30 18.30
CA MET A 1 -16.43 6.23 17.39
C MET A 1 -15.13 6.66 16.71
N LYS A 2 -14.14 5.76 16.69
CA LYS A 2 -12.87 6.05 16.07
C LYS A 2 -12.53 5.01 15.01
N GLY A 3 -11.83 5.45 13.96
CA GLY A 3 -11.46 4.55 12.88
C GLY A 3 -10.50 3.46 13.34
N LYS A 4 -10.99 2.22 13.39
CA LYS A 4 -10.18 1.10 13.81
C LYS A 4 -9.64 0.34 12.60
N SER A 5 -9.41 1.05 11.50
CA SER A 5 -8.90 0.44 10.28
C SER A 5 -7.68 1.19 9.77
N GLU A 6 -7.76 2.52 9.78
CA GLU A 6 -6.66 3.36 9.31
C GLU A 6 -5.38 3.07 10.09
N GLU A 7 -5.53 2.73 11.37
CA GLU A 7 -4.39 2.43 12.22
C GLU A 7 -3.60 1.25 11.67
N GLU A 8 -4.30 0.33 11.00
CA GLU A 8 -3.66 -0.85 10.42
C GLU A 8 -2.57 -0.45 9.44
N LEU A 9 -2.95 0.28 8.40
CA LEU A 9 -2.00 0.74 7.39
C LEU A 9 -1.08 1.80 7.96
N SER A 10 -1.58 2.56 8.94
CA SER A 10 -0.79 3.61 9.57
C SER A 10 0.60 3.10 9.93
N ASP A 11 0.65 1.87 10.41
CA ASP A 11 1.92 1.24 10.78
C ASP A 11 2.58 0.63 9.54
N LEU A 12 1.76 0.23 8.59
CA LEU A 12 2.26 -0.36 7.35
C LEU A 12 3.11 0.63 6.57
N PHE A 13 2.68 1.90 6.53
CA PHE A 13 3.42 2.93 5.81
C PHE A 13 4.89 2.96 6.22
N ARG A 14 5.13 3.09 7.53
CA ARG A 14 6.49 3.13 8.06
C ARG A 14 7.32 1.95 7.55
N MET A 15 6.64 0.85 7.20
CA MET A 15 7.32 -0.34 6.70
C MET A 15 7.91 -0.09 5.31
N PHE A 16 7.23 0.73 4.52
CA PHE A 16 7.69 1.04 3.18
C PHE A 16 8.52 2.31 3.16
N ASP A 17 8.04 3.34 3.85
CA ASP A 17 8.73 4.62 3.92
C ASP A 17 9.97 4.53 4.81
N LYS A 18 10.94 3.71 4.39
CA LYS A 18 12.17 3.54 5.15
C LYS A 18 13.09 4.73 4.97
N ASN A 19 12.91 5.45 3.86
CA ASN A 19 13.72 6.62 3.56
C ASN A 19 13.37 7.79 4.48
N ALA A 20 12.21 7.70 5.12
CA ALA A 20 11.75 8.74 6.04
C ALA A 20 11.48 10.05 5.28
N ASP A 21 10.35 10.08 4.58
CA ASP A 21 9.96 11.27 3.81
C ASP A 21 8.45 11.47 3.87
N GLY A 22 7.70 10.40 3.65
CA GLY A 22 6.25 10.49 3.67
C GLY A 22 5.60 9.94 2.41
N TYR A 23 6.41 9.40 1.50
CA TYR A 23 5.89 8.84 0.25
C TYR A 23 6.68 7.60 -0.14
N ILE A 24 6.11 6.81 -1.07
CA ILE A 24 6.80 5.60 -1.53
C ILE A 24 7.15 5.69 -3.01
N ASP A 25 8.40 5.37 -3.33
CA ASP A 25 8.86 5.42 -4.71
C ASP A 25 9.30 4.03 -5.19
N LEU A 26 9.96 3.99 -6.34
CA LEU A 26 10.44 2.73 -6.90
C LEU A 26 11.29 1.96 -5.89
N GLU A 27 12.18 2.67 -5.22
CA GLU A 27 13.06 2.06 -4.22
C GLU A 27 12.24 1.39 -3.13
N GLU A 28 11.36 2.16 -2.49
CA GLU A 28 10.51 1.64 -1.42
C GLU A 28 9.50 0.64 -1.97
N LEU A 29 9.18 0.78 -3.26
CA LEU A 29 8.23 -0.12 -3.92
C LEU A 29 8.67 -1.57 -3.78
N LYS A 30 9.99 -1.79 -3.79
CA LYS A 30 10.53 -3.13 -3.66
C LYS A 30 10.00 -3.81 -2.40
N ILE A 31 9.72 -3.00 -1.38
CA ILE A 31 9.19 -3.52 -0.12
C ILE A 31 7.84 -4.19 -0.33
N MET A 32 7.12 -3.75 -1.35
CA MET A 32 5.81 -4.32 -1.65
C MET A 32 5.94 -5.81 -1.97
N LEU A 33 6.87 -6.13 -2.87
CA LEU A 33 7.10 -7.52 -3.26
C LEU A 33 7.61 -8.32 -2.08
N GLN A 34 8.31 -7.65 -1.16
CA GLN A 34 8.85 -8.32 0.03
C GLN A 34 7.75 -9.09 0.75
N ALA A 35 6.52 -8.61 0.62
CA ALA A 35 5.37 -9.23 1.26
C ALA A 35 5.06 -10.57 0.57
N THR A 36 5.41 -10.66 -0.71
CA THR A 36 5.18 -11.87 -1.48
C THR A 36 6.39 -12.79 -1.45
N GLY A 37 7.54 -12.26 -1.85
CA GLY A 37 8.76 -13.06 -1.84
C GLY A 37 9.04 -13.68 -3.19
N GLU A 38 8.55 -13.04 -4.25
CA GLU A 38 8.76 -13.55 -5.60
C GLU A 38 9.82 -12.74 -6.34
N THR A 39 10.03 -11.50 -5.90
CA THR A 39 11.02 -10.62 -6.51
C THR A 39 10.57 -10.15 -7.88
N ILE A 40 10.39 -11.11 -8.79
CA ILE A 40 9.96 -10.80 -10.15
C ILE A 40 11.08 -10.11 -10.94
N THR A 41 11.25 -8.81 -10.69
CA THR A 41 12.29 -8.02 -11.36
C THR A 41 12.01 -6.53 -11.16
N GLU A 42 12.95 -5.70 -11.58
CA GLU A 42 12.80 -4.25 -11.44
C GLU A 42 11.51 -3.77 -12.10
N ASP A 43 11.01 -4.56 -13.06
CA ASP A 43 9.78 -4.23 -13.76
C ASP A 43 8.59 -4.22 -12.80
N ASP A 44 8.47 -5.28 -12.02
CA ASP A 44 7.37 -5.39 -11.06
C ASP A 44 7.32 -4.17 -10.14
N ILE A 45 8.46 -3.51 -9.97
CA ILE A 45 8.53 -2.33 -9.13
C ILE A 45 7.83 -1.14 -9.78
N GLU A 46 8.10 -0.91 -11.05
CA GLU A 46 7.50 0.19 -11.78
C GLU A 46 6.07 -0.12 -12.17
N GLU A 47 5.76 -1.41 -12.32
CA GLU A 47 4.43 -1.83 -12.70
C GLU A 47 3.45 -1.67 -11.54
N LEU A 48 3.88 -2.05 -10.34
CA LEU A 48 3.03 -1.92 -9.17
C LEU A 48 2.83 -0.46 -8.81
N MET A 49 3.92 0.30 -8.83
CA MET A 49 3.89 1.73 -8.52
C MET A 49 2.71 2.41 -9.19
N LYS A 50 2.34 1.93 -10.39
CA LYS A 50 1.22 2.51 -11.12
C LYS A 50 -0.04 2.53 -10.26
N ASP A 51 -0.10 1.63 -9.29
CA ASP A 51 -1.26 1.55 -8.39
C ASP A 51 -1.11 2.51 -7.22
N GLY A 52 0.05 2.46 -6.55
CA GLY A 52 0.29 3.32 -5.42
C GLY A 52 0.04 4.78 -5.74
N ASP A 53 0.85 5.33 -6.63
CA ASP A 53 0.73 6.73 -7.02
C ASP A 53 -0.44 6.91 -7.99
N LYS A 54 -0.24 6.52 -9.24
CA LYS A 54 -1.28 6.65 -10.26
C LYS A 54 -1.75 8.10 -10.39
N ASN A 55 -0.87 9.04 -10.06
CA ASN A 55 -1.20 10.46 -10.13
C ASN A 55 -0.37 11.16 -11.21
N ASN A 56 0.45 10.40 -11.93
CA ASN A 56 1.29 10.96 -12.99
C ASN A 56 2.27 11.98 -12.43
N ASP A 57 2.60 11.85 -11.15
CA ASP A 57 3.54 12.76 -10.50
C ASP A 57 4.82 12.02 -10.06
N GLY A 58 4.70 10.72 -9.85
CA GLY A 58 5.85 9.94 -9.43
C GLY A 58 6.08 10.00 -7.93
N ARG A 59 5.02 9.78 -7.16
CA ARG A 59 5.13 9.79 -5.70
C ARG A 59 3.79 9.45 -5.06
N ILE A 60 3.82 8.50 -4.13
CA ILE A 60 2.61 8.08 -3.42
C ILE A 60 2.72 8.40 -1.93
N ASP A 61 1.69 9.05 -1.39
CA ASP A 61 1.71 9.43 0.02
C ASP A 61 0.61 8.72 0.83
N TYR A 62 0.67 8.90 2.14
CA TYR A 62 -0.29 8.29 3.07
C TYR A 62 -1.70 8.22 2.47
N ASP A 63 -2.23 9.37 2.07
CA ASP A 63 -3.57 9.45 1.49
C ASP A 63 -3.78 8.37 0.43
N GLU A 64 -2.87 8.30 -0.54
CA GLU A 64 -2.96 7.32 -1.60
C GLU A 64 -2.51 5.94 -1.11
N PHE A 65 -1.71 5.92 -0.05
CA PHE A 65 -1.21 4.67 0.51
C PHE A 65 -2.36 3.82 1.02
N LEU A 66 -3.19 4.40 1.87
CA LEU A 66 -4.34 3.70 2.44
C LEU A 66 -5.27 3.20 1.33
N GLU A 67 -5.15 3.80 0.15
CA GLU A 67 -5.96 3.41 -0.99
C GLU A 67 -5.51 2.04 -1.52
N PHE A 68 -4.23 1.74 -1.30
CA PHE A 68 -3.65 0.47 -1.75
C PHE A 68 -4.48 -0.72 -1.24
N MET A 69 -4.73 -0.73 0.07
CA MET A 69 -5.49 -1.80 0.70
C MET A 69 -6.99 -1.54 0.59
N LYS A 70 -7.37 -0.27 0.68
CA LYS A 70 -8.79 0.10 0.60
C LYS A 70 -9.48 -0.58 -0.57
N GLY A 71 -8.71 -0.87 -1.62
CA GLY A 71 -9.27 -1.55 -2.78
C GLY A 71 -9.57 -3.01 -2.52
N VAL A 72 -8.85 -3.58 -1.56
CA VAL A 72 -9.03 -4.99 -1.20
C VAL A 72 -10.50 -5.31 -0.93
N GLU A 73 -11.23 -4.32 -0.41
CA GLU A 73 -12.65 -4.50 -0.11
C GLU A 73 -13.48 -4.53 -1.39
N THR B 1 2.12 -10.23 -10.30
CA THR B 1 2.07 -10.28 -11.78
C THR B 1 1.46 -9.01 -12.36
N GLN B 2 0.29 -8.63 -11.85
CA GLN B 2 -0.40 -7.44 -12.31
C GLN B 2 -1.27 -6.84 -11.22
N LYS B 3 -0.94 -5.63 -10.79
CA LYS B 3 -1.69 -4.94 -9.76
C LYS B 3 -1.65 -5.72 -8.44
N ILE B 4 -0.64 -5.45 -7.64
CA ILE B 4 -0.48 -6.13 -6.34
C ILE B 4 -0.51 -7.65 -6.51
N PHE B 5 -0.27 -8.36 -5.41
CA PHE B 5 -0.26 -9.81 -5.43
C PHE B 5 -0.85 -10.35 -4.12
N ASP B 6 -0.34 -11.46 -3.61
CA ASP B 6 -0.83 -12.04 -2.37
C ASP B 6 -0.99 -10.96 -1.29
N LEU B 7 -0.24 -9.87 -1.45
CA LEU B 7 -0.31 -8.75 -0.51
C LEU B 7 -1.74 -8.42 -0.15
N ARG B 8 -2.62 -8.47 -1.15
CA ARG B 8 -4.03 -8.18 -0.95
C ARG B 8 -4.65 -9.20 0.00
N GLY B 9 -5.94 -9.02 0.27
CA GLY B 9 -6.65 -9.92 1.15
C GLY B 9 -6.14 -9.84 2.58
N LYS B 10 -7.07 -9.82 3.53
CA LYS B 10 -6.70 -9.73 4.95
C LYS B 10 -6.00 -8.41 5.25
N PHE B 11 -6.13 -7.45 4.34
CA PHE B 11 -5.51 -6.14 4.51
C PHE B 11 -6.57 -5.05 4.57
N LYS B 12 -7.79 -5.43 4.91
CA LYS B 12 -8.91 -4.49 5.01
C LYS B 12 -9.91 -4.96 6.04
N ARG B 13 -10.68 -4.02 6.59
CA ARG B 13 -11.70 -4.35 7.59
C ARG B 13 -12.45 -3.09 8.02
N PRO B 14 -13.78 -3.15 8.07
CA PRO B 14 -14.62 -2.01 8.47
C PRO B 14 -14.86 -1.95 9.97
N THR B 15 -14.69 -3.09 10.65
CA THR B 15 -14.90 -3.15 12.09
C THR B 15 -16.37 -3.00 12.45
N LEU B 16 -16.89 -1.79 12.25
CA LEU B 16 -18.29 -1.50 12.54
C LEU B 16 -18.92 -0.63 11.46
N ARG B 17 -20.21 -0.35 11.61
CA ARG B 17 -20.93 0.48 10.64
C ARG B 17 -22.28 0.90 11.19
N ARG B 18 -22.44 2.20 11.43
CA ARG B 18 -23.70 2.75 11.96
C ARG B 18 -24.25 1.89 13.09
N VAL B 19 -23.54 1.85 14.21
CA VAL B 19 -23.95 1.06 15.36
C VAL B 19 -25.43 1.28 15.70
N ARG B 20 -25.93 2.47 15.38
CA ARG B 20 -27.33 2.79 15.63
C ARG B 20 -28.04 3.18 14.35
N MET A 1 -18.19 8.92 15.21
CA MET A 1 -19.24 7.91 15.54
C MET A 1 -19.25 6.78 14.52
N LYS A 2 -19.53 7.13 13.26
CA LYS A 2 -19.57 6.14 12.20
C LYS A 2 -18.73 6.59 11.01
N GLY A 3 -17.45 6.24 11.02
CA GLY A 3 -16.56 6.62 9.94
C GLY A 3 -15.12 6.26 10.23
N LYS A 4 -14.75 5.03 9.92
CA LYS A 4 -13.38 4.56 10.14
C LYS A 4 -12.81 3.91 8.89
N SER A 5 -12.00 4.66 8.15
CA SER A 5 -11.39 4.16 6.93
C SER A 5 -10.03 4.81 6.69
N GLU A 6 -10.00 6.13 6.69
CA GLU A 6 -8.77 6.87 6.48
C GLU A 6 -7.73 6.53 7.54
N GLU A 7 -8.16 6.48 8.79
CA GLU A 7 -7.27 6.17 9.90
C GLU A 7 -6.67 4.78 9.73
N GLU A 8 -7.39 3.90 9.03
CA GLU A 8 -6.92 2.54 8.81
C GLU A 8 -5.57 2.54 8.10
N LEU A 9 -5.54 3.10 6.89
CA LEU A 9 -4.31 3.16 6.11
C LEU A 9 -3.26 4.02 6.81
N SER A 10 -3.71 4.92 7.67
CA SER A 10 -2.80 5.79 8.41
C SER A 10 -1.75 4.97 9.15
N ASP A 11 -2.18 3.87 9.75
CA ASP A 11 -1.29 2.99 10.48
C ASP A 11 -0.50 2.10 9.53
N LEU A 12 -1.11 1.79 8.38
CA LEU A 12 -0.46 0.95 7.39
C LEU A 12 0.77 1.64 6.82
N PHE A 13 0.68 2.94 6.60
CA PHE A 13 1.78 3.72 6.06
C PHE A 13 2.98 3.71 7.01
N ARG A 14 2.71 3.96 8.29
CA ARG A 14 3.76 3.98 9.30
C ARG A 14 4.55 2.68 9.31
N MET A 15 3.89 1.58 8.99
CA MET A 15 4.54 0.27 8.97
C MET A 15 5.12 -0.02 7.58
N PHE A 16 4.32 0.19 6.54
CA PHE A 16 4.75 -0.06 5.18
C PHE A 16 5.98 0.79 4.83
N ASP A 17 6.12 1.93 5.48
CA ASP A 17 7.24 2.82 5.23
C ASP A 17 8.55 2.21 5.73
N LYS A 18 8.72 2.16 7.06
CA LYS A 18 9.92 1.60 7.66
C LYS A 18 11.17 2.39 7.27
N ASN A 19 10.97 3.55 6.66
CA ASN A 19 12.08 4.39 6.23
C ASN A 19 12.17 5.66 7.07
N ALA A 20 11.05 6.04 7.69
CA ALA A 20 11.00 7.23 8.52
C ALA A 20 11.17 8.48 7.67
N ASP A 21 10.66 8.44 6.46
CA ASP A 21 10.75 9.58 5.54
C ASP A 21 9.36 10.14 5.22
N GLY A 22 8.42 9.23 4.95
CA GLY A 22 7.06 9.64 4.63
C GLY A 22 6.65 9.28 3.21
N TYR A 23 7.49 8.51 2.52
CA TYR A 23 7.19 8.11 1.15
C TYR A 23 7.63 6.66 0.90
N ILE A 24 7.10 6.05 -0.16
CA ILE A 24 7.48 4.68 -0.49
C ILE A 24 8.18 4.61 -1.84
N ASP A 25 9.32 3.94 -1.87
CA ASP A 25 10.11 3.80 -3.09
C ASP A 25 10.40 2.33 -3.37
N LEU A 26 11.23 2.08 -4.38
CA LEU A 26 11.60 0.71 -4.76
C LEU A 26 11.99 -0.11 -3.54
N GLU A 27 12.64 0.53 -2.57
CA GLU A 27 13.06 -0.15 -1.35
C GLU A 27 11.86 -0.67 -0.57
N GLU A 28 10.91 0.22 -0.28
CA GLU A 28 9.72 -0.15 0.46
C GLU A 28 8.77 -0.96 -0.42
N LEU A 29 8.82 -0.73 -1.72
CA LEU A 29 7.96 -1.44 -2.66
C LEU A 29 8.10 -2.95 -2.49
N LYS A 30 9.30 -3.38 -2.12
CA LYS A 30 9.57 -4.80 -1.92
C LYS A 30 8.57 -5.39 -0.92
N ILE A 31 8.23 -4.59 0.09
CA ILE A 31 7.29 -5.01 1.12
C ILE A 31 5.98 -5.47 0.49
N MET A 32 5.60 -4.85 -0.62
CA MET A 32 4.37 -5.20 -1.32
C MET A 32 4.40 -6.66 -1.74
N LEU A 33 5.58 -7.14 -2.10
CA LEU A 33 5.75 -8.53 -2.53
C LEU A 33 5.99 -9.44 -1.33
N GLN A 34 6.59 -8.88 -0.28
CA GLN A 34 6.88 -9.64 0.94
C GLN A 34 5.58 -10.19 1.55
N ALA A 35 4.48 -9.48 1.31
CA ALA A 35 3.19 -9.90 1.85
C ALA A 35 2.72 -11.20 1.20
N THR A 36 2.98 -11.34 -0.10
CA THR A 36 2.59 -12.54 -0.83
C THR A 36 3.70 -13.56 -0.83
N GLY A 37 4.93 -13.11 -1.11
CA GLY A 37 6.06 -14.01 -1.14
C GLY A 37 6.39 -14.49 -2.54
N GLU A 38 5.38 -14.58 -3.39
CA GLU A 38 5.57 -15.03 -4.77
C GLU A 38 4.25 -14.98 -5.54
N THR A 39 4.28 -14.36 -6.72
CA THR A 39 3.09 -14.25 -7.55
C THR A 39 3.44 -13.70 -8.93
N ILE A 40 4.19 -12.59 -8.93
CA ILE A 40 4.59 -11.96 -10.19
C ILE A 40 6.11 -12.04 -10.37
N THR A 41 6.83 -11.05 -9.83
CA THR A 41 8.28 -11.01 -9.94
C THR A 41 8.80 -9.63 -9.54
N GLU A 42 10.13 -9.48 -9.51
CA GLU A 42 10.74 -8.21 -9.15
C GLU A 42 10.22 -7.08 -10.04
N ASP A 43 9.73 -7.44 -11.23
CA ASP A 43 9.21 -6.47 -12.17
C ASP A 43 8.01 -5.73 -11.58
N ASP A 44 7.04 -6.48 -11.06
CA ASP A 44 5.84 -5.90 -10.47
C ASP A 44 6.21 -4.86 -9.41
N ILE A 45 7.37 -5.02 -8.79
CA ILE A 45 7.83 -4.09 -7.77
C ILE A 45 7.91 -2.67 -8.31
N GLU A 46 8.61 -2.52 -9.44
CA GLU A 46 8.77 -1.22 -10.07
C GLU A 46 7.48 -0.79 -10.77
N GLU A 47 6.81 -1.75 -11.39
CA GLU A 47 5.56 -1.47 -12.11
C GLU A 47 4.46 -1.07 -11.14
N LEU A 48 4.51 -1.61 -9.93
CA LEU A 48 3.51 -1.30 -8.90
C LEU A 48 3.55 0.18 -8.56
N MET A 49 4.75 0.70 -8.35
CA MET A 49 4.95 2.11 -8.02
C MET A 49 4.03 3.02 -8.83
N LYS A 50 3.80 2.63 -10.08
CA LYS A 50 2.93 3.41 -10.97
C LYS A 50 1.60 3.72 -10.30
N ASP A 51 1.17 2.83 -9.42
CA ASP A 51 -0.09 3.01 -8.69
C ASP A 51 0.08 4.03 -7.58
N GLY A 52 1.06 3.80 -6.71
CA GLY A 52 1.30 4.72 -5.61
C GLY A 52 1.67 6.10 -6.10
N ASP A 53 2.72 6.18 -6.92
CA ASP A 53 3.17 7.46 -7.46
C ASP A 53 2.69 7.63 -8.90
N LYS A 54 1.39 7.85 -9.06
CA LYS A 54 0.81 8.03 -10.39
C LYS A 54 0.65 9.52 -10.71
N ASN A 55 1.53 10.34 -10.15
CA ASN A 55 1.48 11.78 -10.39
C ASN A 55 2.73 12.27 -11.12
N ASN A 56 3.72 11.39 -11.24
CA ASN A 56 4.96 11.75 -11.93
C ASN A 56 5.70 12.86 -11.19
N ASP A 57 5.94 12.63 -9.90
CA ASP A 57 6.65 13.61 -9.07
C ASP A 57 7.99 13.07 -8.59
N GLY A 58 8.01 11.78 -8.24
CA GLY A 58 9.23 11.16 -7.77
C GLY A 58 8.97 9.99 -6.85
N ARG A 59 8.08 10.19 -5.88
CA ARG A 59 7.75 9.12 -4.93
C ARG A 59 6.28 9.20 -4.53
N ILE A 60 5.89 8.33 -3.60
CA ILE A 60 4.51 8.29 -3.12
C ILE A 60 4.44 8.66 -1.64
N ASP A 61 3.46 9.48 -1.28
CA ASP A 61 3.31 9.92 0.11
C ASP A 61 2.01 9.42 0.74
N TYR A 62 1.96 9.47 2.07
CA TYR A 62 0.78 9.03 2.83
C TYR A 62 -0.52 9.43 2.15
N ASP A 63 -0.51 10.57 1.48
CA ASP A 63 -1.70 11.05 0.78
C ASP A 63 -2.09 10.12 -0.36
N GLU A 64 -1.24 10.08 -1.39
CA GLU A 64 -1.50 9.22 -2.54
C GLU A 64 -1.60 7.75 -2.12
N PHE A 65 -1.01 7.43 -0.98
CA PHE A 65 -1.02 6.06 -0.46
C PHE A 65 -2.47 5.59 -0.28
N LEU A 66 -3.31 6.48 0.23
CA LEU A 66 -4.72 6.14 0.45
C LEU A 66 -5.40 5.78 -0.86
N GLU A 67 -4.80 6.18 -1.98
CA GLU A 67 -5.35 5.87 -3.30
C GLU A 67 -5.22 4.38 -3.61
N PHE A 68 -4.19 3.75 -3.04
CA PHE A 68 -3.95 2.33 -3.23
C PHE A 68 -5.20 1.51 -2.92
N MET A 69 -5.66 1.60 -1.68
CA MET A 69 -6.85 0.87 -1.25
C MET A 69 -8.10 1.46 -1.86
N LYS A 70 -8.12 2.79 -1.98
CA LYS A 70 -9.27 3.49 -2.54
C LYS A 70 -9.71 2.86 -3.87
N GLY A 71 -8.76 2.22 -4.55
CA GLY A 71 -9.06 1.57 -5.82
C GLY A 71 -9.69 0.20 -5.66
N VAL A 72 -9.53 -0.39 -4.47
CA VAL A 72 -10.08 -1.71 -4.19
C VAL A 72 -11.58 -1.75 -4.49
N GLU A 73 -12.26 -0.62 -4.25
CA GLU A 73 -13.69 -0.53 -4.49
C GLU A 73 -13.97 0.05 -5.87
N THR B 1 -1.08 -7.83 -16.56
CA THR B 1 -2.17 -8.78 -16.95
C THR B 1 -3.22 -8.88 -15.85
N GLN B 2 -2.85 -9.48 -14.72
CA GLN B 2 -3.75 -9.65 -13.60
C GLN B 2 -3.49 -8.59 -12.53
N LYS B 3 -2.22 -8.45 -12.14
CA LYS B 3 -1.84 -7.48 -11.12
C LYS B 3 -2.51 -7.79 -9.79
N ILE B 4 -2.30 -6.91 -8.82
CA ILE B 4 -2.90 -7.06 -7.50
C ILE B 4 -2.60 -8.41 -6.86
N PHE B 5 -2.35 -8.41 -5.57
CA PHE B 5 -2.05 -9.63 -4.83
C PHE B 5 -1.76 -9.32 -3.37
N ASP B 6 -2.65 -9.75 -2.47
CA ASP B 6 -2.48 -9.52 -1.05
C ASP B 6 -2.26 -8.03 -0.78
N LEU B 7 -2.73 -7.20 -1.69
CA LEU B 7 -2.59 -5.75 -1.57
C LEU B 7 -3.96 -5.10 -1.59
N ARG B 8 -4.82 -5.57 -2.47
CA ARG B 8 -6.17 -5.05 -2.61
C ARG B 8 -7.13 -5.74 -1.65
N GLY B 9 -7.19 -7.07 -1.74
CA GLY B 9 -8.08 -7.83 -0.88
C GLY B 9 -7.74 -7.65 0.60
N LYS B 10 -8.78 -7.46 1.42
CA LYS B 10 -8.59 -7.27 2.85
C LYS B 10 -8.07 -5.87 3.15
N PHE B 11 -8.46 -4.91 2.32
CA PHE B 11 -8.04 -3.52 2.49
C PHE B 11 -9.19 -2.57 2.19
N LYS B 12 -10.40 -2.98 2.58
CA LYS B 12 -11.59 -2.17 2.35
C LYS B 12 -12.18 -1.68 3.68
N ARG B 13 -12.13 -2.54 4.69
CA ARG B 13 -12.66 -2.19 6.01
C ARG B 13 -11.73 -2.68 7.11
N PRO B 14 -11.81 -2.06 8.30
CA PRO B 14 -10.98 -2.42 9.44
C PRO B 14 -11.52 -3.63 10.20
N THR B 15 -10.63 -4.56 10.53
CA THR B 15 -11.01 -5.77 11.25
C THR B 15 -11.34 -5.45 12.71
N LEU B 16 -12.19 -6.26 13.31
CA LEU B 16 -12.58 -6.07 14.70
C LEU B 16 -11.37 -6.14 15.63
N ARG B 17 -11.48 -5.53 16.80
CA ARG B 17 -10.39 -5.52 17.77
C ARG B 17 -9.14 -4.85 17.18
N ARG B 18 -8.27 -4.36 18.07
CA ARG B 18 -7.05 -3.70 17.64
C ARG B 18 -5.86 -4.64 17.76
N VAL B 19 -5.84 -5.44 18.82
CA VAL B 19 -4.76 -6.39 19.06
C VAL B 19 -4.45 -7.21 17.82
N ARG B 20 -3.26 -7.83 17.79
CA ARG B 20 -2.85 -8.65 16.66
C ARG B 20 -1.71 -9.56 17.05
N MET A 1 -12.22 7.51 15.70
CA MET A 1 -12.64 6.13 16.05
C MET A 1 -11.43 5.22 16.23
N LYS A 2 -11.68 3.98 16.63
CA LYS A 2 -10.62 3.00 16.83
C LYS A 2 -10.31 2.24 15.55
N GLY A 3 -11.34 2.00 14.76
CA GLY A 3 -11.16 1.29 13.50
C GLY A 3 -11.45 2.15 12.29
N LYS A 4 -10.74 3.27 12.18
CA LYS A 4 -10.92 4.19 11.07
C LYS A 4 -10.13 3.73 9.84
N SER A 5 -10.51 4.23 8.67
CA SER A 5 -9.83 3.87 7.43
C SER A 5 -8.59 4.73 7.22
N GLU A 6 -8.64 5.97 7.71
CA GLU A 6 -7.51 6.89 7.58
C GLU A 6 -6.44 6.60 8.63
N GLU A 7 -6.87 6.19 9.81
CA GLU A 7 -5.96 5.87 10.90
C GLU A 7 -5.14 4.64 10.58
N GLU A 8 -5.78 3.66 9.94
CA GLU A 8 -5.10 2.42 9.57
C GLU A 8 -3.90 2.69 8.66
N LEU A 9 -4.07 3.63 7.74
CA LEU A 9 -3.01 3.99 6.80
C LEU A 9 -1.99 4.92 7.46
N SER A 10 -2.48 5.78 8.35
CA SER A 10 -1.62 6.74 9.04
C SER A 10 -0.41 6.04 9.66
N ASP A 11 -0.64 4.86 10.22
CA ASP A 11 0.44 4.09 10.85
C ASP A 11 1.19 3.26 9.82
N LEU A 12 0.54 2.98 8.69
CA LEU A 12 1.15 2.19 7.63
C LEU A 12 2.17 3.01 6.86
N PHE A 13 1.84 4.26 6.56
CA PHE A 13 2.74 5.14 5.82
C PHE A 13 4.07 5.29 6.55
N ARG A 14 4.01 5.60 7.85
CA ARG A 14 5.21 5.77 8.66
C ARG A 14 6.07 4.50 8.64
N MET A 15 5.41 3.36 8.50
CA MET A 15 6.11 2.08 8.49
C MET A 15 6.54 1.70 7.07
N PHE A 16 5.80 2.21 6.08
CA PHE A 16 6.11 1.93 4.68
C PHE A 16 7.24 2.81 4.19
N ASP A 17 7.21 4.08 4.59
CA ASP A 17 8.25 5.03 4.19
C ASP A 17 9.58 4.71 4.87
N LYS A 18 10.14 3.56 4.53
CA LYS A 18 11.42 3.13 5.11
C LYS A 18 12.54 4.11 4.74
N ASN A 19 12.38 4.77 3.59
CA ASN A 19 13.37 5.72 3.13
C ASN A 19 13.39 6.96 4.02
N ALA A 20 12.25 7.27 4.61
CA ALA A 20 12.13 8.44 5.48
C ALA A 20 12.33 9.73 4.70
N ASP A 21 11.62 9.86 3.59
CA ASP A 21 11.71 11.05 2.76
C ASP A 21 10.38 11.80 2.71
N GLY A 22 9.28 11.05 2.71
CA GLY A 22 7.97 11.65 2.68
C GLY A 22 7.01 10.97 1.73
N TYR A 23 7.55 10.14 0.83
CA TYR A 23 6.74 9.43 -0.15
C TYR A 23 7.36 8.07 -0.48
N ILE A 24 6.73 7.35 -1.41
CA ILE A 24 7.23 6.04 -1.82
C ILE A 24 7.66 6.05 -3.28
N ASP A 25 8.84 5.50 -3.56
CA ASP A 25 9.36 5.44 -4.92
C ASP A 25 9.64 4.01 -5.34
N LEU A 26 10.37 3.84 -6.44
CA LEU A 26 10.70 2.52 -6.95
C LEU A 26 11.41 1.68 -5.88
N GLU A 27 12.33 2.32 -5.16
CA GLU A 27 13.08 1.63 -4.10
C GLU A 27 12.13 1.10 -3.03
N GLU A 28 11.35 1.99 -2.43
CA GLU A 28 10.40 1.60 -1.40
C GLU A 28 9.34 0.65 -1.95
N LEU A 29 9.14 0.70 -3.27
CA LEU A 29 8.16 -0.16 -3.91
C LEU A 29 8.50 -1.63 -3.69
N LYS A 30 9.74 -1.90 -3.32
CA LYS A 30 10.18 -3.27 -3.06
C LYS A 30 9.65 -3.77 -1.72
N ILE A 31 9.38 -2.84 -0.82
CA ILE A 31 8.87 -3.16 0.51
C ILE A 31 7.67 -4.11 0.43
N MET A 32 6.66 -3.73 -0.35
CA MET A 32 5.47 -4.56 -0.50
C MET A 32 5.83 -5.97 -0.97
N LEU A 33 6.82 -6.06 -1.86
CA LEU A 33 7.26 -7.35 -2.39
C LEU A 33 7.67 -8.27 -1.24
N GLN A 34 8.19 -7.68 -0.17
CA GLN A 34 8.60 -8.46 1.00
C GLN A 34 7.42 -9.25 1.55
N ALA A 35 6.21 -8.79 1.25
CA ALA A 35 5.00 -9.44 1.70
C ALA A 35 4.88 -10.84 1.12
N THR A 36 5.24 -10.98 -0.15
CA THR A 36 5.18 -12.27 -0.83
C THR A 36 6.49 -13.04 -0.68
N GLY A 37 7.59 -12.34 -0.88
CA GLY A 37 8.90 -12.97 -0.76
C GLY A 37 9.44 -13.48 -2.08
N GLU A 38 8.54 -13.93 -2.95
CA GLU A 38 8.94 -14.46 -4.25
C GLU A 38 7.73 -14.89 -5.07
N THR A 39 7.63 -14.38 -6.29
CA THR A 39 6.53 -14.71 -7.19
C THR A 39 6.62 -13.91 -8.48
N ILE A 40 7.13 -12.68 -8.38
CA ILE A 40 7.29 -11.81 -9.53
C ILE A 40 8.56 -10.98 -9.42
N THR A 41 8.47 -9.83 -8.74
CA THR A 41 9.62 -8.96 -8.55
C THR A 41 10.22 -8.52 -9.88
N GLU A 42 10.95 -7.42 -9.86
CA GLU A 42 11.60 -6.89 -11.05
C GLU A 42 10.60 -6.71 -12.20
N ASP A 43 9.34 -6.55 -11.85
CA ASP A 43 8.28 -6.38 -12.84
C ASP A 43 7.08 -5.66 -12.25
N ASP A 44 6.54 -6.23 -11.17
CA ASP A 44 5.39 -5.64 -10.49
C ASP A 44 5.79 -4.34 -9.79
N ILE A 45 7.08 -4.20 -9.52
CA ILE A 45 7.60 -3.01 -8.85
C ILE A 45 7.43 -1.78 -9.73
N GLU A 46 7.72 -1.93 -11.02
CA GLU A 46 7.61 -0.83 -11.96
C GLU A 46 6.15 -0.61 -12.40
N GLU A 47 5.37 -1.68 -12.36
CA GLU A 47 3.96 -1.61 -12.75
C GLU A 47 3.08 -1.16 -11.58
N LEU A 48 3.44 -1.61 -10.38
CA LEU A 48 2.67 -1.27 -9.18
C LEU A 48 2.71 0.23 -8.92
N MET A 49 3.91 0.79 -8.91
CA MET A 49 4.10 2.23 -8.66
C MET A 49 3.11 3.06 -9.48
N LYS A 50 2.73 2.55 -10.64
CA LYS A 50 1.79 3.25 -11.51
C LYS A 50 0.50 3.58 -10.78
N ASP A 51 0.15 2.75 -9.79
CA ASP A 51 -1.05 2.96 -9.01
C ASP A 51 -0.84 4.02 -7.94
N GLY A 52 0.26 3.91 -7.20
CA GLY A 52 0.56 4.87 -6.16
C GLY A 52 0.71 6.28 -6.71
N ASP A 53 1.59 6.44 -7.69
CA ASP A 53 1.82 7.75 -8.29
C ASP A 53 1.09 7.87 -9.64
N LYS A 54 0.00 8.63 -9.64
CA LYS A 54 -0.78 8.82 -10.85
C LYS A 54 -0.81 10.30 -11.25
N ASN A 55 0.28 11.00 -10.98
CA ASN A 55 0.39 12.41 -11.31
C ASN A 55 1.58 12.69 -12.23
N ASN A 56 2.27 11.62 -12.64
CA ASN A 56 3.42 11.75 -13.52
C ASN A 56 4.50 12.62 -12.87
N ASP A 57 5.13 12.09 -11.83
CA ASP A 57 6.17 12.81 -11.11
C ASP A 57 7.11 11.83 -10.39
N GLY A 58 6.53 10.85 -9.71
CA GLY A 58 7.32 9.87 -9.00
C GLY A 58 7.37 10.15 -7.50
N ARG A 59 6.24 10.58 -6.95
CA ARG A 59 6.16 10.89 -5.53
C ARG A 59 4.78 10.56 -4.98
N ILE A 60 4.68 9.48 -4.20
CA ILE A 60 3.41 9.07 -3.63
C ILE A 60 3.46 9.14 -2.11
N ASP A 61 2.57 9.93 -1.51
CA ASP A 61 2.54 10.09 -0.06
C ASP A 61 1.14 10.38 0.47
N TYR A 62 0.78 9.69 1.54
CA TYR A 62 -0.53 9.86 2.20
C TYR A 62 -1.68 10.02 1.20
N ASP A 63 -1.91 11.25 0.75
CA ASP A 63 -2.99 11.55 -0.19
C ASP A 63 -3.19 10.43 -1.21
N GLU A 64 -2.12 10.08 -1.91
CA GLU A 64 -2.19 9.02 -2.90
C GLU A 64 -2.02 7.65 -2.25
N PHE A 65 -1.39 7.62 -1.08
CA PHE A 65 -1.17 6.36 -0.36
C PHE A 65 -2.50 5.77 0.09
N LEU A 66 -3.33 6.58 0.72
CA LEU A 66 -4.63 6.12 1.19
C LEU A 66 -5.45 5.51 0.05
N GLU A 67 -5.11 5.90 -1.18
CA GLU A 67 -5.79 5.37 -2.35
C GLU A 67 -5.23 3.99 -2.72
N PHE A 68 -4.07 3.67 -2.18
CA PHE A 68 -3.43 2.38 -2.44
C PHE A 68 -4.26 1.24 -1.84
N MET A 69 -4.55 1.34 -0.55
CA MET A 69 -5.34 0.34 0.15
C MET A 69 -6.72 0.18 -0.50
N LYS A 70 -7.22 1.27 -1.07
CA LYS A 70 -8.53 1.25 -1.72
C LYS A 70 -8.65 0.06 -2.68
N GLY A 71 -7.52 -0.34 -3.25
CA GLY A 71 -7.52 -1.47 -4.17
C GLY A 71 -7.89 -2.76 -3.48
N VAL A 72 -7.60 -2.84 -2.18
CA VAL A 72 -7.91 -4.03 -1.39
C VAL A 72 -9.38 -4.39 -1.51
N GLU A 73 -10.23 -3.38 -1.68
CA GLU A 73 -11.67 -3.60 -1.82
C GLU A 73 -12.04 -3.93 -3.25
N THR B 1 -5.42 -15.99 -10.40
CA THR B 1 -4.42 -15.70 -11.46
C THR B 1 -3.45 -14.61 -11.01
N GLN B 2 -4.00 -13.51 -10.49
CA GLN B 2 -3.18 -12.40 -10.03
C GLN B 2 -3.19 -12.31 -8.51
N LYS B 3 -2.55 -13.27 -7.87
CA LYS B 3 -2.48 -13.31 -6.41
C LYS B 3 -1.81 -12.06 -5.86
N ILE B 4 -2.61 -11.13 -5.35
CA ILE B 4 -2.09 -9.89 -4.80
C ILE B 4 -1.42 -10.12 -3.46
N PHE B 5 -0.32 -9.40 -3.23
CA PHE B 5 0.44 -9.51 -1.99
C PHE B 5 0.13 -8.32 -1.06
N ASP B 6 1.17 -7.81 -0.37
CA ASP B 6 1.00 -6.68 0.56
C ASP B 6 -0.15 -5.76 0.17
N LEU B 7 -0.15 -5.34 -1.09
CA LEU B 7 -1.19 -4.45 -1.62
C LEU B 7 -2.52 -4.64 -0.91
N ARG B 8 -3.02 -5.87 -0.94
CA ARG B 8 -4.29 -6.19 -0.29
C ARG B 8 -4.11 -6.41 1.21
N GLY B 9 -3.18 -7.28 1.56
CA GLY B 9 -2.94 -7.58 2.96
C GLY B 9 -2.56 -6.35 3.76
N LYS B 10 -2.74 -6.42 5.08
CA LYS B 10 -2.42 -5.30 5.96
C LYS B 10 -3.10 -4.03 5.47
N PHE B 11 -4.27 -4.18 4.88
CA PHE B 11 -5.04 -3.05 4.36
C PHE B 11 -6.53 -3.34 4.39
N LYS B 12 -6.95 -4.17 5.34
CA LYS B 12 -8.36 -4.54 5.46
C LYS B 12 -9.06 -3.68 6.51
N ARG B 13 -10.37 -3.83 6.62
CA ARG B 13 -11.16 -3.09 7.58
C ARG B 13 -12.45 -3.83 7.92
N PRO B 14 -12.60 -4.28 9.18
CA PRO B 14 -13.79 -5.02 9.62
C PRO B 14 -15.00 -4.11 9.81
N THR B 15 -14.97 -3.28 10.85
CA THR B 15 -16.08 -2.37 11.13
C THR B 15 -17.40 -3.12 11.27
N LEU B 16 -17.31 -4.40 11.65
CA LEU B 16 -18.49 -5.23 11.82
C LEU B 16 -18.28 -6.26 12.93
N ARG B 17 -19.37 -6.66 13.57
CA ARG B 17 -19.30 -7.65 14.65
C ARG B 17 -20.69 -8.01 15.15
N ARG B 18 -21.00 -9.30 15.14
CA ARG B 18 -22.31 -9.78 15.59
C ARG B 18 -23.44 -9.14 14.80
N VAL B 19 -24.68 -9.41 15.21
CA VAL B 19 -25.86 -8.87 14.56
C VAL B 19 -25.97 -9.37 13.13
N ARG B 20 -25.10 -8.88 12.26
CA ARG B 20 -25.10 -9.27 10.86
C ARG B 20 -24.89 -10.77 10.71
N MET A 1 -16.46 10.12 14.35
CA MET A 1 -17.13 10.60 13.11
C MET A 1 -16.13 11.28 12.18
N LYS A 2 -15.52 12.35 12.66
CA LYS A 2 -14.54 13.09 11.87
C LYS A 2 -13.16 12.46 11.98
N GLY A 3 -12.75 11.78 10.91
CA GLY A 3 -11.45 11.13 10.90
C GLY A 3 -11.52 9.69 11.35
N LYS A 4 -12.20 8.86 10.58
CA LYS A 4 -12.35 7.45 10.90
C LYS A 4 -11.88 6.57 9.74
N SER A 5 -11.35 5.39 10.06
CA SER A 5 -10.87 4.46 9.04
C SER A 5 -9.57 4.97 8.41
N GLU A 6 -9.64 6.13 7.78
CA GLU A 6 -8.47 6.72 7.13
C GLU A 6 -7.25 6.70 8.05
N GLU A 7 -7.50 6.75 9.36
CA GLU A 7 -6.42 6.74 10.33
C GLU A 7 -5.65 5.42 10.29
N GLU A 8 -6.32 4.36 9.86
CA GLU A 8 -5.71 3.04 9.77
C GLU A 8 -4.43 3.08 8.93
N LEU A 9 -4.55 3.48 7.68
CA LEU A 9 -3.40 3.56 6.79
C LEU A 9 -2.40 4.61 7.27
N SER A 10 -2.86 5.49 8.15
CA SER A 10 -1.99 6.54 8.70
C SER A 10 -0.79 5.92 9.39
N ASP A 11 -1.02 4.83 10.12
CA ASP A 11 0.05 4.13 10.83
C ASP A 11 0.83 3.25 9.87
N LEU A 12 0.15 2.73 8.85
CA LEU A 12 0.77 1.87 7.85
C LEU A 12 1.87 2.63 7.09
N PHE A 13 1.55 3.85 6.68
CA PHE A 13 2.50 4.68 5.94
C PHE A 13 3.77 4.90 6.75
N ARG A 14 3.61 5.24 8.03
CA ARG A 14 4.74 5.48 8.91
C ARG A 14 5.62 4.23 9.04
N MET A 15 4.96 3.08 9.18
CA MET A 15 5.67 1.82 9.32
C MET A 15 6.24 1.34 7.99
N PHE A 16 5.56 1.73 6.90
CA PHE A 16 6.00 1.34 5.56
C PHE A 16 7.15 2.22 5.10
N ASP A 17 7.11 3.50 5.45
CA ASP A 17 8.15 4.44 5.07
C ASP A 17 9.42 4.20 5.87
N LYS A 18 10.02 3.03 5.69
CA LYS A 18 11.25 2.67 6.39
C LYS A 18 12.43 3.47 5.85
N ASN A 19 12.32 3.93 4.61
CA ASN A 19 13.39 4.70 3.99
C ASN A 19 13.52 6.08 4.64
N ALA A 20 12.44 6.54 5.27
CA ALA A 20 12.43 7.83 5.94
C ALA A 20 12.58 8.96 4.93
N ASP A 21 11.49 9.30 4.25
CA ASP A 21 11.50 10.36 3.25
C ASP A 21 10.15 11.07 3.20
N GLY A 22 9.08 10.27 3.18
CA GLY A 22 7.74 10.84 3.12
C GLY A 22 6.92 10.26 1.99
N TYR A 23 7.59 9.70 0.99
CA TYR A 23 6.91 9.11 -0.16
C TYR A 23 7.42 7.70 -0.43
N ILE A 24 6.71 6.96 -1.28
CA ILE A 24 7.12 5.60 -1.62
C ILE A 24 7.49 5.47 -3.09
N ASP A 25 8.56 4.74 -3.37
CA ASP A 25 9.03 4.54 -4.73
C ASP A 25 9.32 3.06 -5.00
N LEU A 26 9.88 2.78 -6.17
CA LEU A 26 10.22 1.41 -6.56
C LEU A 26 11.09 0.74 -5.49
N GLU A 27 11.89 1.55 -4.80
CA GLU A 27 12.75 1.03 -3.75
C GLU A 27 11.94 0.52 -2.56
N GLU A 28 10.96 1.32 -2.14
CA GLU A 28 10.10 0.95 -1.02
C GLU A 28 9.06 -0.07 -1.45
N LEU A 29 8.69 -0.04 -2.73
CA LEU A 29 7.70 -0.97 -3.26
C LEU A 29 8.14 -2.42 -3.01
N LYS A 30 9.44 -2.61 -2.82
CA LYS A 30 9.99 -3.94 -2.57
C LYS A 30 9.51 -4.46 -1.22
N ILE A 31 9.30 -3.53 -0.29
CA ILE A 31 8.83 -3.88 1.05
C ILE A 31 7.61 -4.78 0.99
N MET A 32 6.52 -4.26 0.44
CA MET A 32 5.27 -5.01 0.31
C MET A 32 5.51 -6.34 -0.40
N LEU A 33 6.52 -6.36 -1.28
CA LEU A 33 6.85 -7.57 -2.02
C LEU A 33 7.42 -8.64 -1.10
N GLN A 34 8.18 -8.21 -0.09
CA GLN A 34 8.78 -9.13 0.87
C GLN A 34 7.69 -9.91 1.60
N ALA A 35 6.52 -9.29 1.75
CA ALA A 35 5.40 -9.93 2.44
C ALA A 35 4.92 -11.17 1.68
N THR A 36 5.08 -11.15 0.37
CA THR A 36 4.65 -12.28 -0.46
C THR A 36 5.83 -13.19 -0.78
N GLY A 37 6.97 -12.59 -1.10
CA GLY A 37 8.15 -13.38 -1.42
C GLY A 37 7.91 -14.36 -2.55
N GLU A 38 6.90 -14.08 -3.37
CA GLU A 38 6.58 -14.95 -4.49
C GLU A 38 7.54 -14.71 -5.66
N THR A 39 7.14 -15.10 -6.86
CA THR A 39 7.99 -14.92 -8.03
C THR A 39 7.74 -13.57 -8.69
N ILE A 40 8.59 -12.61 -8.35
CA ILE A 40 8.48 -11.26 -8.90
C ILE A 40 9.82 -10.54 -8.79
N THR A 41 10.15 -9.76 -9.82
CA THR A 41 11.41 -9.02 -9.82
C THR A 41 11.32 -7.81 -10.74
N GLU A 42 11.16 -6.63 -10.14
CA GLU A 42 11.07 -5.39 -10.89
C GLU A 42 9.76 -5.29 -11.67
N ASP A 43 9.54 -6.25 -12.57
CA ASP A 43 8.33 -6.28 -13.40
C ASP A 43 7.08 -6.01 -12.57
N ASP A 44 7.12 -6.37 -11.29
CA ASP A 44 5.99 -6.17 -10.39
C ASP A 44 6.10 -4.85 -9.64
N ILE A 45 7.33 -4.46 -9.32
CA ILE A 45 7.57 -3.21 -8.60
C ILE A 45 7.45 -2.00 -9.52
N GLU A 46 7.88 -2.16 -10.77
CA GLU A 46 7.83 -1.08 -11.74
C GLU A 46 6.40 -0.85 -12.25
N GLU A 47 5.62 -1.93 -12.30
CA GLU A 47 4.24 -1.84 -12.76
C GLU A 47 3.30 -1.45 -11.62
N LEU A 48 3.61 -1.91 -10.42
CA LEU A 48 2.79 -1.62 -9.25
C LEU A 48 2.79 -0.12 -8.95
N MET A 49 3.98 0.47 -8.93
CA MET A 49 4.14 1.89 -8.65
C MET A 49 3.10 2.73 -9.38
N LYS A 50 2.67 2.27 -10.55
CA LYS A 50 1.67 2.98 -11.34
C LYS A 50 0.39 3.21 -10.52
N ASP A 51 0.12 2.29 -9.60
CA ASP A 51 -1.05 2.40 -8.75
C ASP A 51 -0.88 3.46 -7.68
N GLY A 52 0.22 3.37 -6.94
CA GLY A 52 0.49 4.35 -5.89
C GLY A 52 0.53 5.76 -6.41
N ASP A 53 1.54 6.07 -7.21
CA ASP A 53 1.69 7.40 -7.78
C ASP A 53 0.80 7.58 -9.00
N LYS A 54 -0.37 8.16 -8.81
CA LYS A 54 -1.31 8.39 -9.90
C LYS A 54 -1.27 9.85 -10.35
N ASN A 55 -0.12 10.49 -10.18
CA ASN A 55 0.05 11.88 -10.56
C ASN A 55 1.00 12.03 -11.75
N ASN A 56 1.74 10.95 -12.04
CA ASN A 56 2.70 10.96 -13.15
C ASN A 56 3.87 11.89 -12.86
N ASP A 57 4.32 11.88 -11.61
CA ASP A 57 5.44 12.72 -11.19
C ASP A 57 6.63 11.87 -10.76
N GLY A 58 6.34 10.76 -10.09
CA GLY A 58 7.40 9.87 -9.63
C GLY A 58 7.57 9.88 -8.13
N ARG A 59 6.46 9.87 -7.40
CA ARG A 59 6.50 9.89 -5.95
C ARG A 59 5.10 9.80 -5.36
N ILE A 60 4.90 8.86 -4.43
CA ILE A 60 3.60 8.67 -3.80
C ILE A 60 3.69 8.98 -2.30
N ASP A 61 2.74 9.77 -1.79
CA ASP A 61 2.74 10.14 -0.38
C ASP A 61 1.52 9.59 0.34
N TYR A 62 1.49 9.81 1.66
CA TYR A 62 0.41 9.34 2.51
C TYR A 62 -0.97 9.54 1.85
N ASP A 63 -1.12 10.62 1.11
CA ASP A 63 -2.38 10.91 0.44
C ASP A 63 -2.71 9.83 -0.59
N GLU A 64 -1.94 9.79 -1.68
CA GLU A 64 -2.15 8.79 -2.72
C GLU A 64 -2.05 7.38 -2.17
N PHE A 65 -1.35 7.24 -1.04
CA PHE A 65 -1.17 5.94 -0.40
C PHE A 65 -2.52 5.32 -0.04
N LEU A 66 -3.42 6.16 0.46
CA LEU A 66 -4.75 5.70 0.84
C LEU A 66 -5.50 5.12 -0.35
N GLU A 67 -5.05 5.47 -1.56
CA GLU A 67 -5.68 4.97 -2.77
C GLU A 67 -5.38 3.49 -2.98
N PHE A 68 -4.23 3.06 -2.47
CA PHE A 68 -3.81 1.65 -2.59
C PHE A 68 -4.87 0.71 -2.04
N MET A 69 -5.15 0.84 -0.75
CA MET A 69 -6.14 -0.01 -0.08
C MET A 69 -7.55 0.39 -0.50
N LYS A 70 -7.75 1.66 -0.78
CA LYS A 70 -9.05 2.16 -1.20
C LYS A 70 -9.68 1.27 -2.28
N GLY A 71 -8.82 0.63 -3.06
CA GLY A 71 -9.31 -0.24 -4.12
C GLY A 71 -9.77 -1.60 -3.59
N VAL A 72 -9.27 -1.99 -2.42
CA VAL A 72 -9.63 -3.26 -1.82
C VAL A 72 -11.14 -3.42 -1.73
N GLU A 73 -11.85 -2.31 -1.54
CA GLU A 73 -13.31 -2.34 -1.44
C GLU A 73 -13.94 -2.75 -2.77
N THR B 1 3.60 -12.04 -11.82
CA THR B 1 2.28 -12.70 -11.71
C THR B 1 1.30 -11.85 -10.90
N GLN B 2 0.30 -11.29 -11.58
CA GLN B 2 -0.69 -10.46 -10.92
C GLN B 2 -0.03 -9.24 -10.27
N LYS B 3 -0.84 -8.22 -10.00
CA LYS B 3 -0.34 -7.00 -9.38
C LYS B 3 -0.75 -6.93 -7.91
N ILE B 4 -1.93 -7.45 -7.60
CA ILE B 4 -2.43 -7.44 -6.23
C ILE B 4 -2.28 -8.82 -5.58
N PHE B 5 -1.79 -8.82 -4.34
CA PHE B 5 -1.62 -10.06 -3.60
C PHE B 5 -1.74 -9.82 -2.10
N ASP B 6 -0.62 -9.59 -1.42
CA ASP B 6 -0.63 -9.32 0.01
C ASP B 6 -0.74 -7.82 0.26
N LEU B 7 -1.29 -7.11 -0.72
CA LEU B 7 -1.46 -5.68 -0.64
C LEU B 7 -2.92 -5.33 -0.40
N ARG B 8 -3.79 -6.03 -1.13
CA ARG B 8 -5.23 -5.79 -1.02
C ARG B 8 -5.82 -6.60 0.14
N GLY B 9 -5.66 -7.91 0.10
CA GLY B 9 -6.18 -8.76 1.15
C GLY B 9 -5.57 -8.43 2.50
N LYS B 10 -6.42 -8.35 3.53
CA LYS B 10 -5.98 -8.04 4.89
C LYS B 10 -5.68 -6.55 5.03
N PHE B 11 -6.40 -5.74 4.26
CA PHE B 11 -6.23 -4.29 4.32
C PHE B 11 -7.59 -3.59 4.29
N LYS B 12 -8.59 -4.25 4.86
CA LYS B 12 -9.93 -3.69 4.90
C LYS B 12 -10.23 -3.08 6.27
N ARG B 13 -11.50 -2.78 6.52
CA ARG B 13 -11.91 -2.20 7.80
C ARG B 13 -12.80 -3.16 8.58
N PRO B 14 -12.88 -2.99 9.90
CA PRO B 14 -13.70 -3.85 10.75
C PRO B 14 -15.18 -3.51 10.67
N THR B 15 -15.94 -4.35 9.97
CA THR B 15 -17.38 -4.13 9.82
C THR B 15 -18.12 -4.50 11.10
N LEU B 16 -17.86 -5.70 11.61
CA LEU B 16 -18.51 -6.16 12.83
C LEU B 16 -17.57 -7.07 13.63
N ARG B 17 -17.32 -8.26 13.11
CA ARG B 17 -16.45 -9.23 13.77
C ARG B 17 -17.00 -9.60 15.14
N ARG B 18 -17.89 -10.59 15.16
CA ARG B 18 -18.50 -11.05 16.39
C ARG B 18 -17.69 -12.20 17.01
N VAL B 19 -17.26 -13.13 16.17
CA VAL B 19 -16.47 -14.27 16.64
C VAL B 19 -14.99 -14.04 16.39
N ARG B 20 -14.20 -15.09 16.55
CA ARG B 20 -12.75 -15.01 16.34
C ARG B 20 -12.09 -16.37 16.51
N MET A 1 -18.31 9.08 12.00
CA MET A 1 -18.09 7.90 12.88
C MET A 1 -18.21 6.59 12.10
N LYS A 2 -17.90 5.48 12.76
CA LYS A 2 -17.98 4.17 12.13
C LYS A 2 -17.05 4.09 10.93
N GLY A 3 -15.77 3.84 11.19
CA GLY A 3 -14.79 3.74 10.12
C GLY A 3 -14.17 5.08 9.79
N LYS A 4 -12.89 5.24 10.13
CA LYS A 4 -12.18 6.48 9.85
C LYS A 4 -11.96 6.67 8.35
N SER A 5 -11.42 5.64 7.71
CA SER A 5 -11.15 5.68 6.28
C SER A 5 -10.16 6.78 5.94
N GLU A 6 -9.16 6.96 6.80
CA GLU A 6 -8.14 7.98 6.59
C GLU A 6 -7.09 7.93 7.69
N GLU A 7 -7.53 7.70 8.92
CA GLU A 7 -6.63 7.63 10.06
C GLU A 7 -5.70 6.43 9.95
N GLU A 8 -6.23 5.32 9.44
CA GLU A 8 -5.45 4.10 9.26
C GLU A 8 -4.22 4.36 8.40
N LEU A 9 -4.45 4.84 7.18
CA LEU A 9 -3.36 5.14 6.26
C LEU A 9 -2.36 6.12 6.88
N SER A 10 -2.84 6.95 7.82
CA SER A 10 -1.99 7.92 8.49
C SER A 10 -0.76 7.23 9.08
N ASP A 11 -1.02 6.25 9.95
CA ASP A 11 0.07 5.50 10.58
C ASP A 11 0.60 4.42 9.64
N LEU A 12 -0.24 4.00 8.70
CA LEU A 12 0.13 2.98 7.72
C LEU A 12 1.34 3.44 6.90
N PHE A 13 1.39 4.73 6.60
CA PHE A 13 2.49 5.29 5.81
C PHE A 13 3.76 5.39 6.65
N ARG A 14 3.60 5.79 7.92
CA ARG A 14 4.74 5.93 8.82
C ARG A 14 5.47 4.60 8.99
N MET A 15 4.72 3.50 8.89
CA MET A 15 5.30 2.17 9.02
C MET A 15 5.81 1.65 7.69
N PHE A 16 5.15 2.07 6.60
CA PHE A 16 5.54 1.65 5.26
C PHE A 16 6.80 2.37 4.80
N ASP A 17 6.98 3.60 5.28
CA ASP A 17 8.13 4.41 4.91
C ASP A 17 9.26 4.23 5.92
N LYS A 18 9.80 3.02 6.00
CA LYS A 18 10.89 2.72 6.92
C LYS A 18 12.10 3.59 6.63
N ASN A 19 12.29 3.92 5.36
CA ASN A 19 13.41 4.74 4.94
C ASN A 19 13.28 6.17 5.48
N ALA A 20 12.03 6.58 5.71
CA ALA A 20 11.76 7.92 6.22
C ALA A 20 12.16 8.99 5.22
N ASP A 21 11.52 8.98 4.06
CA ASP A 21 11.82 9.96 3.02
C ASP A 21 10.61 10.85 2.74
N GLY A 22 9.42 10.26 2.82
CA GLY A 22 8.20 11.02 2.58
C GLY A 22 7.38 10.46 1.43
N TYR A 23 8.02 9.67 0.57
CA TYR A 23 7.33 9.06 -0.56
C TYR A 23 7.73 7.61 -0.73
N ILE A 24 7.03 6.89 -1.60
CA ILE A 24 7.32 5.48 -1.84
C ILE A 24 7.78 5.25 -3.27
N ASP A 25 8.87 4.50 -3.43
CA ASP A 25 9.41 4.21 -4.75
C ASP A 25 9.59 2.70 -4.93
N LEU A 26 10.34 2.33 -5.98
CA LEU A 26 10.59 0.92 -6.26
C LEU A 26 11.23 0.22 -5.06
N GLU A 27 12.01 0.97 -4.30
CA GLU A 27 12.68 0.43 -3.12
C GLU A 27 11.65 0.01 -2.06
N GLU A 28 10.75 0.93 -1.73
CA GLU A 28 9.72 0.65 -0.73
C GLU A 28 8.64 -0.25 -1.30
N LEU A 29 8.41 -0.14 -2.61
CA LEU A 29 7.40 -0.94 -3.28
C LEU A 29 7.62 -2.43 -3.00
N LYS A 30 8.88 -2.78 -2.71
CA LYS A 30 9.22 -4.17 -2.42
C LYS A 30 8.49 -4.64 -1.16
N ILE A 31 8.27 -3.70 -0.24
CA ILE A 31 7.58 -3.99 1.01
C ILE A 31 6.22 -4.62 0.75
N MET A 32 5.61 -4.27 -0.38
CA MET A 32 4.32 -4.82 -0.75
C MET A 32 4.43 -6.32 -1.02
N LEU A 33 5.53 -6.70 -1.66
CA LEU A 33 5.77 -8.10 -2.00
C LEU A 33 6.01 -8.92 -0.74
N GLN A 34 6.71 -8.33 0.23
CA GLN A 34 7.00 -9.01 1.48
C GLN A 34 5.73 -9.48 2.16
N ALA A 35 4.61 -8.84 1.83
CA ALA A 35 3.32 -9.19 2.42
C ALA A 35 2.86 -10.56 1.94
N THR A 36 3.16 -10.88 0.68
CA THR A 36 2.78 -12.16 0.10
C THR A 36 3.92 -13.17 0.20
N GLY A 37 5.14 -12.72 -0.06
CA GLY A 37 6.28 -13.60 0.00
C GLY A 37 6.66 -14.17 -1.35
N GLU A 38 5.65 -14.42 -2.18
CA GLU A 38 5.88 -14.95 -3.52
C GLU A 38 6.80 -14.04 -4.33
N THR A 39 8.10 -14.26 -4.22
CA THR A 39 9.08 -13.45 -4.94
C THR A 39 8.79 -13.43 -6.44
N ILE A 40 8.18 -12.35 -6.91
CA ILE A 40 7.86 -12.22 -8.33
C ILE A 40 9.13 -12.13 -9.18
N THR A 41 9.67 -10.92 -9.33
CA THR A 41 10.88 -10.73 -10.11
C THR A 41 11.33 -9.28 -10.13
N GLU A 42 11.11 -8.58 -9.01
CA GLU A 42 11.51 -7.18 -8.90
C GLU A 42 10.77 -6.32 -9.94
N ASP A 43 11.15 -6.47 -11.21
CA ASP A 43 10.53 -5.72 -12.29
C ASP A 43 9.01 -5.78 -12.18
N ASP A 44 8.50 -6.91 -11.69
CA ASP A 44 7.06 -7.09 -11.53
C ASP A 44 6.53 -6.09 -10.51
N ILE A 45 7.29 -5.90 -9.43
CA ILE A 45 6.89 -4.95 -8.39
C ILE A 45 6.67 -3.56 -8.98
N GLU A 46 7.53 -3.18 -9.93
CA GLU A 46 7.43 -1.87 -10.58
C GLU A 46 6.03 -1.63 -11.14
N GLU A 47 5.44 -2.68 -11.70
CA GLU A 47 4.11 -2.59 -12.29
C GLU A 47 3.10 -2.08 -11.25
N LEU A 48 3.30 -2.45 -10.00
CA LEU A 48 2.43 -2.02 -8.92
C LEU A 48 2.62 -0.54 -8.62
N MET A 49 3.87 -0.13 -8.50
CA MET A 49 4.21 1.26 -8.22
C MET A 49 3.40 2.23 -9.09
N LYS A 50 3.10 1.79 -10.32
CA LYS A 50 2.33 2.60 -11.25
C LYS A 50 1.00 3.05 -10.63
N ASP A 51 0.53 2.28 -9.65
CA ASP A 51 -0.72 2.59 -8.97
C ASP A 51 -0.51 3.64 -7.89
N GLY A 52 0.50 3.43 -7.06
CA GLY A 52 0.79 4.36 -5.98
C GLY A 52 0.84 5.80 -6.46
N ASP A 53 1.80 6.10 -7.33
CA ASP A 53 1.96 7.45 -7.86
C ASP A 53 0.90 7.74 -8.92
N LYS A 54 1.08 7.14 -10.10
CA LYS A 54 0.14 7.33 -11.20
C LYS A 54 -0.11 8.81 -11.47
N ASN A 55 0.87 9.64 -11.14
CA ASN A 55 0.76 11.08 -11.34
C ASN A 55 1.79 11.60 -12.34
N ASN A 56 2.53 10.68 -12.95
CA ASN A 56 3.56 11.05 -13.92
C ASN A 56 4.60 11.97 -13.29
N ASP A 57 4.91 11.73 -12.02
CA ASP A 57 5.89 12.54 -11.31
C ASP A 57 7.10 11.70 -10.91
N GLY A 58 6.85 10.46 -10.52
CA GLY A 58 7.93 9.57 -10.12
C GLY A 58 8.07 9.49 -8.62
N ARG A 59 6.98 9.71 -7.90
CA ARG A 59 7.00 9.66 -6.44
C ARG A 59 5.58 9.71 -5.88
N ILE A 60 5.32 8.88 -4.86
CA ILE A 60 4.02 8.83 -4.24
C ILE A 60 4.10 9.26 -2.78
N ASP A 61 3.22 10.17 -2.36
CA ASP A 61 3.21 10.68 -1.00
C ASP A 61 1.94 10.29 -0.25
N TYR A 62 2.01 10.41 1.08
CA TYR A 62 0.88 10.08 1.97
C TYR A 62 -0.48 10.36 1.31
N ASP A 63 -0.56 11.46 0.56
CA ASP A 63 -1.80 11.82 -0.12
C ASP A 63 -2.21 10.74 -1.12
N GLU A 64 -1.37 10.54 -2.14
CA GLU A 64 -1.65 9.54 -3.16
C GLU A 64 -1.70 8.14 -2.54
N PHE A 65 -1.00 7.95 -1.42
CA PHE A 65 -0.97 6.68 -0.73
C PHE A 65 -2.38 6.21 -0.40
N LEU A 66 -3.21 7.16 0.01
CA LEU A 66 -4.61 6.86 0.36
C LEU A 66 -5.36 6.30 -0.84
N GLU A 67 -4.83 6.54 -2.04
CA GLU A 67 -5.45 6.06 -3.27
C GLU A 67 -5.23 4.55 -3.42
N PHE A 68 -4.23 4.03 -2.71
CA PHE A 68 -3.91 2.61 -2.77
C PHE A 68 -5.05 1.79 -2.17
N MET A 69 -5.39 2.08 -0.92
CA MET A 69 -6.46 1.38 -0.22
C MET A 69 -7.80 1.58 -0.91
N LYS A 70 -7.93 2.69 -1.65
CA LYS A 70 -9.17 3.00 -2.35
C LYS A 70 -9.68 1.79 -3.14
N GLY A 71 -8.74 1.01 -3.66
CA GLY A 71 -9.11 -0.18 -4.43
C GLY A 71 -9.79 -1.22 -3.57
N VAL A 72 -9.34 -1.34 -2.32
CA VAL A 72 -9.91 -2.31 -1.40
C VAL A 72 -11.38 -2.00 -1.12
N GLU A 73 -11.77 -0.74 -1.31
CA GLU A 73 -13.15 -0.32 -1.09
C GLU A 73 -14.03 -0.69 -2.28
N THR B 1 -0.15 -8.04 -14.81
CA THR B 1 -1.53 -7.53 -14.75
C THR B 1 -2.05 -7.52 -13.31
N GLN B 2 -1.53 -8.42 -12.49
CA GLN B 2 -1.95 -8.50 -11.10
C GLN B 2 -1.19 -7.49 -10.23
N LYS B 3 -1.93 -6.57 -9.64
CA LYS B 3 -1.33 -5.54 -8.79
C LYS B 3 -1.67 -5.78 -7.33
N ILE B 4 -2.86 -6.33 -7.08
CA ILE B 4 -3.31 -6.62 -5.73
C ILE B 4 -2.99 -8.06 -5.34
N PHE B 5 -2.44 -8.23 -4.14
CA PHE B 5 -2.08 -9.55 -3.65
C PHE B 5 -1.50 -9.46 -2.24
N ASP B 6 -2.21 -10.05 -1.27
CA ASP B 6 -1.76 -10.03 0.11
C ASP B 6 -1.70 -8.59 0.64
N LEU B 7 -2.38 -7.69 -0.04
CA LEU B 7 -2.42 -6.29 0.35
C LEU B 7 -3.85 -5.81 0.52
N ARG B 8 -4.62 -5.92 -0.57
CA ARG B 8 -6.01 -5.49 -0.56
C ARG B 8 -6.77 -6.12 0.61
N GLY B 9 -6.47 -7.39 0.87
CA GLY B 9 -7.14 -8.08 1.96
C GLY B 9 -6.47 -7.85 3.30
N LYS B 10 -5.61 -6.86 3.36
CA LYS B 10 -4.89 -6.51 4.59
C LYS B 10 -4.86 -5.00 4.79
N PHE B 11 -5.70 -4.29 4.04
CA PHE B 11 -5.77 -2.83 4.13
C PHE B 11 -7.05 -2.39 4.83
N LYS B 12 -7.55 -3.24 5.73
CA LYS B 12 -8.78 -2.94 6.46
C LYS B 12 -8.45 -2.53 7.90
N ARG B 13 -9.49 -2.48 8.74
CA ARG B 13 -9.32 -2.10 10.14
C ARG B 13 -9.49 -3.32 11.06
N PRO B 14 -8.66 -3.43 12.12
CA PRO B 14 -8.73 -4.54 13.06
C PRO B 14 -10.12 -4.71 13.70
N THR B 15 -10.94 -3.68 13.61
CA THR B 15 -12.29 -3.71 14.19
C THR B 15 -13.01 -5.01 13.84
N LEU B 16 -13.00 -5.95 14.77
CA LEU B 16 -13.65 -7.24 14.57
C LEU B 16 -13.03 -7.98 13.38
N ARG B 17 -13.16 -9.31 13.38
CA ARG B 17 -12.63 -10.13 12.31
C ARG B 17 -13.06 -11.59 12.48
N ARG B 18 -12.96 -12.09 13.70
CA ARG B 18 -13.33 -13.47 13.99
C ARG B 18 -14.80 -13.56 14.39
N VAL B 19 -15.60 -14.23 13.57
CA VAL B 19 -17.02 -14.39 13.84
C VAL B 19 -17.26 -15.44 14.92
N ARG B 20 -18.34 -15.26 15.69
CA ARG B 20 -18.68 -16.18 16.75
C ARG B 20 -19.98 -15.77 17.44
N MET A 1 -4.80 4.06 18.59
CA MET A 1 -5.28 5.22 17.78
C MET A 1 -6.73 5.03 17.36
N LYS A 2 -7.30 6.04 16.71
CA LYS A 2 -8.67 5.98 16.24
C LYS A 2 -8.80 6.54 14.83
N GLY A 3 -8.89 5.65 13.84
CA GLY A 3 -9.01 6.08 12.47
C GLY A 3 -9.64 5.02 11.58
N LYS A 4 -10.42 5.47 10.60
CA LYS A 4 -11.08 4.55 9.68
C LYS A 4 -11.17 5.15 8.28
N SER A 5 -11.08 4.29 7.27
CA SER A 5 -11.14 4.74 5.88
C SER A 5 -9.97 5.65 5.54
N GLU A 6 -10.07 6.91 5.94
CA GLU A 6 -9.02 7.89 5.68
C GLU A 6 -7.92 7.80 6.72
N GLU A 7 -8.29 8.00 7.99
CA GLU A 7 -7.33 7.94 9.09
C GLU A 7 -6.65 6.59 9.15
N GLU A 8 -7.33 5.56 8.67
CA GLU A 8 -6.80 4.19 8.67
C GLU A 8 -5.46 4.14 7.94
N LEU A 9 -5.42 4.74 6.75
CA LEU A 9 -4.20 4.75 5.95
C LEU A 9 -3.12 5.60 6.62
N SER A 10 -3.55 6.62 7.36
CA SER A 10 -2.62 7.51 8.05
C SER A 10 -1.63 6.71 8.90
N ASP A 11 -2.11 5.61 9.47
CA ASP A 11 -1.27 4.76 10.31
C ASP A 11 -0.47 3.78 9.46
N LEU A 12 -1.02 3.41 8.30
CA LEU A 12 -0.36 2.48 7.40
C LEU A 12 0.85 3.13 6.75
N PHE A 13 0.70 4.38 6.32
CA PHE A 13 1.79 5.11 5.67
C PHE A 13 3.01 5.19 6.57
N ARG A 14 2.78 5.46 7.85
CA ARG A 14 3.87 5.57 8.83
C ARG A 14 4.71 4.30 8.85
N MET A 15 4.06 3.16 9.05
CA MET A 15 4.75 1.88 9.10
C MET A 15 5.36 1.52 7.75
N PHE A 16 4.71 1.96 6.67
CA PHE A 16 5.18 1.69 5.32
C PHE A 16 6.34 2.61 4.95
N ASP A 17 6.34 3.82 5.53
CA ASP A 17 7.38 4.80 5.26
C ASP A 17 8.52 4.68 6.27
N LYS A 18 9.21 3.55 6.23
CA LYS A 18 10.34 3.31 7.15
C LYS A 18 11.40 4.39 6.99
N ASN A 19 11.52 4.92 5.78
CA ASN A 19 12.49 5.97 5.49
C ASN A 19 12.14 7.25 6.23
N ALA A 20 10.85 7.45 6.48
CA ALA A 20 10.37 8.64 7.16
C ALA A 20 10.68 9.90 6.36
N ASP A 21 10.20 9.94 5.12
CA ASP A 21 10.43 11.08 4.25
C ASP A 21 9.11 11.76 3.89
N GLY A 22 8.10 10.96 3.55
CA GLY A 22 6.80 11.51 3.20
C GLY A 22 6.24 10.89 1.94
N TYR A 23 7.08 10.23 1.16
CA TYR A 23 6.64 9.60 -0.08
C TYR A 23 7.21 8.18 -0.20
N ILE A 24 6.66 7.38 -1.11
CA ILE A 24 7.13 6.01 -1.30
C ILE A 24 7.70 5.83 -2.70
N ASP A 25 8.80 5.07 -2.78
CA ASP A 25 9.46 4.82 -4.06
C ASP A 25 9.75 3.32 -4.23
N LEU A 26 10.57 2.99 -5.22
CA LEU A 26 10.93 1.61 -5.48
C LEU A 26 11.51 0.94 -4.24
N GLU A 27 12.17 1.74 -3.40
CA GLU A 27 12.77 1.24 -2.17
C GLU A 27 11.70 0.67 -1.24
N GLU A 28 10.80 1.52 -0.80
CA GLU A 28 9.72 1.10 0.09
C GLU A 28 8.77 0.13 -0.62
N LEU A 29 8.64 0.30 -1.93
CA LEU A 29 7.76 -0.56 -2.73
C LEU A 29 8.10 -2.02 -2.47
N LYS A 30 9.37 -2.30 -2.20
CA LYS A 30 9.82 -3.66 -1.94
C LYS A 30 8.99 -4.27 -0.80
N ILE A 31 8.63 -3.42 0.17
CA ILE A 31 7.83 -3.85 1.30
C ILE A 31 6.60 -4.64 0.85
N MET A 32 6.08 -4.28 -0.33
CA MET A 32 4.92 -4.96 -0.88
C MET A 32 5.28 -6.37 -1.31
N LEU A 33 6.53 -6.54 -1.77
CA LEU A 33 7.01 -7.84 -2.21
C LEU A 33 7.06 -8.83 -1.05
N GLN A 34 7.25 -8.31 0.16
CA GLN A 34 7.30 -9.15 1.35
C GLN A 34 6.04 -9.98 1.47
N ALA A 35 4.96 -9.49 0.86
CA ALA A 35 3.67 -10.18 0.91
C ALA A 35 3.58 -11.27 -0.15
N THR A 36 4.36 -11.12 -1.23
CA THR A 36 4.35 -12.09 -2.32
C THR A 36 5.61 -12.96 -2.30
N GLY A 37 6.77 -12.32 -2.45
CA GLY A 37 8.02 -13.06 -2.45
C GLY A 37 8.02 -14.22 -3.42
N GLU A 38 7.30 -14.08 -4.53
CA GLU A 38 7.23 -15.13 -5.53
C GLU A 38 6.42 -14.69 -6.75
N THR A 39 6.55 -15.45 -7.83
CA THR A 39 5.84 -15.15 -9.08
C THR A 39 6.05 -13.70 -9.53
N ILE A 40 7.20 -13.14 -9.18
CA ILE A 40 7.54 -11.76 -9.56
C ILE A 40 8.90 -11.36 -8.99
N THR A 41 8.92 -10.87 -7.76
CA THR A 41 10.16 -10.45 -7.11
C THR A 41 10.85 -9.35 -7.92
N GLU A 42 10.87 -8.15 -7.36
CA GLU A 42 11.51 -7.00 -8.00
C GLU A 42 10.69 -6.51 -9.19
N ASP A 43 10.50 -7.39 -10.18
CA ASP A 43 9.74 -7.03 -11.38
C ASP A 43 8.43 -6.32 -11.03
N ASP A 44 7.71 -6.88 -10.05
CA ASP A 44 6.44 -6.29 -9.62
C ASP A 44 6.67 -4.92 -8.98
N ILE A 45 7.88 -4.70 -8.47
CA ILE A 45 8.21 -3.44 -7.83
C ILE A 45 8.15 -2.28 -8.83
N GLU A 46 8.81 -2.45 -9.97
CA GLU A 46 8.84 -1.43 -11.00
C GLU A 46 7.47 -1.26 -11.66
N GLU A 47 6.66 -2.31 -11.60
CA GLU A 47 5.32 -2.27 -12.20
C GLU A 47 4.31 -1.67 -11.24
N LEU A 48 4.32 -2.15 -9.99
CA LEU A 48 3.39 -1.66 -8.98
C LEU A 48 3.56 -0.16 -8.77
N MET A 49 4.80 0.27 -8.64
CA MET A 49 5.13 1.69 -8.41
C MET A 49 4.30 2.59 -9.34
N LYS A 50 4.01 2.10 -10.53
CA LYS A 50 3.22 2.87 -11.49
C LYS A 50 1.85 3.23 -10.92
N ASP A 51 1.33 2.37 -10.06
CA ASP A 51 0.02 2.60 -9.44
C ASP A 51 0.13 3.66 -8.35
N GLY A 52 1.12 3.52 -7.47
CA GLY A 52 1.30 4.48 -6.40
C GLY A 52 1.43 5.90 -6.90
N ASP A 53 2.47 6.16 -7.68
CA ASP A 53 2.71 7.48 -8.22
C ASP A 53 2.03 7.65 -9.58
N LYS A 54 0.95 8.42 -9.61
CA LYS A 54 0.21 8.66 -10.84
C LYS A 54 0.05 10.16 -11.10
N ASN A 55 1.04 10.93 -10.70
CA ASN A 55 1.02 12.37 -10.89
C ASN A 55 2.12 12.82 -11.85
N ASN A 56 2.82 11.86 -12.45
CA ASN A 56 3.89 12.17 -13.39
C ASN A 56 4.98 13.00 -12.72
N ASP A 57 5.27 12.70 -11.46
CA ASP A 57 6.30 13.40 -10.71
C ASP A 57 7.45 12.48 -10.36
N GLY A 58 7.12 11.25 -10.00
CA GLY A 58 8.15 10.28 -9.64
C GLY A 58 8.17 9.95 -8.17
N ARG A 59 7.05 10.21 -7.49
CA ARG A 59 6.95 9.95 -6.05
C ARG A 59 5.49 9.90 -5.62
N ILE A 60 5.21 9.04 -4.64
CA ILE A 60 3.86 8.88 -4.11
C ILE A 60 3.80 9.31 -2.65
N ASP A 61 2.79 10.11 -2.30
CA ASP A 61 2.65 10.60 -0.92
C ASP A 61 1.38 10.08 -0.26
N TYR A 62 1.22 10.42 1.01
CA TYR A 62 0.06 10.01 1.80
C TYR A 62 -1.24 10.14 1.01
N ASP A 63 -1.33 11.16 0.17
CA ASP A 63 -2.52 11.39 -0.63
C ASP A 63 -2.74 10.25 -1.61
N GLU A 64 -1.89 10.17 -2.63
CA GLU A 64 -2.00 9.11 -3.63
C GLU A 64 -1.97 7.73 -2.97
N PHE A 65 -1.38 7.66 -1.77
CA PHE A 65 -1.29 6.41 -1.04
C PHE A 65 -2.68 5.85 -0.77
N LEU A 66 -3.61 6.73 -0.42
CA LEU A 66 -4.97 6.31 -0.12
C LEU A 66 -5.64 5.71 -1.35
N GLU A 67 -5.07 5.95 -2.53
CA GLU A 67 -5.60 5.40 -3.76
C GLU A 67 -5.37 3.89 -3.83
N PHE A 68 -4.34 3.43 -3.12
CA PHE A 68 -4.01 2.01 -3.08
C PHE A 68 -5.19 1.18 -2.59
N MET A 69 -5.65 1.48 -1.38
CA MET A 69 -6.78 0.77 -0.79
C MET A 69 -8.05 1.03 -1.59
N LYS A 70 -8.14 2.21 -2.17
CA LYS A 70 -9.30 2.60 -2.97
C LYS A 70 -9.73 1.48 -3.91
N GLY A 71 -8.77 0.68 -4.35
CA GLY A 71 -9.08 -0.42 -5.24
C GLY A 71 -9.62 -1.64 -4.51
N VAL A 72 -9.23 -1.78 -3.25
CA VAL A 72 -9.68 -2.90 -2.43
C VAL A 72 -11.20 -2.89 -2.26
N GLU A 73 -11.79 -1.70 -2.35
CA GLU A 73 -13.23 -1.57 -2.21
C GLU A 73 -13.97 -2.38 -3.27
N THR B 1 -3.73 -11.07 -11.91
CA THR B 1 -2.50 -10.24 -11.98
C THR B 1 -2.76 -8.95 -12.77
N GLN B 2 -3.12 -7.89 -12.05
CA GLN B 2 -3.39 -6.61 -12.68
C GLN B 2 -2.72 -5.47 -11.91
N LYS B 3 -3.29 -5.12 -10.77
CA LYS B 3 -2.75 -4.05 -9.94
C LYS B 3 -2.27 -4.59 -8.60
N ILE B 4 -3.11 -5.36 -7.94
CA ILE B 4 -2.77 -5.95 -6.65
C ILE B 4 -3.05 -7.44 -6.62
N PHE B 5 -2.52 -8.11 -5.60
CA PHE B 5 -2.71 -9.55 -5.47
C PHE B 5 -2.81 -9.97 -4.01
N ASP B 6 -1.69 -10.38 -3.41
CA ASP B 6 -1.68 -10.79 -2.01
C ASP B 6 -1.49 -9.58 -1.10
N LEU B 7 -2.28 -8.54 -1.35
CA LEU B 7 -2.22 -7.31 -0.58
C LEU B 7 -3.60 -6.68 -0.48
N ARG B 8 -4.21 -6.46 -1.65
CA ARG B 8 -5.53 -5.87 -1.73
C ARG B 8 -6.54 -6.69 -0.94
N GLY B 9 -6.42 -8.01 -1.04
CA GLY B 9 -7.35 -8.89 -0.34
C GLY B 9 -6.94 -9.12 1.11
N LYS B 10 -6.03 -8.29 1.60
CA LYS B 10 -5.55 -8.40 2.97
C LYS B 10 -5.60 -7.04 3.66
N PHE B 11 -5.37 -5.98 2.89
CA PHE B 11 -5.40 -4.62 3.42
C PHE B 11 -6.65 -4.36 4.24
N LYS B 12 -7.73 -5.08 3.92
CA LYS B 12 -8.99 -4.93 4.64
C LYS B 12 -8.80 -5.11 6.14
N ARG B 13 -9.91 -5.05 6.88
CA ARG B 13 -9.86 -5.21 8.33
C ARG B 13 -10.15 -6.65 8.74
N PRO B 14 -9.43 -7.18 9.73
CA PRO B 14 -9.64 -8.56 10.21
C PRO B 14 -11.07 -8.81 10.68
N THR B 15 -11.29 -9.92 11.36
CA THR B 15 -12.60 -10.27 11.86
C THR B 15 -12.51 -11.34 12.96
N LEU B 16 -12.86 -10.95 14.18
CA LEU B 16 -12.81 -11.87 15.30
C LEU B 16 -14.21 -12.15 15.83
N ARG B 17 -14.90 -11.11 16.28
CA ARG B 17 -16.25 -11.24 16.81
C ARG B 17 -17.09 -10.02 16.50
N ARG B 18 -18.40 -10.20 16.40
CA ARG B 18 -19.31 -9.11 16.11
C ARG B 18 -19.99 -8.60 17.38
N VAL B 19 -19.33 -7.65 18.05
CA VAL B 19 -19.86 -7.08 19.28
C VAL B 19 -21.34 -6.68 19.13
N ARG B 20 -22.11 -6.90 20.18
CA ARG B 20 -23.53 -6.57 20.17
C ARG B 20 -23.80 -5.30 20.98
N MET A 1 -14.02 12.96 14.73
CA MET A 1 -14.73 12.85 16.02
C MET A 1 -14.43 11.53 16.72
N LYS A 2 -14.69 10.43 16.01
CA LYS A 2 -14.45 9.10 16.57
C LYS A 2 -14.10 8.11 15.45
N GLY A 3 -14.90 8.13 14.39
CA GLY A 3 -14.66 7.23 13.27
C GLY A 3 -13.30 7.42 12.65
N LYS A 4 -13.00 6.65 11.61
CA LYS A 4 -11.72 6.73 10.92
C LYS A 4 -11.92 7.05 9.44
N SER A 5 -10.84 7.46 8.78
CA SER A 5 -10.90 7.79 7.36
C SER A 5 -9.51 8.16 6.84
N GLU A 6 -8.93 9.20 7.42
CA GLU A 6 -7.60 9.66 7.00
C GLU A 6 -6.54 9.25 8.02
N GLU A 7 -6.95 9.14 9.28
CA GLU A 7 -6.04 8.75 10.34
C GLU A 7 -5.44 7.37 10.08
N GLU A 8 -6.20 6.52 9.42
CA GLU A 8 -5.76 5.16 9.11
C GLU A 8 -4.49 5.20 8.25
N LEU A 9 -4.60 5.73 7.03
CA LEU A 9 -3.47 5.83 6.13
C LEU A 9 -2.42 6.80 6.66
N SER A 10 -2.87 7.78 7.45
CA SER A 10 -1.98 8.77 8.01
C SER A 10 -0.84 8.11 8.79
N ASP A 11 -1.18 7.08 9.56
CA ASP A 11 -0.20 6.35 10.35
C ASP A 11 0.50 5.29 9.51
N LEU A 12 -0.20 4.76 8.51
CA LEU A 12 0.36 3.74 7.63
C LEU A 12 1.52 4.28 6.81
N PHE A 13 1.32 5.47 6.23
CA PHE A 13 2.36 6.09 5.42
C PHE A 13 3.64 6.32 6.22
N ARG A 14 3.48 6.71 7.48
CA ARG A 14 4.62 6.96 8.35
C ARG A 14 5.46 5.69 8.53
N MET A 15 4.79 4.59 8.89
CA MET A 15 5.47 3.32 9.10
C MET A 15 6.01 2.76 7.79
N PHE A 16 5.33 3.08 6.69
CA PHE A 16 5.74 2.61 5.36
C PHE A 16 6.90 3.44 4.82
N ASP A 17 6.79 4.76 4.96
CA ASP A 17 7.82 5.66 4.48
C ASP A 17 9.07 5.57 5.35
N LYS A 18 9.73 4.41 5.31
CA LYS A 18 10.94 4.20 6.08
C LYS A 18 12.02 5.21 5.71
N ASN A 19 11.95 5.70 4.48
CA ASN A 19 12.92 6.68 4.00
C ASN A 19 12.72 8.03 4.69
N ALA A 20 11.48 8.30 5.07
CA ALA A 20 11.15 9.56 5.74
C ALA A 20 11.40 10.74 4.82
N ASP A 21 10.84 10.68 3.61
CA ASP A 21 11.00 11.75 2.63
C ASP A 21 9.66 12.39 2.31
N GLY A 22 8.65 11.56 2.08
CA GLY A 22 7.32 12.07 1.76
C GLY A 22 6.63 11.29 0.67
N TYR A 23 7.41 10.50 -0.09
CA TYR A 23 6.85 9.70 -1.17
C TYR A 23 7.41 8.27 -1.13
N ILE A 24 6.83 7.38 -1.93
CA ILE A 24 7.28 6.00 -1.98
C ILE A 24 7.82 5.66 -3.37
N ASP A 25 9.00 5.03 -3.41
CA ASP A 25 9.62 4.65 -4.66
C ASP A 25 9.99 3.16 -4.66
N LEU A 26 10.76 2.75 -5.66
CA LEU A 26 11.18 1.36 -5.77
C LEU A 26 11.80 0.86 -4.46
N GLU A 27 12.45 1.77 -3.74
CA GLU A 27 13.07 1.42 -2.47
C GLU A 27 12.03 0.94 -1.46
N GLU A 28 11.09 1.83 -1.12
CA GLU A 28 10.04 1.50 -0.17
C GLU A 28 9.11 0.43 -0.74
N LEU A 29 9.00 0.39 -2.07
CA LEU A 29 8.15 -0.58 -2.74
C LEU A 29 8.48 -2.00 -2.27
N LYS A 30 9.74 -2.21 -1.91
CA LYS A 30 10.19 -3.52 -1.44
C LYS A 30 9.38 -3.94 -0.22
N ILE A 31 9.07 -2.97 0.64
CA ILE A 31 8.31 -3.23 1.85
C ILE A 31 7.03 -4.03 1.54
N MET A 32 6.49 -3.83 0.35
CA MET A 32 5.28 -4.53 -0.06
C MET A 32 5.57 -6.00 -0.30
N LEU A 33 6.78 -6.29 -0.75
CA LEU A 33 7.19 -7.67 -1.02
C LEU A 33 7.34 -8.45 0.28
N GLN A 34 7.66 -7.76 1.36
CA GLN A 34 7.83 -8.41 2.66
C GLN A 34 6.61 -9.25 3.01
N ALA A 35 5.45 -8.82 2.52
CA ALA A 35 4.20 -9.53 2.76
C ALA A 35 4.04 -10.72 1.82
N THR A 36 4.85 -10.75 0.76
CA THR A 36 4.78 -11.82 -0.22
C THR A 36 6.14 -12.51 -0.34
N GLY A 37 6.50 -13.27 0.70
CA GLY A 37 7.77 -13.97 0.70
C GLY A 37 7.82 -15.09 -0.32
N GLU A 38 7.76 -14.73 -1.59
CA GLU A 38 7.80 -15.71 -2.67
C GLU A 38 8.44 -15.12 -3.93
N THR A 39 8.20 -15.75 -5.07
CA THR A 39 8.76 -15.26 -6.34
C THR A 39 7.91 -14.16 -6.95
N ILE A 40 8.31 -12.91 -6.69
CA ILE A 40 7.59 -11.75 -7.21
C ILE A 40 8.48 -10.51 -7.26
N THR A 41 9.49 -10.45 -6.38
CA THR A 41 10.42 -9.32 -6.31
C THR A 41 10.77 -8.79 -7.70
N GLU A 42 11.10 -7.50 -7.76
CA GLU A 42 11.48 -6.86 -9.01
C GLU A 42 10.30 -6.83 -9.99
N ASP A 43 9.97 -7.97 -10.56
CA ASP A 43 8.87 -8.07 -11.52
C ASP A 43 7.59 -7.46 -10.95
N ASP A 44 7.05 -8.09 -9.92
CA ASP A 44 5.82 -7.60 -9.30
C ASP A 44 5.99 -6.18 -8.78
N ILE A 45 7.11 -5.92 -8.11
CA ILE A 45 7.40 -4.61 -7.56
C ILE A 45 7.38 -3.53 -8.65
N GLU A 46 8.04 -3.82 -9.77
CA GLU A 46 8.09 -2.88 -10.88
C GLU A 46 6.71 -2.65 -11.48
N GLU A 47 5.83 -3.63 -11.33
CA GLU A 47 4.47 -3.53 -11.87
C GLU A 47 3.56 -2.78 -10.89
N LEU A 48 3.67 -3.09 -9.61
CA LEU A 48 2.84 -2.45 -8.60
C LEU A 48 3.15 -0.95 -8.51
N MET A 49 4.44 -0.63 -8.47
CA MET A 49 4.87 0.76 -8.40
C MET A 49 4.10 1.66 -9.37
N LYS A 50 3.70 1.09 -10.50
CA LYS A 50 2.97 1.82 -11.51
C LYS A 50 1.61 2.26 -10.97
N ASP A 51 1.06 1.47 -10.06
CA ASP A 51 -0.24 1.78 -9.45
C ASP A 51 -0.13 2.92 -8.45
N GLY A 52 0.88 2.82 -7.57
CA GLY A 52 1.07 3.84 -6.56
C GLY A 52 1.14 5.24 -7.16
N ASP A 53 2.13 5.47 -8.01
CA ASP A 53 2.30 6.76 -8.64
C ASP A 53 1.38 6.90 -9.86
N LYS A 54 0.17 7.37 -9.61
CA LYS A 54 -0.82 7.56 -10.68
C LYS A 54 -0.85 9.01 -11.15
N ASN A 55 0.29 9.69 -11.04
CA ASN A 55 0.40 11.08 -11.47
C ASN A 55 1.29 11.22 -12.70
N ASN A 56 2.03 10.16 -13.01
CA ASN A 56 2.93 10.18 -14.16
C ASN A 56 4.10 11.14 -13.94
N ASP A 57 4.56 11.20 -12.70
CA ASP A 57 5.68 12.09 -12.34
C ASP A 57 6.89 11.27 -11.91
N GLY A 58 6.64 10.20 -11.16
CA GLY A 58 7.73 9.37 -10.69
C GLY A 58 7.86 9.37 -9.17
N ARG A 59 6.73 9.56 -8.49
CA ARG A 59 6.73 9.60 -7.03
C ARG A 59 5.31 9.54 -6.48
N ILE A 60 5.14 8.81 -5.38
CA ILE A 60 3.84 8.68 -4.74
C ILE A 60 3.90 9.10 -3.27
N ASP A 61 3.03 10.02 -2.88
CA ASP A 61 3.02 10.51 -1.50
C ASP A 61 1.73 10.15 -0.77
N TYR A 62 1.66 10.57 0.49
CA TYR A 62 0.50 10.32 1.36
C TYR A 62 -0.82 10.44 0.60
N ASP A 63 -0.86 11.34 -0.37
CA ASP A 63 -2.08 11.55 -1.17
C ASP A 63 -2.43 10.29 -1.97
N GLU A 64 -1.72 10.09 -3.08
CA GLU A 64 -1.96 8.92 -3.93
C GLU A 64 -1.90 7.63 -3.12
N PHE A 65 -1.18 7.67 -2.02
CA PHE A 65 -1.05 6.50 -1.15
C PHE A 65 -2.43 6.01 -0.71
N LEU A 66 -3.31 6.96 -0.42
CA LEU A 66 -4.66 6.63 0.02
C LEU A 66 -5.40 5.84 -1.07
N GLU A 67 -4.92 5.94 -2.30
CA GLU A 67 -5.53 5.22 -3.41
C GLU A 67 -5.22 3.73 -3.33
N PHE A 68 -4.19 3.39 -2.55
CA PHE A 68 -3.79 2.00 -2.37
C PHE A 68 -4.86 1.20 -1.63
N MET A 69 -5.23 1.68 -0.45
CA MET A 69 -6.24 1.02 0.37
C MET A 69 -7.60 1.02 -0.32
N LYS A 70 -7.80 1.96 -1.24
CA LYS A 70 -9.06 2.07 -1.98
C LYS A 70 -9.51 0.70 -2.48
N GLY A 71 -8.54 -0.16 -2.77
CA GLY A 71 -8.85 -1.49 -3.26
C GLY A 71 -9.42 -2.37 -2.17
N VAL A 72 -8.82 -2.31 -0.98
CA VAL A 72 -9.28 -3.10 0.15
C VAL A 72 -10.72 -2.76 0.50
N GLU A 73 -11.15 -1.56 0.14
CA GLU A 73 -12.52 -1.11 0.42
C GLU A 73 -13.45 -1.46 -0.74
N THR B 1 -3.38 -10.12 -14.72
CA THR B 1 -3.43 -8.63 -14.72
C THR B 1 -4.41 -8.13 -13.67
N GLN B 2 -4.30 -8.66 -12.46
CA GLN B 2 -5.18 -8.26 -11.37
C GLN B 2 -4.56 -7.11 -10.56
N LYS B 3 -5.42 -6.34 -9.89
CA LYS B 3 -4.96 -5.21 -9.09
C LYS B 3 -4.73 -5.62 -7.64
N ILE B 4 -3.58 -5.26 -7.09
CA ILE B 4 -3.25 -5.58 -5.71
C ILE B 4 -3.26 -7.09 -5.49
N PHE B 5 -2.65 -7.54 -4.41
CA PHE B 5 -2.58 -8.96 -4.09
C PHE B 5 -2.66 -9.19 -2.57
N ASP B 6 -1.66 -9.87 -1.99
CA ASP B 6 -1.65 -10.13 -0.56
C ASP B 6 -1.67 -8.83 0.24
N LEU B 7 -1.32 -7.73 -0.41
CA LEU B 7 -1.30 -6.42 0.24
C LEU B 7 -2.68 -6.05 0.77
N ARG B 8 -3.71 -6.36 -0.01
CA ARG B 8 -5.08 -6.07 0.37
C ARG B 8 -5.48 -6.84 1.63
N GLY B 9 -5.29 -8.15 1.60
CA GLY B 9 -5.64 -8.98 2.74
C GLY B 9 -4.71 -8.77 3.91
N LYS B 10 -4.74 -7.57 4.48
CA LYS B 10 -3.90 -7.24 5.62
C LYS B 10 -4.05 -5.76 6.00
N PHE B 11 -4.24 -4.92 4.99
CA PHE B 11 -4.40 -3.49 5.20
C PHE B 11 -5.57 -3.20 6.14
N LYS B 12 -6.57 -4.08 6.10
CA LYS B 12 -7.75 -3.92 6.95
C LYS B 12 -7.81 -5.02 8.01
N ARG B 13 -8.01 -4.62 9.26
CA ARG B 13 -8.10 -5.56 10.37
C ARG B 13 -9.46 -6.25 10.39
N PRO B 14 -9.62 -7.27 11.25
CA PRO B 14 -10.88 -8.01 11.36
C PRO B 14 -12.03 -7.12 11.83
N THR B 15 -13.25 -7.62 11.65
CA THR B 15 -14.44 -6.87 12.07
C THR B 15 -15.55 -7.82 12.50
N LEU B 16 -15.82 -8.83 11.68
CA LEU B 16 -16.86 -9.80 11.99
C LEU B 16 -16.34 -10.90 12.90
N ARG B 17 -17.17 -11.91 13.15
CA ARG B 17 -16.78 -13.02 14.01
C ARG B 17 -16.80 -14.33 13.23
N ARG B 18 -17.93 -14.61 12.59
CA ARG B 18 -18.08 -15.85 11.81
C ARG B 18 -18.69 -15.55 10.45
N VAL B 19 -17.87 -15.68 9.41
CA VAL B 19 -18.33 -15.43 8.04
C VAL B 19 -18.11 -16.65 7.17
N ARG B 20 -16.93 -17.25 7.27
CA ARG B 20 -16.59 -18.43 6.48
C ARG B 20 -17.57 -19.56 6.74
N MET A 1 -11.48 15.10 13.64
CA MET A 1 -12.08 14.43 14.83
C MET A 1 -12.87 13.19 14.42
N LYS A 2 -13.99 13.40 13.74
CA LYS A 2 -14.84 12.30 13.30
C LYS A 2 -14.15 11.49 12.21
N GLY A 3 -14.82 10.44 11.75
CA GLY A 3 -14.25 9.60 10.71
C GLY A 3 -13.80 8.25 11.22
N LYS A 4 -12.64 8.23 11.87
CA LYS A 4 -12.09 6.99 12.43
C LYS A 4 -11.86 5.97 11.32
N SER A 5 -10.76 6.14 10.59
CA SER A 5 -10.42 5.23 9.50
C SER A 5 -9.00 5.49 9.00
N GLU A 6 -8.66 6.77 8.86
CA GLU A 6 -7.34 7.15 8.38
C GLU A 6 -6.25 6.63 9.31
N GLU A 7 -6.63 6.32 10.55
CA GLU A 7 -5.67 5.81 11.53
C GLU A 7 -4.97 4.55 11.01
N GLU A 8 -5.67 3.78 10.20
CA GLU A 8 -5.11 2.56 9.63
C GLU A 8 -3.89 2.88 8.78
N LEU A 9 -4.10 3.62 7.69
CA LEU A 9 -3.01 4.00 6.80
C LEU A 9 -2.04 4.95 7.50
N SER A 10 -2.55 5.70 8.46
CA SER A 10 -1.75 6.65 9.22
C SER A 10 -0.48 5.99 9.77
N ASP A 11 -0.67 4.81 10.35
CA ASP A 11 0.46 4.07 10.92
C ASP A 11 1.16 3.23 9.86
N LEU A 12 0.45 2.93 8.77
CA LEU A 12 1.01 2.14 7.69
C LEU A 12 2.06 2.91 6.91
N PHE A 13 1.72 4.13 6.50
CA PHE A 13 2.66 4.96 5.73
C PHE A 13 3.97 5.14 6.49
N ARG A 14 3.87 5.47 7.78
CA ARG A 14 5.04 5.68 8.62
C ARG A 14 5.89 4.41 8.69
N MET A 15 5.24 3.26 8.57
CA MET A 15 5.93 1.97 8.63
C MET A 15 6.33 1.50 7.23
N PHE A 16 5.67 2.04 6.22
CA PHE A 16 5.96 1.66 4.84
C PHE A 16 7.00 2.58 4.22
N ASP A 17 7.02 3.84 4.67
CA ASP A 17 7.97 4.82 4.15
C ASP A 17 9.38 4.54 4.67
N LYS A 18 9.62 4.87 5.94
CA LYS A 18 10.93 4.67 6.55
C LYS A 18 12.00 5.53 5.90
N ASN A 19 11.59 6.45 5.05
CA ASN A 19 12.51 7.36 4.36
C ASN A 19 12.44 8.77 4.93
N ALA A 20 11.34 9.07 5.62
CA ALA A 20 11.15 10.40 6.20
C ALA A 20 11.06 11.47 5.11
N ASP A 21 10.38 11.13 4.02
CA ASP A 21 10.22 12.06 2.91
C ASP A 21 8.75 12.43 2.71
N GLY A 22 7.88 11.43 2.81
CA GLY A 22 6.45 11.67 2.64
C GLY A 22 5.89 10.99 1.42
N TYR A 23 6.74 10.31 0.65
CA TYR A 23 6.30 9.62 -0.56
C TYR A 23 6.99 8.27 -0.70
N ILE A 24 6.46 7.39 -1.54
CA ILE A 24 7.04 6.08 -1.75
C ILE A 24 7.55 5.91 -3.18
N ASP A 25 8.68 5.23 -3.33
CA ASP A 25 9.27 5.00 -4.63
C ASP A 25 9.61 3.52 -4.82
N LEU A 26 10.24 3.20 -5.95
CA LEU A 26 10.61 1.82 -6.25
C LEU A 26 11.33 1.17 -5.07
N GLU A 27 12.04 1.98 -4.30
CA GLU A 27 12.78 1.50 -3.14
C GLU A 27 11.83 0.90 -2.11
N GLU A 28 10.99 1.74 -1.54
CA GLU A 28 10.03 1.30 -0.54
C GLU A 28 9.03 0.32 -1.14
N LEU A 29 8.76 0.47 -2.43
CA LEU A 29 7.83 -0.40 -3.14
C LEU A 29 8.20 -1.87 -2.93
N LYS A 30 9.49 -2.11 -2.67
CA LYS A 30 9.98 -3.47 -2.44
C LYS A 30 9.35 -4.05 -1.18
N ILE A 31 9.06 -3.18 -0.21
CA ILE A 31 8.45 -3.61 1.04
C ILE A 31 7.20 -4.44 0.78
N MET A 32 6.56 -4.22 -0.37
CA MET A 32 5.37 -4.95 -0.74
C MET A 32 5.73 -6.36 -1.20
N LEU A 33 6.81 -6.44 -1.98
CA LEU A 33 7.27 -7.73 -2.50
C LEU A 33 7.92 -8.55 -1.39
N GLN A 34 8.59 -7.86 -0.45
CA GLN A 34 9.25 -8.54 0.66
C GLN A 34 8.32 -9.55 1.33
N ALA A 35 7.01 -9.29 1.25
CA ALA A 35 6.02 -10.18 1.84
C ALA A 35 5.97 -11.51 1.09
N THR A 36 6.08 -11.46 -0.23
CA THR A 36 6.05 -12.66 -1.05
C THR A 36 7.45 -13.15 -1.38
N GLY A 37 8.30 -12.23 -1.86
CA GLY A 37 9.66 -12.59 -2.20
C GLY A 37 9.75 -13.82 -3.09
N GLU A 38 8.75 -14.01 -3.94
CA GLU A 38 8.73 -15.17 -4.84
C GLU A 38 8.00 -14.85 -6.13
N THR A 39 8.25 -15.66 -7.15
CA THR A 39 7.63 -15.49 -8.46
C THR A 39 8.07 -14.17 -9.12
N ILE A 40 7.25 -13.13 -8.98
CA ILE A 40 7.54 -11.82 -9.56
C ILE A 40 9.00 -11.42 -9.33
N THR A 41 9.29 -10.90 -8.13
CA THR A 41 10.64 -10.47 -7.79
C THR A 41 11.11 -9.35 -8.72
N GLU A 42 11.30 -8.17 -8.15
CA GLU A 42 11.76 -7.00 -8.91
C GLU A 42 10.68 -6.50 -9.87
N ASP A 43 10.28 -7.35 -10.81
CA ASP A 43 9.24 -6.98 -11.79
C ASP A 43 8.05 -6.29 -11.13
N ASP A 44 7.47 -6.95 -10.13
CA ASP A 44 6.32 -6.39 -9.42
C ASP A 44 6.65 -5.02 -8.81
N ILE A 45 7.94 -4.76 -8.60
CA ILE A 45 8.38 -3.50 -8.04
C ILE A 45 8.05 -2.34 -8.97
N GLU A 46 8.47 -2.47 -10.22
CA GLU A 46 8.24 -1.44 -11.23
C GLU A 46 6.80 -1.50 -11.74
N GLU A 47 6.17 -2.66 -11.60
CA GLU A 47 4.80 -2.83 -12.07
C GLU A 47 3.79 -2.39 -11.02
N LEU A 48 4.10 -2.64 -9.75
CA LEU A 48 3.21 -2.25 -8.67
C LEU A 48 3.25 -0.73 -8.46
N MET A 49 4.45 -0.17 -8.42
CA MET A 49 4.64 1.25 -8.23
C MET A 49 3.71 2.06 -9.14
N LYS A 50 3.39 1.48 -10.30
CA LYS A 50 2.50 2.14 -11.26
C LYS A 50 1.16 2.46 -10.62
N ASP A 51 0.79 1.68 -9.61
CA ASP A 51 -0.48 1.89 -8.92
C ASP A 51 -0.37 3.05 -7.94
N GLY A 52 0.65 3.02 -7.09
CA GLY A 52 0.84 4.08 -6.12
C GLY A 52 0.87 5.45 -6.76
N ASP A 53 1.88 5.70 -7.58
CA ASP A 53 2.02 6.98 -8.26
C ASP A 53 1.24 7.00 -9.57
N LYS A 54 0.06 7.63 -9.53
CA LYS A 54 -0.80 7.71 -10.70
C LYS A 54 -1.22 9.14 -10.97
N ASN A 55 -0.31 10.07 -10.70
CA ASN A 55 -0.57 11.50 -10.92
C ASN A 55 0.37 12.08 -11.98
N ASN A 56 1.13 11.21 -12.64
CA ASN A 56 2.06 11.65 -13.67
C ASN A 56 3.11 12.60 -13.10
N ASP A 57 3.68 12.22 -11.96
CA ASP A 57 4.71 13.02 -11.30
C ASP A 57 5.98 12.22 -11.07
N GLY A 58 5.82 10.98 -10.63
CA GLY A 58 6.96 10.12 -10.38
C GLY A 58 7.12 9.77 -8.90
N ARG A 59 6.07 10.01 -8.12
CA ARG A 59 6.10 9.71 -6.69
C ARG A 59 4.69 9.54 -6.14
N ILE A 60 4.56 8.78 -5.07
CA ILE A 60 3.27 8.54 -4.44
C ILE A 60 3.25 9.12 -3.02
N ASP A 61 2.21 9.89 -2.71
CA ASP A 61 2.09 10.51 -1.40
C ASP A 61 0.88 9.99 -0.63
N TYR A 62 0.84 10.29 0.66
CA TYR A 62 -0.25 9.88 1.54
C TYR A 62 -1.60 9.86 0.83
N ASP A 63 -1.95 10.98 0.22
CA ASP A 63 -3.22 11.11 -0.49
C ASP A 63 -3.45 9.92 -1.44
N GLU A 64 -2.41 9.55 -2.17
CA GLU A 64 -2.50 8.43 -3.11
C GLU A 64 -2.28 7.09 -2.38
N PHE A 65 -1.51 7.13 -1.31
CA PHE A 65 -1.22 5.91 -0.54
C PHE A 65 -2.52 5.29 -0.01
N LEU A 66 -3.33 6.10 0.65
CA LEU A 66 -4.59 5.63 1.21
C LEU A 66 -5.43 4.92 0.16
N GLU A 67 -5.17 5.22 -1.11
CA GLU A 67 -5.90 4.60 -2.20
C GLU A 67 -5.46 3.15 -2.40
N PHE A 68 -4.23 2.85 -1.94
CA PHE A 68 -3.69 1.50 -2.04
C PHE A 68 -4.58 0.49 -1.32
N MET A 69 -4.89 0.78 -0.07
CA MET A 69 -5.73 -0.10 0.73
C MET A 69 -7.17 -0.08 0.23
N LYS A 70 -7.57 1.01 -0.40
CA LYS A 70 -8.93 1.15 -0.93
C LYS A 70 -9.31 -0.07 -1.74
N GLY A 71 -8.35 -0.62 -2.48
CA GLY A 71 -8.62 -1.80 -3.29
C GLY A 71 -9.09 -2.97 -2.45
N VAL A 72 -8.55 -3.07 -1.25
CA VAL A 72 -8.92 -4.15 -0.33
C VAL A 72 -10.42 -4.16 -0.07
N GLU A 73 -11.04 -2.99 -0.16
CA GLU A 73 -12.48 -2.86 0.06
C GLU A 73 -13.18 -2.42 -1.21
N THR B 1 -3.14 -13.66 -11.71
CA THR B 1 -3.55 -12.76 -10.59
C THR B 1 -3.42 -11.30 -10.99
N GLN B 2 -4.51 -10.55 -10.86
CA GLN B 2 -4.51 -9.14 -11.20
C GLN B 2 -4.03 -8.29 -10.03
N LYS B 3 -2.71 -8.15 -9.91
CA LYS B 3 -2.12 -7.38 -8.84
C LYS B 3 -2.48 -7.96 -7.48
N ILE B 4 -2.14 -7.22 -6.42
CA ILE B 4 -2.43 -7.64 -5.05
C ILE B 4 -1.90 -9.03 -4.75
N PHE B 5 -1.28 -9.17 -3.58
CA PHE B 5 -0.72 -10.44 -3.14
C PHE B 5 -0.08 -10.31 -1.78
N ASP B 6 -0.66 -11.00 -0.79
CA ASP B 6 -0.14 -10.94 0.58
C ASP B 6 -0.08 -9.50 1.07
N LEU B 7 -0.90 -8.64 0.47
CA LEU B 7 -0.95 -7.23 0.83
C LEU B 7 -2.38 -6.82 1.19
N ARG B 8 -3.31 -7.16 0.31
CA ARG B 8 -4.72 -6.83 0.53
C ARG B 8 -5.20 -7.36 1.88
N GLY B 9 -4.81 -8.60 2.19
CA GLY B 9 -5.22 -9.20 3.45
C GLY B 9 -4.60 -8.50 4.65
N LYS B 10 -5.27 -8.60 5.79
CA LYS B 10 -4.78 -7.97 7.02
C LYS B 10 -4.77 -6.45 6.88
N PHE B 11 -5.60 -5.93 5.98
CA PHE B 11 -5.69 -4.49 5.76
C PHE B 11 -7.15 -4.04 5.77
N LYS B 12 -8.00 -4.80 6.45
CA LYS B 12 -9.41 -4.47 6.55
C LYS B 12 -9.80 -4.13 7.98
N ARG B 13 -9.12 -4.75 8.94
CA ARG B 13 -9.40 -4.52 10.35
C ARG B 13 -10.81 -4.98 10.71
N PRO B 14 -10.97 -5.67 11.85
CA PRO B 14 -12.26 -6.17 12.30
C PRO B 14 -13.02 -5.15 13.14
N THR B 15 -14.33 -5.34 13.27
CA THR B 15 -15.16 -4.44 14.05
C THR B 15 -16.27 -5.20 14.76
N LEU B 16 -17.18 -5.78 13.99
CA LEU B 16 -18.29 -6.55 14.54
C LEU B 16 -18.65 -7.73 13.67
N ARG B 17 -18.90 -7.46 12.39
CA ARG B 17 -19.24 -8.51 11.44
C ARG B 17 -18.05 -9.42 11.18
N ARG B 18 -18.27 -10.47 10.39
CA ARG B 18 -17.21 -11.42 10.06
C ARG B 18 -17.24 -11.78 8.58
N VAL B 19 -18.44 -12.10 8.07
CA VAL B 19 -18.60 -12.46 6.68
C VAL B 19 -19.32 -11.35 5.90
N ARG B 20 -19.09 -11.30 4.60
CA ARG B 20 -19.71 -10.30 3.75
C ARG B 20 -19.22 -8.91 4.11
N MET A 1 -19.36 13.58 12.40
CA MET A 1 -19.29 13.95 10.97
C MET A 1 -19.01 12.72 10.10
N LYS A 2 -18.85 12.95 8.80
CA LYS A 2 -18.58 11.87 7.87
C LYS A 2 -17.08 11.57 7.79
N GLY A 3 -16.75 10.32 7.49
CA GLY A 3 -15.35 9.92 7.40
C GLY A 3 -15.10 8.55 7.98
N LYS A 4 -14.25 8.49 9.00
CA LYS A 4 -13.91 7.22 9.65
C LYS A 4 -13.28 6.24 8.65
N SER A 5 -12.55 6.80 7.67
CA SER A 5 -11.89 5.98 6.67
C SER A 5 -10.44 6.39 6.48
N GLU A 6 -10.21 7.70 6.39
CA GLU A 6 -8.86 8.24 6.21
C GLU A 6 -7.95 7.80 7.36
N GLU A 7 -8.53 7.65 8.55
CA GLU A 7 -7.78 7.24 9.72
C GLU A 7 -7.12 5.88 9.50
N GLU A 8 -7.78 5.03 8.71
CA GLU A 8 -7.27 3.69 8.44
C GLU A 8 -5.91 3.77 7.77
N LEU A 9 -5.83 4.49 6.66
CA LEU A 9 -4.58 4.63 5.92
C LEU A 9 -3.53 5.34 6.77
N SER A 10 -3.98 6.29 7.60
CA SER A 10 -3.08 7.04 8.47
C SER A 10 -2.18 6.10 9.27
N ASP A 11 -2.76 4.98 9.71
CA ASP A 11 -2.01 4.00 10.48
C ASP A 11 -1.26 3.04 9.57
N LEU A 12 -1.79 2.81 8.38
CA LEU A 12 -1.17 1.92 7.41
C LEU A 12 0.15 2.50 6.92
N PHE A 13 0.16 3.80 6.64
CA PHE A 13 1.36 4.47 6.15
C PHE A 13 2.52 4.31 7.13
N ARG A 14 2.27 4.64 8.39
CA ARG A 14 3.29 4.54 9.42
C ARG A 14 3.83 3.12 9.54
N MET A 15 3.01 2.15 9.15
CA MET A 15 3.41 0.74 9.22
C MET A 15 4.02 0.29 7.90
N PHE A 16 3.56 0.86 6.80
CA PHE A 16 4.06 0.50 5.48
C PHE A 16 5.39 1.18 5.19
N ASP A 17 5.53 2.44 5.60
CA ASP A 17 6.76 3.19 5.39
C ASP A 17 7.93 2.51 6.08
N LYS A 18 7.96 2.59 7.42
CA LYS A 18 9.04 1.98 8.20
C LYS A 18 10.38 2.64 7.90
N ASN A 19 10.36 3.75 7.19
CA ASN A 19 11.57 4.47 6.83
C ASN A 19 11.66 5.81 7.58
N ALA A 20 10.51 6.31 8.02
CA ALA A 20 10.46 7.59 8.74
C ALA A 20 10.80 8.75 7.81
N ASP A 21 10.32 8.68 6.58
CA ASP A 21 10.56 9.72 5.60
C ASP A 21 9.26 10.40 5.19
N GLY A 22 8.23 9.60 4.90
CA GLY A 22 6.95 10.14 4.51
C GLY A 22 6.53 9.71 3.12
N TYR A 23 7.32 8.84 2.48
CA TYR A 23 7.00 8.36 1.15
C TYR A 23 7.37 6.89 0.99
N ILE A 24 6.83 6.24 -0.04
CA ILE A 24 7.13 4.84 -0.30
C ILE A 24 7.83 4.66 -1.64
N ASP A 25 8.85 3.80 -1.65
CA ASP A 25 9.61 3.53 -2.87
C ASP A 25 9.66 2.03 -3.15
N LEU A 26 10.54 1.64 -4.06
CA LEU A 26 10.69 0.24 -4.43
C LEU A 26 11.02 -0.62 -3.20
N GLU A 27 11.72 -0.01 -2.24
CA GLU A 27 12.10 -0.71 -1.01
C GLU A 27 10.85 -1.15 -0.24
N GLU A 28 10.06 -0.18 0.18
CA GLU A 28 8.84 -0.47 0.94
C GLU A 28 7.86 -1.25 0.09
N LEU A 29 7.90 -1.04 -1.22
CA LEU A 29 7.01 -1.73 -2.16
C LEU A 29 7.08 -3.24 -1.94
N LYS A 30 8.24 -3.72 -1.51
CA LYS A 30 8.42 -5.15 -1.24
C LYS A 30 7.40 -5.63 -0.23
N ILE A 31 7.06 -4.75 0.72
CA ILE A 31 6.08 -5.07 1.76
C ILE A 31 4.78 -5.54 1.15
N MET A 32 4.49 -5.08 -0.07
CA MET A 32 3.27 -5.47 -0.76
C MET A 32 3.34 -6.94 -1.18
N LEU A 33 4.54 -7.39 -1.52
CA LEU A 33 4.76 -8.77 -1.93
C LEU A 33 4.55 -9.73 -0.77
N GLN A 34 4.85 -9.27 0.44
CA GLN A 34 4.69 -10.09 1.65
C GLN A 34 3.30 -10.72 1.69
N ALA A 35 2.32 -10.01 1.12
CA ALA A 35 0.95 -10.50 1.08
C ALA A 35 0.81 -11.67 0.11
N THR A 36 1.72 -11.71 -0.87
CA THR A 36 1.70 -12.76 -1.87
C THR A 36 2.74 -13.84 -1.57
N GLY A 37 4.01 -13.45 -1.60
CA GLY A 37 5.08 -14.40 -1.34
C GLY A 37 5.27 -15.38 -2.48
N GLU A 38 5.21 -14.88 -3.71
CA GLU A 38 5.38 -15.72 -4.88
C GLU A 38 6.59 -15.27 -5.71
N THR A 39 6.65 -15.73 -6.95
CA THR A 39 7.76 -15.38 -7.83
C THR A 39 7.59 -13.99 -8.42
N ILE A 40 6.43 -13.37 -8.19
CA ILE A 40 6.14 -12.04 -8.69
C ILE A 40 7.12 -11.01 -8.12
N THR A 41 7.80 -11.37 -7.04
CA THR A 41 8.75 -10.47 -6.39
C THR A 41 9.62 -9.73 -7.40
N GLU A 42 10.11 -8.57 -7.00
CA GLU A 42 10.96 -7.75 -7.87
C GLU A 42 10.17 -7.17 -9.03
N ASP A 43 9.65 -8.04 -9.89
CA ASP A 43 8.87 -7.60 -11.05
C ASP A 43 7.63 -6.83 -10.61
N ASP A 44 6.79 -7.49 -9.82
CA ASP A 44 5.56 -6.87 -9.33
C ASP A 44 5.87 -5.61 -8.52
N ILE A 45 7.09 -5.53 -8.00
CA ILE A 45 7.51 -4.38 -7.21
C ILE A 45 7.47 -3.11 -8.05
N GLU A 46 8.09 -3.18 -9.22
CA GLU A 46 8.14 -2.03 -10.13
C GLU A 46 6.79 -1.77 -10.78
N GLU A 47 5.98 -2.82 -10.89
CA GLU A 47 4.66 -2.70 -11.50
C GLU A 47 3.66 -2.06 -10.55
N LEU A 48 3.65 -2.50 -9.30
CA LEU A 48 2.74 -1.95 -8.30
C LEU A 48 3.11 -0.52 -7.97
N MET A 49 4.39 -0.27 -7.75
CA MET A 49 4.89 1.06 -7.43
C MET A 49 4.30 2.11 -8.36
N LYS A 50 4.07 1.73 -9.62
CA LYS A 50 3.51 2.63 -10.60
C LYS A 50 2.17 3.18 -10.14
N ASP A 51 1.47 2.41 -9.31
CA ASP A 51 0.17 2.81 -8.79
C ASP A 51 0.32 3.89 -7.73
N GLY A 52 1.18 3.63 -6.74
CA GLY A 52 1.40 4.60 -5.68
C GLY A 52 1.86 5.95 -6.21
N ASP A 53 3.06 5.97 -6.78
CA ASP A 53 3.62 7.21 -7.32
C ASP A 53 3.01 7.52 -8.69
N LYS A 54 2.01 8.39 -8.70
CA LYS A 54 1.34 8.78 -9.94
C LYS A 54 1.49 10.27 -10.19
N ASN A 55 2.64 10.82 -9.80
CA ASN A 55 2.91 12.24 -9.99
C ASN A 55 4.07 12.45 -10.96
N ASN A 56 4.57 11.37 -11.54
CA ASN A 56 5.68 11.45 -12.49
C ASN A 56 6.92 12.05 -11.83
N ASP A 57 7.16 11.66 -10.59
CA ASP A 57 8.31 12.16 -9.84
C ASP A 57 9.19 11.02 -9.35
N GLY A 58 8.55 9.96 -8.86
CA GLY A 58 9.28 8.80 -8.37
C GLY A 58 9.14 8.60 -6.87
N ARG A 59 8.08 9.18 -6.30
CA ARG A 59 7.84 9.06 -4.87
C ARG A 59 6.34 9.18 -4.56
N ILE A 60 5.88 8.37 -3.61
CA ILE A 60 4.47 8.38 -3.22
C ILE A 60 4.33 8.83 -1.77
N ASP A 61 3.40 9.75 -1.51
CA ASP A 61 3.20 10.26 -0.16
C ASP A 61 1.82 9.90 0.39
N TYR A 62 1.66 10.05 1.70
CA TYR A 62 0.41 9.74 2.39
C TYR A 62 -0.81 10.11 1.54
N ASP A 63 -0.70 11.20 0.80
CA ASP A 63 -1.79 11.66 -0.05
C ASP A 63 -2.13 10.62 -1.11
N GLU A 64 -1.21 10.42 -2.05
CA GLU A 64 -1.42 9.44 -3.12
C GLU A 64 -1.63 8.05 -2.54
N PHE A 65 -1.08 7.82 -1.35
CA PHE A 65 -1.21 6.53 -0.68
C PHE A 65 -2.68 6.17 -0.50
N LEU A 66 -3.50 7.16 -0.17
CA LEU A 66 -4.92 6.94 0.02
C LEU A 66 -5.58 6.48 -1.27
N GLU A 67 -4.91 6.70 -2.40
CA GLU A 67 -5.42 6.29 -3.70
C GLU A 67 -5.41 4.76 -3.81
N PHE A 68 -4.55 4.12 -3.03
CA PHE A 68 -4.42 2.67 -3.03
C PHE A 68 -5.76 2.01 -2.67
N MET A 69 -6.27 2.35 -1.48
CA MET A 69 -7.53 1.81 -1.01
C MET A 69 -8.66 2.12 -1.98
N LYS A 70 -8.60 3.29 -2.59
CA LYS A 70 -9.62 3.74 -3.55
C LYS A 70 -10.02 2.60 -4.49
N GLY A 71 -9.08 1.70 -4.78
CA GLY A 71 -9.36 0.59 -5.65
C GLY A 71 -10.17 -0.49 -4.95
N VAL A 72 -9.82 -0.76 -3.71
CA VAL A 72 -10.52 -1.78 -2.92
C VAL A 72 -11.99 -1.41 -2.72
N GLU A 73 -12.29 -0.12 -2.83
CA GLU A 73 -13.66 0.36 -2.66
C GLU A 73 -14.33 0.60 -4.02
N THR B 1 -4.56 -10.04 -12.12
CA THR B 1 -3.99 -8.99 -11.23
C THR B 1 -4.39 -7.60 -11.70
N GLN B 2 -3.88 -7.19 -12.86
CA GLN B 2 -4.18 -5.88 -13.41
C GLN B 2 -3.56 -4.77 -12.57
N LYS B 3 -4.07 -4.58 -11.36
CA LYS B 3 -3.56 -3.56 -10.46
C LYS B 3 -3.29 -4.13 -9.08
N ILE B 4 -4.22 -4.94 -8.57
CA ILE B 4 -4.07 -5.57 -7.26
C ILE B 4 -4.44 -7.04 -7.32
N PHE B 5 -4.13 -7.77 -6.26
CA PHE B 5 -4.43 -9.19 -6.21
C PHE B 5 -4.77 -9.66 -4.79
N ASP B 6 -3.77 -10.19 -4.07
CA ASP B 6 -3.99 -10.66 -2.71
C ASP B 6 -3.83 -9.52 -1.70
N LEU B 7 -3.81 -8.30 -2.21
CA LEU B 7 -3.67 -7.12 -1.35
C LEU B 7 -5.01 -6.40 -1.22
N ARG B 8 -5.63 -6.12 -2.36
CA ARG B 8 -6.92 -5.43 -2.39
C ARG B 8 -7.94 -6.15 -1.52
N GLY B 9 -7.86 -7.47 -1.47
CA GLY B 9 -8.79 -8.24 -0.67
C GLY B 9 -8.36 -8.38 0.77
N LYS B 10 -7.39 -7.55 1.18
CA LYS B 10 -6.90 -7.57 2.56
C LYS B 10 -6.71 -6.14 3.07
N PHE B 11 -7.27 -5.17 2.35
CA PHE B 11 -7.16 -3.77 2.74
C PHE B 11 -8.50 -3.24 3.21
N LYS B 12 -9.32 -4.11 3.80
CA LYS B 12 -10.63 -3.73 4.29
C LYS B 12 -11.00 -4.56 5.52
N ARG B 13 -11.94 -4.04 6.32
CA ARG B 13 -12.38 -4.74 7.52
C ARG B 13 -11.24 -4.89 8.51
N PRO B 14 -11.48 -4.58 9.80
CA PRO B 14 -10.46 -4.67 10.85
C PRO B 14 -9.83 -6.06 10.92
N THR B 15 -8.65 -6.21 10.33
CA THR B 15 -7.95 -7.48 10.33
C THR B 15 -7.02 -7.62 11.53
N LEU B 16 -7.17 -6.72 12.50
CA LEU B 16 -6.34 -6.74 13.70
C LEU B 16 -4.87 -6.53 13.37
N ARG B 17 -4.22 -7.58 12.87
CA ARG B 17 -2.81 -7.52 12.51
C ARG B 17 -1.94 -7.37 13.76
N ARG B 18 -2.29 -8.10 14.80
CA ARG B 18 -1.54 -8.05 16.06
C ARG B 18 -1.37 -9.45 16.64
N VAL B 19 -1.06 -10.42 15.77
CA VAL B 19 -0.87 -11.79 16.19
C VAL B 19 -2.13 -12.35 16.84
N ARG B 20 -2.27 -13.68 16.79
CA ARG B 20 -3.43 -14.34 17.39
C ARG B 20 -4.72 -13.85 16.73
#